data_5FPH
#
_entry.id   5FPH
#
_cell.length_a   98.510
_cell.length_b   98.510
_cell.length_c   1289.400
_cell.angle_alpha   90.00
_cell.angle_beta   90.00
_cell.angle_gamma   120.00
#
_symmetry.space_group_name_H-M   'P 61 2 2'
#
loop_
_entity.id
_entity.type
_entity.pdbx_description
1 polymer 'INTERFERON-INDUCIBLE GTPASE 1'
2 non-polymer 'PHOSPHOAMINOPHOSPHONIC ACID-GUANYLATE ESTER'
3 non-polymer 'MAGNESIUM ION'
4 non-polymer 2-AMINO-2-HYDROXYMETHYL-PROPANE-1,3-DIOL
5 water water
#
_entity_poly.entity_id   1
_entity_poly.type   'polypeptide(L)'
_entity_poly.pdbx_seq_one_letter_code
;GSPGIPGSTT(MSE)GQLFSSPKSDENNDLPSSFTGYFKKFNTGEEIISQEILNLIELR(MSE)RKGNIQLTNSAISDAL
KEIDSSVLNVAVTGETGSGKSSFINTLRGIGNEEEGAAKTGVVEVT(MSE)ERHPYKHPNIPNVVFWDLPGIGSTNFPPN
TYLEK(MSE)KFYEYDFFIIISATRFKKNDIDIAKAIS(MSE)(MSE)KEEFYFVRTKVDSDITNEADGKPQTFDKEKVL
QDIRLNCVNTFRENGIAEPPIFLLSNKNVCHYDFPVL(MSE)DELISDLPIYKRHNF(MSE)VSLPNITDSVIEKKRQFL
KQRIWLEGFAADLVNIIPSLTFLLDSDLETLKKS(MSE)KFYRTVFGVDETSLQRLARDWEIEVDQVEA(MSE)IKSPAV
FKPTDEETIQERLSRYIQEFCLANGYLLPKNSFLKEIFYLKYYFLD(MSE)VTEDAKTLLKEICLRN
;
_entity_poly.pdbx_strand_id   A,B,C,D,E,F,G
#
loop_
_chem_comp.id
_chem_comp.type
_chem_comp.name
_chem_comp.formula
GNP non-polymer 'PHOSPHOAMINOPHOSPHONIC ACID-GUANYLATE ESTER' 'C10 H17 N6 O13 P3'
MG non-polymer 'MAGNESIUM ION' 'Mg 2'
TRS non-polymer 2-AMINO-2-HYDROXYMETHYL-PROPANE-1,3-DIOL 'C4 H12 N O3 1'
#
# COMPACT_ATOMS: atom_id res chain seq x y z
N ASP A 25 36.02 31.69 -11.65
CA ASP A 25 34.61 31.39 -11.42
C ASP A 25 34.27 31.34 -9.94
N LEU A 26 32.99 31.14 -9.63
CA LEU A 26 32.53 31.12 -8.24
C LEU A 26 33.07 29.94 -7.43
N PRO A 27 33.16 28.76 -8.03
CA PRO A 27 33.71 27.62 -7.29
C PRO A 27 35.14 27.88 -6.84
N SER A 28 35.93 28.45 -7.74
CA SER A 28 37.33 28.77 -7.46
C SER A 28 37.52 29.73 -6.28
N SER A 29 36.67 30.75 -6.24
CA SER A 29 36.72 31.79 -5.22
C SER A 29 36.34 31.34 -3.82
N PHE A 30 35.29 30.53 -3.74
CA PHE A 30 34.80 30.04 -2.46
C PHE A 30 35.86 29.17 -1.82
N THR A 31 36.54 28.40 -2.65
CA THR A 31 37.61 27.53 -2.21
C THR A 31 38.76 28.34 -1.58
N GLY A 32 39.11 29.45 -2.22
CA GLY A 32 40.23 30.27 -1.81
C GLY A 32 40.20 31.08 -0.52
N TYR A 33 39.03 31.55 -0.11
CA TYR A 33 38.92 32.35 1.11
C TYR A 33 39.39 31.53 2.30
N PHE A 34 39.16 30.23 2.19
CA PHE A 34 39.58 29.24 3.19
C PHE A 34 41.10 29.13 3.25
N LYS A 35 41.76 29.43 2.13
CA LYS A 35 43.21 29.35 2.03
C LYS A 35 43.98 30.50 2.72
N LYS A 36 43.35 31.67 2.87
CA LYS A 36 44.02 32.81 3.50
C LYS A 36 44.20 32.64 5.00
N PHE A 37 43.48 31.67 5.56
CA PHE A 37 43.57 31.35 6.98
C PHE A 37 44.65 30.31 7.21
N ASN A 38 45.02 30.11 8.48
CA ASN A 38 45.99 29.08 8.83
C ASN A 38 45.37 27.69 8.80
N THR A 39 46.22 26.67 8.75
CA THR A 39 45.76 25.29 8.66
C THR A 39 45.05 24.85 9.94
N GLY A 40 45.38 25.47 11.05
CA GLY A 40 44.77 25.15 12.34
C GLY A 40 43.59 26.04 12.65
N GLU A 41 43.32 26.98 11.75
CA GLU A 41 42.23 27.94 11.94
C GLU A 41 41.03 27.58 11.06
N GLU A 42 41.10 26.42 10.41
CA GLU A 42 40.03 25.97 9.53
C GLU A 42 38.77 25.63 10.32
N ILE A 43 37.67 26.29 9.98
CA ILE A 43 36.39 26.03 10.64
C ILE A 43 35.80 24.72 10.14
N ILE A 44 36.21 24.32 8.93
CA ILE A 44 35.75 23.07 8.35
C ILE A 44 36.90 22.38 7.60
N SER A 45 36.89 21.06 7.60
CA SER A 45 37.97 20.27 7.00
C SER A 45 38.04 20.43 5.49
N GLN A 46 39.18 20.06 4.93
CA GLN A 46 39.38 20.11 3.48
C GLN A 46 38.52 19.08 2.77
N GLU A 47 38.09 18.07 3.53
CA GLU A 47 37.31 16.98 2.98
C GLU A 47 35.91 17.43 2.57
N ILE A 48 35.37 18.38 3.31
CA ILE A 48 34.02 18.89 3.05
C ILE A 48 34.04 20.09 2.11
N LEU A 49 35.10 20.89 2.20
CA LEU A 49 35.26 22.05 1.32
C LEU A 49 35.35 21.61 -0.14
N ASN A 50 36.05 20.52 -0.38
CA ASN A 50 36.16 19.95 -1.72
C ASN A 50 34.83 19.34 -2.14
N LEU A 51 34.03 18.94 -1.16
CA LEU A 51 32.70 18.39 -1.43
C LEU A 51 31.74 19.49 -1.83
N ILE A 52 31.92 20.67 -1.24
CA ILE A 52 31.09 21.82 -1.57
C ILE A 52 31.46 22.39 -2.94
N GLU A 53 32.76 22.40 -3.23
CA GLU A 53 33.24 22.89 -4.52
C GLU A 53 32.74 22.01 -5.66
N LEU A 54 32.71 20.70 -5.40
CA LEU A 54 32.25 19.75 -6.40
C LEU A 54 30.78 19.97 -6.74
N ARG A 55 29.95 20.08 -5.71
CA ARG A 55 28.52 20.32 -5.89
C ARG A 55 28.25 21.63 -6.61
N MSE A 56 29.04 22.66 -6.30
CA MSE A 56 28.89 23.97 -6.93
C MSE A 56 29.10 23.89 -8.43
O MSE A 56 28.35 24.49 -9.20
CB MSE A 56 29.88 24.98 -6.32
CG MSE A 56 29.54 25.41 -4.91
SE MSE A 56 30.72 26.82 -4.26
CE MSE A 56 30.36 28.18 -5.61
N ARG A 57 30.12 23.14 -8.85
CA ARG A 57 30.41 22.99 -10.27
C ARG A 57 29.28 22.27 -10.98
N LYS A 58 28.62 21.35 -10.27
CA LYS A 58 27.50 20.61 -10.83
C LYS A 58 26.36 21.53 -11.26
N GLY A 59 26.28 22.71 -10.64
CA GLY A 59 25.27 23.68 -10.99
C GLY A 59 23.96 23.51 -10.24
N ASN A 60 23.84 22.42 -9.50
CA ASN A 60 22.63 22.15 -8.74
C ASN A 60 22.64 22.95 -7.44
N ILE A 61 22.04 24.13 -7.49
CA ILE A 61 21.99 25.03 -6.34
C ILE A 61 21.34 24.38 -5.11
N GLN A 62 20.43 23.45 -5.36
CA GLN A 62 19.72 22.75 -4.28
C GLN A 62 20.68 21.96 -3.39
N LEU A 63 21.44 21.06 -4.00
CA LEU A 63 22.39 20.23 -3.26
C LEU A 63 23.53 21.03 -2.64
N THR A 64 23.97 22.08 -3.34
CA THR A 64 25.06 22.91 -2.86
C THR A 64 24.69 23.64 -1.58
N ASN A 65 23.53 24.31 -1.58
CA ASN A 65 23.06 25.02 -0.41
C ASN A 65 22.82 24.07 0.75
N SER A 66 22.28 22.89 0.44
CA SER A 66 22.00 21.88 1.45
C SER A 66 23.29 21.40 2.13
N ALA A 67 24.33 21.19 1.32
CA ALA A 67 25.61 20.73 1.84
C ALA A 67 26.24 21.77 2.76
N ILE A 68 26.11 23.04 2.39
CA ILE A 68 26.65 24.13 3.20
C ILE A 68 25.86 24.27 4.50
N SER A 69 24.54 24.17 4.41
CA SER A 69 23.68 24.26 5.58
C SER A 69 23.95 23.10 6.53
N ASP A 70 24.28 21.94 5.96
CA ASP A 70 24.61 20.76 6.76
C ASP A 70 25.91 20.99 7.52
N ALA A 71 26.87 21.61 6.83
CA ALA A 71 28.16 21.93 7.43
C ALA A 71 27.96 22.88 8.61
N LEU A 72 27.14 23.90 8.39
CA LEU A 72 26.81 24.87 9.42
C LEU A 72 26.07 24.18 10.56
N LYS A 73 25.20 23.24 10.19
CA LYS A 73 24.43 22.49 11.16
C LYS A 73 25.34 21.61 12.01
N GLU A 74 26.31 20.99 11.36
CA GLU A 74 27.27 20.12 12.05
C GLU A 74 28.07 20.90 13.08
N ILE A 75 28.49 22.10 12.71
CA ILE A 75 29.25 22.97 13.60
C ILE A 75 28.38 23.45 14.77
N ASP A 76 27.23 24.04 14.44
CA ASP A 76 26.32 24.58 15.44
C ASP A 76 25.80 23.49 16.39
N SER A 77 25.47 22.33 15.83
CA SER A 77 24.93 21.24 16.64
C SER A 77 26.02 20.51 17.42
N SER A 78 27.27 20.84 17.11
CA SER A 78 28.42 20.21 17.77
C SER A 78 28.39 20.44 19.27
N VAL A 79 28.41 19.34 20.03
CA VAL A 79 28.41 19.42 21.48
C VAL A 79 29.74 18.97 22.06
N LEU A 80 30.25 19.71 23.03
CA LEU A 80 31.52 19.39 23.67
C LEU A 80 31.33 19.13 25.16
N ASN A 81 31.75 17.95 25.61
CA ASN A 81 31.65 17.58 27.02
C ASN A 81 33.04 17.39 27.62
N VAL A 82 33.42 18.28 28.52
CA VAL A 82 34.74 18.19 29.13
C VAL A 82 34.66 17.68 30.56
N ALA A 83 35.29 16.55 30.80
CA ALA A 83 35.34 15.95 32.13
C ALA A 83 36.57 16.46 32.88
N VAL A 84 36.36 16.94 34.10
CA VAL A 84 37.45 17.44 34.91
C VAL A 84 37.55 16.68 36.22
N THR A 85 38.68 16.00 36.42
CA THR A 85 38.92 15.22 37.63
C THR A 85 40.14 15.78 38.33
N GLY A 86 40.18 15.63 39.64
CA GLY A 86 41.20 16.27 40.43
C GLY A 86 40.97 16.17 41.91
N GLU A 87 42.06 16.22 42.65
CA GLU A 87 42.00 16.17 44.10
C GLU A 87 41.40 17.47 44.60
N THR A 88 40.91 17.48 45.83
CA THR A 88 40.20 18.62 46.37
C THR A 88 41.12 19.83 46.56
N GLY A 89 40.59 21.01 46.28
CA GLY A 89 41.28 22.26 46.59
C GLY A 89 42.46 22.61 45.72
N SER A 90 42.37 22.31 44.43
CA SER A 90 43.46 22.60 43.50
C SER A 90 43.17 23.84 42.64
N GLY A 91 41.91 24.03 42.28
CA GLY A 91 41.50 25.13 41.42
C GLY A 91 40.71 24.69 40.20
N LYS A 92 40.17 23.47 40.23
CA LYS A 92 39.44 22.91 39.11
C LYS A 92 38.04 23.49 38.97
N SER A 93 37.41 23.83 40.09
CA SER A 93 36.10 24.47 40.07
C SER A 93 36.24 25.91 39.61
N SER A 94 37.34 26.54 40.00
CA SER A 94 37.66 27.89 39.54
C SER A 94 38.12 27.82 38.09
N PHE A 95 38.65 26.67 37.69
CA PHE A 95 39.08 26.43 36.32
C PHE A 95 37.87 26.36 35.40
N ILE A 96 36.77 25.82 35.93
CA ILE A 96 35.53 25.73 35.18
C ILE A 96 34.96 27.12 34.93
N ASN A 97 34.99 27.96 35.97
CA ASN A 97 34.50 29.32 35.88
C ASN A 97 35.41 30.21 35.05
N THR A 98 36.69 29.85 34.98
CA THR A 98 37.66 30.63 34.24
C THR A 98 37.42 30.54 32.74
N LEU A 99 37.30 29.32 32.23
CA LEU A 99 37.08 29.10 30.80
C LEU A 99 35.72 29.64 30.38
N ARG A 100 34.76 29.58 31.28
CA ARG A 100 33.42 30.07 31.00
C ARG A 100 33.37 31.60 31.08
N GLY A 101 34.44 32.19 31.61
CA GLY A 101 34.51 33.63 31.76
C GLY A 101 33.54 34.14 32.80
N ILE A 102 33.32 33.35 33.84
CA ILE A 102 32.39 33.71 34.91
C ILE A 102 33.10 33.82 36.25
N GLY A 103 32.69 34.81 37.05
CA GLY A 103 33.27 35.02 38.36
C GLY A 103 32.90 33.91 39.33
N ASN A 104 33.66 33.80 40.41
CA ASN A 104 33.43 32.77 41.41
C ASN A 104 32.32 33.15 42.39
N GLU A 105 31.63 34.25 42.09
CA GLU A 105 30.59 34.76 42.97
C GLU A 105 29.19 34.43 42.46
N GLU A 106 29.06 34.27 41.15
CA GLU A 106 27.77 34.02 40.53
C GLU A 106 27.19 32.67 40.95
N GLU A 107 25.89 32.50 40.74
CA GLU A 107 25.20 31.27 41.11
C GLU A 107 25.31 30.23 40.01
N GLY A 108 25.35 30.70 38.77
CA GLY A 108 25.43 29.81 37.62
C GLY A 108 26.81 29.19 37.47
N ALA A 109 27.82 29.84 38.05
CA ALA A 109 29.18 29.33 37.98
C ALA A 109 29.39 28.23 38.99
N ALA A 110 30.42 27.41 38.77
CA ALA A 110 30.77 26.36 39.71
C ALA A 110 31.22 26.96 41.04
N LYS A 111 30.80 26.33 42.14
CA LYS A 111 31.18 26.78 43.47
C LYS A 111 32.69 26.78 43.58
N THR A 112 33.28 27.96 43.75
CA THR A 112 34.70 28.11 43.47
C THR A 112 35.63 27.61 44.56
N GLY A 113 35.18 27.68 45.80
CA GLY A 113 36.04 27.33 46.91
C GLY A 113 35.51 26.03 47.49
N VAL A 114 34.22 26.03 47.79
CA VAL A 114 33.59 24.87 48.38
C VAL A 114 33.52 23.70 47.42
N VAL A 115 33.48 22.50 47.98
CA VAL A 115 33.48 21.29 47.18
C VAL A 115 32.25 20.43 47.40
N GLU A 116 31.73 19.89 46.31
CA GLU A 116 30.41 19.28 46.30
C GLU A 116 30.35 18.02 47.15
N VAL A 117 31.34 17.14 47.00
CA VAL A 117 31.41 15.85 47.71
C VAL A 117 30.13 15.01 47.59
N THR A 118 29.50 15.04 46.43
CA THR A 118 28.27 14.26 46.22
C THR A 118 28.52 12.89 45.60
N MSE A 119 29.77 12.58 45.26
CA MSE A 119 30.10 11.34 44.54
C MSE A 119 29.30 11.30 43.23
O MSE A 119 29.17 10.25 42.59
CB MSE A 119 29.86 10.11 45.44
CG MSE A 119 28.80 9.10 44.99
SE MSE A 119 27.13 9.16 46.01
CE MSE A 119 27.21 7.42 46.88
N GLU A 120 28.83 12.47 42.83
CA GLU A 120 27.89 12.62 41.73
C GLU A 120 28.35 13.76 40.82
N ARG A 121 28.46 13.49 39.53
CA ARG A 121 28.92 14.51 38.58
C ARG A 121 27.92 15.64 38.41
N HIS A 122 28.43 16.82 38.09
CA HIS A 122 27.58 17.98 37.85
C HIS A 122 28.06 18.71 36.61
N PRO A 123 27.14 18.95 35.66
CA PRO A 123 27.44 19.62 34.39
C PRO A 123 27.36 21.15 34.49
N TYR A 124 28.16 21.84 33.67
CA TYR A 124 28.15 23.29 33.64
C TYR A 124 28.26 23.79 32.20
N LYS A 125 27.13 24.24 31.67
CA LYS A 125 27.10 24.75 30.29
C LYS A 125 27.67 26.16 30.21
N HIS A 126 28.24 26.50 29.07
CA HIS A 126 28.77 27.84 28.86
C HIS A 126 27.60 28.82 28.76
N PRO A 127 27.74 29.99 29.39
CA PRO A 127 26.68 31.01 29.41
C PRO A 127 26.26 31.48 28.02
N ASN A 128 27.21 31.53 27.09
CA ASN A 128 26.93 31.99 25.74
C ASN A 128 26.84 30.84 24.74
N ILE A 129 27.61 29.78 25.00
CA ILE A 129 27.63 28.61 24.11
C ILE A 129 27.15 27.36 24.84
N PRO A 130 25.82 27.16 24.90
CA PRO A 130 25.17 26.03 25.56
C PRO A 130 25.72 24.67 25.13
N ASN A 131 26.28 24.60 23.92
CA ASN A 131 26.83 23.34 23.41
C ASN A 131 28.18 23.01 24.05
N VAL A 132 28.62 23.86 24.97
CA VAL A 132 29.87 23.63 25.69
C VAL A 132 29.56 23.34 27.16
N VAL A 133 29.85 22.11 27.59
CA VAL A 133 29.55 21.71 28.95
C VAL A 133 30.79 21.19 29.67
N PHE A 134 31.08 21.77 30.83
CA PHE A 134 32.21 21.34 31.64
C PHE A 134 31.74 20.48 32.80
N TRP A 135 32.38 19.34 32.99
CA TRP A 135 32.01 18.43 34.06
C TRP A 135 33.06 18.39 35.16
N ASP A 136 32.64 18.70 36.38
CA ASP A 136 33.52 18.63 37.53
C ASP A 136 33.40 17.21 38.06
N LEU A 137 34.47 16.43 37.97
CA LEU A 137 34.39 15.04 38.37
C LEU A 137 34.98 14.82 39.75
N PRO A 138 34.30 13.98 40.55
CA PRO A 138 34.82 13.68 41.88
C PRO A 138 36.15 12.97 41.75
N GLY A 139 37.10 13.25 42.63
CA GLY A 139 38.37 12.56 42.57
C GLY A 139 38.08 11.09 42.81
N ILE A 140 38.88 10.21 42.23
CA ILE A 140 38.74 8.79 42.53
C ILE A 140 38.80 8.63 44.04
N GLY A 141 39.74 9.33 44.68
CA GLY A 141 39.77 9.39 46.12
C GLY A 141 38.45 9.91 46.65
N SER A 142 37.94 9.24 47.69
CA SER A 142 36.67 9.59 48.32
C SER A 142 35.46 9.03 47.56
N THR A 143 35.68 8.46 46.37
CA THR A 143 34.65 7.64 45.75
C THR A 143 34.49 6.41 46.63
N ASN A 144 33.28 5.86 46.69
CA ASN A 144 33.02 4.69 47.52
C ASN A 144 32.98 3.40 46.71
N PHE A 145 33.45 3.48 45.47
CA PHE A 145 33.42 2.35 44.56
C PHE A 145 34.81 1.99 44.05
N PRO A 146 35.04 0.71 43.72
CA PRO A 146 36.30 0.30 43.10
C PRO A 146 36.44 0.99 41.75
N PRO A 147 37.67 1.42 41.41
CA PRO A 147 37.96 2.17 40.18
C PRO A 147 37.38 1.52 38.93
N ASN A 148 37.18 0.20 38.98
CA ASN A 148 36.54 -0.51 37.88
C ASN A 148 35.11 -0.03 37.67
N THR A 149 34.41 0.28 38.77
CA THR A 149 33.06 0.79 38.69
C THR A 149 33.06 2.31 38.69
N TYR A 150 34.16 2.89 39.14
CA TYR A 150 34.34 4.34 39.13
C TYR A 150 34.15 4.89 37.73
N LEU A 151 34.98 4.40 36.81
CA LEU A 151 34.94 4.84 35.42
C LEU A 151 33.58 4.60 34.77
N GLU A 152 32.95 3.47 35.10
CA GLU A 152 31.66 3.12 34.50
C GLU A 152 30.55 4.05 34.96
N LYS A 153 30.41 4.20 36.28
CA LYS A 153 29.40 5.09 36.84
C LYS A 153 29.62 6.52 36.40
N MSE A 154 30.85 6.83 36.00
CA MSE A 154 31.19 8.16 35.51
C MSE A 154 30.54 8.43 34.16
O MSE A 154 30.01 9.53 33.94
CB MSE A 154 32.71 8.31 35.38
CG MSE A 154 33.44 8.47 36.71
SE MSE A 154 32.89 10.02 37.77
CE MSE A 154 31.16 9.37 38.40
N LYS A 155 30.58 7.45 33.26
CA LYS A 155 30.12 7.63 31.88
C LYS A 155 31.09 8.54 31.12
N PHE A 156 32.37 8.20 31.16
CA PHE A 156 33.41 9.05 30.58
C PHE A 156 33.46 8.96 29.06
N TYR A 157 32.78 7.97 28.50
CA TYR A 157 32.74 7.77 27.05
C TYR A 157 32.14 8.98 26.33
N GLU A 158 31.31 9.72 27.04
CA GLU A 158 30.55 10.82 26.45
C GLU A 158 31.41 12.05 26.19
N TYR A 159 32.55 12.14 26.88
CA TYR A 159 33.43 13.30 26.76
C TYR A 159 34.36 13.24 25.55
N ASP A 160 34.72 14.41 25.05
CA ASP A 160 35.63 14.52 23.91
C ASP A 160 37.08 14.45 24.37
N PHE A 161 37.35 15.00 25.56
CA PHE A 161 38.69 14.97 26.14
C PHE A 161 38.65 15.26 27.63
N PHE A 162 39.71 14.87 28.33
CA PHE A 162 39.79 15.04 29.77
C PHE A 162 40.82 16.06 30.23
N ILE A 163 40.48 16.79 31.28
CA ILE A 163 41.38 17.75 31.90
C ILE A 163 41.71 17.30 33.32
N ILE A 164 42.99 17.05 33.59
CA ILE A 164 43.42 16.58 34.91
C ILE A 164 44.12 17.67 35.71
N ILE A 165 43.48 18.08 36.80
CA ILE A 165 44.02 19.16 37.63
C ILE A 165 44.60 18.67 38.95
N SER A 166 45.72 19.29 39.35
CA SER A 166 46.41 19.02 40.60
C SER A 166 47.05 20.30 41.16
N ALA A 167 46.72 20.65 42.40
CA ALA A 167 47.27 21.84 43.06
C ALA A 167 48.78 21.80 43.36
N THR A 168 49.36 20.60 43.41
CA THR A 168 50.80 20.44 43.67
C THR A 168 51.40 19.48 42.65
N ARG A 169 51.74 18.28 43.10
CA ARG A 169 52.23 17.24 42.21
C ARG A 169 51.11 16.22 42.00
N PHE A 170 51.20 15.42 40.94
CA PHE A 170 50.17 14.44 40.62
C PHE A 170 50.40 13.11 41.31
N LYS A 171 49.42 12.71 42.13
CA LYS A 171 49.51 11.46 42.88
C LYS A 171 49.12 10.24 42.05
N LYS A 172 49.38 9.06 42.60
CA LYS A 172 49.07 7.79 41.94
C LYS A 172 47.63 7.74 41.44
N ASN A 173 46.71 8.24 42.26
CA ASN A 173 45.29 8.29 41.89
C ASN A 173 45.10 8.96 40.53
N ASP A 174 45.58 10.18 40.44
CA ASP A 174 45.51 10.96 39.21
C ASP A 174 46.20 10.24 38.06
N ILE A 175 47.39 9.71 38.35
CA ILE A 175 48.21 9.02 37.36
C ILE A 175 47.52 7.77 36.80
N ASP A 176 46.87 7.00 37.67
CA ASP A 176 46.19 5.78 37.24
C ASP A 176 45.02 6.12 36.34
N ILE A 177 44.35 7.22 36.63
CA ILE A 177 43.25 7.70 35.80
C ILE A 177 43.79 8.05 34.42
N ALA A 178 44.93 8.73 34.41
CA ALA A 178 45.59 9.13 33.17
C ALA A 178 45.92 7.94 32.29
N LYS A 179 46.51 6.91 32.89
CA LYS A 179 46.88 5.69 32.17
C LYS A 179 45.68 5.05 31.50
N ALA A 180 44.56 5.01 32.21
CA ALA A 180 43.33 4.43 31.67
C ALA A 180 42.83 5.25 30.50
N ILE A 181 42.90 6.57 30.63
CA ILE A 181 42.48 7.49 29.58
C ILE A 181 43.33 7.29 28.33
N SER A 182 44.65 7.24 28.52
CA SER A 182 45.57 7.02 27.42
C SER A 182 45.29 5.69 26.73
N MSE A 183 44.91 4.70 27.53
CA MSE A 183 44.68 3.34 27.04
C MSE A 183 43.44 3.25 26.16
O MSE A 183 43.34 2.36 25.31
CB MSE A 183 44.56 2.37 28.21
CG MSE A 183 44.34 0.92 27.81
SE MSE A 183 45.90 0.14 26.92
CE MSE A 183 47.13 0.12 28.42
N MSE A 184 42.50 4.17 26.36
CA MSE A 184 41.24 4.14 25.64
C MSE A 184 41.28 4.96 24.35
O MSE A 184 40.25 5.20 23.72
CB MSE A 184 40.11 4.66 26.53
CG MSE A 184 40.16 6.15 26.76
SE MSE A 184 38.91 6.76 28.13
CE MSE A 184 39.50 5.63 29.60
N LYS A 185 42.49 5.39 23.97
CA LYS A 185 42.68 6.16 22.75
C LYS A 185 41.97 7.52 22.83
N GLU A 186 42.03 8.14 24.00
CA GLU A 186 41.41 9.45 24.20
C GLU A 186 42.45 10.43 24.74
N GLU A 187 42.25 11.72 24.48
CA GLU A 187 43.20 12.73 24.93
C GLU A 187 42.97 13.19 26.35
N PHE A 188 44.07 13.45 27.06
CA PHE A 188 44.01 13.94 28.42
C PHE A 188 45.03 15.07 28.59
N TYR A 189 44.82 15.92 29.59
CA TYR A 189 45.73 17.03 29.81
C TYR A 189 45.94 17.30 31.29
N PHE A 190 47.20 17.40 31.68
CA PHE A 190 47.59 17.70 33.05
C PHE A 190 47.68 19.20 33.27
N VAL A 191 46.97 19.69 34.28
CA VAL A 191 46.98 21.11 34.60
C VAL A 191 47.38 21.35 36.05
N ARG A 192 48.46 22.10 36.23
CA ARG A 192 48.94 22.42 37.58
C ARG A 192 48.55 23.85 37.92
N THR A 193 47.55 23.99 38.80
CA THR A 193 47.03 25.30 39.16
C THR A 193 47.76 25.94 40.34
N LYS A 194 47.34 27.16 40.69
CA LYS A 194 47.89 27.89 41.83
C LYS A 194 49.39 28.11 41.77
N VAL A 195 49.96 28.13 40.56
CA VAL A 195 51.40 28.35 40.41
C VAL A 195 51.80 29.74 40.90
N ASP A 196 50.87 30.68 40.85
CA ASP A 196 51.12 32.04 41.30
C ASP A 196 51.45 32.10 42.80
N SER A 197 50.75 31.28 43.58
CA SER A 197 50.97 31.24 45.02
C SER A 197 52.34 30.67 45.37
N ASP A 198 52.79 29.69 44.58
CA ASP A 198 54.09 29.07 44.82
C ASP A 198 55.20 30.08 44.59
N ILE A 199 55.14 30.81 43.48
CA ILE A 199 56.15 31.81 43.14
C ILE A 199 56.18 32.91 44.19
N THR A 200 55.01 33.36 44.62
CA THR A 200 54.91 34.43 45.62
C THR A 200 55.51 34.00 46.97
N ASN A 201 55.11 32.84 47.45
CA ASN A 201 55.59 32.33 48.74
C ASN A 201 57.10 32.06 48.76
N GLU A 202 57.60 31.48 47.67
CA GLU A 202 59.01 31.14 47.54
C GLU A 202 59.91 32.36 47.40
N ALA A 203 59.41 33.35 46.67
CA ALA A 203 60.12 34.59 46.37
C ALA A 203 60.05 35.61 47.51
N ASP A 204 59.04 35.48 48.36
CA ASP A 204 58.75 36.42 49.43
C ASP A 204 59.91 36.77 50.36
N GLY A 205 60.36 38.02 50.27
CA GLY A 205 61.41 38.53 51.12
C GLY A 205 62.80 38.41 50.53
N LYS A 206 62.92 37.56 49.52
CA LYS A 206 64.20 37.29 48.86
C LYS A 206 64.55 38.37 47.83
N PRO A 207 65.85 38.50 47.52
CA PRO A 207 66.35 39.46 46.52
C PRO A 207 65.78 39.19 45.13
N GLN A 208 65.89 40.20 44.26
CA GLN A 208 65.37 40.11 42.90
C GLN A 208 65.93 38.93 42.11
N THR A 209 67.15 38.52 42.45
CA THR A 209 67.79 37.40 41.77
C THR A 209 67.01 36.10 41.97
N GLU A 213 62.67 32.71 36.23
CA GLU A 213 61.56 31.79 36.38
C GLU A 213 62.04 30.42 36.84
N LYS A 214 62.64 30.36 38.03
CA LYS A 214 63.17 29.12 38.57
C LYS A 214 62.07 28.24 39.16
N VAL A 215 61.07 28.88 39.75
CA VAL A 215 59.96 28.17 40.39
C VAL A 215 59.19 27.33 39.38
N LEU A 216 59.01 27.86 38.17
CA LEU A 216 58.28 27.16 37.12
C LEU A 216 59.03 25.90 36.67
N GLN A 217 60.35 25.98 36.67
CA GLN A 217 61.18 24.85 36.26
C GLN A 217 61.19 23.75 37.32
N ASP A 218 61.15 24.16 38.59
CA ASP A 218 61.16 23.20 39.69
C ASP A 218 59.86 22.41 39.77
N ILE A 219 58.75 23.08 39.49
CA ILE A 219 57.44 22.43 39.55
C ILE A 219 57.22 21.48 38.39
N ARG A 220 57.68 21.85 37.20
CA ARG A 220 57.55 21.02 36.02
C ARG A 220 58.30 19.71 36.17
N LEU A 221 59.40 19.74 36.92
CA LEU A 221 60.18 18.54 37.19
C LEU A 221 59.55 17.73 38.31
N ASN A 222 59.04 18.42 39.33
CA ASN A 222 58.40 17.76 40.46
C ASN A 222 57.18 16.93 40.03
N CYS A 223 56.43 17.45 39.07
CA CYS A 223 55.27 16.73 38.54
C CYS A 223 55.72 15.47 37.82
N VAL A 224 56.83 15.58 37.10
CA VAL A 224 57.37 14.45 36.35
C VAL A 224 58.09 13.47 37.26
N ASN A 225 58.70 14.00 38.32
CA ASN A 225 59.40 13.16 39.30
C ASN A 225 58.48 12.13 39.94
N THR A 226 57.24 12.53 40.21
CA THR A 226 56.25 11.60 40.74
C THR A 226 55.68 10.75 39.61
N PHE A 227 55.53 11.35 38.44
CA PHE A 227 55.07 10.63 37.25
C PHE A 227 56.04 9.52 36.88
N ARG A 228 57.30 9.89 36.70
CA ARG A 228 58.33 8.97 36.23
C ARG A 228 58.55 7.80 37.19
N GLU A 229 58.10 7.93 38.43
CA GLU A 229 58.34 6.90 39.43
C GLU A 229 57.55 5.62 39.14
N ASN A 230 56.30 5.79 38.71
CA ASN A 230 55.42 4.66 38.39
C ASN A 230 54.94 4.70 36.94
N GLY A 231 54.74 5.92 36.43
CA GLY A 231 54.22 6.13 35.09
C GLY A 231 55.28 6.54 34.09
N ILE A 232 55.50 5.72 33.07
CA ILE A 232 56.53 5.94 32.07
C ILE A 232 56.05 7.02 31.09
N ALA A 233 56.99 7.63 30.39
CA ALA A 233 56.69 8.67 29.40
C ALA A 233 55.80 9.77 29.95
N GLU A 234 56.31 10.50 30.93
CA GLU A 234 55.61 11.66 31.47
C GLU A 234 55.13 12.58 30.36
N PRO A 235 53.86 12.98 30.41
CA PRO A 235 53.36 13.86 29.38
C PRO A 235 53.67 15.30 29.72
N PRO A 236 53.57 16.19 28.72
CA PRO A 236 53.81 17.61 29.01
C PRO A 236 52.77 18.11 30.02
N ILE A 237 53.21 18.96 30.94
CA ILE A 237 52.37 19.48 32.00
C ILE A 237 52.35 21.01 31.92
N PHE A 238 51.17 21.57 32.14
CA PHE A 238 50.98 23.01 32.00
C PHE A 238 50.81 23.70 33.35
N LEU A 239 51.70 24.66 33.63
CA LEU A 239 51.62 25.40 34.89
C LEU A 239 50.91 26.73 34.67
N LEU A 240 49.85 26.96 35.44
CA LEU A 240 49.08 28.18 35.28
C LEU A 240 48.40 28.62 36.59
N SER A 241 47.71 29.75 36.52
CA SER A 241 46.99 30.31 37.65
C SER A 241 45.59 30.74 37.25
N ASN A 242 44.58 30.26 37.96
CA ASN A 242 43.20 30.62 37.66
C ASN A 242 42.92 32.08 37.96
N LYS A 243 43.82 32.71 38.70
CA LYS A 243 43.69 34.13 39.03
C LYS A 243 44.38 35.01 37.98
N ASN A 244 45.12 34.39 37.07
CA ASN A 244 45.82 35.11 36.03
C ASN A 244 45.83 34.30 34.73
N VAL A 245 44.70 34.33 34.04
CA VAL A 245 44.51 33.60 32.78
C VAL A 245 45.41 34.06 31.64
N CYS A 246 45.88 35.31 31.69
CA CYS A 246 46.67 35.89 30.60
C CYS A 246 48.14 35.47 30.53
N HIS A 247 48.72 35.03 31.64
CA HIS A 247 50.14 34.70 31.63
C HIS A 247 50.45 33.20 31.73
N TYR A 248 51.73 32.87 31.64
CA TYR A 248 52.22 31.49 31.74
C TYR A 248 51.68 30.55 30.66
N ASP A 249 51.37 29.32 31.05
CA ASP A 249 50.95 28.30 30.08
C ASP A 249 49.45 28.21 29.84
N PHE A 250 48.69 29.18 30.34
CA PHE A 250 47.25 29.18 30.13
C PHE A 250 46.90 29.30 28.64
N PRO A 251 47.55 30.24 27.93
CA PRO A 251 47.34 30.41 26.49
C PRO A 251 47.70 29.16 25.69
N VAL A 252 48.83 28.55 26.02
CA VAL A 252 49.29 27.35 25.33
C VAL A 252 48.33 26.18 25.47
N LEU A 253 47.74 26.04 26.65
CA LEU A 253 46.80 24.95 26.90
C LEU A 253 45.57 25.05 25.99
N MSE A 254 45.02 26.25 25.88
CA MSE A 254 43.86 26.49 25.01
C MSE A 254 44.19 26.17 23.56
O MSE A 254 43.39 25.56 22.85
CB MSE A 254 43.39 27.93 25.13
CG MSE A 254 42.99 28.35 26.54
SE MSE A 254 42.47 30.22 26.65
CE MSE A 254 42.44 30.41 28.59
N ASP A 255 45.38 26.57 23.12
CA ASP A 255 45.82 26.32 21.76
C ASP A 255 46.00 24.83 21.53
N GLU A 256 46.53 24.13 22.54
CA GLU A 256 46.76 22.70 22.46
C GLU A 256 45.45 21.91 22.42
N LEU A 257 44.49 22.31 23.25
CA LEU A 257 43.20 21.64 23.31
C LEU A 257 42.46 21.69 21.98
N ILE A 258 42.48 22.85 21.33
CA ILE A 258 41.80 23.02 20.05
C ILE A 258 42.40 22.16 18.94
N SER A 259 43.73 22.11 18.87
CA SER A 259 44.42 21.34 17.84
C SER A 259 44.09 19.86 17.90
N ASP A 260 43.95 19.32 19.10
CA ASP A 260 43.66 17.90 19.30
C ASP A 260 42.19 17.60 19.00
N LEU A 261 41.36 18.63 19.04
CA LEU A 261 39.93 18.49 18.79
C LEU A 261 39.65 18.32 17.31
N PRO A 262 38.57 17.62 16.95
CA PRO A 262 38.20 17.48 15.54
C PRO A 262 37.90 18.83 14.91
N ILE A 263 38.25 19.00 13.64
CA ILE A 263 38.09 20.25 12.92
C ILE A 263 36.76 20.96 13.18
N TYR A 264 35.66 20.26 12.90
CA TYR A 264 34.32 20.82 13.04
C TYR A 264 33.97 21.22 14.48
N LYS A 265 34.67 20.66 15.45
CA LYS A 265 34.38 20.96 16.86
C LYS A 265 35.11 22.20 17.38
N ARG A 266 36.10 22.68 16.63
CA ARG A 266 36.90 23.82 17.06
C ARG A 266 36.08 25.11 17.20
N HIS A 267 35.18 25.34 16.25
CA HIS A 267 34.36 26.56 16.22
C HIS A 267 33.64 26.85 17.53
N ASN A 268 32.82 25.89 17.98
CA ASN A 268 32.04 26.05 19.20
C ASN A 268 32.89 26.29 20.44
N PHE A 269 34.00 25.56 20.56
CA PHE A 269 34.87 25.69 21.72
C PHE A 269 35.67 27.00 21.69
N MSE A 270 36.12 27.39 20.51
CA MSE A 270 36.96 28.57 20.35
C MSE A 270 36.30 29.84 20.86
O MSE A 270 36.90 30.60 21.62
CB MSE A 270 37.35 28.75 18.88
CG MSE A 270 38.28 29.92 18.62
SE MSE A 270 40.11 29.55 19.19
CE MSE A 270 40.48 28.02 18.03
N VAL A 271 35.06 30.07 20.43
CA VAL A 271 34.34 31.29 20.79
C VAL A 271 34.00 31.36 22.28
N SER A 272 34.05 30.22 22.95
CA SER A 272 33.75 30.17 24.38
C SER A 272 34.97 30.50 25.24
N LEU A 273 36.16 30.43 24.63
CA LEU A 273 37.40 30.65 25.36
C LEU A 273 37.57 32.10 25.79
N PRO A 274 38.25 32.31 26.93
CA PRO A 274 38.54 33.64 27.48
C PRO A 274 39.37 34.50 26.52
N ASN A 275 39.04 35.78 26.43
CA ASN A 275 39.76 36.69 25.54
C ASN A 275 41.01 37.23 26.24
N ILE A 276 42.01 36.36 26.39
CA ILE A 276 43.22 36.70 27.11
C ILE A 276 44.26 37.47 26.30
N THR A 277 44.30 37.24 25.00
CA THR A 277 45.30 37.91 24.15
C THR A 277 44.74 38.34 22.80
N ASP A 278 45.49 39.20 22.11
CA ASP A 278 45.12 39.66 20.79
C ASP A 278 45.07 38.49 19.79
N SER A 279 45.97 37.53 19.99
CA SER A 279 46.03 36.35 19.12
C SER A 279 44.75 35.54 19.21
N VAL A 280 44.29 35.30 20.44
CA VAL A 280 43.06 34.55 20.65
C VAL A 280 41.86 35.31 20.10
N ILE A 281 41.84 36.61 20.31
CA ILE A 281 40.77 37.47 19.81
C ILE A 281 40.74 37.46 18.29
N GLU A 282 41.92 37.56 17.68
CA GLU A 282 42.04 37.56 16.23
C GLU A 282 41.65 36.20 15.68
N LYS A 283 42.02 35.14 16.41
CA LYS A 283 41.70 33.78 16.00
C LYS A 283 40.18 33.59 16.00
N LYS A 284 39.51 34.14 17.02
CA LYS A 284 38.07 34.07 17.12
C LYS A 284 37.43 34.76 15.91
N ARG A 285 37.97 35.93 15.57
CA ARG A 285 37.50 36.70 14.43
C ARG A 285 37.62 35.90 13.14
N GLN A 286 38.77 35.23 12.98
CA GLN A 286 39.03 34.44 11.79
C GLN A 286 38.03 33.30 11.61
N PHE A 287 37.71 32.61 12.70
CA PHE A 287 36.72 31.54 12.64
C PHE A 287 35.34 32.07 12.30
N LEU A 288 34.95 33.16 12.97
CA LEU A 288 33.65 33.78 12.73
C LEU A 288 33.55 34.34 11.32
N LYS A 289 34.69 34.79 10.79
CA LYS A 289 34.73 35.31 9.42
C LYS A 289 34.43 34.21 8.41
N GLN A 290 34.95 33.01 8.68
CA GLN A 290 34.72 31.86 7.81
C GLN A 290 33.26 31.42 7.89
N ARG A 291 32.67 31.53 9.06
CA ARG A 291 31.27 31.15 9.26
C ARG A 291 30.35 32.11 8.51
N ILE A 292 30.72 33.39 8.52
CA ILE A 292 29.98 34.40 7.78
C ILE A 292 30.04 34.08 6.30
N TRP A 293 31.22 33.70 5.85
CA TRP A 293 31.46 33.33 4.47
C TRP A 293 30.59 32.15 4.09
N LEU A 294 30.58 31.12 4.94
CA LEU A 294 29.77 29.94 4.73
C LEU A 294 28.28 30.29 4.70
N GLU A 295 27.84 31.01 5.72
CA GLU A 295 26.45 31.44 5.83
C GLU A 295 26.02 32.22 4.60
N GLY A 296 26.89 33.11 4.14
CA GLY A 296 26.62 33.92 2.97
C GLY A 296 26.45 33.06 1.72
N PHE A 297 27.30 32.05 1.59
CA PHE A 297 27.24 31.14 0.45
C PHE A 297 26.05 30.19 0.52
N ALA A 298 25.63 29.83 1.72
CA ALA A 298 24.47 28.96 1.89
C ALA A 298 23.25 29.69 1.35
N ALA A 299 23.26 31.01 1.53
CA ALA A 299 22.22 31.87 0.99
C ALA A 299 22.53 32.10 -0.47
N ASP A 300 21.49 32.22 -1.30
CA ASP A 300 21.70 32.44 -2.72
C ASP A 300 22.41 33.77 -2.95
N LEU A 301 23.43 33.74 -3.81
CA LEU A 301 24.18 34.95 -4.11
C LEU A 301 23.36 35.79 -5.09
N VAL A 302 23.70 37.07 -5.20
CA VAL A 302 22.97 37.96 -6.08
C VAL A 302 23.87 38.78 -6.98
N ASN A 303 23.25 39.53 -7.88
CA ASN A 303 23.94 40.42 -8.80
C ASN A 303 23.71 41.84 -8.36
N ILE A 304 23.03 41.98 -7.22
CA ILE A 304 22.69 43.27 -6.65
C ILE A 304 23.75 43.78 -5.67
N ILE A 305 24.20 45.02 -5.88
CA ILE A 305 25.14 45.66 -4.97
C ILE A 305 24.40 46.15 -3.73
N PRO A 306 24.99 45.94 -2.55
CA PRO A 306 24.37 46.37 -1.29
C PRO A 306 24.38 47.89 -1.14
N SER A 307 23.99 48.38 0.03
CA SER A 307 23.98 49.81 0.33
C SER A 307 23.00 50.57 -0.55
N LEU A 308 21.94 49.90 -0.98
CA LEU A 308 20.92 50.54 -1.81
C LEU A 308 19.54 50.48 -1.16
N THR A 309 18.85 51.61 -1.17
CA THR A 309 17.53 51.74 -0.56
C THR A 309 17.58 51.45 0.95
N PHE A 310 16.64 50.66 1.44
CA PHE A 310 16.51 50.45 2.88
C PHE A 310 16.50 48.97 3.28
N LEU A 311 16.83 48.72 4.54
CA LEU A 311 16.85 47.37 5.10
C LEU A 311 15.51 47.03 5.73
N LEU A 312 15.23 45.74 5.84
CA LEU A 312 13.97 45.28 6.42
C LEU A 312 14.11 45.04 7.92
N ASP A 313 12.98 45.03 8.62
CA ASP A 313 12.96 44.83 10.07
C ASP A 313 13.44 43.42 10.44
N SER A 314 13.12 42.45 9.59
CA SER A 314 13.53 41.07 9.82
C SER A 314 15.05 40.95 9.78
N ASP A 315 15.65 41.52 8.74
CA ASP A 315 17.10 41.53 8.60
C ASP A 315 17.73 42.43 9.67
N LEU A 316 16.97 43.43 10.11
CA LEU A 316 17.41 44.32 11.17
C LEU A 316 17.50 43.59 12.50
N GLU A 317 16.49 42.76 12.78
CA GLU A 317 16.46 41.98 14.01
C GLU A 317 17.55 40.91 13.99
N THR A 318 17.83 40.39 12.80
CA THR A 318 18.86 39.36 12.64
C THR A 318 20.24 39.95 12.92
N LEU A 319 20.42 41.23 12.58
CA LEU A 319 21.68 41.92 12.85
C LEU A 319 21.84 42.19 14.34
N LYS A 320 20.71 42.43 15.02
CA LYS A 320 20.72 42.68 16.45
C LYS A 320 21.12 41.42 17.21
N LYS A 321 20.61 40.28 16.77
CA LYS A 321 20.93 39.00 17.39
C LYS A 321 22.39 38.61 17.09
N SER A 322 22.82 38.88 15.87
CA SER A 322 24.19 38.57 15.46
C SER A 322 25.19 39.49 16.14
N MSE A 323 24.79 40.74 16.37
CA MSE A 323 25.66 41.71 17.02
C MSE A 323 25.87 41.36 18.49
O MSE A 323 27.01 41.34 18.97
CB MSE A 323 25.08 43.12 16.90
CG MSE A 323 25.89 44.19 17.61
SE MSE A 323 27.73 44.30 16.97
CE MSE A 323 28.36 45.76 18.10
N LYS A 324 24.77 41.09 19.20
CA LYS A 324 24.85 40.74 20.61
C LYS A 324 25.55 39.40 20.79
N PHE A 325 25.57 38.59 19.75
CA PHE A 325 26.27 37.31 19.77
C PHE A 325 27.78 37.53 19.68
N TYR A 326 28.18 38.43 18.78
CA TYR A 326 29.59 38.77 18.62
C TYR A 326 30.12 39.47 19.86
N ARG A 327 29.29 40.33 20.45
CA ARG A 327 29.68 41.10 21.63
C ARG A 327 29.87 40.20 22.84
N THR A 328 29.03 39.18 22.97
CA THR A 328 29.09 38.27 24.10
C THR A 328 30.31 37.36 24.00
N VAL A 329 30.71 37.04 22.77
CA VAL A 329 31.86 36.18 22.54
C VAL A 329 33.16 36.88 22.89
N PHE A 330 33.32 38.11 22.42
CA PHE A 330 34.53 38.88 22.67
C PHE A 330 34.47 39.62 24.00
N GLY A 331 33.47 39.30 24.81
CA GLY A 331 33.33 39.86 26.14
C GLY A 331 33.18 41.37 26.16
N VAL A 332 32.56 41.92 25.11
CA VAL A 332 32.33 43.35 25.04
C VAL A 332 30.85 43.67 25.19
N ASP A 333 30.06 42.67 25.56
CA ASP A 333 28.63 42.84 25.76
C ASP A 333 28.34 43.68 27.00
N GLU A 334 27.08 44.11 27.14
CA GLU A 334 26.68 44.95 28.26
C GLU A 334 26.90 44.25 29.60
N THR A 335 26.78 42.93 29.62
CA THR A 335 26.98 42.16 30.84
C THR A 335 28.44 42.21 31.27
N SER A 336 29.34 42.10 30.30
CA SER A 336 30.77 42.16 30.57
C SER A 336 31.22 43.60 30.79
N LEU A 337 30.42 44.54 30.31
CA LEU A 337 30.71 45.97 30.51
C LEU A 337 30.52 46.37 31.97
N GLN A 338 30.02 45.43 32.77
CA GLN A 338 29.84 45.65 34.20
C GLN A 338 31.17 45.49 34.94
N ARG A 339 32.14 44.87 34.29
CA ARG A 339 33.36 44.44 34.96
C ARG A 339 34.57 45.33 34.70
N LEU A 340 34.38 46.41 33.96
CA LEU A 340 35.41 47.42 33.83
C LEU A 340 35.05 48.57 34.76
N ALA A 341 33.78 48.58 35.15
CA ALA A 341 33.26 49.56 36.09
C ALA A 341 33.83 49.36 37.48
N ARG A 342 34.29 48.14 37.74
CA ARG A 342 34.84 47.80 39.05
C ARG A 342 36.36 47.93 39.06
N ASP A 343 36.96 47.83 37.88
CA ASP A 343 38.40 47.89 37.75
C ASP A 343 38.94 49.26 38.15
N TRP A 344 38.28 50.32 37.70
CA TRP A 344 38.68 51.68 38.10
C TRP A 344 37.51 52.44 38.72
N GLU A 345 36.46 51.72 39.08
CA GLU A 345 35.26 52.35 39.63
C GLU A 345 34.69 53.35 38.63
N ILE A 346 34.55 52.94 37.38
CA ILE A 346 34.11 53.83 36.31
C ILE A 346 32.84 53.33 35.63
N GLU A 347 31.83 54.18 35.55
CA GLU A 347 30.52 53.79 34.99
C GLU A 347 30.63 53.28 33.57
N VAL A 348 29.72 52.39 33.18
CA VAL A 348 29.76 51.74 31.88
C VAL A 348 29.81 52.72 30.71
N ASP A 349 29.01 53.78 30.79
CA ASP A 349 28.99 54.83 29.77
C ASP A 349 30.39 55.29 29.44
N GLN A 350 31.18 55.49 30.49
CA GLN A 350 32.57 55.89 30.36
C GLN A 350 33.38 54.79 29.66
N VAL A 351 33.07 53.54 30.01
CA VAL A 351 33.71 52.41 29.36
C VAL A 351 33.24 52.26 27.92
N GLU A 352 31.96 52.54 27.69
CA GLU A 352 31.38 52.38 26.37
C GLU A 352 31.96 53.35 25.36
N ALA A 353 32.47 54.48 25.83
CA ALA A 353 33.01 55.50 24.94
C ALA A 353 34.25 55.01 24.19
N MSE A 354 35.10 54.28 24.89
CA MSE A 354 36.33 53.74 24.30
C MSE A 354 36.05 52.83 23.11
O MSE A 354 36.72 52.91 22.08
CB MSE A 354 37.14 52.97 25.35
CG MSE A 354 37.87 53.86 26.35
SE MSE A 354 38.43 52.87 27.94
CE MSE A 354 36.67 52.20 28.49
N ILE A 355 35.04 51.97 23.25
CA ILE A 355 34.70 51.01 22.20
C ILE A 355 33.54 51.49 21.34
N LYS A 356 33.42 50.96 20.13
CA LYS A 356 32.37 51.39 19.22
C LYS A 356 31.24 50.36 19.15
N SER A 357 31.30 49.37 20.04
CA SER A 357 30.34 48.27 20.02
C SER A 357 28.95 48.68 20.51
N PRO A 358 28.86 49.19 21.75
CA PRO A 358 27.56 49.55 22.32
C PRO A 358 26.85 50.68 21.57
N ALA A 359 27.63 51.52 20.90
CA ALA A 359 27.07 52.68 20.21
C ALA A 359 26.61 52.35 18.79
N VAL A 360 26.16 51.12 18.59
CA VAL A 360 25.68 50.69 17.28
C VAL A 360 24.16 50.75 17.21
N PHE A 361 23.50 50.25 18.24
CA PHE A 361 22.04 50.23 18.28
C PHE A 361 21.49 51.26 19.26
N LYS A 362 22.12 52.43 19.30
CA LYS A 362 21.67 53.51 20.17
C LYS A 362 20.84 54.53 19.40
N PRO A 363 19.61 54.77 19.86
CA PRO A 363 18.68 55.73 19.24
C PRO A 363 19.28 57.12 19.15
N THR A 364 19.75 57.50 17.97
CA THR A 364 20.38 58.80 17.79
C THR A 364 19.87 59.47 16.51
N ASP A 365 20.02 60.79 16.45
CA ASP A 365 19.58 61.56 15.28
C ASP A 365 20.42 61.22 14.05
N GLU A 366 21.66 60.82 14.28
CA GLU A 366 22.56 60.43 13.20
C GLU A 366 22.46 58.93 12.91
N THR A 368 18.49 57.77 12.36
CA THR A 368 17.91 56.47 12.04
C THR A 368 18.99 55.43 11.78
N ILE A 369 18.69 54.17 12.08
CA ILE A 369 19.64 53.09 11.88
C ILE A 369 19.71 52.69 10.41
N GLN A 370 18.61 52.88 9.69
CA GLN A 370 18.55 52.57 8.27
C GLN A 370 19.53 53.43 7.48
N GLU A 371 19.86 54.60 8.04
CA GLU A 371 20.82 55.50 7.41
C GLU A 371 22.21 55.29 7.99
N ARG A 372 22.28 54.70 9.18
CA ARG A 372 23.56 54.42 9.82
C ARG A 372 24.23 53.19 9.21
N LEU A 373 23.45 52.13 9.06
CA LEU A 373 23.95 50.89 8.45
C LEU A 373 24.29 51.13 6.98
N SER A 374 23.61 52.08 6.37
CA SER A 374 23.88 52.47 4.99
C SER A 374 25.27 53.07 4.86
N ARG A 375 25.78 53.58 5.99
CA ARG A 375 27.11 54.17 6.04
C ARG A 375 28.20 53.12 6.25
N TYR A 376 27.93 52.15 7.11
CA TYR A 376 28.88 51.07 7.38
C TYR A 376 29.22 50.27 6.13
N ILE A 377 28.20 49.97 5.34
CA ILE A 377 28.35 49.17 4.12
C ILE A 377 29.24 49.83 3.07
N GLN A 378 29.08 51.13 2.86
CA GLN A 378 29.87 51.86 1.87
C GLN A 378 31.35 51.89 2.19
N GLU A 379 31.69 52.14 3.45
CA GLU A 379 33.09 52.23 3.87
C GLU A 379 33.79 50.88 3.74
N PHE A 380 33.09 49.81 4.10
CA PHE A 380 33.65 48.47 4.03
C PHE A 380 33.98 48.01 2.62
N CYS A 381 33.03 48.18 1.70
CA CYS A 381 33.21 47.73 0.32
C CYS A 381 34.26 48.51 -0.44
N LEU A 382 34.40 49.79 -0.14
CA LEU A 382 35.40 50.63 -0.79
C LEU A 382 36.81 50.23 -0.38
N ALA A 383 36.96 49.81 0.86
CA ALA A 383 38.26 49.42 1.37
C ALA A 383 38.59 47.95 1.11
N ASN A 384 37.58 47.09 1.15
CA ASN A 384 37.82 45.66 0.98
C ASN A 384 37.19 45.02 -0.26
N GLY A 385 36.68 45.82 -1.19
CA GLY A 385 36.00 45.26 -2.35
C GLY A 385 34.79 44.42 -1.94
N TYR A 386 34.26 43.63 -2.88
CA TYR A 386 33.06 42.81 -2.63
C TYR A 386 33.42 41.38 -2.26
N LEU A 387 34.71 41.08 -2.18
CA LEU A 387 35.19 39.76 -1.78
C LEU A 387 34.85 38.65 -2.77
N LEU A 388 34.07 38.98 -3.80
CA LEU A 388 33.65 38.01 -4.79
C LEU A 388 33.92 38.54 -6.20
N PRO A 389 33.89 37.64 -7.20
CA PRO A 389 34.11 38.03 -8.60
C PRO A 389 33.12 39.09 -9.06
N LYS A 390 33.49 39.88 -10.07
CA LYS A 390 32.64 40.95 -10.58
C LYS A 390 31.22 40.48 -10.87
N ASN A 391 30.25 41.35 -10.54
CA ASN A 391 28.84 41.09 -10.79
C ASN A 391 28.21 40.09 -9.81
N SER A 392 29.02 39.60 -8.87
CA SER A 392 28.53 38.69 -7.84
C SER A 392 28.68 39.32 -6.47
N PHE A 393 27.66 39.18 -5.62
CA PHE A 393 27.69 39.78 -4.30
C PHE A 393 26.99 38.93 -3.25
N LEU A 394 27.38 39.14 -2.00
CA LEU A 394 26.72 38.51 -0.86
C LEU A 394 25.52 39.36 -0.49
N LYS A 395 24.59 38.80 0.28
CA LYS A 395 23.46 39.60 0.72
C LYS A 395 23.97 40.69 1.66
N GLU A 396 23.29 41.83 1.66
CA GLU A 396 23.71 42.99 2.45
C GLU A 396 24.03 42.64 3.90
N ILE A 397 23.18 41.83 4.52
CA ILE A 397 23.34 41.43 5.91
C ILE A 397 24.72 40.84 6.22
N PHE A 398 25.28 40.09 5.28
CA PHE A 398 26.57 39.45 5.48
C PHE A 398 27.75 40.42 5.50
N TYR A 399 27.70 41.45 4.66
CA TYR A 399 28.76 42.45 4.65
C TYR A 399 28.75 43.23 5.95
N LEU A 400 27.56 43.45 6.50
CA LEU A 400 27.40 44.16 7.76
C LEU A 400 27.98 43.33 8.90
N LYS A 401 27.87 42.01 8.78
CA LYS A 401 28.41 41.10 9.79
C LYS A 401 29.94 41.16 9.83
N TYR A 402 30.57 41.24 8.66
CA TYR A 402 32.01 41.36 8.59
C TYR A 402 32.47 42.66 9.24
N TYR A 403 31.73 43.73 8.97
CA TYR A 403 32.03 45.04 9.53
C TYR A 403 31.93 45.02 11.05
N PHE A 404 30.81 44.48 11.56
CA PHE A 404 30.59 44.38 12.99
C PHE A 404 31.64 43.50 13.65
N LEU A 405 31.97 42.40 13.00
CA LEU A 405 32.97 41.46 13.50
C LEU A 405 34.32 42.16 13.67
N ASP A 406 34.70 42.93 12.66
CA ASP A 406 35.94 43.69 12.69
C ASP A 406 35.88 44.75 13.79
N MSE A 407 34.74 45.41 13.90
CA MSE A 407 34.55 46.46 14.90
C MSE A 407 34.66 45.90 16.32
O MSE A 407 35.37 46.46 17.15
CB MSE A 407 33.19 47.13 14.72
CG MSE A 407 32.88 48.22 15.71
SE MSE A 407 31.07 48.92 15.56
CE MSE A 407 31.22 49.81 13.83
N VAL A 408 33.98 44.79 16.58
CA VAL A 408 34.00 44.16 17.90
C VAL A 408 35.39 43.64 18.25
N THR A 409 36.08 43.10 17.26
CA THR A 409 37.43 42.57 17.47
C THR A 409 38.37 43.69 17.91
N GLU A 410 38.30 44.82 17.22
CA GLU A 410 39.12 45.98 17.56
C GLU A 410 38.76 46.50 18.95
N ASP A 411 37.48 46.45 19.27
CA ASP A 411 37.01 46.88 20.58
C ASP A 411 37.54 45.98 21.69
N ALA A 412 37.63 44.69 21.40
CA ALA A 412 38.13 43.71 22.37
C ALA A 412 39.59 44.01 22.72
N LYS A 413 40.37 44.37 21.72
CA LYS A 413 41.78 44.69 21.92
C LYS A 413 41.93 45.99 22.71
N THR A 414 41.06 46.96 22.39
CA THR A 414 41.05 48.24 23.08
C THR A 414 40.72 48.05 24.56
N LEU A 415 39.69 47.25 24.81
CA LEU A 415 39.25 46.97 26.17
C LEU A 415 40.31 46.15 26.92
N LEU A 416 40.97 45.27 26.19
CA LEU A 416 42.01 44.41 26.77
C LEU A 416 43.14 45.23 27.39
N LYS A 417 43.58 46.27 26.70
CA LYS A 417 44.67 47.13 27.19
C LYS A 417 44.32 47.76 28.54
N GLU A 418 43.10 48.22 28.69
CA GLU A 418 42.66 48.84 29.94
C GLU A 418 42.62 47.80 31.05
N ILE A 419 42.26 46.58 30.69
CA ILE A 419 42.18 45.47 31.63
C ILE A 419 43.56 45.05 32.14
N CYS A 420 44.51 44.94 31.22
CA CYS A 420 45.86 44.49 31.54
C CYS A 420 46.66 45.39 32.49
N LEU A 421 46.45 46.69 32.42
CA LEU A 421 47.19 47.62 33.28
C LEU A 421 46.82 47.46 34.74
N ARG A 422 45.60 46.98 34.98
CA ARG A 422 45.08 46.84 36.33
C ARG A 422 45.02 45.39 36.80
N ASN A 423 45.31 45.18 38.08
CA ASN A 423 45.32 43.83 38.64
C ASN A 423 46.30 42.93 37.90
N ASP B 25 30.40 13.13 -19.68
CA ASP B 25 31.83 13.29 -19.46
C ASP B 25 32.39 12.12 -18.65
N LEU B 26 33.72 12.03 -18.63
CA LEU B 26 34.40 10.95 -17.92
C LEU B 26 34.20 10.97 -16.40
N PRO B 27 34.19 12.16 -15.78
CA PRO B 27 34.00 12.22 -14.33
C PRO B 27 32.67 11.61 -13.88
N SER B 28 31.60 11.94 -14.59
CA SER B 28 30.26 11.44 -14.27
C SER B 28 30.20 9.91 -14.31
N SER B 29 30.84 9.30 -15.30
CA SER B 29 30.84 7.85 -15.44
C SER B 29 31.61 7.16 -14.32
N PHE B 30 32.73 7.75 -13.90
CA PHE B 30 33.55 7.19 -12.84
C PHE B 30 32.78 7.18 -11.53
N THR B 31 31.99 8.23 -11.32
CA THR B 31 31.18 8.36 -10.11
C THR B 31 30.16 7.23 -9.96
N GLY B 32 29.48 6.92 -11.07
CA GLY B 32 28.42 5.93 -11.08
C GLY B 32 28.72 4.45 -10.90
N TYR B 33 29.87 3.98 -11.38
CA TYR B 33 30.20 2.55 -11.29
C TYR B 33 30.25 2.13 -9.83
N PHE B 34 30.67 3.06 -8.97
CA PHE B 34 30.69 2.81 -7.53
C PHE B 34 29.28 2.65 -7.01
N LYS B 35 28.34 3.36 -7.63
CA LYS B 35 26.94 3.38 -7.23
C LYS B 35 26.17 2.11 -7.62
N LYS B 36 26.66 1.39 -8.62
CA LYS B 36 25.97 0.19 -9.10
C LYS B 36 26.04 -0.93 -8.07
N PHE B 37 26.90 -0.76 -7.07
CA PHE B 37 27.05 -1.73 -6.01
C PHE B 37 26.04 -1.46 -4.91
N ASN B 38 26.27 -2.07 -3.74
CA ASN B 38 25.44 -1.83 -2.58
C ASN B 38 26.12 -0.84 -1.64
N THR B 39 25.39 -0.39 -0.62
CA THR B 39 25.91 0.60 0.32
C THR B 39 27.07 0.06 1.13
N GLY B 40 26.96 -1.21 1.54
CA GLY B 40 27.98 -1.84 2.35
C GLY B 40 29.09 -2.47 1.53
N GLU B 41 28.88 -2.55 0.22
CA GLU B 41 29.84 -3.17 -0.68
C GLU B 41 30.74 -2.14 -1.36
N GLU B 42 30.81 -0.95 -0.78
CA GLU B 42 31.66 0.11 -1.31
C GLU B 42 33.09 -0.05 -0.82
N ILE B 43 34.03 -0.07 -1.75
CA ILE B 43 35.45 -0.29 -1.42
C ILE B 43 36.04 0.91 -0.69
N ILE B 44 35.53 2.10 -1.00
CA ILE B 44 36.01 3.32 -0.37
C ILE B 44 34.85 4.25 -0.01
N SER B 45 35.12 5.18 0.90
CA SER B 45 34.09 6.10 1.38
C SER B 45 33.56 6.99 0.26
N GLN B 46 32.30 7.39 0.37
CA GLN B 46 31.68 8.27 -0.62
C GLN B 46 32.37 9.63 -0.63
N GLU B 47 32.97 9.99 0.48
CA GLU B 47 33.65 11.28 0.61
C GLU B 47 34.87 11.37 -0.29
N ILE B 48 35.72 10.35 -0.26
CA ILE B 48 36.94 10.34 -1.05
C ILE B 48 36.62 10.23 -2.54
N LEU B 49 35.43 9.71 -2.85
CA LEU B 49 34.97 9.65 -4.23
C LEU B 49 34.70 11.05 -4.77
N ASN B 50 34.18 11.92 -3.91
CA ASN B 50 33.92 13.30 -4.28
C ASN B 50 35.22 14.08 -4.45
N LEU B 51 36.28 13.62 -3.80
CA LEU B 51 37.58 14.24 -3.92
C LEU B 51 38.22 13.91 -5.26
N ILE B 52 38.03 12.66 -5.71
CA ILE B 52 38.58 12.22 -6.98
C ILE B 52 37.81 12.83 -8.15
N GLU B 53 36.50 12.98 -7.97
CA GLU B 53 35.65 13.54 -9.02
C GLU B 53 35.96 15.00 -9.28
N LEU B 54 36.25 15.75 -8.22
CA LEU B 54 36.53 17.17 -8.34
C LEU B 54 37.81 17.42 -9.12
N ARG B 55 38.87 16.73 -8.75
CA ARG B 55 40.16 16.86 -9.43
C ARG B 55 40.08 16.45 -10.90
N MSE B 56 39.28 15.43 -11.19
CA MSE B 56 39.11 14.96 -12.56
C MSE B 56 38.53 16.05 -13.45
O MSE B 56 38.99 16.25 -14.58
CB MSE B 56 38.21 13.73 -12.60
CG MSE B 56 38.87 12.45 -12.09
SE MSE B 56 37.75 10.89 -12.40
CE MSE B 56 37.63 10.98 -14.34
N ARG B 57 37.54 16.76 -12.94
CA ARG B 57 36.91 17.84 -13.68
C ARG B 57 37.90 18.96 -13.95
N LYS B 58 38.82 19.16 -13.02
CA LYS B 58 39.86 20.18 -13.14
C LYS B 58 40.74 19.95 -14.36
N GLY B 59 40.82 18.69 -14.81
CA GLY B 59 41.59 18.35 -15.99
C GLY B 59 43.05 18.06 -15.70
N ASN B 60 43.48 18.32 -14.46
CA ASN B 60 44.86 18.08 -14.07
C ASN B 60 45.08 16.59 -13.78
N ILE B 61 45.52 15.86 -14.79
CA ILE B 61 45.75 14.42 -14.68
C ILE B 61 46.73 14.06 -13.56
N GLN B 62 47.66 14.97 -13.29
CA GLN B 62 48.67 14.75 -12.25
C GLN B 62 48.03 14.55 -10.88
N LEU B 63 47.25 15.54 -10.45
CA LEU B 63 46.59 15.49 -9.15
C LEU B 63 45.55 14.37 -9.08
N THR B 64 44.86 14.14 -10.19
CA THR B 64 43.84 13.10 -10.26
C THR B 64 44.43 11.71 -10.05
N ASN B 65 45.48 11.40 -10.79
CA ASN B 65 46.14 10.10 -10.67
C ASN B 65 46.70 9.91 -9.26
N SER B 66 47.26 10.97 -8.70
CA SER B 66 47.84 10.94 -7.37
C SER B 66 46.78 10.61 -6.32
N ALA B 67 45.60 11.22 -6.47
CA ALA B 67 44.50 10.99 -5.54
C ALA B 67 44.02 9.56 -5.60
N ILE B 68 43.96 9.00 -6.80
CA ILE B 68 43.53 7.62 -6.98
C ILE B 68 44.56 6.66 -6.42
N SER B 69 45.84 6.94 -6.67
CA SER B 69 46.92 6.12 -6.18
C SER B 69 46.99 6.14 -4.65
N ASP B 70 46.64 7.28 -4.05
CA ASP B 70 46.63 7.41 -2.60
C ASP B 70 45.53 6.54 -1.99
N ALA B 71 44.37 6.51 -2.64
CA ALA B 71 43.26 5.68 -2.17
C ALA B 71 43.66 4.21 -2.20
N LEU B 72 44.27 3.80 -3.31
CA LEU B 72 44.74 2.42 -3.46
C LEU B 72 45.82 2.11 -2.43
N LYS B 73 46.67 3.09 -2.17
CA LYS B 73 47.76 2.94 -1.22
C LYS B 73 47.21 2.75 0.20
N GLU B 74 46.18 3.51 0.52
CA GLU B 74 45.55 3.43 1.83
C GLU B 74 44.95 2.04 2.05
N ILE B 75 44.31 1.51 1.01
CA ILE B 75 43.72 0.18 1.08
C ILE B 75 44.79 -0.91 1.19
N ASP B 76 45.74 -0.91 0.27
CA ASP B 76 46.80 -1.91 0.24
C ASP B 76 47.65 -1.88 1.51
N SER B 77 47.98 -0.69 1.98
CA SER B 77 48.82 -0.54 3.15
C SER B 77 48.04 -0.78 4.44
N SER B 78 46.73 -0.89 4.31
CA SER B 78 45.85 -1.10 5.46
C SER B 78 46.20 -2.36 6.22
N VAL B 79 46.47 -2.22 7.52
CA VAL B 79 46.79 -3.35 8.37
C VAL B 79 45.66 -3.60 9.36
N LEU B 80 45.31 -4.87 9.56
CA LEU B 80 44.25 -5.23 10.47
C LEU B 80 44.75 -6.13 11.59
N ASN B 81 44.53 -5.70 12.83
CA ASN B 81 44.92 -6.49 13.99
C ASN B 81 43.71 -6.94 14.78
N VAL B 82 43.44 -8.24 14.76
CA VAL B 82 42.28 -8.79 15.45
C VAL B 82 42.69 -9.51 16.73
N ALA B 83 42.15 -9.04 17.84
CA ALA B 83 42.45 -9.64 19.14
C ALA B 83 41.47 -10.78 19.46
N VAL B 84 42.01 -11.92 19.85
CA VAL B 84 41.21 -13.07 20.21
C VAL B 84 41.51 -13.50 21.63
N THR B 85 40.52 -13.37 22.51
CA THR B 85 40.69 -13.72 23.91
C THR B 85 39.69 -14.76 24.38
N GLY B 86 39.83 -15.20 25.62
CA GLY B 86 38.99 -16.23 26.18
C GLY B 86 39.84 -17.28 26.89
N GLU B 87 39.24 -17.99 27.84
CA GLU B 87 39.96 -19.01 28.59
C GLU B 87 40.45 -20.13 27.68
N THR B 88 41.54 -20.77 28.10
CA THR B 88 42.13 -21.85 27.31
C THR B 88 41.19 -23.05 27.23
N GLY B 89 40.90 -23.46 25.99
CA GLY B 89 39.98 -24.55 25.76
C GLY B 89 38.65 -24.05 25.23
N SER B 90 38.61 -22.77 24.88
CA SER B 90 37.39 -22.16 24.35
C SER B 90 37.23 -22.47 22.86
N GLY B 91 38.35 -22.65 22.18
CA GLY B 91 38.33 -22.94 20.75
C GLY B 91 38.57 -21.71 19.90
N LYS B 92 39.37 -20.78 20.43
CA LYS B 92 39.65 -19.54 19.71
C LYS B 92 40.89 -19.69 18.83
N SER B 93 41.76 -20.64 19.17
CA SER B 93 42.93 -20.92 18.36
C SER B 93 42.52 -21.50 17.01
N SER B 94 41.52 -22.37 17.03
CA SER B 94 40.97 -22.95 15.81
C SER B 94 40.18 -21.90 15.06
N PHE B 95 39.66 -20.92 15.78
CA PHE B 95 38.92 -19.82 15.19
C PHE B 95 39.84 -18.97 14.30
N ILE B 96 41.09 -18.83 14.73
CA ILE B 96 42.08 -18.10 13.95
C ILE B 96 42.43 -18.87 12.68
N ASN B 97 42.65 -20.17 12.83
CA ASN B 97 42.98 -21.03 11.69
C ASN B 97 41.79 -21.18 10.74
N THR B 98 40.59 -20.96 11.27
CA THR B 98 39.38 -21.09 10.47
C THR B 98 39.23 -19.92 9.49
N LEU B 99 39.44 -18.72 9.98
CA LEU B 99 39.32 -17.51 9.16
C LEU B 99 40.46 -17.43 8.14
N ARG B 100 41.58 -18.07 8.46
CA ARG B 100 42.75 -18.06 7.59
C ARG B 100 42.66 -19.13 6.52
N GLY B 101 41.64 -19.99 6.63
CA GLY B 101 41.45 -21.07 5.68
C GLY B 101 42.56 -22.10 5.78
N ILE B 102 43.02 -22.35 7.00
CA ILE B 102 44.12 -23.28 7.22
C ILE B 102 43.76 -24.35 8.25
N GLY B 103 44.05 -25.60 7.92
CA GLY B 103 43.82 -26.70 8.84
C GLY B 103 44.69 -26.61 10.06
N ASN B 104 44.44 -27.47 11.03
CA ASN B 104 45.13 -27.42 12.32
C ASN B 104 46.44 -28.21 12.33
N GLU B 105 46.79 -28.83 11.20
CA GLU B 105 47.94 -29.72 11.16
C GLU B 105 49.08 -29.18 10.28
N GLU B 106 48.81 -28.16 9.50
CA GLU B 106 49.81 -27.61 8.58
C GLU B 106 50.73 -26.61 9.28
N GLU B 107 51.79 -26.23 8.60
CA GLU B 107 52.73 -25.25 9.12
C GLU B 107 52.13 -23.85 9.06
N GLY B 108 52.45 -23.03 10.06
CA GLY B 108 51.97 -21.66 10.10
C GLY B 108 50.67 -21.50 10.87
N ALA B 109 49.91 -22.59 10.96
CA ALA B 109 48.63 -22.56 11.66
C ALA B 109 48.82 -22.51 13.17
N ALA B 110 47.88 -21.88 13.86
CA ALA B 110 47.93 -21.79 15.32
C ALA B 110 47.80 -23.18 15.94
N LYS B 111 48.64 -23.46 16.94
CA LYS B 111 48.66 -24.77 17.58
C LYS B 111 47.33 -25.11 18.24
N THR B 112 46.79 -26.28 17.90
CA THR B 112 45.48 -26.71 18.37
C THR B 112 45.50 -27.25 19.80
N GLY B 113 46.56 -27.95 20.17
CA GLY B 113 46.70 -28.45 21.52
C GLY B 113 47.49 -27.49 22.39
N VAL B 114 46.86 -26.96 23.43
CA VAL B 114 47.53 -25.97 24.27
C VAL B 114 47.43 -26.31 25.76
N VAL B 115 48.58 -26.38 26.42
CA VAL B 115 48.67 -26.51 27.86
C VAL B 115 48.89 -25.11 28.43
N GLU B 116 48.65 -24.12 27.57
CA GLU B 116 48.99 -22.73 27.85
C GLU B 116 50.48 -22.57 28.13
N VAL B 117 50.78 -22.18 29.36
CA VAL B 117 52.14 -21.88 29.82
C VAL B 117 52.75 -20.68 29.08
N THR B 118 51.91 -19.92 28.38
CA THR B 118 52.34 -18.73 27.64
C THR B 118 51.75 -17.47 28.28
N MSE B 119 52.60 -16.53 28.67
CA MSE B 119 52.13 -15.36 29.41
C MSE B 119 52.04 -14.09 28.56
O MSE B 119 51.78 -13.01 29.08
CB MSE B 119 53.04 -15.10 30.61
CG MSE B 119 52.90 -16.13 31.73
SE MSE B 119 51.10 -16.17 32.49
CE MSE B 119 51.37 -15.01 34.03
N GLU B 120 52.28 -14.23 27.26
CA GLU B 120 52.36 -13.08 26.37
C GLU B 120 51.65 -13.30 25.04
N ARG B 121 51.42 -12.21 24.32
CA ARG B 121 50.73 -12.24 23.03
C ARG B 121 51.53 -12.96 21.95
N HIS B 122 50.81 -13.55 20.99
CA HIS B 122 51.43 -14.24 19.88
C HIS B 122 50.71 -13.86 18.58
N PRO B 123 51.49 -13.42 17.57
CA PRO B 123 50.93 -12.99 16.28
C PRO B 123 50.73 -14.11 15.27
N TYR B 124 49.71 -13.98 14.43
CA TYR B 124 49.44 -14.95 13.36
C TYR B 124 49.00 -14.22 12.09
N LYS B 125 49.90 -14.13 11.12
CA LYS B 125 49.59 -13.44 9.87
C LYS B 125 48.76 -14.32 8.94
N HIS B 126 47.95 -13.68 8.12
CA HIS B 126 47.14 -14.39 7.13
C HIS B 126 48.07 -14.93 6.05
N PRO B 127 47.83 -16.16 5.60
CA PRO B 127 48.68 -16.81 4.59
C PRO B 127 48.74 -16.05 3.26
N ASN B 128 47.64 -15.41 2.87
CA ASN B 128 47.59 -14.68 1.61
C ASN B 128 47.68 -13.17 1.78
N ILE B 129 47.14 -12.67 2.89
CA ILE B 129 47.14 -11.23 3.17
C ILE B 129 47.92 -10.90 4.43
N PRO B 130 49.24 -10.75 4.29
CA PRO B 130 50.16 -10.42 5.40
C PRO B 130 49.72 -9.22 6.22
N ASN B 131 48.96 -8.31 5.62
CA ASN B 131 48.49 -7.13 6.31
C ASN B 131 47.33 -7.45 7.26
N VAL B 132 46.99 -8.73 7.32
CA VAL B 132 45.95 -9.21 8.23
C VAL B 132 46.59 -10.07 9.31
N VAL B 133 46.55 -9.59 10.55
CA VAL B 133 47.19 -10.30 11.64
C VAL B 133 46.23 -10.61 12.78
N PHE B 134 46.16 -11.88 13.16
CA PHE B 134 45.33 -12.32 14.26
C PHE B 134 46.20 -12.57 15.48
N TRP B 135 45.80 -12.04 16.62
CA TRP B 135 46.58 -12.20 17.85
C TRP B 135 45.89 -13.12 18.85
N ASP B 136 46.58 -14.18 19.23
CA ASP B 136 46.07 -15.12 20.22
C ASP B 136 46.50 -14.66 21.61
N LEU B 137 45.54 -14.25 22.42
CA LEU B 137 45.84 -13.77 23.76
C LEU B 137 45.51 -14.82 24.81
N PRO B 138 46.39 -14.96 25.81
CA PRO B 138 46.22 -15.92 26.91
C PRO B 138 44.97 -15.61 27.73
N GLY B 139 44.28 -16.65 28.18
CA GLY B 139 43.08 -16.48 28.98
C GLY B 139 43.38 -15.76 30.28
N ILE B 140 42.56 -14.77 30.62
CA ILE B 140 42.74 -13.99 31.83
C ILE B 140 42.62 -14.88 33.07
N GLY B 141 41.90 -15.99 32.92
CA GLY B 141 41.76 -16.94 34.00
C GLY B 141 43.03 -17.75 34.20
N SER B 142 43.82 -17.89 33.14
CA SER B 142 45.07 -18.61 33.19
C SER B 142 46.18 -17.72 33.76
N THR B 143 46.11 -16.43 33.43
CA THR B 143 47.09 -15.47 33.92
C THR B 143 46.72 -14.96 35.31
N ASN B 144 47.72 -14.53 36.07
CA ASN B 144 47.50 -14.04 37.42
C ASN B 144 47.41 -12.52 37.46
N PHE B 145 47.09 -11.92 36.33
CA PHE B 145 47.01 -10.46 36.22
C PHE B 145 45.58 -9.96 36.46
N PRO B 146 45.45 -8.80 37.10
CA PRO B 146 44.14 -8.17 37.28
C PRO B 146 43.53 -7.75 35.95
N PRO B 147 42.22 -7.46 35.93
CA PRO B 147 41.48 -7.16 34.70
C PRO B 147 41.98 -5.91 33.97
N ASN B 148 42.35 -4.88 34.72
CA ASN B 148 42.79 -3.63 34.11
C ASN B 148 44.21 -3.71 33.54
N THR B 149 45.06 -4.53 34.15
CA THR B 149 46.44 -4.65 33.71
C THR B 149 46.60 -5.71 32.64
N TYR B 150 45.61 -6.59 32.51
CA TYR B 150 45.64 -7.65 31.51
C TYR B 150 45.72 -7.09 30.10
N LEU B 151 44.83 -6.15 29.79
CA LEU B 151 44.80 -5.53 28.47
C LEU B 151 46.02 -4.65 28.26
N GLU B 152 46.57 -4.12 29.35
CA GLU B 152 47.71 -3.23 29.29
C GLU B 152 48.99 -4.00 28.93
N LYS B 153 49.00 -5.29 29.24
CA LYS B 153 50.14 -6.15 28.94
C LYS B 153 50.03 -6.73 27.53
N MSE B 154 48.81 -6.77 27.02
CA MSE B 154 48.55 -7.34 25.70
C MSE B 154 48.60 -6.27 24.61
O MSE B 154 48.42 -6.58 23.43
CB MSE B 154 47.19 -8.03 25.67
CG MSE B 154 47.00 -9.11 26.73
SE MSE B 154 48.12 -10.69 26.48
CE MSE B 154 49.84 -9.94 27.03
N LYS B 155 48.85 -5.03 25.00
CA LYS B 155 48.89 -3.90 24.06
C LYS B 155 47.56 -3.74 23.35
N PHE B 156 46.58 -3.19 24.07
CA PHE B 156 45.21 -3.06 23.57
C PHE B 156 45.07 -2.14 22.37
N TYR B 157 45.84 -1.05 22.35
CA TYR B 157 45.69 -0.01 21.33
C TYR B 157 46.05 -0.48 19.93
N GLU B 158 46.63 -1.67 19.81
CA GLU B 158 47.09 -2.17 18.52
C GLU B 158 46.00 -2.90 17.74
N TYR B 159 45.00 -3.42 18.45
CA TYR B 159 43.95 -4.20 17.82
C TYR B 159 42.81 -3.33 17.27
N ASP B 160 42.17 -3.80 16.22
CA ASP B 160 41.04 -3.09 15.61
C ASP B 160 39.73 -3.44 16.32
N PHE B 161 39.63 -4.69 16.76
CA PHE B 161 38.46 -5.15 17.50
C PHE B 161 38.78 -6.45 18.21
N PHE B 162 37.98 -6.79 19.21
CA PHE B 162 38.23 -7.99 20.00
C PHE B 162 37.16 -9.05 19.76
N ILE B 163 37.59 -10.30 19.75
CA ILE B 163 36.68 -11.44 19.63
C ILE B 163 36.76 -12.25 20.91
N ILE B 164 35.65 -12.35 21.60
CA ILE B 164 35.61 -13.10 22.85
C ILE B 164 34.89 -14.42 22.69
N ILE B 165 35.66 -15.50 22.79
CA ILE B 165 35.13 -16.84 22.63
C ILE B 165 35.01 -17.49 23.99
N SER B 166 33.98 -18.29 24.15
CA SER B 166 33.72 -18.98 25.40
C SER B 166 33.24 -20.39 25.10
N ALA B 167 33.78 -21.35 25.84
CA ALA B 167 33.50 -22.76 25.61
C ALA B 167 32.02 -23.13 25.78
N THR B 168 31.37 -22.60 26.80
CA THR B 168 29.96 -22.93 27.02
C THR B 168 29.13 -21.68 27.25
N ARG B 169 29.41 -21.01 28.36
CA ARG B 169 28.77 -19.76 28.72
C ARG B 169 29.84 -18.75 29.07
N PHE B 170 29.51 -17.47 29.04
CA PHE B 170 30.50 -16.43 29.32
C PHE B 170 30.58 -16.11 30.81
N LYS B 171 31.75 -16.36 31.37
CA LYS B 171 32.00 -16.18 32.79
C LYS B 171 32.29 -14.71 33.09
N LYS B 172 32.33 -14.36 34.37
CA LYS B 172 32.62 -12.99 34.79
C LYS B 172 33.90 -12.46 34.17
N ASN B 173 34.92 -13.31 34.08
CA ASN B 173 36.20 -12.96 33.47
C ASN B 173 36.00 -12.39 32.07
N ASP B 174 35.36 -13.17 31.22
CA ASP B 174 35.08 -12.76 29.84
C ASP B 174 34.24 -11.49 29.81
N ILE B 175 33.21 -11.46 30.65
CA ILE B 175 32.29 -10.31 30.71
C ILE B 175 32.98 -9.02 31.14
N ASP B 176 33.88 -9.11 32.13
CA ASP B 176 34.58 -7.93 32.61
C ASP B 176 35.51 -7.39 31.53
N ILE B 177 36.10 -8.29 30.76
CA ILE B 177 36.95 -7.91 29.64
C ILE B 177 36.10 -7.17 28.61
N ALA B 178 34.92 -7.71 28.34
CA ALA B 178 33.98 -7.14 27.39
C ALA B 178 33.60 -5.70 27.77
N LYS B 179 33.25 -5.51 29.04
CA LYS B 179 32.85 -4.20 29.54
C LYS B 179 33.95 -3.16 29.32
N ALA B 180 35.19 -3.57 29.59
CA ALA B 180 36.34 -2.67 29.41
C ALA B 180 36.54 -2.30 27.96
N ILE B 181 36.40 -3.27 27.06
CA ILE B 181 36.55 -3.02 25.63
C ILE B 181 35.52 -2.04 25.11
N SER B 182 34.26 -2.28 25.45
CA SER B 182 33.17 -1.40 25.05
C SER B 182 33.40 -0.02 25.65
N MSE B 183 33.94 0.00 26.85
CA MSE B 183 34.19 1.23 27.59
C MSE B 183 35.31 2.05 26.96
O MSE B 183 35.37 3.28 27.13
CB MSE B 183 34.54 0.89 29.04
CG MSE B 183 34.68 2.10 29.96
SE MSE B 183 33.03 3.12 30.15
CE MSE B 183 31.89 1.72 30.89
N MSE B 184 36.19 1.39 26.21
CA MSE B 184 37.36 2.04 25.62
C MSE B 184 37.14 2.51 24.19
O MSE B 184 38.10 2.84 23.49
CB MSE B 184 38.56 1.09 25.65
CG MSE B 184 39.07 0.79 27.04
SE MSE B 184 40.60 -0.41 26.97
CE MSE B 184 40.92 -0.59 28.88
N LYS B 185 35.88 2.49 23.77
CA LYS B 185 35.49 2.98 22.45
C LYS B 185 35.96 2.06 21.33
N GLU B 186 35.96 0.75 21.59
CA GLU B 186 36.35 -0.22 20.58
C GLU B 186 35.29 -1.31 20.40
N GLU B 187 35.30 -1.92 19.21
CA GLU B 187 34.30 -2.94 18.90
C GLU B 187 34.72 -4.31 19.42
N PHE B 188 33.75 -5.06 19.90
CA PHE B 188 33.97 -6.40 20.41
C PHE B 188 32.88 -7.34 19.88
N TYR B 189 33.18 -8.62 19.85
CA TYR B 189 32.21 -9.61 19.37
C TYR B 189 32.29 -10.90 20.17
N PHE B 190 31.15 -11.39 20.63
CA PHE B 190 31.10 -12.64 21.36
C PHE B 190 30.92 -13.80 20.38
N VAL B 191 31.82 -14.77 20.45
CA VAL B 191 31.77 -15.92 19.55
C VAL B 191 31.73 -17.23 20.33
N ARG B 192 30.67 -17.99 20.12
CA ARG B 192 30.49 -19.28 20.80
C ARG B 192 30.84 -20.46 19.90
N THR B 193 31.98 -21.09 20.17
CA THR B 193 32.44 -22.22 19.37
C THR B 193 31.90 -23.54 19.89
N LYS B 194 32.24 -24.62 19.19
CA LYS B 194 31.87 -25.98 19.59
C LYS B 194 30.38 -26.21 19.77
N VAL B 195 29.56 -25.41 19.09
CA VAL B 195 28.12 -25.58 19.19
C VAL B 195 27.74 -26.92 18.59
N ASP B 196 28.57 -27.40 17.66
CA ASP B 196 28.33 -28.68 17.04
C ASP B 196 28.40 -29.78 18.09
N SER B 197 29.36 -29.62 19.02
CA SER B 197 29.55 -30.62 20.06
C SER B 197 28.35 -30.71 20.98
N ASP B 198 27.72 -29.57 21.24
CA ASP B 198 26.53 -29.58 22.08
C ASP B 198 25.46 -30.32 21.32
N ILE B 199 25.28 -29.96 20.06
CA ILE B 199 24.29 -30.60 19.21
C ILE B 199 24.64 -32.09 19.03
N THR B 200 25.93 -32.41 18.81
CA THR B 200 26.34 -33.81 18.64
C THR B 200 26.00 -34.58 19.92
N ASN B 201 26.34 -34.00 21.07
CA ASN B 201 26.04 -34.61 22.37
C ASN B 201 24.55 -34.80 22.65
N GLU B 202 23.74 -33.83 22.24
CA GLU B 202 22.31 -33.94 22.46
C GLU B 202 21.61 -34.90 21.51
N ALA B 203 22.06 -34.94 20.25
CA ALA B 203 21.36 -35.76 19.27
C ALA B 203 21.65 -37.25 19.37
N ASP B 204 22.88 -37.60 19.72
CA ASP B 204 23.23 -39.00 19.85
C ASP B 204 22.45 -39.65 20.99
N GLY B 205 22.24 -38.86 22.05
CA GLY B 205 21.57 -39.34 23.24
C GLY B 205 20.09 -38.99 23.41
N LYS B 206 19.53 -38.25 22.45
CA LYS B 206 18.10 -37.87 22.52
C LYS B 206 17.33 -38.07 21.23
N PRO B 207 17.26 -39.31 20.74
CA PRO B 207 16.38 -39.46 19.57
C PRO B 207 14.91 -39.19 19.95
N GLN B 208 14.15 -38.58 19.05
CA GLN B 208 12.75 -38.19 19.30
C GLN B 208 12.76 -36.94 20.17
N THR B 209 11.79 -36.06 19.94
CA THR B 209 11.70 -34.78 20.65
C THR B 209 13.07 -34.10 20.48
N PHE B 210 13.56 -34.18 19.25
CA PHE B 210 14.85 -33.62 18.86
C PHE B 210 14.71 -32.35 18.04
N ASP B 211 15.42 -31.30 18.44
CA ASP B 211 15.42 -30.07 17.68
C ASP B 211 16.81 -29.47 17.61
N LYS B 212 17.42 -29.52 16.43
CA LYS B 212 18.75 -28.96 16.22
C LYS B 212 18.71 -27.44 16.36
N GLU B 213 17.50 -26.89 16.27
CA GLU B 213 17.29 -25.46 16.47
C GLU B 213 17.12 -25.16 17.95
N LYS B 214 16.52 -26.10 18.67
CA LYS B 214 16.27 -25.97 20.10
C LYS B 214 17.58 -25.77 20.86
N VAL B 215 18.63 -26.45 20.40
CA VAL B 215 19.94 -26.34 21.02
C VAL B 215 20.44 -24.90 20.98
N LEU B 216 20.52 -24.35 19.77
CA LEU B 216 20.98 -22.97 19.61
C LEU B 216 19.96 -21.98 20.19
N GLN B 217 18.75 -22.46 20.43
CA GLN B 217 17.69 -21.62 20.95
C GLN B 217 17.83 -21.39 22.45
N ASP B 218 18.24 -22.42 23.18
CA ASP B 218 18.41 -22.31 24.62
C ASP B 218 19.85 -21.99 25.00
N ILE B 219 20.78 -22.21 24.05
CA ILE B 219 22.17 -21.82 24.27
C ILE B 219 22.27 -20.31 24.32
N ARG B 220 21.53 -19.64 23.44
CA ARG B 220 21.42 -18.18 23.49
C ARG B 220 20.70 -17.78 24.76
N LEU B 221 19.81 -18.67 25.23
CA LEU B 221 19.12 -18.46 26.49
C LEU B 221 20.09 -18.67 27.66
N ASN B 222 21.18 -19.39 27.39
CA ASN B 222 22.14 -19.76 28.42
C ASN B 222 23.28 -18.77 28.63
N CYS B 223 23.79 -18.20 27.56
CA CYS B 223 24.84 -17.20 27.70
C CYS B 223 24.21 -15.97 28.34
N VAL B 224 23.01 -15.63 27.86
CA VAL B 224 22.24 -14.52 28.41
C VAL B 224 21.88 -14.78 29.87
N ASN B 225 21.94 -16.04 30.28
CA ASN B 225 21.82 -16.40 31.70
C ASN B 225 22.82 -15.58 32.52
N THR B 226 24.05 -15.48 32.04
CA THR B 226 25.10 -14.70 32.73
C THR B 226 24.79 -13.19 32.78
N PHE B 227 24.34 -12.63 31.67
CA PHE B 227 24.01 -11.20 31.61
C PHE B 227 22.79 -10.92 32.47
N ARG B 228 21.89 -11.88 32.43
CA ARG B 228 20.81 -12.02 33.39
C ARG B 228 21.29 -11.93 34.84
N GLU B 229 22.23 -12.80 35.17
CA GLU B 229 22.79 -12.90 36.52
C GLU B 229 23.23 -11.58 37.11
N ASN B 230 23.64 -10.66 36.24
CA ASN B 230 24.32 -9.43 36.65
C ASN B 230 23.54 -8.14 36.39
N GLY B 231 22.82 -8.09 35.28
CA GLY B 231 22.16 -6.88 34.86
C GLY B 231 22.97 -6.16 33.81
N ILE B 232 23.85 -6.92 33.17
CA ILE B 232 24.72 -6.44 32.11
C ILE B 232 23.94 -6.10 30.85
N ALA B 233 22.84 -6.83 30.66
CA ALA B 233 22.11 -6.89 29.40
C ALA B 233 22.91 -7.67 28.38
N GLU B 234 22.21 -8.26 27.43
CA GLU B 234 22.83 -9.14 26.46
C GLU B 234 23.46 -8.38 25.30
N PRO B 235 24.76 -8.61 25.09
CA PRO B 235 25.50 -8.13 23.92
C PRO B 235 25.25 -9.08 22.77
N PRO B 236 25.71 -8.74 21.57
CA PRO B 236 25.48 -9.60 20.41
C PRO B 236 26.02 -11.00 20.67
N ILE B 237 25.30 -12.01 20.23
CA ILE B 237 25.72 -13.38 20.45
C ILE B 237 25.73 -14.18 19.15
N PHE B 238 26.82 -14.91 18.94
CA PHE B 238 26.96 -15.73 17.75
C PHE B 238 27.36 -17.16 18.10
N LEU B 239 26.52 -18.11 17.73
CA LEU B 239 26.79 -19.51 17.98
C LEU B 239 27.33 -20.16 16.70
N LEU B 240 28.50 -20.78 16.78
CA LEU B 240 29.09 -21.40 15.60
C LEU B 240 29.99 -22.58 15.93
N SER B 241 30.51 -23.21 14.87
CA SER B 241 31.40 -24.36 15.01
C SER B 241 32.62 -24.20 14.13
N ASN B 242 33.80 -24.30 14.73
CA ASN B 242 35.05 -24.19 13.98
C ASN B 242 35.28 -25.34 13.02
N LYS B 243 34.46 -26.39 13.11
CA LYS B 243 34.64 -27.54 12.23
C LYS B 243 34.19 -27.19 10.85
N ASN B 244 33.23 -26.29 10.74
CA ASN B 244 32.76 -25.94 9.43
C ASN B 244 32.32 -24.49 9.43
N VAL B 245 33.07 -23.69 8.68
CA VAL B 245 32.84 -22.26 8.55
C VAL B 245 31.47 -21.89 7.95
N CYS B 246 30.88 -22.80 7.20
CA CYS B 246 29.58 -22.55 6.58
C CYS B 246 28.39 -22.76 7.52
N HIS B 247 28.61 -23.54 8.57
CA HIS B 247 27.52 -23.93 9.46
C HIS B 247 27.14 -22.86 10.48
N TYR B 248 25.88 -22.92 10.92
CA TYR B 248 25.37 -22.01 11.92
C TYR B 248 25.42 -20.53 11.50
N ASP B 249 25.72 -19.65 12.45
CA ASP B 249 25.74 -18.19 12.20
C ASP B 249 27.08 -17.62 11.77
N PHE B 250 27.99 -18.47 11.33
CA PHE B 250 29.31 -17.99 10.90
C PHE B 250 29.19 -16.99 9.75
N PRO B 251 28.34 -17.30 8.75
CA PRO B 251 28.17 -16.36 7.62
C PRO B 251 27.70 -14.98 8.03
N VAL B 252 26.70 -14.93 8.89
CA VAL B 252 26.13 -13.67 9.36
C VAL B 252 27.15 -12.85 10.14
N LEU B 253 27.97 -13.55 10.94
CA LEU B 253 29.00 -12.91 11.76
C LEU B 253 30.03 -12.14 10.94
N MSE B 254 30.51 -12.77 9.86
CA MSE B 254 31.53 -12.15 9.03
C MSE B 254 31.01 -10.85 8.41
O MSE B 254 31.73 -9.86 8.34
CB MSE B 254 31.99 -13.11 7.92
CG MSE B 254 32.70 -14.35 8.44
SE MSE B 254 33.70 -15.27 7.05
CE MSE B 254 32.23 -15.64 5.82
N ASP B 255 29.76 -10.87 7.97
CA ASP B 255 29.14 -9.68 7.40
C ASP B 255 29.05 -8.57 8.43
N GLU B 256 28.75 -8.96 9.67
CA GLU B 256 28.63 -8.00 10.77
C GLU B 256 29.98 -7.39 11.12
N LEU B 257 31.01 -8.22 11.15
CA LEU B 257 32.37 -7.77 11.47
C LEU B 257 32.87 -6.73 10.49
N ILE B 258 32.61 -6.96 9.20
CA ILE B 258 33.05 -6.04 8.15
C ILE B 258 32.40 -4.67 8.23
N SER B 259 31.09 -4.64 8.51
CA SER B 259 30.34 -3.39 8.59
C SER B 259 30.86 -2.44 9.68
N ASP B 260 31.26 -3.00 10.81
CA ASP B 260 31.75 -2.19 11.92
C ASP B 260 33.16 -1.65 11.66
N LEU B 261 33.87 -2.30 10.76
CA LEU B 261 35.23 -1.90 10.42
C LEU B 261 35.19 -0.67 9.54
N PRO B 262 36.23 0.17 9.59
CA PRO B 262 36.26 1.35 8.73
C PRO B 262 36.24 0.95 7.26
N ILE B 263 35.56 1.74 6.43
CA ILE B 263 35.38 1.47 5.02
C ILE B 263 36.64 0.98 4.29
N TYR B 264 37.71 1.78 4.35
CA TYR B 264 38.94 1.45 3.65
C TYR B 264 39.61 0.16 4.14
N LYS B 265 39.27 -0.27 5.35
CA LYS B 265 39.85 -1.49 5.90
C LYS B 265 39.10 -2.76 5.48
N ARG B 266 37.90 -2.57 4.94
CA ARG B 266 37.06 -3.71 4.55
C ARG B 266 37.68 -4.57 3.47
N HIS B 267 38.28 -3.93 2.46
CA HIS B 267 38.86 -4.64 1.32
C HIS B 267 39.84 -5.74 1.71
N ASN B 268 40.87 -5.38 2.46
CA ASN B 268 41.91 -6.33 2.88
C ASN B 268 41.41 -7.50 3.72
N PHE B 269 40.52 -7.23 4.67
CA PHE B 269 40.00 -8.27 5.54
C PHE B 269 39.05 -9.22 4.84
N MSE B 270 38.18 -8.67 4.00
CA MSE B 270 37.12 -9.46 3.40
C MSE B 270 37.66 -10.53 2.45
O MSE B 270 37.22 -11.68 2.49
CB MSE B 270 36.14 -8.56 2.65
CG MSE B 270 35.00 -9.32 2.03
SE MSE B 270 33.50 -8.16 1.61
CE MSE B 270 33.42 -8.57 -0.29
N VAL B 271 38.60 -10.15 1.59
CA VAL B 271 39.17 -11.08 0.62
C VAL B 271 39.92 -12.21 1.32
N SER B 272 40.27 -12.01 2.58
CA SER B 272 40.99 -13.00 3.36
C SER B 272 40.02 -14.02 3.96
N LEU B 273 38.75 -13.65 4.00
CA LEU B 273 37.72 -14.50 4.62
C LEU B 273 37.48 -15.77 3.79
N PRO B 274 37.11 -16.85 4.47
CA PRO B 274 36.79 -18.14 3.85
C PRO B 274 35.62 -18.04 2.87
N ASN B 275 35.73 -18.71 1.72
CA ASN B 275 34.67 -18.69 0.71
C ASN B 275 33.61 -19.72 1.03
N ILE B 276 32.82 -19.40 2.05
CA ILE B 276 31.84 -20.32 2.60
C ILE B 276 30.51 -20.36 1.86
N THR B 277 30.11 -19.23 1.27
CA THR B 277 28.84 -19.15 0.59
C THR B 277 28.91 -18.32 -0.67
N ASP B 278 27.89 -18.44 -1.51
CA ASP B 278 27.80 -17.66 -2.74
C ASP B 278 27.73 -16.17 -2.45
N SER B 279 27.10 -15.83 -1.34
CA SER B 279 26.96 -14.43 -0.93
C SER B 279 28.32 -13.81 -0.67
N VAL B 280 29.15 -14.52 0.09
CA VAL B 280 30.50 -14.06 0.40
C VAL B 280 31.35 -13.99 -0.87
N ILE B 281 31.22 -15.00 -1.71
CA ILE B 281 31.95 -15.05 -2.97
C ILE B 281 31.55 -13.92 -3.91
N GLU B 282 30.24 -13.69 -4.02
CA GLU B 282 29.72 -12.63 -4.88
C GLU B 282 30.11 -11.27 -4.35
N LYS B 283 30.10 -11.13 -3.04
CA LYS B 283 30.47 -9.88 -2.38
C LYS B 283 31.94 -9.57 -2.67
N LYS B 284 32.78 -10.58 -2.61
CA LYS B 284 34.21 -10.44 -2.87
C LYS B 284 34.46 -9.92 -4.27
N ARG B 285 33.72 -10.47 -5.23
CA ARG B 285 33.84 -10.09 -6.63
C ARG B 285 33.56 -8.60 -6.80
N GLN B 286 32.53 -8.11 -6.12
CA GLN B 286 32.14 -6.71 -6.19
C GLN B 286 33.26 -5.76 -5.73
N PHE B 287 33.91 -6.10 -4.62
CA PHE B 287 35.00 -5.30 -4.10
C PHE B 287 36.21 -5.30 -5.03
N LEU B 288 36.58 -6.49 -5.51
CA LEU B 288 37.72 -6.59 -6.41
C LEU B 288 37.44 -5.86 -7.72
N LYS B 289 36.18 -5.83 -8.11
CA LYS B 289 35.76 -5.13 -9.32
C LYS B 289 35.98 -3.63 -9.15
N GLN B 290 35.70 -3.13 -7.95
CA GLN B 290 35.88 -1.72 -7.66
C GLN B 290 37.37 -1.35 -7.64
N ARG B 291 38.19 -2.28 -7.17
CA ARG B 291 39.63 -2.05 -7.13
C ARG B 291 40.20 -2.00 -8.54
N ILE B 292 39.66 -2.86 -9.41
CA ILE B 292 40.05 -2.88 -10.81
C ILE B 292 39.70 -1.54 -11.45
N TRP B 293 38.52 -1.05 -11.12
CA TRP B 293 38.03 0.24 -11.63
C TRP B 293 38.99 1.35 -11.20
N LEU B 294 39.34 1.36 -9.92
CA LEU B 294 40.27 2.34 -9.37
C LEU B 294 41.63 2.21 -10.04
N GLU B 295 42.14 0.98 -10.07
CA GLU B 295 43.43 0.69 -10.68
C GLU B 295 43.47 1.13 -12.14
N GLY B 296 42.37 0.88 -12.86
CA GLY B 296 42.26 1.26 -14.25
C GLY B 296 42.32 2.76 -14.41
N PHE B 297 41.64 3.47 -13.51
CA PHE B 297 41.62 4.93 -13.54
C PHE B 297 42.95 5.53 -13.09
N ALA B 298 43.64 4.85 -12.18
CA ALA B 298 44.94 5.33 -11.72
C ALA B 298 45.90 5.31 -12.90
N ALA B 299 45.69 4.34 -13.77
CA ALA B 299 46.47 4.23 -15.00
C ALA B 299 45.86 5.20 -16.00
N ASP B 300 46.69 5.79 -16.85
CA ASP B 300 46.19 6.73 -17.84
C ASP B 300 45.23 6.03 -18.79
N LEU B 301 44.09 6.65 -19.04
CA LEU B 301 43.10 6.08 -19.95
C LEU B 301 43.55 6.32 -21.39
N VAL B 302 42.99 5.55 -22.32
CA VAL B 302 43.39 5.69 -23.71
C VAL B 302 42.20 5.81 -24.66
N ASN B 303 42.52 6.04 -25.93
CA ASN B 303 41.52 6.16 -26.98
C ASN B 303 41.57 4.93 -27.87
N ILE B 304 42.40 3.97 -27.49
CA ILE B 304 42.60 2.75 -28.24
C ILE B 304 41.66 1.65 -27.77
N ILE B 305 40.99 1.00 -28.72
CA ILE B 305 40.11 -0.12 -28.42
C ILE B 305 40.90 -1.30 -27.88
N PRO B 306 40.40 -1.90 -26.79
CA PRO B 306 41.10 -3.08 -26.27
C PRO B 306 40.91 -4.27 -27.19
N SER B 307 41.97 -4.58 -27.94
CA SER B 307 41.99 -5.76 -28.78
C SER B 307 43.30 -6.48 -28.48
N LEU B 308 43.24 -7.79 -28.34
CA LEU B 308 44.45 -8.57 -28.16
C LEU B 308 45.14 -8.79 -29.50
N THR B 309 45.59 -7.70 -30.11
CA THR B 309 46.36 -7.78 -31.33
C THR B 309 47.70 -8.41 -30.98
N PHE B 310 48.28 -7.95 -29.87
CA PHE B 310 49.53 -8.51 -29.34
C PHE B 310 49.58 -8.32 -27.82
N LEU B 311 50.33 -9.16 -27.10
CA LEU B 311 50.51 -8.95 -25.67
C LEU B 311 51.94 -9.00 -25.16
N LEU B 312 52.18 -8.12 -24.20
CA LEU B 312 53.51 -7.75 -23.74
C LEU B 312 53.91 -8.56 -22.52
N ASP B 313 55.21 -8.69 -22.26
CA ASP B 313 55.67 -9.53 -21.15
C ASP B 313 55.17 -8.97 -19.82
N SER B 314 55.39 -7.66 -19.63
CA SER B 314 54.96 -6.91 -18.45
C SER B 314 53.46 -7.04 -18.26
N ASP B 315 52.74 -7.05 -19.37
CA ASP B 315 51.29 -7.14 -19.33
C ASP B 315 50.87 -8.56 -19.02
N LEU B 316 51.67 -9.51 -19.48
CA LEU B 316 51.38 -10.91 -19.28
C LEU B 316 51.76 -11.34 -17.86
N GLU B 317 52.91 -10.86 -17.40
CA GLU B 317 53.39 -11.19 -16.06
C GLU B 317 52.46 -10.65 -14.98
N THR B 318 51.98 -9.42 -15.17
CA THR B 318 51.06 -8.80 -14.24
C THR B 318 49.72 -9.54 -14.20
N LEU B 319 49.33 -10.09 -15.34
CA LEU B 319 48.10 -10.88 -15.43
C LEU B 319 48.28 -12.21 -14.71
N LYS B 320 49.50 -12.75 -14.76
CA LYS B 320 49.82 -14.00 -14.10
C LYS B 320 49.72 -13.87 -12.59
N LYS B 321 50.28 -12.79 -12.05
CA LYS B 321 50.22 -12.54 -10.61
C LYS B 321 48.81 -12.13 -10.20
N SER B 322 48.11 -11.45 -11.10
CA SER B 322 46.73 -11.04 -10.86
C SER B 322 45.82 -12.26 -10.82
N MSE B 323 46.12 -13.25 -11.67
CA MSE B 323 45.33 -14.48 -11.73
C MSE B 323 45.56 -15.33 -10.48
O MSE B 323 44.61 -15.82 -9.87
CB MSE B 323 45.69 -15.27 -12.98
CG MSE B 323 44.85 -16.53 -13.16
SE MSE B 323 42.94 -16.16 -13.30
CE MSE B 323 42.29 -17.98 -13.63
N LYS B 324 46.83 -15.50 -10.11
CA LYS B 324 47.18 -16.26 -8.92
C LYS B 324 46.64 -15.57 -7.66
N PHE B 325 46.53 -14.25 -7.72
CA PHE B 325 45.97 -13.48 -6.62
C PHE B 325 44.47 -13.77 -6.47
N TYR B 326 43.76 -13.75 -7.59
CA TYR B 326 42.33 -14.04 -7.59
C TYR B 326 42.06 -15.49 -7.19
N ARG B 327 42.88 -16.40 -7.70
CA ARG B 327 42.73 -17.83 -7.40
C ARG B 327 43.01 -18.11 -5.92
N THR B 328 44.01 -17.43 -5.38
CA THR B 328 44.39 -17.61 -3.98
C THR B 328 43.32 -17.07 -3.04
N VAL B 329 42.65 -16.00 -3.47
CA VAL B 329 41.61 -15.37 -2.66
C VAL B 329 40.33 -16.20 -2.67
N PHE B 330 39.91 -16.64 -3.85
CA PHE B 330 38.69 -17.43 -3.99
C PHE B 330 38.94 -18.91 -3.72
N GLY B 331 40.10 -19.22 -3.14
CA GLY B 331 40.42 -20.57 -2.75
C GLY B 331 40.46 -21.57 -3.89
N VAL B 332 40.88 -21.10 -5.07
CA VAL B 332 40.97 -21.97 -6.24
C VAL B 332 42.40 -22.03 -6.77
N ASP B 333 43.35 -21.60 -5.96
CA ASP B 333 44.76 -21.68 -6.33
C ASP B 333 45.25 -23.12 -6.26
N GLU B 334 46.49 -23.33 -6.66
CA GLU B 334 47.06 -24.69 -6.69
C GLU B 334 47.04 -25.34 -5.32
N THR B 335 47.57 -24.65 -4.31
CA THR B 335 47.62 -25.18 -2.96
C THR B 335 46.24 -25.57 -2.45
N SER B 336 45.24 -24.76 -2.78
CA SER B 336 43.86 -25.05 -2.42
C SER B 336 43.35 -26.26 -3.19
N LEU B 337 43.51 -26.23 -4.51
CA LEU B 337 43.08 -27.34 -5.36
C LEU B 337 43.76 -28.64 -4.96
N GLN B 338 45.01 -28.55 -4.51
CA GLN B 338 45.72 -29.70 -3.98
C GLN B 338 44.96 -30.27 -2.79
N ARG B 339 44.72 -29.41 -1.81
CA ARG B 339 43.91 -29.77 -0.66
C ARG B 339 42.52 -30.16 -1.13
N LEU B 340 42.05 -29.50 -2.17
CA LEU B 340 40.74 -29.78 -2.73
C LEU B 340 40.71 -31.08 -3.53
N ALA B 341 41.85 -31.74 -3.66
CA ALA B 341 41.90 -32.94 -4.49
C ALA B 341 42.44 -34.18 -3.76
N ARG B 342 43.38 -33.97 -2.85
CA ARG B 342 44.08 -35.07 -2.22
C ARG B 342 43.41 -35.57 -0.93
N ASP B 343 42.55 -34.74 -0.34
CA ASP B 343 41.82 -35.15 0.86
C ASP B 343 40.34 -35.32 0.49
N TRP B 344 39.88 -34.43 -0.38
CA TRP B 344 38.78 -34.69 -1.31
C TRP B 344 39.24 -35.97 -1.99
N GLU B 345 38.32 -36.84 -2.39
CA GLU B 345 38.70 -38.23 -2.70
C GLU B 345 39.90 -38.37 -3.63
N ILE B 346 39.85 -37.74 -4.81
CA ILE B 346 40.94 -37.93 -5.75
C ILE B 346 40.83 -37.20 -7.10
N GLU B 347 41.73 -37.57 -8.01
CA GLU B 347 41.77 -37.07 -9.39
C GLU B 347 41.81 -35.54 -9.50
N VAL B 348 42.94 -34.96 -9.12
CA VAL B 348 43.10 -33.50 -9.14
C VAL B 348 42.93 -32.91 -10.53
N ASP B 349 43.46 -33.59 -11.54
CA ASP B 349 43.35 -33.10 -12.92
C ASP B 349 41.89 -32.98 -13.35
N GLN B 350 41.07 -33.91 -12.87
CA GLN B 350 39.62 -33.79 -13.00
C GLN B 350 39.15 -32.48 -12.37
N VAL B 351 39.72 -32.13 -11.22
CA VAL B 351 39.36 -30.90 -10.51
C VAL B 351 39.73 -29.66 -11.32
N GLU B 352 40.93 -29.67 -11.90
CA GLU B 352 41.34 -28.61 -12.82
C GLU B 352 40.36 -28.50 -13.96
N ALA B 353 39.78 -29.64 -14.35
CA ALA B 353 38.85 -29.69 -15.47
C ALA B 353 37.49 -29.11 -15.12
N MSE B 354 37.08 -29.25 -13.86
CA MSE B 354 35.79 -28.73 -13.41
C MSE B 354 35.71 -27.23 -13.62
O MSE B 354 34.70 -26.70 -14.06
CB MSE B 354 35.53 -29.08 -11.95
CG MSE B 354 36.33 -30.25 -11.41
SE MSE B 354 35.63 -30.92 -9.71
CE MSE B 354 34.24 -29.58 -9.40
N ILE B 355 36.79 -26.53 -13.28
CA ILE B 355 36.85 -25.09 -13.40
C ILE B 355 37.65 -24.67 -14.62
N LYS B 356 37.61 -23.38 -14.95
CA LYS B 356 38.29 -22.87 -16.13
C LYS B 356 39.52 -22.05 -15.76
N SER B 357 39.79 -21.94 -14.47
CA SER B 357 40.89 -21.12 -13.97
C SER B 357 42.26 -21.67 -14.35
N PRO B 358 42.55 -22.93 -13.95
CA PRO B 358 43.86 -23.52 -14.18
C PRO B 358 44.20 -23.71 -15.67
N ALA B 359 43.25 -23.41 -16.55
CA ALA B 359 43.45 -23.61 -17.98
C ALA B 359 43.55 -22.29 -18.74
N VAL B 360 43.96 -21.23 -18.04
CA VAL B 360 44.09 -19.92 -18.65
C VAL B 360 45.51 -19.67 -19.13
N PHE B 361 46.46 -20.45 -18.59
CA PHE B 361 47.86 -20.31 -18.99
C PHE B 361 48.36 -21.57 -19.68
N LYS B 362 47.56 -22.61 -19.68
CA LYS B 362 47.91 -23.87 -20.33
C LYS B 362 47.41 -23.88 -21.79
N PRO B 363 48.35 -23.87 -22.74
CA PRO B 363 48.02 -23.85 -24.17
C PRO B 363 47.35 -25.14 -24.62
N THR B 364 46.21 -25.01 -25.29
CA THR B 364 45.47 -26.17 -25.78
C THR B 364 46.27 -26.93 -26.84
N ASP B 365 46.92 -26.18 -27.73
CA ASP B 365 47.73 -26.78 -28.77
C ASP B 365 48.48 -25.70 -29.57
N THR B 368 47.17 -19.98 -30.66
CA THR B 368 46.06 -19.75 -29.75
C THR B 368 46.54 -19.67 -28.30
N ILE B 369 47.85 -19.82 -28.11
CA ILE B 369 48.43 -19.76 -26.78
C ILE B 369 48.23 -18.39 -26.15
N GLN B 370 48.39 -17.34 -26.96
CA GLN B 370 48.15 -15.97 -26.51
C GLN B 370 46.89 -15.43 -27.17
N GLU B 371 46.36 -16.18 -28.13
CA GLU B 371 45.16 -15.79 -28.85
C GLU B 371 43.92 -16.01 -27.99
N ARG B 372 44.07 -16.82 -26.94
CA ARG B 372 42.99 -17.04 -26.00
C ARG B 372 42.59 -15.76 -25.30
N LEU B 373 43.60 -15.01 -24.88
CA LEU B 373 43.37 -13.70 -24.28
C LEU B 373 42.64 -12.81 -25.30
N SER B 374 42.93 -13.02 -26.58
CA SER B 374 42.35 -12.19 -27.64
C SER B 374 40.90 -12.50 -27.87
N ARG B 375 40.52 -13.72 -27.53
CA ARG B 375 39.13 -14.15 -27.67
C ARG B 375 38.36 -13.76 -26.42
N TYR B 376 39.01 -13.90 -25.27
CA TYR B 376 38.39 -13.54 -23.99
C TYR B 376 37.97 -12.08 -23.95
N ILE B 377 38.84 -11.19 -24.45
CA ILE B 377 38.57 -9.76 -24.45
C ILE B 377 37.34 -9.44 -25.31
N GLN B 378 37.27 -10.08 -26.46
CA GLN B 378 36.16 -9.88 -27.38
C GLN B 378 34.85 -10.33 -26.77
N GLU B 379 34.87 -11.49 -26.12
CA GLU B 379 33.66 -12.03 -25.50
C GLU B 379 33.20 -11.13 -24.37
N PHE B 380 34.16 -10.62 -23.59
CA PHE B 380 33.85 -9.72 -22.48
C PHE B 380 33.22 -8.42 -22.95
N CYS B 381 33.84 -7.79 -23.95
CA CYS B 381 33.35 -6.52 -24.47
C CYS B 381 32.02 -6.67 -25.19
N LEU B 382 31.82 -7.83 -25.83
CA LEU B 382 30.58 -8.11 -26.53
C LEU B 382 29.42 -8.29 -25.57
N ALA B 383 29.71 -8.84 -24.39
CA ALA B 383 28.66 -9.10 -23.40
C ALA B 383 28.36 -7.91 -22.49
N ASN B 384 29.38 -7.14 -22.12
CA ASN B 384 29.17 -6.02 -21.21
C ASN B 384 29.46 -4.63 -21.81
N GLY B 385 29.73 -4.56 -23.10
CA GLY B 385 30.07 -3.28 -23.72
C GLY B 385 31.28 -2.61 -23.09
N TYR B 386 31.50 -1.34 -23.42
CA TYR B 386 32.65 -0.58 -22.92
C TYR B 386 32.28 0.24 -21.70
N LEU B 387 33.04 0.07 -20.63
CA LEU B 387 32.83 0.79 -19.37
C LEU B 387 32.83 2.31 -19.53
N LEU B 388 33.85 2.84 -20.21
CA LEU B 388 33.99 4.28 -20.38
C LEU B 388 33.20 4.79 -21.59
N PRO B 389 32.98 6.11 -21.64
CA PRO B 389 32.27 6.78 -22.73
C PRO B 389 32.91 6.50 -24.08
N LYS B 390 32.15 6.62 -25.17
CA LYS B 390 32.66 6.34 -26.51
C LYS B 390 34.00 7.03 -26.77
N ASN B 391 34.89 6.31 -27.44
CA ASN B 391 36.21 6.81 -27.81
C ASN B 391 37.17 6.83 -26.62
N SER B 392 36.68 6.41 -25.46
CA SER B 392 37.49 6.29 -24.26
C SER B 392 37.54 4.83 -23.82
N PHE B 393 38.72 4.35 -23.43
CA PHE B 393 38.87 2.96 -23.03
C PHE B 393 39.89 2.77 -21.91
N LEU B 394 39.74 1.68 -21.19
CA LEU B 394 40.70 1.27 -20.18
C LEU B 394 41.81 0.51 -20.89
N LYS B 395 42.96 0.35 -20.24
CA LYS B 395 44.03 -0.43 -20.84
C LYS B 395 43.58 -1.88 -20.95
N GLU B 396 44.07 -2.57 -21.97
CA GLU B 396 43.69 -3.95 -22.25
C GLU B 396 43.75 -4.86 -21.03
N ILE B 397 44.82 -4.73 -20.26
CA ILE B 397 45.04 -5.55 -19.07
C ILE B 397 43.87 -5.54 -18.08
N PHE B 398 43.21 -4.40 -17.94
CA PHE B 398 42.11 -4.26 -16.99
C PHE B 398 40.85 -5.02 -17.42
N TYR B 399 40.57 -5.03 -18.72
CA TYR B 399 39.41 -5.76 -19.23
C TYR B 399 39.61 -7.26 -19.03
N LEU B 400 40.86 -7.69 -19.17
CA LEU B 400 41.22 -9.09 -18.99
C LEU B 400 41.05 -9.50 -17.52
N LYS B 401 41.29 -8.56 -16.62
CA LYS B 401 41.15 -8.81 -15.19
C LYS B 401 39.69 -9.05 -14.80
N TYR B 402 38.78 -8.27 -15.39
CA TYR B 402 37.36 -8.43 -15.13
C TYR B 402 36.89 -9.80 -15.59
N TYR B 403 37.38 -10.23 -16.75
CA TYR B 403 37.02 -11.53 -17.30
C TYR B 403 37.49 -12.65 -16.38
N PHE B 404 38.75 -12.59 -15.97
CA PHE B 404 39.33 -13.57 -15.07
C PHE B 404 38.60 -13.57 -13.73
N LEU B 405 38.29 -12.38 -13.24
CA LEU B 405 37.60 -12.23 -11.96
C LEU B 405 36.25 -12.93 -11.99
N ASP B 406 35.50 -12.73 -13.07
CA ASP B 406 34.20 -13.37 -13.24
C ASP B 406 34.37 -14.88 -13.32
N MSE B 407 35.39 -15.31 -14.07
CA MSE B 407 35.67 -16.73 -14.25
C MSE B 407 36.00 -17.40 -12.93
O MSE B 407 35.45 -18.46 -12.61
CB MSE B 407 36.82 -16.91 -15.24
CG MSE B 407 37.19 -18.36 -15.52
SE MSE B 407 38.71 -18.55 -16.72
CE MSE B 407 37.92 -17.80 -18.33
N VAL B 408 36.89 -16.79 -12.15
CA VAL B 408 37.29 -17.33 -10.86
C VAL B 408 36.13 -17.35 -9.88
N THR B 409 35.29 -16.32 -9.94
CA THR B 409 34.12 -16.22 -9.07
C THR B 409 33.16 -17.38 -9.33
N GLU B 410 32.92 -17.64 -10.61
CA GLU B 410 32.03 -18.73 -11.01
C GLU B 410 32.60 -20.07 -10.58
N ASP B 411 33.93 -20.19 -10.66
CA ASP B 411 34.62 -21.42 -10.25
C ASP B 411 34.46 -21.65 -8.75
N ALA B 412 34.49 -20.57 -7.98
CA ALA B 412 34.34 -20.65 -6.53
C ALA B 412 32.98 -21.21 -6.16
N LYS B 413 31.95 -20.78 -6.89
CA LYS B 413 30.59 -21.25 -6.64
C LYS B 413 30.47 -22.72 -7.04
N THR B 414 31.12 -23.08 -8.13
CA THR B 414 31.12 -24.47 -8.61
C THR B 414 31.77 -25.39 -7.60
N LEU B 415 32.90 -24.97 -7.06
CA LEU B 415 33.65 -25.75 -6.08
C LEU B 415 32.90 -25.89 -4.76
N LEU B 416 32.17 -24.85 -4.38
CA LEU B 416 31.41 -24.84 -3.13
C LEU B 416 30.37 -25.96 -3.09
N LYS B 417 29.65 -26.15 -4.20
CA LYS B 417 28.64 -27.19 -4.29
C LYS B 417 29.23 -28.57 -4.07
N GLU B 418 30.40 -28.81 -4.66
CA GLU B 418 31.09 -30.10 -4.54
C GLU B 418 31.55 -30.35 -3.10
N ILE B 419 31.97 -29.29 -2.42
CA ILE B 419 32.45 -29.38 -1.05
C ILE B 419 31.34 -29.76 -0.07
N CYS B 420 30.17 -29.13 -0.22
CA CYS B 420 29.04 -29.33 0.68
C CYS B 420 28.47 -30.76 0.67
N LEU B 421 28.47 -31.42 -0.48
CA LEU B 421 27.93 -32.78 -0.56
C LEU B 421 28.76 -33.79 0.22
N ARG B 422 30.06 -33.52 0.35
CA ARG B 422 30.96 -34.44 1.04
C ARG B 422 31.34 -33.90 2.42
N ASP C 25 21.49 -10.03 -9.83
CA ASP C 25 20.10 -10.35 -10.15
C ASP C 25 19.44 -9.22 -10.93
N LEU C 26 18.34 -9.53 -11.60
CA LEU C 26 17.62 -8.56 -12.43
C LEU C 26 17.05 -7.37 -11.66
N PRO C 27 16.53 -7.60 -10.44
CA PRO C 27 15.97 -6.48 -9.68
C PRO C 27 16.99 -5.39 -9.35
N SER C 28 18.18 -5.79 -8.88
CA SER C 28 19.25 -4.85 -8.56
C SER C 28 19.64 -4.03 -9.78
N SER C 29 19.69 -4.69 -10.94
CA SER C 29 20.07 -4.04 -12.19
C SER C 29 19.06 -2.99 -12.62
N PHE C 30 17.78 -3.24 -12.37
CA PHE C 30 16.73 -2.30 -12.75
C PHE C 30 16.82 -0.97 -12.00
N THR C 31 16.98 -1.05 -10.69
CA THR C 31 17.17 0.12 -9.83
C THR C 31 18.50 0.82 -10.11
N GLY C 32 19.52 0.02 -10.36
CA GLY C 32 20.87 0.53 -10.57
C GLY C 32 20.97 1.43 -11.78
N TYR C 33 20.14 1.19 -12.78
CA TYR C 33 20.13 2.04 -13.98
C TYR C 33 19.75 3.49 -13.65
N PHE C 34 18.80 3.64 -12.73
CA PHE C 34 18.33 4.95 -12.29
C PHE C 34 19.40 5.67 -11.48
N LYS C 35 20.21 4.87 -10.80
CA LYS C 35 21.24 5.37 -9.91
C LYS C 35 22.35 6.03 -10.71
N LYS C 36 22.43 5.70 -12.01
CA LYS C 36 23.44 6.31 -12.86
C LYS C 36 23.15 7.79 -13.15
N PHE C 37 21.93 8.24 -12.86
CA PHE C 37 21.57 9.64 -13.10
C PHE C 37 21.82 10.54 -11.88
N ASN C 38 21.72 11.84 -12.08
CA ASN C 38 21.84 12.80 -10.98
C ASN C 38 20.52 12.97 -10.23
N THR C 39 20.56 13.76 -9.16
CA THR C 39 19.37 13.95 -8.32
C THR C 39 18.29 14.78 -9.01
N GLY C 40 18.72 15.70 -9.88
CA GLY C 40 17.79 16.60 -10.53
C GLY C 40 17.00 15.97 -11.66
N GLU C 41 17.61 15.02 -12.37
CA GLU C 41 16.96 14.42 -13.52
C GLU C 41 16.35 13.05 -13.21
N GLU C 42 15.65 12.96 -12.08
CA GLU C 42 14.96 11.73 -11.71
C GLU C 42 13.59 11.67 -12.36
N ILE C 43 13.34 10.60 -13.11
CA ILE C 43 12.08 10.45 -13.84
C ILE C 43 10.92 10.09 -12.92
N ILE C 44 11.22 9.41 -11.83
CA ILE C 44 10.20 9.02 -10.87
C ILE C 44 10.78 8.93 -9.46
N SER C 45 9.91 9.05 -8.46
CA SER C 45 10.33 9.03 -7.06
C SER C 45 10.91 7.68 -6.66
N GLN C 46 11.81 7.71 -5.68
CA GLN C 46 12.41 6.49 -5.14
C GLN C 46 11.37 5.62 -4.48
N GLU C 47 10.29 6.25 -4.01
CA GLU C 47 9.22 5.55 -3.32
C GLU C 47 8.51 4.56 -4.25
N ILE C 48 8.54 4.85 -5.55
CA ILE C 48 7.90 3.99 -6.53
C ILE C 48 8.89 2.98 -7.11
N LEU C 49 10.17 3.37 -7.14
CA LEU C 49 11.22 2.49 -7.64
C LEU C 49 11.33 1.23 -6.79
N ASN C 50 11.28 1.41 -5.47
CA ASN C 50 11.35 0.28 -4.55
C ASN C 50 10.07 -0.56 -4.60
N LEU C 51 8.97 0.10 -4.95
CA LEU C 51 7.69 -0.60 -5.08
C LEU C 51 7.73 -1.59 -6.24
N ILE C 52 8.40 -1.19 -7.31
CA ILE C 52 8.59 -2.06 -8.47
C ILE C 52 9.65 -3.11 -8.18
N GLU C 53 10.69 -2.70 -7.44
CA GLU C 53 11.78 -3.60 -7.09
C GLU C 53 11.31 -4.69 -6.13
N LEU C 54 10.37 -4.35 -5.26
CA LEU C 54 9.84 -5.30 -4.30
C LEU C 54 9.05 -6.41 -5.01
N ARG C 55 8.13 -5.99 -5.88
CA ARG C 55 7.31 -6.93 -6.64
C ARG C 55 8.14 -7.84 -7.54
N MSE C 56 9.22 -7.30 -8.10
CA MSE C 56 10.10 -8.07 -8.98
C MSE C 56 10.72 -9.25 -8.25
O MSE C 56 10.78 -10.36 -8.79
CB MSE C 56 11.20 -7.18 -9.56
CG MSE C 56 10.74 -6.22 -10.64
SE MSE C 56 12.22 -5.30 -11.50
CE MSE C 56 13.20 -6.86 -12.17
N ARG C 57 11.19 -9.02 -7.03
CA ARG C 57 11.77 -10.08 -6.22
C ARG C 57 10.73 -11.15 -5.91
N LYS C 58 9.48 -10.73 -5.76
CA LYS C 58 8.38 -11.64 -5.49
C LYS C 58 8.19 -12.66 -6.60
N GLY C 59 8.65 -12.32 -7.81
CA GLY C 59 8.57 -13.22 -8.94
C GLY C 59 7.26 -13.15 -9.70
N ASN C 60 6.30 -12.42 -9.16
CA ASN C 60 5.00 -12.29 -9.80
C ASN C 60 5.07 -11.26 -10.93
N ILE C 61 5.33 -11.74 -12.13
CA ILE C 61 5.47 -10.88 -13.30
C ILE C 61 4.23 -10.02 -13.56
N GLN C 62 3.06 -10.52 -13.16
CA GLN C 62 1.81 -9.81 -13.35
C GLN C 62 1.79 -8.46 -12.63
N LEU C 63 2.02 -8.49 -11.32
CA LEU C 63 2.01 -7.28 -10.51
C LEU C 63 3.16 -6.34 -10.87
N THR C 64 4.31 -6.91 -11.21
CA THR C 64 5.49 -6.11 -11.57
C THR C 64 5.24 -5.29 -12.83
N ASN C 65 4.78 -5.94 -13.88
CA ASN C 65 4.50 -5.26 -15.14
C ASN C 65 3.42 -4.20 -14.94
N SER C 66 2.41 -4.53 -14.15
CA SER C 66 1.32 -3.62 -13.86
C SER C 66 1.81 -2.35 -13.16
N ALA C 67 2.73 -2.53 -12.21
CA ALA C 67 3.28 -1.41 -11.45
C ALA C 67 4.07 -0.46 -12.34
N ILE C 68 4.83 -1.02 -13.27
CA ILE C 68 5.63 -0.22 -14.20
C ILE C 68 4.73 0.54 -15.16
N SER C 69 3.71 -0.14 -15.67
CA SER C 69 2.76 0.47 -16.60
C SER C 69 1.97 1.59 -15.91
N ASP C 70 1.70 1.40 -14.62
CA ASP C 70 0.98 2.41 -13.85
C ASP C 70 1.83 3.66 -13.68
N ALA C 71 3.12 3.46 -13.43
CA ALA C 71 4.06 4.57 -13.28
C ALA C 71 4.12 5.37 -14.58
N LEU C 72 4.22 4.65 -15.70
CA LEU C 72 4.28 5.28 -17.01
C LEU C 72 2.96 6.00 -17.30
N LYS C 73 1.86 5.40 -16.88
CA LYS C 73 0.54 5.99 -17.09
C LYS C 73 0.39 7.28 -16.29
N GLU C 74 0.90 7.27 -15.06
CA GLU C 74 0.86 8.45 -14.20
C GLU C 74 1.64 9.60 -14.82
N ILE C 75 2.80 9.27 -15.37
CA ILE C 75 3.65 10.27 -16.02
C ILE C 75 3.00 10.78 -17.30
N ASP C 76 2.62 9.87 -18.19
CA ASP C 76 2.02 10.23 -19.46
C ASP C 76 0.71 10.99 -19.28
N SER C 77 -0.11 10.56 -18.34
CA SER C 77 -1.41 11.18 -18.10
C SER C 77 -1.27 12.48 -17.32
N SER C 78 -0.06 12.75 -16.83
CA SER C 78 0.19 13.96 -16.06
C SER C 78 -0.12 15.22 -16.87
N VAL C 79 -0.97 16.06 -16.32
CA VAL C 79 -1.34 17.31 -16.98
C VAL C 79 -0.78 18.50 -16.21
N LEU C 80 -0.23 19.47 -16.94
CA LEU C 80 0.35 20.65 -16.34
C LEU C 80 -0.38 21.92 -16.78
N ASN C 81 -0.87 22.67 -15.81
CA ASN C 81 -1.57 23.92 -16.08
C ASN C 81 -0.79 25.10 -15.51
N VAL C 82 -0.24 25.94 -16.39
CA VAL C 82 0.54 27.08 -15.96
C VAL C 82 -0.22 28.38 -16.11
N ALA C 83 -0.41 29.08 -15.00
CA ALA C 83 -1.12 30.36 -15.01
C ALA C 83 -0.16 31.51 -15.23
N VAL C 84 -0.50 32.39 -16.17
CA VAL C 84 0.34 33.55 -16.46
C VAL C 84 -0.44 34.84 -16.26
N THR C 85 -0.04 35.62 -15.26
CA THR C 85 -0.71 36.88 -14.95
C THR C 85 0.26 38.05 -15.01
N GLY C 86 -0.20 39.21 -14.55
CA GLY C 86 0.62 40.41 -14.54
C GLY C 86 -0.06 41.57 -15.24
N GLU C 87 0.64 42.70 -15.32
CA GLU C 87 0.10 43.88 -15.97
C GLU C 87 -0.03 43.68 -17.47
N THR C 88 -0.92 44.43 -18.11
CA THR C 88 -1.14 44.31 -19.54
C THR C 88 0.05 44.85 -20.33
N GLY C 89 0.34 44.20 -21.46
CA GLY C 89 1.46 44.59 -22.29
C GLY C 89 2.80 44.38 -21.61
N SER C 90 2.90 43.28 -20.88
CA SER C 90 4.13 42.98 -20.13
C SER C 90 4.85 41.77 -20.71
N GLY C 91 4.20 41.07 -21.63
CA GLY C 91 4.78 39.89 -22.25
C GLY C 91 4.18 38.61 -21.71
N LYS C 92 2.92 38.68 -21.30
CA LYS C 92 2.22 37.52 -20.74
C LYS C 92 1.93 36.49 -21.82
N SER C 93 1.64 36.98 -23.03
CA SER C 93 1.37 36.10 -24.15
C SER C 93 2.67 35.73 -24.89
N SER C 94 3.64 36.63 -24.86
CA SER C 94 4.90 36.40 -25.57
C SER C 94 5.60 35.21 -24.98
N PHE C 95 5.51 35.16 -23.67
CA PHE C 95 6.19 34.19 -22.87
C PHE C 95 5.60 32.79 -23.09
N ILE C 96 4.28 32.72 -23.21
CA ILE C 96 3.62 31.45 -23.42
C ILE C 96 4.11 30.77 -24.69
N ASN C 97 4.26 31.57 -25.74
CA ASN C 97 4.75 31.05 -27.02
C ASN C 97 6.22 30.65 -26.94
N THR C 98 6.98 31.39 -26.15
CA THR C 98 8.41 31.14 -26.01
C THR C 98 8.70 29.77 -25.40
N LEU C 99 7.92 29.40 -24.39
CA LEU C 99 8.11 28.10 -23.74
C LEU C 99 7.61 26.96 -24.61
N ARG C 100 6.62 27.25 -25.46
CA ARG C 100 6.04 26.24 -26.33
C ARG C 100 6.93 25.97 -27.54
N GLY C 101 8.01 26.72 -27.66
CA GLY C 101 8.95 26.56 -28.75
C GLY C 101 8.34 26.97 -30.08
N ILE C 102 7.33 27.84 -30.01
CA ILE C 102 6.64 28.31 -31.21
C ILE C 102 6.59 29.83 -31.25
N GLY C 103 6.97 30.41 -32.39
CA GLY C 103 6.96 31.84 -32.57
C GLY C 103 5.56 32.43 -32.40
N ASN C 104 5.51 33.71 -32.06
CA ASN C 104 4.25 34.40 -31.87
C ASN C 104 3.44 34.51 -33.15
N GLU C 105 4.12 34.49 -34.28
CA GLU C 105 3.47 34.57 -35.58
C GLU C 105 2.91 33.21 -35.99
N GLU C 106 3.67 32.15 -35.70
CA GLU C 106 3.33 30.79 -36.08
C GLU C 106 1.96 30.37 -35.55
N GLU C 107 1.21 29.63 -36.35
CA GLU C 107 -0.10 29.14 -35.96
C GLU C 107 -0.04 28.31 -34.68
N GLY C 108 -1.13 28.34 -33.92
CA GLY C 108 -1.18 27.66 -32.64
C GLY C 108 -0.58 28.53 -31.57
N ALA C 109 -0.48 29.83 -31.85
CA ALA C 109 0.10 30.78 -30.90
C ALA C 109 -0.88 31.84 -30.45
N ALA C 110 -0.98 31.96 -29.12
CA ALA C 110 -1.63 33.12 -28.52
C ALA C 110 -1.10 34.40 -29.16
N LYS C 111 -2.01 35.30 -29.54
CA LYS C 111 -1.60 36.61 -30.04
C LYS C 111 -0.80 37.29 -28.95
N THR C 112 0.31 37.90 -29.37
CA THR C 112 1.19 38.62 -28.46
C THR C 112 1.06 40.09 -28.75
N GLY C 113 0.15 40.41 -29.66
CA GLY C 113 -0.12 41.78 -30.03
C GLY C 113 -0.75 42.53 -28.88
N VAL C 114 -0.85 43.85 -29.05
CA VAL C 114 -1.57 44.70 -28.12
C VAL C 114 -2.99 44.18 -27.90
N VAL C 115 -3.32 44.03 -26.62
CA VAL C 115 -4.55 43.40 -26.18
C VAL C 115 -5.78 44.18 -26.55
N GLU C 116 -5.71 45.49 -26.37
CA GLU C 116 -6.89 46.31 -26.34
C GLU C 116 -7.82 45.77 -25.25
N VAL C 117 -7.24 45.52 -24.07
CA VAL C 117 -7.94 44.99 -22.90
C VAL C 117 -8.87 43.79 -23.19
N THR C 118 -8.30 42.70 -23.69
CA THR C 118 -9.01 41.42 -23.75
C THR C 118 -9.39 41.03 -22.31
N MSE C 119 -10.60 40.52 -22.12
CA MSE C 119 -11.21 40.44 -20.79
C MSE C 119 -11.18 39.06 -20.14
O MSE C 119 -11.68 38.88 -19.04
CB MSE C 119 -12.66 40.94 -20.89
CG MSE C 119 -13.41 41.00 -19.57
SE MSE C 119 -12.31 41.74 -18.13
CE MSE C 119 -13.67 41.78 -16.73
N GLU C 120 -10.55 38.08 -20.79
CA GLU C 120 -10.68 36.71 -20.29
C GLU C 120 -9.49 35.79 -20.53
N ARG C 121 -9.46 34.71 -19.75
CA ARG C 121 -8.42 33.70 -19.82
C ARG C 121 -8.50 32.94 -21.14
N HIS C 122 -7.36 32.45 -21.61
CA HIS C 122 -7.30 31.67 -22.82
C HIS C 122 -6.36 30.49 -22.60
N PRO C 123 -6.83 29.28 -22.92
CA PRO C 123 -5.97 28.10 -22.71
C PRO C 123 -5.05 27.84 -23.90
N TYR C 124 -3.86 27.32 -23.65
CA TYR C 124 -2.95 27.01 -24.74
C TYR C 124 -2.18 25.73 -24.50
N LYS C 125 -2.58 24.68 -25.21
CA LYS C 125 -1.93 23.40 -25.10
C LYS C 125 -0.63 23.42 -25.90
N HIS C 126 0.35 22.65 -25.45
CA HIS C 126 1.62 22.55 -26.15
C HIS C 126 1.39 21.79 -27.46
N PRO C 127 2.02 22.26 -28.55
CA PRO C 127 1.85 21.65 -29.88
C PRO C 127 2.25 20.17 -29.91
N ASN C 128 3.27 19.81 -29.13
CA ASN C 128 3.76 18.44 -29.11
C ASN C 128 3.30 17.68 -27.86
N ILE C 129 3.16 18.41 -26.76
CA ILE C 129 2.75 17.82 -25.49
C ILE C 129 1.42 18.40 -25.01
N PRO C 130 0.31 17.84 -25.50
CA PRO C 130 -1.05 18.28 -25.16
C PRO C 130 -1.31 18.35 -23.65
N ASN C 131 -0.56 17.58 -22.87
CA ASN C 131 -0.72 17.57 -21.43
C ASN C 131 -0.10 18.80 -20.77
N VAL C 132 0.45 19.69 -21.60
CA VAL C 132 1.02 20.93 -21.13
C VAL C 132 0.16 22.10 -21.59
N VAL C 133 -0.47 22.78 -20.65
CA VAL C 133 -1.37 23.89 -21.00
C VAL C 133 -1.00 25.18 -20.30
N PHE C 134 -0.83 26.24 -21.09
CA PHE C 134 -0.51 27.56 -20.55
C PHE C 134 -1.77 28.42 -20.57
N TRP C 135 -2.05 29.08 -19.46
CA TRP C 135 -3.24 29.92 -19.37
C TRP C 135 -2.88 31.41 -19.31
N ASP C 136 -3.40 32.17 -20.26
CA ASP C 136 -3.19 33.61 -20.30
C ASP C 136 -4.29 34.28 -19.50
N LEU C 137 -3.93 34.89 -18.38
CA LEU C 137 -4.92 35.54 -17.52
C LEU C 137 -4.89 37.05 -17.68
N PRO C 138 -6.09 37.67 -17.69
CA PRO C 138 -6.26 39.12 -17.82
C PRO C 138 -5.64 39.86 -16.63
N GLY C 139 -5.06 41.03 -16.89
CA GLY C 139 -4.45 41.82 -15.85
C GLY C 139 -5.46 42.27 -14.81
N ILE C 140 -5.03 42.30 -13.55
CA ILE C 140 -5.89 42.68 -12.44
C ILE C 140 -6.38 44.12 -12.60
N GLY C 141 -5.56 44.96 -13.20
CA GLY C 141 -5.89 46.36 -13.39
C GLY C 141 -6.77 46.62 -14.59
N SER C 142 -6.79 45.66 -15.52
CA SER C 142 -7.61 45.79 -16.72
C SER C 142 -9.08 45.90 -16.37
N THR C 143 -9.48 45.19 -15.32
CA THR C 143 -10.85 45.30 -14.82
C THR C 143 -10.88 45.13 -13.31
N ASN C 144 -11.52 46.09 -12.65
CA ASN C 144 -11.55 46.14 -11.19
C ASN C 144 -12.37 45.03 -10.57
N PHE C 145 -11.69 44.07 -9.96
CA PHE C 145 -12.34 43.02 -9.18
C PHE C 145 -11.88 43.11 -7.73
N PRO C 146 -12.74 42.66 -6.80
CA PRO C 146 -12.31 42.53 -5.41
C PRO C 146 -11.12 41.58 -5.31
N PRO C 147 -10.20 41.85 -4.38
CA PRO C 147 -8.97 41.05 -4.20
C PRO C 147 -9.24 39.56 -4.04
N ASN C 148 -10.48 39.20 -3.73
CA ASN C 148 -10.86 37.81 -3.56
C ASN C 148 -11.67 37.30 -4.75
N THR C 149 -12.23 38.23 -5.52
CA THR C 149 -13.06 37.87 -6.67
C THR C 149 -12.22 37.50 -7.89
N TYR C 150 -11.12 38.22 -8.10
CA TYR C 150 -10.23 37.97 -9.23
C TYR C 150 -9.64 36.56 -9.16
N LEU C 151 -9.37 36.10 -7.95
CA LEU C 151 -8.84 34.76 -7.74
C LEU C 151 -9.92 33.71 -8.03
N GLU C 152 -11.17 34.06 -7.74
CA GLU C 152 -12.29 33.14 -7.92
C GLU C 152 -12.80 33.14 -9.36
N LYS C 153 -12.72 34.29 -10.02
CA LYS C 153 -13.18 34.40 -11.41
C LYS C 153 -12.26 33.66 -12.37
N MSE C 154 -10.96 33.75 -12.13
CA MSE C 154 -9.97 33.13 -13.01
C MSE C 154 -9.82 31.64 -12.72
O MSE C 154 -9.11 30.92 -13.42
CB MSE C 154 -8.62 33.82 -12.88
CG MSE C 154 -8.64 35.27 -13.30
SE MSE C 154 -9.18 35.51 -15.15
CE MSE C 154 -9.29 37.45 -15.20
N LYS C 155 -10.52 31.17 -11.68
CA LYS C 155 -10.46 29.77 -11.28
C LYS C 155 -9.02 29.38 -10.94
N PHE C 156 -8.41 30.11 -10.00
CA PHE C 156 -6.99 29.97 -9.71
C PHE C 156 -6.57 28.58 -9.22
N TYR C 157 -7.53 27.67 -9.10
CA TYR C 157 -7.23 26.30 -8.74
C TYR C 157 -6.91 25.49 -10.00
N GLU C 158 -6.45 24.24 -9.80
CA GLU C 158 -6.14 23.33 -10.90
C GLU C 158 -4.83 23.67 -11.62
N TYR C 159 -4.18 24.76 -11.22
CA TYR C 159 -2.86 25.08 -11.75
C TYR C 159 -1.76 24.54 -10.84
N ASP C 160 -0.61 24.22 -11.43
CA ASP C 160 0.52 23.70 -10.69
C ASP C 160 1.38 24.83 -10.09
N PHE C 161 1.48 25.93 -10.83
CA PHE C 161 2.22 27.10 -10.36
C PHE C 161 1.85 28.34 -11.17
N PHE C 162 2.14 29.50 -10.62
CA PHE C 162 1.80 30.76 -11.27
C PHE C 162 3.03 31.53 -11.74
N ILE C 163 2.89 32.16 -12.90
CA ILE C 163 3.95 33.01 -13.46
C ILE C 163 3.47 34.45 -13.56
N ILE C 164 4.16 35.35 -12.87
CA ILE C 164 3.78 36.76 -12.88
C ILE C 164 4.76 37.58 -13.73
N ILE C 165 4.27 38.10 -14.85
CA ILE C 165 5.12 38.85 -15.78
C ILE C 165 4.86 40.35 -15.73
N SER C 166 5.95 41.13 -15.83
CA SER C 166 5.88 42.58 -15.84
C SER C 166 6.95 43.25 -16.71
N ALA C 167 6.50 44.03 -17.70
CA ALA C 167 7.41 44.77 -18.58
C ALA C 167 8.17 45.87 -17.82
N THR C 168 7.68 46.25 -16.64
CA THR C 168 8.32 47.30 -15.83
C THR C 168 8.54 46.84 -14.39
N ARG C 169 8.68 47.78 -13.45
CA ARG C 169 8.83 47.38 -12.05
C ARG C 169 7.47 46.89 -11.56
N PHE C 170 7.47 46.11 -10.48
CA PHE C 170 6.23 45.52 -9.99
C PHE C 170 5.46 46.39 -9.01
N LYS C 171 4.24 46.73 -9.42
CA LYS C 171 3.35 47.59 -8.65
C LYS C 171 2.63 46.79 -7.58
N LYS C 172 1.93 47.48 -6.68
CA LYS C 172 1.18 46.83 -5.60
C LYS C 172 0.23 45.74 -6.12
N ASN C 173 -0.41 46.02 -7.25
CA ASN C 173 -1.33 45.05 -7.88
C ASN C 173 -0.68 43.69 -8.09
N ASP C 174 0.45 43.68 -8.80
CA ASP C 174 1.19 42.46 -9.07
C ASP C 174 1.61 41.78 -7.78
N ILE C 175 2.13 42.59 -6.85
CA ILE C 175 2.60 42.09 -5.57
C ILE C 175 1.49 41.44 -4.73
N ASP C 176 0.31 42.04 -4.73
CA ASP C 176 -0.81 41.51 -3.96
C ASP C 176 -1.27 40.16 -4.53
N ILE C 177 -1.21 40.03 -5.85
CA ILE C 177 -1.55 38.77 -6.51
C ILE C 177 -0.57 37.70 -6.06
N ALA C 178 0.71 38.06 -6.02
CA ALA C 178 1.77 37.16 -5.60
C ALA C 178 1.54 36.65 -4.19
N LYS C 179 1.21 37.55 -3.27
CA LYS C 179 0.97 37.20 -1.88
C LYS C 179 -0.15 36.16 -1.74
N ALA C 180 -1.22 36.35 -2.52
CA ALA C 180 -2.34 35.41 -2.49
C ALA C 180 -1.90 34.04 -2.98
N ILE C 181 -1.11 34.04 -4.06
CA ILE C 181 -0.56 32.81 -4.61
C ILE C 181 0.34 32.17 -3.56
N SER C 182 1.21 33.00 -2.99
CA SER C 182 2.12 32.57 -1.94
C SER C 182 1.32 32.07 -0.73
N MSE C 183 0.18 32.72 -0.50
CA MSE C 183 -0.65 32.41 0.66
C MSE C 183 -1.31 31.04 0.56
O MSE C 183 -1.64 30.42 1.58
CB MSE C 183 -1.72 33.48 0.83
CG MSE C 183 -2.61 33.27 2.05
SE MSE C 183 -1.58 33.23 3.69
CE MSE C 183 -2.96 32.55 4.89
N MSE C 184 -1.50 30.57 -0.67
CA MSE C 184 -2.16 29.29 -0.91
C MSE C 184 -1.17 28.12 -0.91
O MSE C 184 -1.54 26.99 -1.23
CB MSE C 184 -2.91 29.32 -2.23
CG MSE C 184 -4.09 30.27 -2.26
SE MSE C 184 -4.90 30.36 -4.02
CE MSE C 184 -3.29 30.70 -5.05
N LYS C 185 0.07 28.40 -0.54
CA LYS C 185 1.11 27.38 -0.50
C LYS C 185 1.36 26.79 -1.88
N GLU C 186 1.38 27.67 -2.88
CA GLU C 186 1.64 27.29 -4.25
C GLU C 186 2.82 28.11 -4.75
N GLU C 187 3.55 27.60 -5.73
CA GLU C 187 4.73 28.31 -6.22
C GLU C 187 4.38 29.37 -7.27
N PHE C 188 5.11 30.47 -7.22
CA PHE C 188 4.93 31.57 -8.14
C PHE C 188 6.31 32.03 -8.60
N TYR C 189 6.37 32.69 -9.76
CA TYR C 189 7.64 33.16 -10.28
C TYR C 189 7.48 34.52 -10.95
N PHE C 190 8.35 35.45 -10.58
CA PHE C 190 8.35 36.78 -11.16
C PHE C 190 9.24 36.81 -12.39
N VAL C 191 8.68 37.25 -13.51
CA VAL C 191 9.42 37.33 -14.76
C VAL C 191 9.41 38.73 -15.32
N ARG C 192 10.59 39.31 -15.48
CA ARG C 192 10.71 40.65 -16.02
C ARG C 192 11.13 40.55 -17.47
N THR C 193 10.21 40.81 -18.37
CA THR C 193 10.46 40.70 -19.80
C THR C 193 11.02 41.99 -20.40
N LYS C 194 11.31 41.95 -21.69
CA LYS C 194 11.78 43.10 -22.45
C LYS C 194 13.07 43.72 -21.88
N VAL C 195 13.89 42.93 -21.19
CA VAL C 195 15.13 43.45 -20.65
C VAL C 195 16.06 43.85 -21.79
N ASP C 196 15.86 43.21 -22.94
CA ASP C 196 16.65 43.49 -24.13
C ASP C 196 16.43 44.93 -24.63
N SER C 197 15.18 45.39 -24.54
CA SER C 197 14.84 46.74 -24.98
C SER C 197 15.52 47.80 -24.12
N ASP C 198 15.60 47.52 -22.82
CA ASP C 198 16.25 48.42 -21.88
C ASP C 198 17.74 48.48 -22.16
N ILE C 199 18.34 47.31 -22.33
CA ILE C 199 19.78 47.20 -22.59
C ILE C 199 20.17 47.83 -23.92
N THR C 200 19.37 47.59 -24.96
CA THR C 200 19.66 48.11 -26.29
C THR C 200 19.69 49.64 -26.35
N ASN C 201 18.65 50.28 -25.80
CA ASN C 201 18.57 51.73 -25.81
C ASN C 201 19.70 52.37 -25.00
N GLU C 202 19.98 51.78 -23.84
CA GLU C 202 21.00 52.27 -22.92
C GLU C 202 22.43 52.03 -23.42
N ALA C 203 22.65 50.87 -24.05
CA ALA C 203 23.96 50.47 -24.55
C ALA C 203 24.35 51.11 -25.89
N ASP C 204 23.35 51.52 -26.65
CA ASP C 204 23.54 52.08 -27.99
C ASP C 204 24.51 53.27 -28.05
N PHE C 210 27.52 51.29 -21.15
CA PHE C 210 28.49 50.59 -21.99
C PHE C 210 28.58 49.14 -21.54
N ASP C 211 28.37 48.95 -20.24
CA ASP C 211 28.39 47.63 -19.63
C ASP C 211 27.00 47.01 -19.61
N LYS C 212 26.84 45.88 -20.27
CA LYS C 212 25.55 45.20 -20.32
C LYS C 212 25.17 44.59 -18.98
N GLU C 213 26.16 44.04 -18.27
CA GLU C 213 25.92 43.39 -17.00
C GLU C 213 25.40 44.36 -15.93
N LYS C 214 25.84 45.61 -16.00
CA LYS C 214 25.43 46.61 -15.02
C LYS C 214 23.97 46.98 -15.22
N VAL C 215 23.47 46.79 -16.44
CA VAL C 215 22.07 47.05 -16.75
C VAL C 215 21.16 46.11 -15.96
N LEU C 216 21.42 44.81 -16.09
CA LEU C 216 20.68 43.81 -15.34
C LEU C 216 20.97 43.96 -13.85
N GLN C 217 22.16 44.45 -13.53
CA GLN C 217 22.55 44.69 -12.16
C GLN C 217 21.74 45.82 -11.55
N ASP C 218 21.23 46.70 -12.41
CA ASP C 218 20.39 47.80 -11.97
C ASP C 218 18.90 47.46 -12.11
N ILE C 219 18.59 46.62 -13.09
CA ILE C 219 17.21 46.23 -13.35
C ILE C 219 16.71 45.22 -12.31
N ARG C 220 17.49 44.18 -12.06
CA ARG C 220 17.09 43.13 -11.14
C ARG C 220 16.88 43.68 -9.73
N LEU C 221 17.67 44.68 -9.38
CA LEU C 221 17.52 45.34 -8.08
C LEU C 221 16.26 46.19 -8.07
N ASN C 222 16.03 46.93 -9.15
CA ASN C 222 14.85 47.77 -9.26
C ASN C 222 13.55 46.97 -9.29
N CYS C 223 13.60 45.80 -9.93
CA CYS C 223 12.44 44.90 -9.97
C CYS C 223 12.10 44.45 -8.56
N VAL C 224 13.14 44.35 -7.74
CA VAL C 224 13.02 43.93 -6.35
C VAL C 224 12.76 45.14 -5.45
N ASN C 225 13.34 46.26 -5.84
CA ASN C 225 13.30 47.50 -5.07
C ASN C 225 11.90 47.83 -4.55
N THR C 226 10.88 47.55 -5.35
CA THR C 226 9.50 47.82 -4.96
C THR C 226 9.10 47.02 -3.72
N PHE C 227 9.46 45.74 -3.71
CA PHE C 227 9.12 44.85 -2.60
C PHE C 227 9.69 45.35 -1.28
N ARG C 228 10.94 45.80 -1.33
CA ARG C 228 11.61 46.32 -0.14
C ARG C 228 10.87 47.54 0.41
N GLU C 229 10.40 48.40 -0.50
CA GLU C 229 9.59 49.55 -0.12
C GLU C 229 8.42 49.08 0.73
N ASN C 230 7.71 48.06 0.23
CA ASN C 230 6.65 47.42 0.97
C ASN C 230 7.23 46.62 2.13
N GLY C 231 8.48 46.18 1.97
CA GLY C 231 9.17 45.47 3.04
C GLY C 231 8.77 44.01 3.14
N ILE C 232 8.07 43.52 2.12
CA ILE C 232 7.69 42.12 2.05
C ILE C 232 8.92 41.23 2.05
N ALA C 233 10.03 41.80 1.59
CA ALA C 233 11.24 41.08 1.21
C ALA C 233 11.11 40.60 -0.22
N GLU C 234 12.24 40.54 -0.91
CA GLU C 234 12.28 40.20 -2.32
C GLU C 234 12.19 38.70 -2.58
N PRO C 235 11.21 38.31 -3.41
CA PRO C 235 11.01 36.97 -3.94
C PRO C 235 12.05 36.68 -5.01
N PRO C 236 12.11 35.44 -5.53
CA PRO C 236 13.08 35.11 -6.58
C PRO C 236 12.87 36.01 -7.80
N ILE C 237 13.93 36.34 -8.52
CA ILE C 237 13.81 37.29 -9.62
C ILE C 237 14.56 36.85 -10.86
N PHE C 238 13.89 36.95 -12.01
CA PHE C 238 14.50 36.59 -13.27
C PHE C 238 14.33 37.71 -14.30
N LEU C 239 15.46 38.20 -14.80
CA LEU C 239 15.45 39.24 -15.83
C LEU C 239 15.65 38.57 -17.17
N LEU C 240 14.73 38.78 -18.10
CA LEU C 240 14.82 38.09 -19.38
C LEU C 240 14.21 38.78 -20.60
N SER C 241 14.37 38.15 -21.75
CA SER C 241 13.85 38.65 -23.02
C SER C 241 13.16 37.54 -23.83
N ASN C 242 11.92 37.76 -24.20
CA ASN C 242 11.16 36.81 -25.01
C ASN C 242 11.69 36.68 -26.42
N LYS C 243 12.53 37.64 -26.83
CA LYS C 243 13.12 37.64 -28.16
C LYS C 243 14.43 36.86 -28.22
N ASN C 244 14.93 36.46 -27.05
CA ASN C 244 16.18 35.71 -26.98
C ASN C 244 16.07 34.65 -25.89
N VAL C 245 15.38 33.57 -26.22
CA VAL C 245 15.14 32.46 -25.30
C VAL C 245 16.43 31.78 -24.83
N CYS C 246 17.49 31.89 -25.62
CA CYS C 246 18.75 31.23 -25.32
C CYS C 246 19.60 31.92 -24.25
N HIS C 247 19.35 33.21 -24.03
CA HIS C 247 20.19 33.98 -23.10
C HIS C 247 19.54 34.40 -21.76
N TYR C 248 20.37 35.06 -20.94
CA TYR C 248 20.01 35.58 -19.62
C TYR C 248 19.61 34.52 -18.58
N ASP C 249 18.64 34.86 -17.75
CA ASP C 249 18.23 33.98 -16.65
C ASP C 249 17.09 33.05 -17.03
N PHE C 250 16.77 32.99 -18.32
CA PHE C 250 15.71 32.12 -18.81
C PHE C 250 16.01 30.64 -18.57
N PRO C 251 17.24 30.21 -18.90
CA PRO C 251 17.65 28.82 -18.68
C PRO C 251 17.56 28.42 -17.21
N VAL C 252 18.02 29.31 -16.33
CA VAL C 252 17.99 29.07 -14.90
C VAL C 252 16.57 28.93 -14.40
N LEU C 253 15.67 29.72 -14.98
CA LEU C 253 14.25 29.68 -14.61
C LEU C 253 13.64 28.31 -14.87
N MSE C 254 13.95 27.74 -16.04
CA MSE C 254 13.43 26.43 -16.42
C MSE C 254 13.87 25.35 -15.44
O MSE C 254 13.08 24.48 -15.07
CB MSE C 254 13.88 26.07 -17.84
CG MSE C 254 13.29 26.95 -18.92
SE MSE C 254 13.88 26.45 -20.70
CE MSE C 254 12.79 27.67 -21.75
N ASP C 255 15.13 25.39 -15.03
CA ASP C 255 15.67 24.44 -14.08
C ASP C 255 14.96 24.57 -12.73
N GLU C 256 14.67 25.81 -12.34
CA GLU C 256 13.99 26.08 -11.08
C GLU C 256 12.54 25.61 -11.14
N LEU C 257 11.88 25.87 -12.26
CA LEU C 257 10.49 25.48 -12.45
C LEU C 257 10.31 23.97 -12.33
N ILE C 258 11.21 23.23 -12.96
CA ILE C 258 11.16 21.77 -12.94
C ILE C 258 11.34 21.20 -11.53
N SER C 259 12.31 21.76 -10.80
CA SER C 259 12.61 21.30 -9.45
C SER C 259 11.44 21.46 -8.48
N ASP C 260 10.70 22.55 -8.62
CA ASP C 260 9.56 22.81 -7.75
C ASP C 260 8.36 21.93 -8.10
N LEU C 261 8.35 21.42 -9.32
CA LEU C 261 7.27 20.57 -9.80
C LEU C 261 7.41 19.18 -9.20
N PRO C 262 6.30 18.46 -9.02
CA PRO C 262 6.41 17.10 -8.49
C PRO C 262 7.21 16.21 -9.43
N ILE C 263 7.99 15.30 -8.87
CA ILE C 263 8.88 14.42 -9.64
C ILE C 263 8.24 13.84 -10.91
N TYR C 264 7.11 13.16 -10.75
CA TYR C 264 6.44 12.50 -11.86
C TYR C 264 5.94 13.49 -12.91
N LYS C 265 5.79 14.75 -12.55
CA LYS C 265 5.30 15.77 -13.48
C LYS C 265 6.43 16.39 -14.31
N ARG C 266 7.67 16.17 -13.90
CA ARG C 266 8.83 16.74 -14.57
C ARG C 266 8.99 16.25 -16.01
N HIS C 267 8.78 14.96 -16.22
CA HIS C 267 8.94 14.35 -17.54
C HIS C 267 8.19 15.07 -18.67
N ASN C 268 6.87 15.19 -18.50
CA ASN C 268 6.04 15.83 -19.51
C ASN C 268 6.42 17.27 -19.80
N PHE C 269 6.74 18.03 -18.77
CA PHE C 269 7.12 19.42 -18.92
C PHE C 269 8.51 19.59 -19.54
N MSE C 270 9.44 18.74 -19.10
CA MSE C 270 10.83 18.84 -19.53
C MSE C 270 10.99 18.72 -21.05
O MSE C 270 11.66 19.53 -21.68
CB MSE C 270 11.68 17.79 -18.82
CG MSE C 270 13.15 17.86 -19.20
SE MSE C 270 13.94 19.59 -18.75
CE MSE C 270 15.60 19.45 -19.76
N VAL C 271 10.36 17.69 -21.62
CA VAL C 271 10.50 17.41 -23.04
C VAL C 271 9.84 18.48 -23.91
N SER C 272 8.95 19.26 -23.32
CA SER C 272 8.26 20.33 -24.06
C SER C 272 9.07 21.61 -24.12
N LEU C 273 10.08 21.73 -23.26
CA LEU C 273 10.88 22.94 -23.16
C LEU C 273 11.78 23.15 -24.38
N PRO C 274 12.03 24.42 -24.73
CA PRO C 274 12.90 24.83 -25.83
C PRO C 274 14.33 24.32 -25.67
N ASN C 275 14.93 23.87 -26.76
CA ASN C 275 16.30 23.36 -26.71
C ASN C 275 17.30 24.51 -26.79
N ILE C 276 17.40 25.27 -25.71
CA ILE C 276 18.23 26.46 -25.65
C ILE C 276 19.70 26.20 -25.36
N THR C 277 19.99 25.12 -24.62
CA THR C 277 21.37 24.82 -24.26
C THR C 277 21.69 23.33 -24.30
N ASP C 278 22.98 23.00 -24.27
CA ASP C 278 23.43 21.62 -24.25
C ASP C 278 22.96 20.93 -22.97
N SER C 279 22.89 21.69 -21.88
CA SER C 279 22.45 21.15 -20.60
C SER C 279 20.99 20.70 -20.68
N VAL C 280 20.15 21.55 -21.27
CA VAL C 280 18.74 21.22 -21.43
C VAL C 280 18.55 20.03 -22.36
N ILE C 281 19.33 20.00 -23.44
CA ILE C 281 19.28 18.90 -24.40
C ILE C 281 19.71 17.60 -23.74
N GLU C 282 20.79 17.65 -22.96
CA GLU C 282 21.30 16.47 -22.27
C GLU C 282 20.30 16.00 -21.21
N LYS C 283 19.66 16.96 -20.54
CA LYS C 283 18.67 16.65 -19.52
C LYS C 283 17.48 15.91 -20.12
N LYS C 284 17.05 16.34 -21.30
CA LYS C 284 15.94 15.70 -21.99
C LYS C 284 16.28 14.24 -22.30
N ARG C 285 17.51 14.03 -22.77
CA ARG C 285 17.98 12.70 -23.10
C ARG C 285 17.94 11.79 -21.88
N GLN C 286 18.39 12.31 -20.75
CA GLN C 286 18.42 11.56 -19.50
C GLN C 286 17.03 11.11 -19.07
N PHE C 287 16.05 12.01 -19.18
CA PHE C 287 14.67 11.69 -18.84
C PHE C 287 14.09 10.63 -19.78
N LEU C 288 14.30 10.83 -21.07
CA LEU C 288 13.80 9.89 -22.09
C LEU C 288 14.46 8.52 -21.96
N LYS C 289 15.73 8.51 -21.55
CA LYS C 289 16.46 7.26 -21.38
C LYS C 289 15.84 6.43 -20.26
N GLN C 290 15.42 7.09 -19.19
CA GLN C 290 14.80 6.42 -18.07
C GLN C 290 13.42 5.87 -18.45
N ARG C 291 12.71 6.59 -19.31
CA ARG C 291 11.40 6.16 -19.77
C ARG C 291 11.52 4.93 -20.65
N ILE C 292 12.57 4.91 -21.48
CA ILE C 292 12.84 3.77 -22.36
C ILE C 292 13.12 2.54 -21.51
N TRP C 293 13.89 2.73 -20.45
CA TRP C 293 14.23 1.66 -19.53
C TRP C 293 12.97 1.09 -18.91
N LEU C 294 12.12 1.99 -18.43
CA LEU C 294 10.84 1.63 -17.85
C LEU C 294 9.96 0.92 -18.88
N GLU C 295 9.83 1.55 -20.05
CA GLU C 295 9.03 1.00 -21.14
C GLU C 295 9.53 -0.39 -21.53
N GLY C 296 10.85 -0.54 -21.58
CA GLY C 296 11.46 -1.81 -21.91
C GLY C 296 11.12 -2.86 -20.87
N PHE C 297 11.16 -2.46 -19.60
CA PHE C 297 10.84 -3.35 -18.49
C PHE C 297 9.35 -3.65 -18.42
N ALA C 298 8.53 -2.69 -18.82
CA ALA C 298 7.08 -2.90 -18.83
C ALA C 298 6.76 -4.01 -19.81
N ALA C 299 7.55 -4.07 -20.88
CA ALA C 299 7.41 -5.13 -21.86
C ALA C 299 8.13 -6.36 -21.30
N ASP C 300 7.62 -7.54 -21.58
CA ASP C 300 8.24 -8.75 -21.07
C ASP C 300 9.64 -8.91 -21.64
N LEU C 301 10.59 -9.23 -20.77
CA LEU C 301 11.97 -9.44 -21.18
C LEU C 301 12.11 -10.81 -21.82
N VAL C 302 13.19 -11.00 -22.57
CA VAL C 302 13.41 -12.28 -23.24
C VAL C 302 14.83 -12.82 -23.00
N ASN C 303 15.07 -14.03 -23.48
CA ASN C 303 16.38 -14.67 -23.35
C ASN C 303 17.10 -14.71 -24.69
N ILE C 304 16.49 -14.11 -25.70
CA ILE C 304 17.07 -14.10 -27.04
C ILE C 304 17.96 -12.88 -27.26
N ILE C 305 19.08 -13.10 -27.95
CA ILE C 305 20.07 -12.05 -28.15
C ILE C 305 19.66 -11.05 -29.22
N PRO C 306 20.02 -9.77 -29.01
CA PRO C 306 19.84 -8.73 -30.03
C PRO C 306 20.92 -8.81 -31.11
N SER C 307 20.94 -7.85 -32.02
CA SER C 307 21.93 -7.81 -33.11
C SER C 307 21.65 -8.87 -34.18
N LEU C 308 20.47 -9.47 -34.11
CA LEU C 308 20.01 -10.39 -35.16
C LEU C 308 18.68 -9.90 -35.72
N THR C 309 18.75 -8.84 -36.53
CA THR C 309 17.55 -8.14 -36.97
C THR C 309 16.80 -8.85 -38.09
N PHE C 310 15.47 -8.72 -38.05
CA PHE C 310 14.61 -9.17 -39.12
C PHE C 310 13.51 -8.12 -39.32
N LEU C 311 13.05 -7.95 -40.55
CA LEU C 311 12.03 -6.95 -40.85
C LEU C 311 10.73 -7.27 -40.11
N LEU C 312 10.14 -6.25 -39.50
CA LEU C 312 8.92 -6.42 -38.72
C LEU C 312 8.04 -5.17 -38.82
N ASP C 313 6.88 -5.31 -39.45
CA ASP C 313 5.97 -4.19 -39.67
C ASP C 313 5.39 -3.65 -38.37
N SER C 314 5.27 -4.52 -37.36
CA SER C 314 4.67 -4.15 -36.09
C SER C 314 5.52 -3.13 -35.33
N ASP C 315 6.82 -3.36 -35.28
CA ASP C 315 7.72 -2.49 -34.53
C ASP C 315 8.35 -1.42 -35.41
N LEU C 316 8.33 -1.64 -36.73
CA LEU C 316 8.88 -0.67 -37.66
C LEU C 316 8.11 0.63 -37.63
N GLU C 317 6.79 0.53 -37.53
CA GLU C 317 5.92 1.70 -37.49
C GLU C 317 6.13 2.47 -36.18
N THR C 318 6.37 1.74 -35.10
CA THR C 318 6.60 2.35 -33.80
C THR C 318 7.99 2.99 -33.74
N LEU C 319 8.94 2.41 -34.48
CA LEU C 319 10.28 2.96 -34.57
C LEU C 319 10.25 4.33 -35.26
N LYS C 320 9.32 4.49 -36.19
CA LYS C 320 9.15 5.77 -36.88
C LYS C 320 8.52 6.81 -35.96
N LYS C 321 7.44 6.43 -35.29
CA LYS C 321 6.75 7.33 -34.38
C LYS C 321 7.65 7.70 -33.20
N SER C 322 8.46 6.75 -32.76
CA SER C 322 9.40 7.00 -31.66
C SER C 322 10.43 8.05 -32.06
N MSE C 323 10.95 7.92 -33.28
CA MSE C 323 11.94 8.84 -33.79
C MSE C 323 11.33 10.20 -34.09
O MSE C 323 11.90 11.24 -33.75
CB MSE C 323 12.59 8.27 -35.07
CG MSE C 323 14.09 8.08 -34.97
SE MSE C 323 15.09 9.75 -35.09
CE MSE C 323 16.90 9.04 -34.91
N LYS C 324 10.15 10.21 -34.70
CA LYS C 324 9.45 11.45 -35.01
C LYS C 324 9.07 12.18 -33.73
N PHE C 325 8.86 11.42 -32.66
CA PHE C 325 8.57 12.01 -31.36
C PHE C 325 9.84 12.60 -30.76
N TYR C 326 10.95 11.90 -30.92
CA TYR C 326 12.24 12.38 -30.44
C TYR C 326 12.69 13.61 -31.23
N ARG C 327 12.47 13.57 -32.54
CA ARG C 327 12.83 14.67 -33.41
C ARG C 327 11.97 15.90 -33.11
N THR C 328 10.72 15.66 -32.74
CA THR C 328 9.79 16.74 -32.43
C THR C 328 10.10 17.36 -31.07
N VAL C 329 10.56 16.54 -30.14
CA VAL C 329 10.92 17.01 -28.81
C VAL C 329 12.19 17.86 -28.86
N PHE C 330 13.21 17.34 -29.53
CA PHE C 330 14.48 18.05 -29.66
C PHE C 330 14.44 19.04 -30.81
N GLY C 331 13.29 19.12 -31.47
CA GLY C 331 13.10 20.07 -32.56
C GLY C 331 14.04 19.87 -33.72
N VAL C 332 14.17 18.61 -34.17
CA VAL C 332 15.03 18.29 -35.30
C VAL C 332 14.24 17.59 -36.39
N ASP C 333 12.92 17.64 -36.28
CA ASP C 333 12.05 17.03 -37.28
C ASP C 333 11.94 17.89 -38.53
N GLU C 334 11.33 17.34 -39.57
CA GLU C 334 11.18 18.04 -40.85
C GLU C 334 10.37 19.32 -40.70
N THR C 335 9.44 19.32 -39.74
CA THR C 335 8.60 20.49 -39.50
C THR C 335 9.41 21.60 -38.81
N SER C 336 10.29 21.21 -37.89
CA SER C 336 11.11 22.17 -37.17
C SER C 336 12.27 22.66 -38.03
N LEU C 337 12.74 21.79 -38.92
CA LEU C 337 13.84 22.13 -39.82
C LEU C 337 13.39 23.11 -40.89
N GLN C 338 12.07 23.25 -41.05
CA GLN C 338 11.51 24.22 -41.98
C GLN C 338 11.89 25.65 -41.60
N ARG C 339 11.79 25.97 -40.31
CA ARG C 339 12.14 27.31 -39.83
C ARG C 339 13.59 27.64 -40.14
N LEU C 340 14.46 26.68 -39.89
CA LEU C 340 15.90 26.86 -40.10
C LEU C 340 16.24 26.98 -41.58
N ALA C 341 15.54 26.22 -42.40
CA ALA C 341 15.66 26.34 -43.85
C ALA C 341 15.33 27.77 -44.27
N ARG C 342 14.26 28.32 -43.70
CA ARG C 342 13.86 29.71 -43.92
C ARG C 342 14.92 30.68 -43.38
N GLU C 345 17.72 30.19 -46.15
CA GLU C 345 17.99 30.22 -47.59
C GLU C 345 18.96 29.11 -47.98
N ILE C 346 19.01 28.06 -47.16
CA ILE C 346 19.86 26.91 -47.45
C ILE C 346 19.03 25.77 -48.02
N GLU C 347 19.67 24.92 -48.82
CA GLU C 347 18.98 23.78 -49.41
C GLU C 347 18.47 22.84 -48.32
N VAL C 348 17.22 22.40 -48.47
CA VAL C 348 16.60 21.50 -47.50
C VAL C 348 17.36 20.17 -47.44
N ASP C 349 18.06 19.85 -48.53
CA ASP C 349 18.88 18.65 -48.59
C ASP C 349 20.15 18.82 -47.79
N GLN C 350 20.67 20.05 -47.76
CA GLN C 350 21.90 20.36 -47.03
C GLN C 350 21.64 20.56 -45.55
N VAL C 351 20.40 20.92 -45.21
CA VAL C 351 20.02 21.12 -43.82
C VAL C 351 20.00 19.79 -43.07
N GLU C 352 19.52 18.75 -43.75
CA GLU C 352 19.47 17.41 -43.17
C GLU C 352 20.82 16.72 -43.24
N ALA C 353 21.74 17.32 -43.99
CA ALA C 353 23.09 16.77 -44.14
C ALA C 353 23.94 17.08 -42.91
N MSE C 354 23.47 18.03 -42.10
CA MSE C 354 24.18 18.42 -40.89
C MSE C 354 23.92 17.44 -39.76
O MSE C 354 24.68 17.37 -38.79
CB MSE C 354 23.79 19.83 -40.48
CG MSE C 354 24.05 20.90 -41.53
SE MSE C 354 23.44 22.67 -41.01
CE MSE C 354 23.97 23.65 -42.60
N ILE C 355 22.84 16.69 -39.86
CA ILE C 355 22.46 15.71 -38.86
C ILE C 355 22.36 14.30 -39.46
N LYS C 356 21.92 13.35 -38.66
CA LYS C 356 21.86 11.95 -39.10
C LYS C 356 20.45 11.37 -39.00
N SER C 357 19.60 12.01 -38.20
CA SER C 357 18.24 11.51 -37.97
C SER C 357 17.38 11.43 -39.24
N PRO C 358 17.46 12.46 -40.11
CA PRO C 358 16.63 12.43 -41.32
C PRO C 358 17.03 11.32 -42.29
N ALA C 359 18.28 10.85 -42.19
CA ALA C 359 18.79 9.83 -43.10
C ALA C 359 18.79 8.45 -42.46
N VAL C 360 17.70 8.11 -41.79
CA VAL C 360 17.56 6.82 -41.14
C VAL C 360 16.66 5.87 -41.93
N PHE C 361 15.49 6.36 -42.33
CA PHE C 361 14.53 5.56 -43.06
C PHE C 361 14.62 5.80 -44.56
N LYS C 362 15.73 6.39 -45.00
CA LYS C 362 15.96 6.65 -46.41
C LYS C 362 16.72 5.49 -47.05
N PRO C 363 16.48 5.25 -48.35
CA PRO C 363 17.14 4.18 -49.10
C PRO C 363 18.66 4.27 -49.06
N THR C 364 19.34 3.14 -49.17
CA THR C 364 20.80 3.10 -49.14
C THR C 364 21.38 3.77 -50.37
N THR C 368 17.42 -2.32 -47.55
CA THR C 368 18.60 -2.00 -46.76
C THR C 368 18.21 -1.35 -45.45
N ILE C 369 16.98 -0.85 -45.39
CA ILE C 369 16.45 -0.23 -44.18
C ILE C 369 16.46 -1.23 -43.02
N GLN C 370 16.20 -2.49 -43.34
CA GLN C 370 16.25 -3.55 -42.33
C GLN C 370 17.70 -3.93 -42.04
N GLU C 371 18.57 -3.63 -43.00
CA GLU C 371 19.99 -3.90 -42.87
C GLU C 371 20.71 -2.79 -42.12
N ARG C 372 20.17 -1.58 -42.22
CA ARG C 372 20.76 -0.42 -41.57
C ARG C 372 20.48 -0.44 -40.06
N LEU C 373 19.23 -0.69 -39.70
CA LEU C 373 18.84 -0.78 -38.30
C LEU C 373 19.51 -1.96 -37.63
N SER C 374 19.81 -2.99 -38.40
CA SER C 374 20.52 -4.17 -37.89
C SER C 374 21.96 -3.81 -37.55
N ARG C 375 22.46 -2.76 -38.18
CA ARG C 375 23.82 -2.30 -37.93
C ARG C 375 23.87 -1.36 -36.73
N TYR C 376 22.86 -0.50 -36.60
CA TYR C 376 22.77 0.43 -35.48
C TYR C 376 22.75 -0.31 -34.14
N ILE C 377 21.98 -1.40 -34.09
CA ILE C 377 21.86 -2.19 -32.87
C ILE C 377 23.20 -2.80 -32.45
N GLN C 378 23.96 -3.30 -33.43
CA GLN C 378 25.25 -3.92 -33.16
C GLN C 378 26.26 -2.92 -32.60
N GLU C 379 26.32 -1.73 -33.19
CA GLU C 379 27.27 -0.71 -32.74
C GLU C 379 26.95 -0.26 -31.32
N PHE C 380 25.67 -0.09 -31.02
CA PHE C 380 25.22 0.33 -29.71
C PHE C 380 25.57 -0.68 -28.63
N CYS C 381 25.24 -1.95 -28.88
CA CYS C 381 25.47 -3.01 -27.91
C CYS C 381 26.95 -3.31 -27.69
N LEU C 382 27.75 -3.13 -28.73
CA LEU C 382 29.19 -3.35 -28.62
C LEU C 382 29.83 -2.28 -27.73
N ALA C 383 29.29 -1.07 -27.80
CA ALA C 383 29.82 0.04 -27.03
C ALA C 383 29.23 0.12 -25.62
N ASN C 384 27.95 -0.23 -25.47
CA ASN C 384 27.29 -0.12 -24.17
C ASN C 384 26.83 -1.43 -23.54
N GLY C 385 27.25 -2.57 -24.08
CA GLY C 385 26.79 -3.85 -23.56
C GLY C 385 25.27 -3.99 -23.67
N TYR C 386 24.72 -4.99 -22.98
CA TYR C 386 23.28 -5.27 -23.03
C TYR C 386 22.54 -4.63 -21.86
N LEU C 387 23.29 -3.94 -21.01
CA LEU C 387 22.72 -3.22 -19.87
C LEU C 387 22.08 -4.14 -18.82
N LEU C 388 22.02 -5.43 -19.11
CA LEU C 388 21.42 -6.40 -18.20
C LEU C 388 22.34 -7.60 -17.99
N PRO C 389 22.08 -8.38 -16.93
CA PRO C 389 22.86 -9.59 -16.63
C PRO C 389 22.87 -10.57 -17.80
N LYS C 390 23.89 -11.41 -17.87
CA LYS C 390 24.04 -12.39 -18.95
C LYS C 390 22.75 -13.19 -19.21
N ASN C 391 22.46 -13.41 -20.48
CA ASN C 391 21.31 -14.21 -20.92
C ASN C 391 19.98 -13.47 -20.80
N SER C 392 20.03 -12.22 -20.34
CA SER C 392 18.82 -11.41 -20.25
C SER C 392 18.95 -10.19 -21.16
N PHE C 393 17.88 -9.88 -21.89
CA PHE C 393 17.91 -8.77 -22.83
C PHE C 393 16.59 -8.03 -22.91
N LEU C 394 16.67 -6.77 -23.34
CA LEU C 394 15.48 -5.97 -23.61
C LEU C 394 15.06 -6.32 -25.04
N LYS C 395 13.82 -6.00 -25.41
CA LYS C 395 13.40 -6.26 -26.77
C LYS C 395 14.19 -5.37 -27.72
N GLU C 396 14.43 -5.86 -28.93
CA GLU C 396 15.24 -5.16 -29.92
C GLU C 396 14.86 -3.69 -30.10
N ILE C 397 13.55 -3.45 -30.18
CA ILE C 397 13.02 -2.10 -30.39
C ILE C 397 13.55 -1.08 -29.38
N PHE C 398 13.75 -1.51 -28.14
CA PHE C 398 14.22 -0.62 -27.09
C PHE C 398 15.67 -0.21 -27.25
N TYR C 399 16.51 -1.14 -27.71
CA TYR C 399 17.91 -0.82 -27.96
C TYR C 399 18.02 0.18 -29.10
N LEU C 400 17.11 0.05 -30.07
CA LEU C 400 17.07 0.94 -31.21
C LEU C 400 16.64 2.33 -30.77
N LYS C 401 15.78 2.39 -29.76
CA LYS C 401 15.30 3.66 -29.22
C LYS C 401 16.43 4.43 -28.53
N TYR C 402 17.27 3.71 -27.80
CA TYR C 402 18.41 4.33 -27.13
C TYR C 402 19.37 4.92 -28.16
N TYR C 403 19.59 4.18 -29.24
CA TYR C 403 20.47 4.62 -30.31
C TYR C 403 19.92 5.89 -30.95
N PHE C 404 18.63 5.86 -31.30
CA PHE C 404 17.97 7.00 -31.91
C PHE C 404 17.98 8.20 -30.98
N LEU C 405 17.72 7.95 -29.69
CA LEU C 405 17.71 8.99 -28.69
C LEU C 405 19.06 9.69 -28.63
N ASP C 406 20.12 8.89 -28.62
CA ASP C 406 21.48 9.42 -28.61
C ASP C 406 21.75 10.19 -29.90
N MSE C 407 21.30 9.63 -31.02
CA MSE C 407 21.49 10.24 -32.33
C MSE C 407 20.78 11.60 -32.41
O MSE C 407 21.37 12.59 -32.84
CB MSE C 407 20.98 9.32 -33.44
CG MSE C 407 21.11 9.89 -34.84
SE MSE C 407 20.36 8.72 -36.21
CE MSE C 407 21.66 7.28 -36.15
N VAL C 408 19.52 11.63 -31.99
CA VAL C 408 18.74 12.86 -32.01
C VAL C 408 19.32 13.91 -31.06
N THR C 409 19.81 13.45 -29.91
CA THR C 409 20.41 14.35 -28.93
C THR C 409 21.64 15.03 -29.50
N GLU C 410 22.49 14.25 -30.16
CA GLU C 410 23.69 14.77 -30.79
C GLU C 410 23.33 15.74 -31.91
N ASP C 411 22.26 15.42 -32.64
CA ASP C 411 21.79 16.26 -33.73
C ASP C 411 21.28 17.61 -33.21
N ALA C 412 20.63 17.57 -32.05
CA ALA C 412 20.11 18.78 -31.43
C ALA C 412 21.24 19.74 -31.06
N LYS C 413 22.33 19.18 -30.55
CA LYS C 413 23.49 19.99 -30.17
C LYS C 413 24.18 20.56 -31.40
N THR C 414 24.26 19.76 -32.46
CA THR C 414 24.88 20.20 -33.71
C THR C 414 24.12 21.38 -34.31
N LEU C 415 22.80 21.26 -34.35
CA LEU C 415 21.94 22.30 -34.89
C LEU C 415 21.99 23.55 -34.02
N LEU C 416 22.09 23.34 -32.71
CA LEU C 416 22.14 24.43 -31.74
C LEU C 416 23.35 25.34 -31.99
N LYS C 417 24.50 24.72 -32.27
CA LYS C 417 25.72 25.46 -32.54
C LYS C 417 25.58 26.39 -33.74
N GLU C 418 24.94 25.90 -34.80
CA GLU C 418 24.75 26.69 -36.01
C GLU C 418 23.82 27.88 -35.78
N ILE C 419 22.82 27.70 -34.93
CA ILE C 419 21.87 28.76 -34.62
C ILE C 419 22.52 29.91 -33.85
N CYS C 420 23.33 29.55 -32.85
CA CYS C 420 24.00 30.55 -32.01
C CYS C 420 25.00 31.39 -32.81
N LEU C 421 25.64 30.76 -33.78
CA LEU C 421 26.63 31.45 -34.61
C LEU C 421 26.00 32.50 -35.53
N ARG C 422 24.73 32.29 -35.87
CA ARG C 422 24.04 33.20 -36.78
C ARG C 422 23.06 34.11 -36.04
N ASN C 423 22.43 33.57 -35.01
CA ASN C 423 21.46 34.33 -34.23
C ASN C 423 21.98 34.70 -32.85
N ASN D 24 7.71 -19.28 5.52
CA ASN D 24 7.16 -18.21 6.34
C ASN D 24 8.26 -17.26 6.82
N ASP D 25 8.89 -16.61 5.85
CA ASP D 25 9.99 -15.67 6.08
C ASP D 25 9.55 -14.43 6.86
N LEU D 26 10.53 -13.77 7.50
CA LEU D 26 10.27 -12.62 8.35
C LEU D 26 9.62 -11.43 7.64
N PRO D 27 10.03 -11.15 6.39
CA PRO D 27 9.42 -10.02 5.67
C PRO D 27 7.92 -10.18 5.48
N SER D 28 7.49 -11.37 5.06
CA SER D 28 6.08 -11.67 4.89
C SER D 28 5.35 -11.45 6.22
N SER D 29 6.01 -11.83 7.30
CA SER D 29 5.43 -11.73 8.64
C SER D 29 5.19 -10.29 9.09
N PHE D 30 6.17 -9.42 8.87
CA PHE D 30 6.04 -8.02 9.25
C PHE D 30 5.01 -7.30 8.39
N THR D 31 5.00 -7.64 7.10
CA THR D 31 4.05 -7.07 6.16
C THR D 31 2.63 -7.41 6.61
N GLY D 32 2.46 -8.64 7.10
CA GLY D 32 1.15 -9.12 7.51
C GLY D 32 0.43 -8.55 8.72
N TYR D 33 1.16 -8.12 9.76
CA TYR D 33 0.49 -7.59 10.96
C TYR D 33 -0.29 -6.30 10.68
N PHE D 34 0.23 -5.49 9.76
CA PHE D 34 -0.42 -4.27 9.32
C PHE D 34 -1.72 -4.59 8.59
N LYS D 35 -1.79 -5.78 8.02
CA LYS D 35 -2.96 -6.21 7.26
C LYS D 35 -4.20 -6.51 8.11
N LYS D 36 -4.03 -6.83 9.39
CA LYS D 36 -5.17 -7.10 10.25
C LYS D 36 -5.94 -5.85 10.70
N PHE D 37 -5.30 -4.69 10.58
CA PHE D 37 -5.95 -3.42 10.94
C PHE D 37 -6.66 -2.82 9.74
N ASN D 38 -7.72 -2.06 9.97
CA ASN D 38 -8.45 -1.44 8.87
C ASN D 38 -7.61 -0.35 8.19
N THR D 39 -7.97 -0.04 6.95
CA THR D 39 -7.20 0.91 6.14
C THR D 39 -7.14 2.29 6.79
N GLY D 40 -8.19 2.67 7.48
CA GLY D 40 -8.26 3.96 8.12
C GLY D 40 -7.52 4.02 9.44
N GLU D 41 -7.05 2.86 9.90
CA GLU D 41 -6.36 2.78 11.19
C GLU D 41 -4.87 2.51 11.03
N GLU D 42 -4.34 2.73 9.82
CA GLU D 42 -2.92 2.54 9.59
C GLU D 42 -2.11 3.68 10.20
N ILE D 43 -0.99 3.33 10.82
CA ILE D 43 -0.14 4.31 11.49
C ILE D 43 0.94 4.85 10.56
N ILE D 44 1.30 4.06 9.56
CA ILE D 44 2.36 4.45 8.63
C ILE D 44 1.92 4.25 7.18
N SER D 45 2.49 5.05 6.28
CA SER D 45 2.17 4.94 4.86
C SER D 45 2.59 3.59 4.29
N GLN D 46 1.73 3.01 3.47
CA GLN D 46 2.01 1.73 2.85
C GLN D 46 3.16 1.87 1.85
N GLU D 47 3.45 3.10 1.46
CA GLU D 47 4.59 3.38 0.61
C GLU D 47 5.89 3.09 1.36
N ILE D 48 5.82 3.20 2.68
CA ILE D 48 6.97 2.91 3.54
C ILE D 48 6.99 1.44 3.93
N LEU D 49 5.80 0.84 4.05
CA LEU D 49 5.68 -0.57 4.37
C LEU D 49 6.33 -1.42 3.28
N ASN D 50 6.14 -1.00 2.03
CA ASN D 50 6.78 -1.67 0.90
C ASN D 50 8.25 -1.27 0.79
N LEU D 51 8.60 -0.16 1.43
CA LEU D 51 9.98 0.30 1.47
C LEU D 51 10.77 -0.45 2.53
N ILE D 52 10.15 -0.70 3.67
CA ILE D 52 10.78 -1.44 4.76
C ILE D 52 10.88 -2.92 4.41
N GLU D 53 9.84 -3.44 3.76
CA GLU D 53 9.81 -4.83 3.35
C GLU D 53 10.95 -5.16 2.39
N LEU D 54 11.18 -4.27 1.44
CA LEU D 54 12.25 -4.44 0.46
C LEU D 54 13.61 -4.49 1.14
N ARG D 55 13.86 -3.51 2.01
CA ARG D 55 15.12 -3.44 2.74
C ARG D 55 15.36 -4.66 3.62
N MSE D 56 14.29 -5.16 4.25
CA MSE D 56 14.38 -6.35 5.07
C MSE D 56 14.87 -7.55 4.27
O MSE D 56 15.72 -8.31 4.72
CB MSE D 56 13.02 -6.68 5.70
CG MSE D 56 12.59 -5.73 6.80
SE MSE D 56 10.91 -6.27 7.64
CE MSE D 56 11.46 -8.03 8.30
N ARG D 57 14.34 -7.69 3.06
CA ARG D 57 14.73 -8.78 2.17
C ARG D 57 16.20 -8.67 1.79
N LYS D 58 16.68 -7.44 1.68
CA LYS D 58 18.08 -7.17 1.34
C LYS D 58 19.04 -7.79 2.35
N GLY D 59 18.55 -7.99 3.57
CA GLY D 59 19.35 -8.62 4.61
C GLY D 59 20.24 -7.66 5.39
N ASN D 60 20.31 -6.41 4.94
CA ASN D 60 21.12 -5.42 5.61
C ASN D 60 20.37 -4.86 6.82
N ILE D 61 20.62 -5.47 7.98
CA ILE D 61 19.95 -5.09 9.22
C ILE D 61 20.16 -3.62 9.57
N GLN D 62 21.30 -3.08 9.15
CA GLN D 62 21.62 -1.68 9.42
C GLN D 62 20.60 -0.74 8.78
N LEU D 63 20.44 -0.86 7.46
CA LEU D 63 19.50 0.00 6.73
C LEU D 63 18.06 -0.27 7.12
N THR D 64 17.74 -1.54 7.41
CA THR D 64 16.39 -1.91 7.80
C THR D 64 15.98 -1.27 9.11
N ASN D 65 16.83 -1.40 10.13
CA ASN D 65 16.57 -0.80 11.43
C ASN D 65 16.49 0.71 11.32
N SER D 66 17.37 1.29 10.51
CA SER D 66 17.41 2.73 10.31
C SER D 66 16.11 3.22 9.68
N ALA D 67 15.60 2.47 8.71
CA ALA D 67 14.36 2.82 8.02
C ALA D 67 13.17 2.80 8.97
N ILE D 68 13.14 1.82 9.86
CA ILE D 68 12.07 1.69 10.83
C ILE D 68 12.15 2.83 11.85
N SER D 69 13.36 3.13 12.30
CA SER D 69 13.58 4.21 13.26
C SER D 69 13.21 5.56 12.65
N ASP D 70 13.43 5.69 11.35
CA ASP D 70 13.08 6.92 10.63
C ASP D 70 11.57 7.09 10.59
N ALA D 71 10.86 5.98 10.35
CA ALA D 71 9.41 6.01 10.30
C ALA D 71 8.85 6.44 11.66
N LEU D 72 9.40 5.87 12.72
CA LEU D 72 8.99 6.23 14.07
C LEU D 72 9.32 7.69 14.35
N LYS D 73 10.47 8.14 13.85
CA LYS D 73 10.90 9.52 14.04
C LYS D 73 9.96 10.46 13.31
N GLU D 74 9.56 10.07 12.11
CA GLU D 74 8.65 10.88 11.30
C GLU D 74 7.32 11.03 12.02
N ILE D 75 6.86 9.92 12.61
CA ILE D 75 5.60 9.92 13.35
C ILE D 75 5.74 10.76 14.62
N ASP D 76 6.74 10.45 15.43
CA ASP D 76 6.96 11.14 16.70
C ASP D 76 7.21 12.63 16.53
N SER D 77 7.99 13.00 15.53
CA SER D 77 8.34 14.40 15.30
C SER D 77 7.20 15.18 14.65
N SER D 78 6.16 14.46 14.22
CA SER D 78 5.01 15.08 13.56
C SER D 78 4.33 16.10 14.46
N VAL D 79 4.19 17.32 13.97
CA VAL D 79 3.53 18.38 14.73
C VAL D 79 2.19 18.73 14.08
N LEU D 80 1.17 18.91 14.91
CA LEU D 80 -0.16 19.25 14.42
C LEU D 80 -0.65 20.59 14.96
N ASN D 81 -1.00 21.49 14.05
CA ASN D 81 -1.53 22.80 14.42
C ASN D 81 -2.97 22.95 13.95
N VAL D 82 -3.89 23.01 14.92
CA VAL D 82 -5.31 23.10 14.61
C VAL D 82 -5.85 24.51 14.85
N ALA D 83 -6.38 25.11 13.78
CA ALA D 83 -6.95 26.45 13.87
C ALA D 83 -8.43 26.40 14.24
N VAL D 84 -8.81 27.19 15.24
CA VAL D 84 -10.20 27.25 15.67
C VAL D 84 -10.73 28.68 15.57
N THR D 85 -11.69 28.89 14.68
CA THR D 85 -12.26 30.22 14.47
C THR D 85 -13.77 30.23 14.70
N GLY D 86 -14.30 31.41 14.99
CA GLY D 86 -15.73 31.58 15.24
C GLY D 86 -16.00 32.83 16.05
N GLU D 87 -17.28 33.06 16.35
CA GLU D 87 -17.69 34.23 17.12
C GLU D 87 -17.34 34.05 18.60
N THR D 88 -17.13 35.16 19.30
CA THR D 88 -16.73 35.13 20.70
C THR D 88 -17.79 34.49 21.59
N GLY D 89 -17.46 33.33 22.15
CA GLY D 89 -18.37 32.62 23.02
C GLY D 89 -19.06 31.46 22.31
N SER D 90 -18.51 31.06 21.16
CA SER D 90 -19.08 29.98 20.38
C SER D 90 -18.79 28.62 21.00
N GLY D 91 -18.16 28.62 22.17
CA GLY D 91 -17.79 27.39 22.84
C GLY D 91 -16.48 26.85 22.34
N LYS D 92 -15.75 27.67 21.58
CA LYS D 92 -14.46 27.29 21.04
C LYS D 92 -13.45 27.00 22.15
N SER D 93 -13.48 27.83 23.19
CA SER D 93 -12.59 27.65 24.33
C SER D 93 -12.88 26.34 25.05
N SER D 94 -14.16 26.00 25.16
CA SER D 94 -14.57 24.75 25.77
C SER D 94 -14.33 23.59 24.83
N PHE D 95 -14.36 23.87 23.53
CA PHE D 95 -14.09 22.86 22.51
C PHE D 95 -12.62 22.46 22.52
N ILE D 96 -11.76 23.45 22.71
CA ILE D 96 -10.32 23.21 22.78
C ILE D 96 -9.96 22.47 24.06
N ASN D 97 -10.58 22.88 25.17
CA ASN D 97 -10.36 22.23 26.45
C ASN D 97 -10.89 20.80 26.44
N THR D 98 -11.94 20.57 25.67
CA THR D 98 -12.55 19.24 25.57
C THR D 98 -11.62 18.26 24.86
N LEU D 99 -11.04 18.70 23.75
CA LEU D 99 -10.12 17.87 22.98
C LEU D 99 -8.83 17.64 23.76
N ARG D 100 -8.54 18.52 24.71
CA ARG D 100 -7.34 18.41 25.53
C ARG D 100 -7.62 17.61 26.80
N GLY D 101 -8.89 17.28 27.01
CA GLY D 101 -9.29 16.51 28.17
C GLY D 101 -9.05 17.23 29.49
N ILE D 102 -9.21 18.55 29.47
CA ILE D 102 -9.01 19.36 30.66
C ILE D 102 -10.25 20.18 30.99
N GLY D 103 -10.58 20.28 32.27
CA GLY D 103 -11.73 21.04 32.71
C GLY D 103 -11.56 22.53 32.47
N ASN D 104 -12.68 23.25 32.44
CA ASN D 104 -12.65 24.68 32.22
C ASN D 104 -12.08 25.45 33.41
N GLU D 105 -12.20 24.86 34.60
CA GLU D 105 -11.71 25.49 35.81
C GLU D 105 -10.30 25.03 36.15
N GLU D 106 -9.94 23.86 35.65
CA GLU D 106 -8.63 23.27 35.92
C GLU D 106 -7.51 24.07 35.25
N GLU D 107 -6.35 24.10 35.90
CA GLU D 107 -5.19 24.81 35.38
C GLU D 107 -4.59 24.06 34.20
N GLY D 108 -3.91 24.79 33.33
CA GLY D 108 -3.31 24.20 32.14
C GLY D 108 -4.32 24.06 31.01
N ALA D 109 -5.46 24.70 31.17
CA ALA D 109 -6.51 24.64 30.16
C ALA D 109 -6.70 25.99 29.49
N ALA D 110 -7.28 25.98 28.29
CA ALA D 110 -7.54 27.21 27.57
C ALA D 110 -8.52 28.07 28.36
N LYS D 111 -8.29 29.38 28.37
CA LYS D 111 -9.18 30.28 29.07
C LYS D 111 -10.31 30.76 28.17
N THR D 112 -11.53 30.58 28.66
CA THR D 112 -12.70 31.17 28.04
C THR D 112 -12.60 32.69 28.10
N GLY D 113 -13.19 33.36 27.11
CA GLY D 113 -13.15 34.82 27.05
C GLY D 113 -12.09 35.31 26.08
N VAL D 114 -11.45 34.36 25.41
CA VAL D 114 -10.40 34.60 24.42
C VAL D 114 -9.42 35.67 24.90
N VAL D 115 -9.13 36.63 24.04
CA VAL D 115 -8.21 37.70 24.39
C VAL D 115 -8.90 39.03 24.20
N GLU D 116 -8.55 39.97 25.07
CA GLU D 116 -9.15 41.29 25.03
C GLU D 116 -8.79 42.04 23.76
N VAL D 117 -9.79 42.71 23.17
CA VAL D 117 -9.59 43.44 21.92
C VAL D 117 -9.07 42.50 20.83
N THR D 118 -8.03 42.92 20.12
CA THR D 118 -7.41 42.09 19.09
C THR D 118 -6.00 41.66 19.51
N MSE D 119 -5.75 40.36 19.45
CA MSE D 119 -4.44 39.86 19.79
C MSE D 119 -3.99 38.81 18.81
O MSE D 119 -4.82 38.17 18.15
CB MSE D 119 -4.45 39.29 21.21
CG MSE D 119 -4.26 40.36 22.27
SE MSE D 119 -2.65 41.38 21.95
CE MSE D 119 -1.94 41.39 23.77
N GLU D 120 -2.67 38.63 18.70
CA GLU D 120 -2.11 37.59 17.86
C GLU D 120 -2.79 36.30 18.28
N ARG D 121 -2.78 35.31 17.41
CA ARG D 121 -3.47 34.09 17.75
C ARG D 121 -2.74 33.45 18.94
N HIS D 122 -3.49 32.83 19.84
CA HIS D 122 -2.90 32.23 21.03
C HIS D 122 -2.99 30.73 20.93
N PRO D 123 -1.85 30.05 21.12
CA PRO D 123 -1.71 28.60 21.02
C PRO D 123 -2.02 27.89 22.33
N TYR D 124 -2.53 26.67 22.22
CA TYR D 124 -2.82 25.84 23.39
C TYR D 124 -2.40 24.41 23.10
N LYS D 125 -1.27 24.00 23.68
CA LYS D 125 -0.74 22.66 23.48
C LYS D 125 -1.47 21.61 24.31
N HIS D 126 -1.50 20.39 23.80
CA HIS D 126 -2.11 19.28 24.50
C HIS D 126 -1.26 18.93 25.72
N PRO D 127 -1.91 18.64 26.86
CA PRO D 127 -1.22 18.33 28.11
C PRO D 127 -0.30 17.12 28.04
N ASN D 128 -0.66 16.12 27.23
CA ASN D 128 0.14 14.90 27.12
C ASN D 128 0.95 14.85 25.83
N ILE D 129 0.42 15.44 24.76
CA ILE D 129 1.10 15.43 23.47
C ILE D 129 1.44 16.84 23.00
N PRO D 130 2.58 17.38 23.47
CA PRO D 130 3.05 18.72 23.12
C PRO D 130 3.10 18.98 21.62
N ASN D 131 3.23 17.92 20.82
CA ASN D 131 3.28 18.07 19.37
C ASN D 131 1.89 18.33 18.80
N VAL D 132 0.90 18.42 19.69
CA VAL D 132 -0.46 18.73 19.29
C VAL D 132 -0.82 20.11 19.83
N VAL D 133 -1.02 21.06 18.93
CA VAL D 133 -1.30 22.43 19.34
C VAL D 133 -2.60 22.97 18.75
N PHE D 134 -3.48 23.45 19.61
CA PHE D 134 -4.74 24.04 19.18
C PHE D 134 -4.62 25.55 19.26
N TRP D 135 -5.01 26.23 18.19
CA TRP D 135 -4.93 27.69 18.17
C TRP D 135 -6.31 28.34 18.20
N ASP D 136 -6.53 29.19 19.20
CA ASP D 136 -7.78 29.93 19.31
C ASP D 136 -7.64 31.24 18.55
N LEU D 137 -8.38 31.38 17.45
CA LEU D 137 -8.33 32.57 16.62
C LEU D 137 -9.53 33.48 16.86
N PRO D 138 -9.27 34.79 16.89
CA PRO D 138 -10.31 35.82 17.11
C PRO D 138 -11.32 35.82 15.98
N GLY D 139 -12.60 36.05 16.31
CA GLY D 139 -13.63 36.07 15.28
C GLY D 139 -13.32 37.16 14.29
N ILE D 140 -13.67 36.95 13.02
CA ILE D 140 -13.36 37.93 12.00
C ILE D 140 -14.27 39.15 12.12
N GLY D 141 -15.50 38.91 12.58
CA GLY D 141 -16.47 39.98 12.70
C GLY D 141 -16.18 40.96 13.81
N SER D 142 -15.70 40.45 14.93
CA SER D 142 -15.32 41.29 16.06
C SER D 142 -13.81 41.35 16.17
N THR D 143 -13.30 42.52 16.51
CA THR D 143 -11.88 42.78 16.64
C THR D 143 -11.14 42.28 15.39
N ASN D 144 -10.12 41.44 15.55
CA ASN D 144 -9.27 41.09 14.42
C ASN D 144 -8.75 42.37 13.73
N PHE D 145 -8.39 42.28 12.46
CA PHE D 145 -7.81 43.38 11.71
C PHE D 145 -8.61 43.80 10.47
N PRO D 146 -8.37 45.03 9.98
CA PRO D 146 -8.93 45.65 8.77
C PRO D 146 -8.78 44.82 7.50
N PRO D 147 -7.56 44.33 7.24
CA PRO D 147 -7.31 43.69 5.94
C PRO D 147 -8.26 42.52 5.72
N ASN D 148 -8.91 42.53 4.57
CA ASN D 148 -9.68 41.38 4.11
C ASN D 148 -8.79 40.15 4.22
N THR D 149 -7.51 40.33 3.89
CA THR D 149 -6.51 39.29 4.06
C THR D 149 -6.18 39.08 5.53
N TYR D 150 -7.20 38.68 6.28
CA TYR D 150 -7.05 38.25 7.66
C TYR D 150 -6.07 37.08 7.73
N LEU D 151 -6.20 36.17 6.76
CA LEU D 151 -5.34 35.00 6.62
C LEU D 151 -3.86 35.30 6.88
N GLU D 152 -3.39 36.43 6.36
CA GLU D 152 -1.99 36.82 6.49
C GLU D 152 -1.59 37.11 7.94
N LYS D 153 -2.46 37.79 8.67
CA LYS D 153 -2.14 38.21 10.02
C LYS D 153 -2.10 37.03 11.00
N MSE D 154 -2.71 35.91 10.61
CA MSE D 154 -2.87 34.77 11.50
C MSE D 154 -1.82 33.68 11.26
O MSE D 154 -1.68 32.76 12.10
CB MSE D 154 -4.27 34.17 11.35
CG MSE D 154 -5.34 34.81 12.20
SE MSE D 154 -4.66 35.35 13.95
CE MSE D 154 -4.09 37.15 13.47
N LYS D 155 -1.07 33.77 10.17
CA LYS D 155 -0.14 32.71 9.82
C LYS D 155 -0.91 31.42 9.59
N PHE D 156 -1.90 31.47 8.70
CA PHE D 156 -2.68 30.29 8.35
C PHE D 156 -1.80 29.22 7.72
N TYR D 157 -0.58 29.61 7.37
CA TYR D 157 0.40 28.71 6.77
C TYR D 157 0.76 27.56 7.70
N GLU D 158 0.61 27.78 9.00
CA GLU D 158 1.13 26.86 10.00
C GLU D 158 0.14 25.80 10.46
N TYR D 159 -1.12 25.94 10.06
CA TYR D 159 -2.15 25.00 10.51
C TYR D 159 -2.32 23.82 9.55
N ASP D 160 -2.72 22.68 10.10
CA ASP D 160 -2.94 21.47 9.32
C ASP D 160 -4.36 21.45 8.74
N PHE D 161 -5.31 21.97 9.51
CA PHE D 161 -6.70 22.06 9.08
C PHE D 161 -7.45 23.06 9.95
N PHE D 162 -8.60 23.53 9.45
CA PHE D 162 -9.36 24.54 10.18
C PHE D 162 -10.68 24.01 10.73
N ILE D 163 -11.03 24.49 11.92
CA ILE D 163 -12.30 24.16 12.56
C ILE D 163 -13.14 25.43 12.70
N ILE D 164 -14.32 25.43 12.09
CA ILE D 164 -15.18 26.61 12.15
C ILE D 164 -16.38 26.40 13.07
N ILE D 165 -16.40 27.15 14.17
CA ILE D 165 -17.44 27.02 15.18
C ILE D 165 -18.46 28.17 15.15
N SER D 166 -19.72 27.82 15.38
CA SER D 166 -20.81 28.79 15.44
C SER D 166 -21.89 28.38 16.46
N ALA D 167 -22.17 29.25 17.43
CA ALA D 167 -23.18 28.99 18.46
C ALA D 167 -24.63 28.92 17.96
N THR D 168 -24.90 29.48 16.78
CA THR D 168 -26.26 29.48 16.21
C THR D 168 -26.22 29.01 14.76
N ARG D 169 -26.42 29.95 13.84
CA ARG D 169 -26.32 29.66 12.41
C ARG D 169 -24.99 30.22 11.91
N PHE D 170 -24.53 29.72 10.77
CA PHE D 170 -23.26 30.17 10.21
C PHE D 170 -23.45 31.38 9.29
N LYS D 171 -22.83 32.49 9.67
CA LYS D 171 -22.96 33.74 8.93
C LYS D 171 -22.02 33.73 7.73
N LYS D 172 -22.19 34.68 6.82
CA LYS D 172 -21.33 34.78 5.63
C LYS D 172 -19.86 34.81 6.03
N ASN D 173 -19.59 35.52 7.13
CA ASN D 173 -18.25 35.64 7.69
C ASN D 173 -17.62 34.26 7.84
N ASP D 174 -18.30 33.39 8.57
CA ASP D 174 -17.86 32.02 8.76
C ASP D 174 -17.77 31.37 7.38
N ILE D 175 -18.79 31.63 6.56
CA ILE D 175 -18.87 31.12 5.21
C ILE D 175 -17.73 31.65 4.33
N ASP D 176 -17.41 32.93 4.51
CA ASP D 176 -16.34 33.55 3.74
C ASP D 176 -14.99 32.95 4.11
N ILE D 177 -14.84 32.61 5.39
CA ILE D 177 -13.63 31.96 5.87
C ILE D 177 -13.52 30.60 5.19
N ALA D 178 -14.65 29.90 5.13
CA ALA D 178 -14.73 28.59 4.49
C ALA D 178 -14.30 28.65 3.03
N LYS D 179 -14.81 29.62 2.29
CA LYS D 179 -14.48 29.76 0.87
C LYS D 179 -12.98 29.94 0.64
N ALA D 180 -12.35 30.76 1.48
CA ALA D 180 -10.91 30.99 1.36
C ALA D 180 -10.14 29.72 1.65
N ILE D 181 -10.57 29.00 2.69
CA ILE D 181 -9.95 27.73 3.06
C ILE D 181 -10.13 26.73 1.93
N SER D 182 -11.36 26.63 1.45
CA SER D 182 -11.70 25.74 0.35
C SER D 182 -10.90 26.12 -0.90
N MSE D 183 -10.68 27.42 -1.07
CA MSE D 183 -9.99 27.95 -2.23
C MSE D 183 -8.51 27.59 -2.23
O MSE D 183 -7.88 27.50 -3.28
CB MSE D 183 -10.13 29.48 -2.28
CG MSE D 183 -9.45 30.13 -3.46
SE MSE D 183 -10.23 29.56 -5.15
CE MSE D 183 -9.09 30.58 -6.37
N MSE D 184 -7.96 27.35 -1.04
CA MSE D 184 -6.54 27.06 -0.88
C MSE D 184 -6.26 25.55 -0.90
O MSE D 184 -5.14 25.12 -0.62
CB MSE D 184 -6.01 27.67 0.41
CG MSE D 184 -6.00 29.19 0.42
SE MSE D 184 -5.86 29.92 2.22
CE MSE D 184 -4.18 29.09 2.77
N LYS D 185 -7.29 24.77 -1.21
CA LYS D 185 -7.15 23.31 -1.28
C LYS D 185 -6.76 22.73 0.08
N GLU D 186 -7.38 23.26 1.13
CA GLU D 186 -7.14 22.79 2.49
C GLU D 186 -8.46 22.39 3.13
N GLU D 187 -8.41 21.49 4.12
CA GLU D 187 -9.62 21.01 4.75
C GLU D 187 -10.09 21.91 5.89
N PHE D 188 -11.41 22.04 6.01
CA PHE D 188 -12.05 22.81 7.06
C PHE D 188 -13.23 22.02 7.60
N TYR D 189 -13.65 22.32 8.82
CA TYR D 189 -14.77 21.59 9.41
C TYR D 189 -15.67 22.51 10.22
N PHE D 190 -16.96 22.43 9.94
CA PHE D 190 -17.95 23.23 10.66
C PHE D 190 -18.47 22.47 11.88
N VAL D 191 -18.38 23.12 13.04
CA VAL D 191 -18.84 22.52 14.29
C VAL D 191 -19.86 23.42 14.96
N ARG D 192 -21.07 22.90 15.16
CA ARG D 192 -22.13 23.66 15.79
C ARG D 192 -22.24 23.23 17.25
N THR D 193 -21.78 24.08 18.15
CA THR D 193 -21.77 23.77 19.57
C THR D 193 -23.05 24.16 20.29
N LYS D 194 -23.10 23.86 21.59
CA LYS D 194 -24.23 24.23 22.43
C LYS D 194 -25.57 23.68 21.93
N VAL D 195 -25.53 22.56 21.22
CA VAL D 195 -26.75 21.94 20.71
C VAL D 195 -27.63 21.48 21.86
N ASP D 196 -27.01 21.21 23.00
CA ASP D 196 -27.73 20.78 24.19
C ASP D 196 -28.64 21.91 24.67
N SER D 197 -28.15 23.14 24.54
CA SER D 197 -28.93 24.31 24.94
C SER D 197 -30.15 24.49 24.06
N ASP D 198 -29.99 24.20 22.77
CA ASP D 198 -31.09 24.28 21.83
C ASP D 198 -32.13 23.23 22.17
N ILE D 199 -31.67 22.01 22.40
CA ILE D 199 -32.55 20.90 22.75
C ILE D 199 -33.18 21.19 24.10
N THR D 200 -32.39 21.70 25.03
CA THR D 200 -32.87 22.02 26.37
C THR D 200 -33.95 23.10 26.35
N ASN D 201 -33.69 24.20 25.65
CA ASN D 201 -34.65 25.29 25.57
C ASN D 201 -35.94 24.85 24.88
N GLU D 202 -35.80 24.08 23.81
CA GLU D 202 -36.93 23.57 23.05
C GLU D 202 -37.71 22.50 23.81
N ALA D 203 -36.96 21.64 24.51
CA ALA D 203 -37.52 20.54 25.29
C ALA D 203 -38.05 20.97 26.65
N ASP D 204 -37.53 22.09 27.16
CA ASP D 204 -37.90 22.59 28.48
C ASP D 204 -39.41 22.72 28.62
N GLY D 205 -40.01 23.50 27.73
CA GLY D 205 -41.44 23.71 27.72
C GLY D 205 -41.84 24.29 26.38
N LYS D 206 -42.70 23.59 25.66
CA LYS D 206 -43.12 24.05 24.35
C LYS D 206 -44.22 25.11 24.48
N ASP D 211 -40.46 16.54 19.46
CA ASP D 211 -39.54 15.66 20.17
C ASP D 211 -38.10 16.04 19.88
N LYS D 212 -37.16 15.44 20.62
CA LYS D 212 -35.75 15.74 20.45
C LYS D 212 -35.21 15.26 19.11
N GLU D 213 -35.92 14.30 18.51
CA GLU D 213 -35.51 13.75 17.21
C GLU D 213 -35.69 14.76 16.09
N LYS D 214 -36.87 15.38 16.05
CA LYS D 214 -37.20 16.34 15.02
C LYS D 214 -36.35 17.61 15.13
N VAL D 215 -36.14 18.06 16.37
CA VAL D 215 -35.41 19.29 16.62
C VAL D 215 -33.94 19.15 16.23
N LEU D 216 -33.38 17.96 16.40
CA LEU D 216 -31.99 17.71 16.06
C LEU D 216 -31.80 17.64 14.54
N GLN D 217 -32.90 17.38 13.84
CA GLN D 217 -32.87 17.33 12.38
C GLN D 217 -33.14 18.71 11.80
N ASP D 218 -33.83 19.55 12.57
CA ASP D 218 -34.17 20.89 12.13
C ASP D 218 -32.99 21.85 12.24
N ILE D 219 -32.04 21.52 13.11
CA ILE D 219 -30.85 22.36 13.28
C ILE D 219 -30.02 22.36 12.02
N ARG D 220 -29.91 21.20 11.38
CA ARG D 220 -29.18 21.09 10.12
C ARG D 220 -29.89 21.88 9.03
N LEU D 221 -31.21 21.80 9.00
CA LEU D 221 -32.01 22.56 8.04
C LEU D 221 -31.90 24.06 8.32
N ASN D 222 -31.56 24.40 9.56
CA ASN D 222 -31.37 25.80 9.95
C ASN D 222 -29.92 26.23 9.78
N CYS D 223 -29.10 25.31 9.30
CA CYS D 223 -27.71 25.62 9.01
C CYS D 223 -27.45 25.69 7.51
N VAL D 224 -28.06 24.77 6.76
CA VAL D 224 -27.79 24.73 5.33
C VAL D 224 -28.46 25.92 4.64
N ASN D 225 -29.51 26.45 5.24
CA ASN D 225 -30.20 27.62 4.68
C ASN D 225 -29.26 28.80 4.52
N THR D 226 -28.34 28.97 5.47
CA THR D 226 -27.37 30.06 5.42
C THR D 226 -26.33 29.81 4.34
N PHE D 227 -26.08 28.54 4.06
CA PHE D 227 -25.14 28.17 3.00
C PHE D 227 -25.81 28.18 1.63
N ARG D 228 -26.96 27.51 1.53
CA ARG D 228 -27.69 27.37 0.27
C ARG D 228 -27.95 28.71 -0.41
N GLU D 229 -28.09 29.76 0.40
CA GLU D 229 -28.39 31.09 -0.13
C GLU D 229 -27.10 31.83 -0.50
N ASN D 230 -25.98 31.30 -0.03
CA ASN D 230 -24.68 31.90 -0.28
C ASN D 230 -23.68 30.88 -0.82
N GLY D 231 -23.41 29.86 -0.01
CA GLY D 231 -22.41 28.87 -0.34
C GLY D 231 -22.87 27.91 -1.41
N ILE D 232 -21.96 27.58 -2.34
CA ILE D 232 -22.36 26.76 -3.48
C ILE D 232 -22.78 25.37 -3.03
N ALA D 233 -21.84 24.63 -2.45
CA ALA D 233 -22.15 23.32 -1.90
C ALA D 233 -22.12 23.39 -0.38
N GLU D 234 -23.22 23.00 0.24
CA GLU D 234 -23.28 22.98 1.70
C GLU D 234 -22.32 21.90 2.21
N PRO D 235 -21.37 22.32 3.07
CA PRO D 235 -20.32 21.44 3.61
C PRO D 235 -20.81 20.57 4.76
N PRO D 236 -19.99 19.60 5.17
CA PRO D 236 -20.28 18.68 6.28
C PRO D 236 -20.59 19.42 7.58
N ILE D 237 -21.84 19.32 8.02
CA ILE D 237 -22.28 19.91 9.28
C ILE D 237 -22.26 18.93 10.45
N PHE D 238 -21.72 19.38 11.58
CA PHE D 238 -21.64 18.53 12.77
C PHE D 238 -22.17 19.25 14.01
N LEU D 239 -23.21 18.66 14.62
CA LEU D 239 -23.83 19.21 15.81
C LEU D 239 -23.36 18.52 17.08
N LEU D 240 -22.87 19.30 18.05
CA LEU D 240 -22.39 18.73 19.30
C LEU D 240 -22.53 19.70 20.47
N SER D 241 -22.16 19.22 21.66
CA SER D 241 -22.21 20.03 22.87
C SER D 241 -20.92 19.90 23.67
N ASN D 242 -20.30 21.04 23.98
CA ASN D 242 -19.06 21.01 24.76
C ASN D 242 -19.31 20.55 26.18
N LYS D 243 -20.59 20.55 26.57
CA LYS D 243 -20.99 20.10 27.89
C LYS D 243 -21.32 18.60 27.87
N ASN D 244 -21.38 18.04 26.67
CA ASN D 244 -21.67 16.63 26.49
C ASN D 244 -20.87 16.10 25.30
N VAL D 245 -19.59 15.85 25.55
CA VAL D 245 -18.68 15.37 24.52
C VAL D 245 -19.08 13.98 23.97
N CYS D 246 -19.82 13.22 24.77
CA CYS D 246 -20.17 11.84 24.41
C CYS D 246 -21.32 11.60 23.42
N HIS D 247 -22.25 12.53 23.26
CA HIS D 247 -23.39 12.23 22.39
C HIS D 247 -23.41 12.98 21.05
N TYR D 248 -24.37 12.59 20.19
CA TYR D 248 -24.58 13.23 18.89
C TYR D 248 -23.38 13.19 17.93
N ASP D 249 -23.10 14.28 17.23
CA ASP D 249 -22.10 14.22 16.16
C ASP D 249 -20.64 14.44 16.56
N PHE D 250 -20.35 14.51 17.85
CA PHE D 250 -18.96 14.65 18.27
C PHE D 250 -18.13 13.42 17.91
N PRO D 251 -18.63 12.23 18.27
CA PRO D 251 -17.98 10.94 17.99
C PRO D 251 -17.81 10.59 16.51
N VAL D 252 -18.87 10.77 15.73
CA VAL D 252 -18.82 10.44 14.30
C VAL D 252 -17.81 11.30 13.56
N LEU D 253 -17.74 12.57 13.94
CA LEU D 253 -16.84 13.54 13.31
C LEU D 253 -15.38 13.17 13.45
N MSE D 254 -14.99 12.67 14.63
CA MSE D 254 -13.59 12.44 14.95
C MSE D 254 -12.95 11.39 14.05
O MSE D 254 -11.79 11.54 13.63
CB MSE D 254 -13.44 12.03 16.41
CG MSE D 254 -12.30 12.73 17.14
SE MSE D 254 -12.68 12.91 19.05
CE MSE D 254 -14.30 13.99 18.92
N ASP D 255 -13.69 10.34 13.75
CA ASP D 255 -13.20 9.29 12.86
C ASP D 255 -12.94 9.87 11.46
N GLU D 256 -13.82 10.78 11.03
CA GLU D 256 -13.68 11.43 9.74
C GLU D 256 -12.48 12.38 9.71
N LEU D 257 -12.30 13.13 10.80
CA LEU D 257 -11.21 14.08 10.92
C LEU D 257 -9.84 13.40 10.78
N ILE D 258 -9.69 12.25 11.42
CA ILE D 258 -8.45 11.50 11.37
C ILE D 258 -8.14 11.00 9.97
N SER D 259 -9.16 10.51 9.27
CA SER D 259 -9.01 9.98 7.93
C SER D 259 -8.48 11.03 6.94
N ASP D 260 -8.93 12.28 7.09
CA ASP D 260 -8.51 13.35 6.20
C ASP D 260 -7.07 13.80 6.47
N LEU D 261 -6.58 13.50 7.67
CA LEU D 261 -5.22 13.87 8.04
C LEU D 261 -4.25 12.91 7.37
N PRO D 262 -3.01 13.37 7.11
CA PRO D 262 -2.02 12.47 6.50
C PRO D 262 -1.75 11.29 7.42
N ILE D 263 -1.57 10.11 6.84
CA ILE D 263 -1.36 8.87 7.59
C ILE D 263 -0.41 8.99 8.78
N TYR D 264 0.81 9.42 8.51
CA TYR D 264 1.84 9.52 9.56
C TYR D 264 1.48 10.52 10.67
N LYS D 265 0.57 11.44 10.36
CA LYS D 265 0.16 12.46 11.33
C LYS D 265 -0.98 11.97 12.23
N ARG D 266 -1.60 10.86 11.85
CA ARG D 266 -2.75 10.32 12.57
C ARG D 266 -2.43 9.89 14.00
N HIS D 267 -1.28 9.24 14.18
CA HIS D 267 -0.89 8.70 15.48
C HIS D 267 -0.95 9.72 16.62
N ASN D 268 -0.23 10.82 16.47
CA ASN D 268 -0.19 11.85 17.52
C ASN D 268 -1.54 12.44 17.86
N PHE D 269 -2.36 12.69 16.84
CA PHE D 269 -3.68 13.27 17.07
C PHE D 269 -4.63 12.25 17.69
N MSE D 270 -4.54 11.01 17.23
CA MSE D 270 -5.41 9.94 17.71
C MSE D 270 -5.30 9.74 19.22
O MSE D 270 -6.31 9.70 19.92
CB MSE D 270 -5.09 8.63 16.99
CG MSE D 270 -6.00 7.48 17.38
SE MSE D 270 -7.84 7.78 16.81
CE MSE D 270 -7.55 7.89 14.89
N VAL D 271 -4.07 9.62 19.71
CA VAL D 271 -3.82 9.38 21.12
C VAL D 271 -4.20 10.57 21.99
N SER D 272 -4.32 11.74 21.38
CA SER D 272 -4.67 12.95 22.10
C SER D 272 -6.18 13.14 22.27
N LEU D 273 -6.95 12.42 21.47
CA LEU D 273 -8.41 12.57 21.49
C LEU D 273 -9.05 12.05 22.78
N PRO D 274 -10.16 12.67 23.19
CA PRO D 274 -10.94 12.29 24.37
C PRO D 274 -11.47 10.86 24.27
N ASN D 275 -11.41 10.12 25.37
CA ASN D 275 -11.91 8.75 25.37
C ASN D 275 -13.41 8.73 25.59
N ILE D 276 -14.15 9.15 24.57
CA ILE D 276 -15.60 9.28 24.65
C ILE D 276 -16.35 7.97 24.41
N THR D 277 -15.79 7.09 23.60
CA THR D 277 -16.46 5.82 23.28
C THR D 277 -15.50 4.64 23.20
N ASP D 278 -16.07 3.44 23.22
CA ASP D 278 -15.29 2.21 23.11
C ASP D 278 -14.57 2.15 21.76
N SER D 279 -15.21 2.70 20.74
CA SER D 279 -14.64 2.72 19.39
C SER D 279 -13.36 3.54 19.35
N VAL D 280 -13.38 4.73 19.95
CA VAL D 280 -12.22 5.59 19.98
C VAL D 280 -11.10 4.95 20.80
N ILE D 281 -11.47 4.34 21.93
CA ILE D 281 -10.50 3.66 22.79
C ILE D 281 -9.86 2.49 22.06
N GLU D 282 -10.68 1.71 21.36
CA GLU D 282 -10.20 0.56 20.61
C GLU D 282 -9.32 1.02 19.45
N LYS D 283 -9.70 2.14 18.84
CA LYS D 283 -8.94 2.70 17.72
C LYS D 283 -7.55 3.12 18.18
N LYS D 284 -7.49 3.72 19.37
CA LYS D 284 -6.22 4.15 19.94
C LYS D 284 -5.31 2.94 20.15
N ARG D 285 -5.90 1.86 20.67
CA ARG D 285 -5.16 0.63 20.92
C ARG D 285 -4.58 0.08 19.62
N GLN D 286 -5.38 0.09 18.56
CA GLN D 286 -4.95 -0.40 17.26
C GLN D 286 -3.73 0.36 16.75
N PHE D 287 -3.76 1.68 16.88
CA PHE D 287 -2.63 2.51 16.46
C PHE D 287 -1.40 2.23 17.31
N LEU D 288 -1.59 2.17 18.62
CA LEU D 288 -0.50 1.91 19.54
C LEU D 288 0.07 0.51 19.34
N LYS D 289 -0.78 -0.43 18.96
CA LYS D 289 -0.36 -1.80 18.70
C LYS D 289 0.58 -1.84 17.50
N GLN D 290 0.26 -1.03 16.49
CA GLN D 290 1.09 -0.97 15.29
C GLN D 290 2.43 -0.30 15.60
N ARG D 291 2.42 0.67 16.50
CA ARG D 291 3.65 1.35 16.89
C ARG D 291 4.56 0.42 17.68
N ILE D 292 3.95 -0.41 18.52
CA ILE D 292 4.69 -1.42 19.28
C ILE D 292 5.37 -2.39 18.32
N TRP D 293 4.62 -2.79 17.31
CA TRP D 293 5.11 -3.72 16.29
C TRP D 293 6.32 -3.11 15.59
N LEU D 294 6.18 -1.86 15.17
CA LEU D 294 7.26 -1.13 14.52
C LEU D 294 8.48 -0.99 15.45
N GLU D 295 8.22 -0.51 16.66
CA GLU D 295 9.26 -0.32 17.66
C GLU D 295 10.00 -1.63 17.95
N GLY D 296 9.25 -2.72 18.04
CA GLY D 296 9.83 -4.02 18.29
C GLY D 296 10.73 -4.45 17.16
N PHE D 297 10.30 -4.16 15.93
CA PHE D 297 11.08 -4.50 14.74
C PHE D 297 12.30 -3.60 14.58
N ALA D 298 12.19 -2.35 15.03
CA ALA D 298 13.30 -1.42 14.95
C ALA D 298 14.44 -1.95 15.83
N ALA D 299 14.06 -2.60 16.92
CA ALA D 299 15.02 -3.24 17.80
C ALA D 299 15.39 -4.56 17.17
N ASP D 300 16.64 -4.99 17.34
CA ASP D 300 17.07 -6.24 16.75
C ASP D 300 16.30 -7.40 17.35
N LEU D 301 15.82 -8.29 16.49
CA LEU D 301 15.08 -9.47 16.93
C LEU D 301 16.06 -10.51 17.45
N VAL D 302 15.57 -11.45 18.24
CA VAL D 302 16.43 -12.50 18.78
C VAL D 302 15.86 -13.89 18.57
N ASN D 303 16.63 -14.90 18.95
CA ASN D 303 16.20 -16.29 18.83
C ASN D 303 15.91 -16.86 20.20
N ILE D 304 15.99 -16.00 21.21
CA ILE D 304 15.77 -16.39 22.60
C ILE D 304 14.31 -16.18 23.01
N ILE D 305 13.75 -17.17 23.68
CA ILE D 305 12.41 -17.07 24.22
C ILE D 305 12.41 -16.13 25.42
N PRO D 306 11.36 -15.31 25.57
CA PRO D 306 11.26 -14.41 26.73
C PRO D 306 11.24 -15.20 28.04
N SER D 307 10.50 -16.30 28.06
CA SER D 307 10.42 -17.18 29.22
C SER D 307 10.12 -16.43 30.51
N LEU D 308 10.87 -16.73 31.55
CA LEU D 308 10.72 -16.05 32.83
C LEU D 308 11.67 -14.86 32.91
N THR D 309 11.15 -13.72 33.36
CA THR D 309 11.90 -12.47 33.34
C THR D 309 12.75 -12.24 34.60
N PHE D 310 13.67 -11.28 34.49
CA PHE D 310 14.57 -10.90 35.56
C PHE D 310 14.91 -9.42 35.40
N LEU D 311 13.96 -8.55 35.77
CA LEU D 311 14.01 -7.13 35.47
C LEU D 311 15.39 -6.49 35.51
N LEU D 312 15.69 -5.76 34.42
CA LEU D 312 16.90 -4.98 34.30
C LEU D 312 16.58 -3.52 34.57
N ASP D 313 17.20 -2.94 35.60
CA ASP D 313 16.89 -1.57 36.00
C ASP D 313 17.11 -0.55 34.88
N SER D 314 17.68 -1.00 33.77
CA SER D 314 17.90 -0.14 32.62
C SER D 314 16.60 0.02 31.81
N ASP D 315 15.94 -1.11 31.54
CA ASP D 315 14.72 -1.09 30.75
C ASP D 315 13.47 -1.16 31.63
N LEU D 316 13.68 -1.28 32.94
CA LEU D 316 12.57 -1.28 33.89
C LEU D 316 11.88 0.07 33.91
N GLU D 317 12.67 1.14 33.88
CA GLU D 317 12.13 2.49 33.83
C GLU D 317 11.43 2.73 32.49
N THR D 318 11.91 2.05 31.46
CA THR D 318 11.30 2.14 30.13
C THR D 318 9.88 1.61 30.15
N LEU D 319 9.65 0.57 30.95
CA LEU D 319 8.31 0.01 31.12
C LEU D 319 7.44 0.99 31.91
N LYS D 320 8.06 1.70 32.85
CA LYS D 320 7.36 2.70 33.63
C LYS D 320 7.06 3.93 32.79
N LYS D 321 7.96 4.24 31.86
CA LYS D 321 7.77 5.35 30.95
C LYS D 321 6.59 5.08 30.00
N SER D 322 6.57 3.87 29.44
CA SER D 322 5.50 3.47 28.54
C SER D 322 4.17 3.36 29.27
N MSE D 323 4.21 2.78 30.47
CA MSE D 323 3.01 2.62 31.28
C MSE D 323 2.44 3.98 31.69
O MSE D 323 1.23 4.18 31.69
CB MSE D 323 3.30 1.78 32.53
CG MSE D 323 2.08 1.45 33.36
SE MSE D 323 0.75 0.43 32.37
CE MSE D 323 -0.56 0.17 33.79
N LYS D 324 3.34 4.91 32.01
CA LYS D 324 2.94 6.26 32.38
C LYS D 324 2.37 7.00 31.18
N PHE D 325 2.79 6.58 29.99
CA PHE D 325 2.30 7.18 28.75
C PHE D 325 0.95 6.61 28.36
N TYR D 326 0.81 5.29 28.46
CA TYR D 326 -0.43 4.61 28.11
C TYR D 326 -1.57 5.03 29.03
N ARG D 327 -1.29 5.13 30.32
CA ARG D 327 -2.30 5.55 31.29
C ARG D 327 -2.76 6.98 31.02
N THR D 328 -1.84 7.84 30.63
CA THR D 328 -2.16 9.23 30.36
C THR D 328 -2.93 9.38 29.05
N VAL D 329 -2.62 8.52 28.08
CA VAL D 329 -3.28 8.55 26.79
C VAL D 329 -4.74 8.11 26.90
N PHE D 330 -4.98 7.02 27.63
CA PHE D 330 -6.32 6.50 27.79
C PHE D 330 -7.03 7.12 29.00
N GLY D 331 -6.39 8.14 29.58
CA GLY D 331 -6.97 8.88 30.68
C GLY D 331 -7.27 8.03 31.91
N VAL D 332 -6.31 7.22 32.31
CA VAL D 332 -6.48 6.38 33.50
C VAL D 332 -5.34 6.58 34.48
N ASP D 333 -4.57 7.65 34.27
CA ASP D 333 -3.45 7.97 35.15
C ASP D 333 -3.93 8.63 36.44
N GLU D 334 -2.98 8.94 37.32
CA GLU D 334 -3.29 9.55 38.61
C GLU D 334 -4.03 10.88 38.44
N THR D 335 -3.59 11.67 37.47
CA THR D 335 -4.17 12.99 37.23
C THR D 335 -5.62 12.89 36.77
N SER D 336 -5.90 11.93 35.90
CA SER D 336 -7.24 11.77 35.35
C SER D 336 -8.19 11.12 36.36
N LEU D 337 -7.69 10.15 37.11
CA LEU D 337 -8.51 9.44 38.09
C LEU D 337 -9.02 10.37 39.18
N GLN D 338 -8.25 11.41 39.47
CA GLN D 338 -8.65 12.38 40.50
C GLN D 338 -9.79 13.25 40.00
N ARG D 339 -9.73 13.65 38.73
CA ARG D 339 -10.77 14.47 38.12
C ARG D 339 -12.11 13.76 38.14
N LEU D 340 -12.10 12.46 37.86
CA LEU D 340 -13.30 11.65 37.91
C LEU D 340 -13.72 11.42 39.35
N ALA D 341 -12.74 11.44 40.26
CA ALA D 341 -13.00 11.20 41.67
C ALA D 341 -13.43 12.47 42.39
N ARG D 342 -13.46 13.58 41.67
CA ARG D 342 -13.92 14.84 42.24
C ARG D 342 -15.44 14.87 42.35
N ASP D 343 -16.11 14.17 41.44
CA ASP D 343 -17.57 14.12 41.42
C ASP D 343 -18.07 12.97 42.27
N TRP D 344 -17.23 11.98 42.45
CA TRP D 344 -17.58 10.80 43.22
C TRP D 344 -16.98 10.98 44.62
N GLU D 345 -17.80 11.37 45.59
CA GLU D 345 -17.37 11.52 46.99
C GLU D 345 -16.73 10.24 47.47
N ILE D 346 -15.69 9.85 46.74
CA ILE D 346 -14.98 8.61 46.85
C ILE D 346 -13.52 8.99 46.86
N GLU D 347 -12.73 8.44 47.78
CA GLU D 347 -11.31 8.72 47.74
C GLU D 347 -10.73 8.08 46.48
N VAL D 348 -9.57 8.56 46.05
CA VAL D 348 -9.03 8.16 44.75
C VAL D 348 -8.84 6.65 44.62
N ASP D 349 -8.40 6.00 45.70
CA ASP D 349 -8.11 4.57 45.67
C ASP D 349 -9.29 3.75 45.15
N GLN D 350 -10.47 4.14 45.60
CA GLN D 350 -11.70 3.47 45.20
C GLN D 350 -11.88 3.47 43.68
N VAL D 351 -11.47 4.56 43.03
CA VAL D 351 -11.45 4.56 41.57
C VAL D 351 -10.26 3.75 41.09
N GLU D 352 -9.15 3.79 41.83
CA GLU D 352 -7.94 3.04 41.47
C GLU D 352 -8.20 1.53 41.48
N ALA D 353 -8.83 1.06 42.55
CA ALA D 353 -9.22 -0.35 42.65
C ALA D 353 -10.06 -0.76 41.45
N MSE D 354 -10.96 0.13 41.04
CA MSE D 354 -11.83 -0.10 39.90
C MSE D 354 -11.06 -0.16 38.58
O MSE D 354 -11.23 -1.08 37.78
CB MSE D 354 -12.90 0.99 39.83
CG MSE D 354 -13.87 0.87 38.66
SE MSE D 354 -15.06 2.43 38.59
CE MSE D 354 -15.01 2.92 40.48
N ILE D 355 -10.19 0.83 38.38
CA ILE D 355 -9.43 0.93 37.13
C ILE D 355 -8.50 -0.28 36.95
N LYS D 356 -7.78 -0.65 38.00
CA LYS D 356 -6.90 -1.81 37.97
C LYS D 356 -5.67 -1.57 37.07
N SER D 357 -5.37 -0.31 36.80
CA SER D 357 -4.20 0.06 36.04
C SER D 357 -3.00 0.49 36.90
N PRO D 358 -3.25 1.05 38.10
CA PRO D 358 -2.12 1.52 38.90
C PRO D 358 -1.61 0.48 39.89
N ALA D 359 -2.09 -0.75 39.79
CA ALA D 359 -1.69 -1.81 40.70
C ALA D 359 -0.48 -2.57 40.19
N VAL D 360 -0.01 -2.21 39.00
CA VAL D 360 1.10 -2.90 38.37
C VAL D 360 2.43 -2.63 39.07
N PHE D 361 2.69 -1.36 39.38
CA PHE D 361 3.95 -0.97 39.98
C PHE D 361 3.82 -0.58 41.45
N LYS D 362 2.77 -1.08 42.10
CA LYS D 362 2.57 -0.79 43.52
C LYS D 362 3.55 -1.58 44.38
N PRO D 363 3.92 -1.02 45.54
CA PRO D 363 4.91 -1.61 46.45
C PRO D 363 4.42 -2.89 47.12
N THR D 364 5.36 -3.68 47.63
CA THR D 364 5.09 -4.93 48.35
C THR D 364 3.96 -5.77 47.76
N ASP D 365 4.00 -5.98 46.45
CA ASP D 365 3.02 -6.85 45.80
C ASP D 365 3.18 -8.28 46.30
N GLU D 366 2.17 -9.12 46.08
CA GLU D 366 2.21 -10.51 46.52
C GLU D 366 3.44 -11.21 45.94
N GLU D 367 3.50 -11.28 44.61
CA GLU D 367 4.74 -11.67 43.94
C GLU D 367 5.45 -10.40 43.51
N THR D 368 6.78 -10.38 43.66
CA THR D 368 7.57 -9.18 43.39
C THR D 368 7.30 -8.61 42.00
N ILE D 369 7.45 -7.30 41.87
CA ILE D 369 7.16 -6.59 40.63
C ILE D 369 7.83 -7.23 39.42
N GLN D 370 9.05 -7.71 39.62
CA GLN D 370 9.78 -8.43 38.58
C GLN D 370 9.06 -9.74 38.22
N GLU D 371 8.73 -10.51 39.23
CA GLU D 371 8.02 -11.77 39.04
C GLU D 371 6.62 -11.54 38.49
N ARG D 372 6.03 -10.41 38.85
CA ARG D 372 4.68 -10.07 38.40
C ARG D 372 4.69 -9.81 36.89
N LEU D 373 5.76 -9.18 36.41
CA LEU D 373 5.93 -8.96 34.98
C LEU D 373 6.22 -10.27 34.27
N SER D 374 6.99 -11.14 34.94
CA SER D 374 7.33 -12.45 34.40
C SER D 374 6.10 -13.33 34.28
N ARG D 375 5.07 -13.02 35.06
CA ARG D 375 3.83 -13.78 35.03
C ARG D 375 2.90 -13.29 33.92
N TYR D 376 2.85 -11.97 33.73
CA TYR D 376 2.04 -11.37 32.68
C TYR D 376 2.44 -11.89 31.29
N ILE D 377 3.75 -11.98 31.06
CA ILE D 377 4.28 -12.41 29.78
C ILE D 377 3.89 -13.85 29.44
N GLN D 378 3.94 -14.74 30.44
CA GLN D 378 3.59 -16.13 30.22
C GLN D 378 2.13 -16.30 29.82
N GLU D 379 1.25 -15.58 30.50
CA GLU D 379 -0.17 -15.67 30.21
C GLU D 379 -0.46 -15.12 28.82
N PHE D 380 0.22 -14.04 28.46
CA PHE D 380 0.05 -13.41 27.15
C PHE D 380 0.47 -14.32 26.01
N CYS D 381 1.67 -14.90 26.11
CA CYS D 381 2.19 -15.75 25.04
C CYS D 381 1.39 -17.06 24.94
N LEU D 382 0.91 -17.53 26.08
CA LEU D 382 0.10 -18.75 26.12
C LEU D 382 -1.26 -18.54 25.47
N ALA D 383 -1.81 -17.33 25.61
CA ALA D 383 -3.13 -17.02 25.08
C ALA D 383 -3.12 -16.59 23.62
N ASN D 384 -2.08 -15.86 23.20
CA ASN D 384 -2.04 -15.37 21.83
C ASN D 384 -0.89 -15.94 20.98
N GLY D 385 -0.18 -16.93 21.50
CA GLY D 385 0.96 -17.48 20.78
C GLY D 385 2.03 -16.44 20.45
N TYR D 386 2.96 -16.82 19.57
CA TYR D 386 4.07 -15.95 19.19
C TYR D 386 3.76 -15.23 17.88
N LEU D 387 3.81 -13.90 17.91
CA LEU D 387 3.54 -13.07 16.74
C LEU D 387 4.49 -13.27 15.56
N LEU D 388 5.53 -14.09 15.74
CA LEU D 388 6.50 -14.31 14.70
C LEU D 388 6.76 -15.80 14.44
N PRO D 389 7.37 -16.12 13.29
CA PRO D 389 7.73 -17.49 12.88
C PRO D 389 8.63 -18.17 13.91
N LYS D 390 8.62 -19.49 13.92
CA LYS D 390 9.41 -20.28 14.87
C LYS D 390 10.86 -19.81 14.95
N ASN D 391 11.40 -19.79 16.18
CA ASN D 391 12.78 -19.40 16.44
C ASN D 391 13.01 -17.90 16.36
N SER D 392 11.96 -17.16 16.05
CA SER D 392 12.05 -15.70 15.99
C SER D 392 11.13 -15.07 17.03
N PHE D 393 11.63 -14.07 17.73
CA PHE D 393 10.85 -13.40 18.76
C PHE D 393 11.15 -11.91 18.83
N LEU D 394 10.21 -11.15 19.36
CA LEU D 394 10.42 -9.74 19.61
C LEU D 394 11.12 -9.65 20.96
N LYS D 395 11.76 -8.52 21.27
CA LYS D 395 12.37 -8.39 22.57
C LYS D 395 11.26 -8.38 23.62
N GLU D 396 11.55 -8.90 24.80
CA GLU D 396 10.55 -9.03 25.86
C GLU D 396 9.76 -7.76 26.15
N ILE D 397 10.46 -6.63 26.23
CA ILE D 397 9.85 -5.36 26.57
C ILE D 397 8.63 -5.05 25.69
N PHE D 398 8.68 -5.45 24.43
CA PHE D 398 7.60 -5.20 23.50
C PHE D 398 6.37 -6.07 23.82
N TYR D 399 6.61 -7.31 24.25
CA TYR D 399 5.52 -8.19 24.64
C TYR D 399 4.82 -7.65 25.88
N LEU D 400 5.61 -7.07 26.78
CA LEU D 400 5.08 -6.48 28.00
C LEU D 400 4.24 -5.25 27.66
N LYS D 401 4.64 -4.54 26.61
CA LYS D 401 3.91 -3.37 26.15
C LYS D 401 2.55 -3.75 25.59
N TYR D 402 2.50 -4.86 24.86
CA TYR D 402 1.25 -5.35 24.31
C TYR D 402 0.29 -5.71 25.44
N TYR D 403 0.82 -6.34 26.48
CA TYR D 403 0.02 -6.73 27.62
C TYR D 403 -0.54 -5.49 28.34
N PHE D 404 0.33 -4.54 28.62
CA PHE D 404 -0.07 -3.30 29.28
C PHE D 404 -1.07 -2.53 28.43
N LEU D 405 -0.82 -2.49 27.13
CA LEU D 405 -1.70 -1.79 26.20
C LEU D 405 -3.11 -2.39 26.25
N ASP D 406 -3.18 -3.71 26.22
CA ASP D 406 -4.45 -4.42 26.29
C ASP D 406 -5.12 -4.17 27.64
N MSE D 407 -4.34 -4.22 28.71
CA MSE D 407 -4.85 -4.02 30.05
C MSE D 407 -5.44 -2.62 30.21
O MSE D 407 -6.57 -2.47 30.69
CB MSE D 407 -3.74 -4.23 31.10
CG MSE D 407 -4.19 -4.03 32.54
SE MSE D 407 -2.74 -4.19 33.84
CE MSE D 407 -2.46 -6.12 33.77
N VAL D 408 -4.69 -1.60 29.80
CA VAL D 408 -5.15 -0.22 29.90
C VAL D 408 -6.35 0.04 28.99
N THR D 409 -6.34 -0.56 27.80
CA THR D 409 -7.44 -0.40 26.86
C THR D 409 -8.74 -0.95 27.43
N GLU D 410 -8.67 -2.15 28.00
CA GLU D 410 -9.83 -2.78 28.62
C GLU D 410 -10.31 -1.95 29.81
N ASP D 411 -9.36 -1.37 30.53
CA ASP D 411 -9.66 -0.54 31.68
C ASP D 411 -10.40 0.74 31.28
N ALA D 412 -10.01 1.30 30.15
CA ALA D 412 -10.63 2.52 29.63
C ALA D 412 -12.10 2.30 29.33
N LYS D 413 -12.42 1.15 28.74
CA LYS D 413 -13.80 0.82 28.40
C LYS D 413 -14.62 0.57 29.66
N THR D 414 -14.00 -0.09 30.64
CA THR D 414 -14.64 -0.37 31.91
C THR D 414 -14.98 0.93 32.64
N LEU D 415 -14.03 1.84 32.67
CA LEU D 415 -14.22 3.13 33.33
C LEU D 415 -15.25 3.99 32.61
N LEU D 416 -15.27 3.86 31.28
CA LEU D 416 -16.21 4.62 30.45
C LEU D 416 -17.66 4.31 30.83
N LYS D 417 -17.95 3.03 31.03
CA LYS D 417 -19.29 2.59 31.42
C LYS D 417 -19.72 3.24 32.74
N GLU D 418 -18.78 3.30 33.68
CA GLU D 418 -19.05 3.88 34.99
C GLU D 418 -19.30 5.38 34.90
N ILE D 419 -18.61 6.05 34.00
CA ILE D 419 -18.77 7.49 33.82
C ILE D 419 -20.14 7.85 33.27
N CYS D 420 -20.60 7.11 32.27
CA CYS D 420 -21.88 7.36 31.63
C CYS D 420 -23.05 7.15 32.61
N LEU D 421 -22.90 6.18 33.49
CA LEU D 421 -23.94 5.87 34.47
C LEU D 421 -24.11 6.96 35.52
N ARG D 422 -23.04 7.72 35.78
CA ARG D 422 -23.08 8.76 36.80
C ARG D 422 -23.16 10.15 36.19
N ASN D 423 -22.50 10.34 35.04
CA ASN D 423 -22.48 11.64 34.38
C ASN D 423 -23.29 11.63 33.10
N ASN E 24 -15.15 -12.46 15.72
CA ASN E 24 -14.62 -13.64 15.03
C ASN E 24 -15.74 -14.59 14.61
N ASP E 25 -16.66 -14.07 13.80
CA ASP E 25 -17.80 -14.83 13.28
C ASP E 25 -17.40 -15.88 12.26
N LEU E 26 -18.29 -16.83 12.02
CA LEU E 26 -18.04 -17.91 11.07
C LEU E 26 -17.87 -17.43 9.62
N PRO E 27 -18.65 -16.42 9.19
CA PRO E 27 -18.49 -15.95 7.81
C PRO E 27 -17.08 -15.42 7.54
N SER E 28 -16.57 -14.63 8.47
CA SER E 28 -15.23 -14.06 8.37
C SER E 28 -14.13 -15.11 8.25
N SER E 29 -14.25 -16.18 9.03
CA SER E 29 -13.26 -17.25 9.03
C SER E 29 -13.20 -18.03 7.71
N PHE E 30 -14.36 -18.29 7.11
CA PHE E 30 -14.41 -19.03 5.86
C PHE E 30 -13.73 -18.23 4.76
N THR E 31 -13.91 -16.91 4.80
CA THR E 31 -13.30 -16.01 3.83
C THR E 31 -11.78 -16.07 3.86
N GLY E 32 -11.22 -16.07 5.08
CA GLY E 32 -9.78 -16.04 5.28
C GLY E 32 -8.91 -17.22 4.92
N TYR E 33 -9.43 -18.45 5.04
CA TYR E 33 -8.63 -19.63 4.75
C TYR E 33 -8.19 -19.60 3.29
N PHE E 34 -9.04 -19.01 2.45
CA PHE E 34 -8.72 -18.82 1.04
C PHE E 34 -7.56 -17.85 0.88
N LYS E 35 -7.48 -16.88 1.80
CA LYS E 35 -6.47 -15.82 1.75
C LYS E 35 -5.05 -16.27 2.13
N LYS E 36 -4.95 -17.35 2.89
CA LYS E 36 -3.63 -17.82 3.33
C LYS E 36 -2.84 -18.39 2.16
N PHE E 37 -3.52 -18.61 1.05
CA PHE E 37 -2.89 -19.08 -0.17
C PHE E 37 -2.38 -17.87 -0.93
N ASN E 38 -1.66 -18.11 -2.02
CA ASN E 38 -1.12 -17.00 -2.80
C ASN E 38 -1.10 -17.29 -4.30
N THR E 39 -1.08 -16.23 -5.09
CA THR E 39 -1.03 -16.33 -6.54
C THR E 39 -2.24 -17.07 -7.10
N GLY E 40 -2.00 -17.88 -8.14
CA GLY E 40 -3.07 -18.63 -8.78
C GLY E 40 -3.28 -20.01 -8.19
N GLU E 41 -3.09 -20.11 -6.88
CA GLU E 41 -3.26 -21.39 -6.18
C GLU E 41 -4.69 -21.56 -5.71
N GLU E 42 -5.57 -20.69 -6.19
CA GLU E 42 -6.98 -20.71 -5.78
C GLU E 42 -7.76 -21.75 -6.59
N ILE E 43 -8.66 -22.47 -5.90
CA ILE E 43 -9.48 -23.49 -6.55
C ILE E 43 -10.73 -22.87 -7.17
N ILE E 44 -11.13 -21.71 -6.66
CA ILE E 44 -12.31 -21.02 -7.16
C ILE E 44 -12.11 -19.52 -7.17
N SER E 45 -12.82 -18.83 -8.05
CA SER E 45 -12.70 -17.38 -8.17
C SER E 45 -13.13 -16.67 -6.90
N GLN E 46 -12.61 -15.47 -6.68
CA GLN E 46 -12.95 -14.68 -5.49
C GLN E 46 -14.35 -14.11 -5.60
N GLU E 47 -14.87 -14.04 -6.82
CA GLU E 47 -16.21 -13.53 -7.06
C GLU E 47 -17.27 -14.48 -6.49
N ILE E 48 -16.93 -15.77 -6.45
CA ILE E 48 -17.83 -16.77 -5.88
C ILE E 48 -17.65 -16.84 -4.36
N LEU E 49 -16.42 -16.58 -3.91
CA LEU E 49 -16.12 -16.56 -2.49
C LEU E 49 -16.91 -15.45 -1.79
N ASN E 50 -17.05 -14.33 -2.47
CA ASN E 50 -17.87 -13.23 -1.98
C ASN E 50 -19.35 -13.59 -2.06
N LEU E 51 -19.68 -14.45 -3.01
CA LEU E 51 -21.06 -14.92 -3.19
C LEU E 51 -21.46 -15.84 -2.05
N ILE E 52 -20.56 -16.71 -1.64
CA ILE E 52 -20.82 -17.65 -0.56
C ILE E 52 -20.88 -16.92 0.79
N GLU E 53 -20.02 -15.93 0.95
CA GLU E 53 -19.97 -15.14 2.18
C GLU E 53 -21.26 -14.38 2.41
N LEU E 54 -21.87 -13.93 1.32
CA LEU E 54 -23.11 -13.16 1.40
C LEU E 54 -24.27 -14.04 1.90
N ARG E 55 -24.43 -15.20 1.26
CA ARG E 55 -25.49 -16.14 1.65
C ARG E 55 -25.33 -16.64 3.08
N MSE E 56 -24.08 -16.84 3.51
CA MSE E 56 -23.80 -17.30 4.86
C MSE E 56 -24.34 -16.31 5.89
O MSE E 56 -24.94 -16.70 6.89
CB MSE E 56 -22.31 -17.51 5.08
CG MSE E 56 -21.76 -18.77 4.41
SE MSE E 56 -19.96 -19.20 5.04
CE MSE E 56 -20.35 -19.43 6.94
N ARG E 57 -24.09 -15.03 5.65
CA ARG E 57 -24.55 -13.97 6.54
C ARG E 57 -26.07 -13.94 6.60
N LYS E 58 -26.71 -14.28 5.48
CA LYS E 58 -28.16 -14.31 5.39
C LYS E 58 -28.76 -15.32 6.37
N GLY E 59 -27.96 -16.32 6.74
CA GLY E 59 -28.38 -17.31 7.71
C GLY E 59 -29.12 -18.49 7.13
N ASN E 60 -29.44 -18.42 5.84
CA ASN E 60 -30.15 -19.50 5.16
C ASN E 60 -29.17 -20.62 4.78
N ILE E 61 -29.03 -21.61 5.66
CA ILE E 61 -28.11 -22.72 5.45
C ILE E 61 -28.39 -23.48 4.16
N GLN E 62 -29.65 -23.49 3.74
CA GLN E 62 -30.05 -24.19 2.52
C GLN E 62 -29.37 -23.63 1.28
N LEU E 63 -29.52 -22.33 1.05
CA LEU E 63 -28.93 -21.68 -0.11
C LEU E 63 -27.40 -21.66 -0.05
N THR E 64 -26.86 -21.52 1.16
CA THR E 64 -25.41 -21.50 1.35
C THR E 64 -24.78 -22.83 0.95
N ASN E 65 -25.32 -23.92 1.49
CA ASN E 65 -24.83 -25.25 1.18
C ASN E 65 -24.97 -25.55 -0.31
N SER E 66 -26.08 -25.12 -0.88
CA SER E 66 -26.37 -25.32 -2.29
C SER E 66 -25.33 -24.62 -3.16
N ALA E 67 -24.97 -23.40 -2.76
CA ALA E 67 -24.00 -22.61 -3.50
C ALA E 67 -22.63 -23.27 -3.50
N ILE E 68 -22.26 -23.83 -2.35
CA ILE E 68 -20.97 -24.51 -2.20
C ILE E 68 -20.96 -25.79 -3.03
N SER E 69 -22.06 -26.53 -2.97
CA SER E 69 -22.19 -27.77 -3.72
C SER E 69 -22.17 -27.50 -5.22
N ASP E 70 -22.72 -26.36 -5.62
CA ASP E 70 -22.72 -25.97 -7.03
C ASP E 70 -21.31 -25.67 -7.48
N ALA E 71 -20.55 -25.00 -6.62
CA ALA E 71 -19.16 -24.67 -6.92
C ALA E 71 -18.34 -25.93 -7.11
N LEU E 72 -18.54 -26.90 -6.21
CA LEU E 72 -17.84 -28.17 -6.28
C LEU E 72 -18.23 -28.92 -7.55
N LYS E 73 -19.51 -28.83 -7.91
CA LYS E 73 -20.01 -29.49 -9.11
C LYS E 73 -19.38 -28.88 -10.36
N GLU E 74 -19.26 -27.56 -10.37
CA GLU E 74 -18.66 -26.86 -11.50
C GLU E 74 -17.22 -27.28 -11.69
N ILE E 75 -16.48 -27.38 -10.59
CA ILE E 75 -15.08 -27.81 -10.64
C ILE E 75 -14.96 -29.27 -11.07
N ASP E 76 -15.66 -30.15 -10.37
CA ASP E 76 -15.62 -31.58 -10.65
C ASP E 76 -16.08 -31.91 -12.06
N SER E 77 -17.16 -31.25 -12.50
CA SER E 77 -17.73 -31.51 -13.81
C SER E 77 -16.91 -30.85 -14.92
N SER E 78 -15.96 -30.02 -14.52
CA SER E 78 -15.13 -29.30 -15.49
C SER E 78 -14.36 -30.27 -16.38
N VAL E 79 -14.53 -30.12 -17.69
CA VAL E 79 -13.83 -30.96 -18.65
C VAL E 79 -12.79 -30.16 -19.40
N LEU E 80 -11.61 -30.75 -19.57
CA LEU E 80 -10.53 -30.07 -20.28
C LEU E 80 -10.11 -30.83 -21.54
N ASN E 81 -10.16 -30.15 -22.67
CA ASN E 81 -9.77 -30.73 -23.94
C ASN E 81 -8.53 -30.04 -24.50
N VAL E 82 -7.41 -30.76 -24.51
CA VAL E 82 -6.15 -30.19 -24.98
C VAL E 82 -5.79 -30.70 -26.38
N ALA E 83 -5.66 -29.78 -27.32
CA ALA E 83 -5.29 -30.14 -28.68
C ALA E 83 -3.78 -30.14 -28.86
N VAL E 84 -3.26 -31.22 -29.43
CA VAL E 84 -1.83 -31.35 -29.68
C VAL E 84 -1.56 -31.55 -31.16
N THR E 85 -0.93 -30.57 -31.78
CA THR E 85 -0.64 -30.65 -33.22
C THR E 85 0.85 -30.51 -33.51
N GLY E 86 1.24 -30.81 -34.75
CA GLY E 86 2.61 -30.76 -35.17
C GLY E 86 2.90 -31.77 -36.26
N GLU E 87 4.14 -31.80 -36.74
CA GLU E 87 4.52 -32.75 -37.78
C GLU E 87 4.77 -34.14 -37.21
N THR E 88 4.75 -35.14 -38.07
CA THR E 88 4.96 -36.53 -37.66
C THR E 88 6.38 -36.73 -37.13
N GLY E 89 6.50 -37.41 -36.00
CA GLY E 89 7.79 -37.67 -35.39
C GLY E 89 8.34 -36.45 -34.67
N SER E 90 7.49 -35.80 -33.89
CA SER E 90 7.87 -34.59 -33.17
C SER E 90 7.66 -34.73 -31.67
N GLY E 91 7.13 -35.88 -31.25
CA GLY E 91 6.85 -36.12 -29.85
C GLY E 91 5.46 -35.68 -29.46
N LYS E 92 4.57 -35.63 -30.46
CA LYS E 92 3.19 -35.22 -30.24
C LYS E 92 2.47 -36.19 -29.29
N SER E 93 2.56 -37.48 -29.60
CA SER E 93 1.95 -38.51 -28.77
C SER E 93 2.75 -38.73 -27.50
N SER E 94 4.07 -38.60 -27.61
CA SER E 94 4.96 -38.76 -26.45
C SER E 94 4.70 -37.68 -25.42
N PHE E 95 4.34 -36.49 -25.90
CA PHE E 95 4.02 -35.38 -25.01
C PHE E 95 2.74 -35.65 -24.24
N ILE E 96 1.80 -36.35 -24.89
CA ILE E 96 0.54 -36.70 -24.26
C ILE E 96 0.76 -37.69 -23.12
N ASN E 97 1.57 -38.72 -23.37
CA ASN E 97 1.86 -39.73 -22.38
C ASN E 97 2.60 -39.16 -21.18
N THR E 98 3.44 -38.16 -21.43
CA THR E 98 4.25 -37.55 -20.38
C THR E 98 3.38 -36.75 -19.41
N LEU E 99 2.47 -35.94 -19.96
CA LEU E 99 1.58 -35.14 -19.13
C LEU E 99 0.59 -36.02 -18.37
N ARG E 100 0.35 -37.22 -18.89
CA ARG E 100 -0.55 -38.17 -18.24
C ARG E 100 0.19 -38.98 -17.18
N GLY E 101 1.49 -38.73 -17.06
CA GLY E 101 2.31 -39.44 -16.10
C GLY E 101 2.43 -40.92 -16.44
N ILE E 102 2.23 -41.23 -17.71
CA ILE E 102 2.26 -42.61 -18.17
C ILE E 102 3.47 -42.88 -19.05
N GLY E 103 4.04 -44.07 -18.91
CA GLY E 103 5.18 -44.46 -19.72
C GLY E 103 4.81 -44.57 -21.18
N ASN E 104 5.82 -44.54 -22.05
CA ASN E 104 5.59 -44.59 -23.49
C ASN E 104 5.15 -45.98 -23.96
N GLU E 105 5.31 -46.97 -23.09
CA GLU E 105 4.98 -48.35 -23.45
C GLU E 105 3.97 -48.97 -22.50
N GLU E 106 3.35 -48.15 -21.66
CA GLU E 106 2.36 -48.63 -20.71
C GLU E 106 0.99 -48.77 -21.35
N GLU E 107 0.04 -49.33 -20.61
CA GLU E 107 -1.32 -49.52 -21.11
C GLU E 107 -2.07 -48.20 -21.16
N GLY E 108 -2.85 -48.02 -22.22
CA GLY E 108 -3.64 -46.81 -22.39
C GLY E 108 -2.82 -45.65 -22.91
N ALA E 109 -1.50 -45.84 -22.98
CA ALA E 109 -0.60 -44.81 -23.46
C ALA E 109 -0.55 -44.79 -24.98
N ALA E 110 -0.48 -43.59 -25.55
CA ALA E 110 -0.41 -43.43 -27.00
C ALA E 110 0.89 -44.02 -27.55
N LYS E 111 0.76 -44.79 -28.63
CA LYS E 111 1.94 -45.39 -29.27
C LYS E 111 2.85 -44.31 -29.82
N THR E 112 4.12 -44.34 -29.40
CA THR E 112 5.11 -43.38 -29.85
C THR E 112 5.38 -43.53 -31.34
N GLY E 113 5.74 -44.75 -31.75
CA GLY E 113 6.02 -45.06 -33.14
C GLY E 113 4.77 -45.09 -33.99
N VAL E 114 4.67 -44.14 -34.91
CA VAL E 114 3.51 -43.98 -35.78
C VAL E 114 3.91 -44.13 -37.23
N VAL E 115 2.93 -44.25 -38.12
CA VAL E 115 3.20 -44.35 -39.55
C VAL E 115 2.26 -43.48 -40.37
N GLU E 116 1.76 -42.39 -39.76
CA GLU E 116 0.74 -41.57 -40.40
C GLU E 116 -0.49 -42.41 -40.71
N VAL E 117 -0.84 -42.42 -41.99
CA VAL E 117 -1.98 -43.18 -42.52
C VAL E 117 -3.31 -42.73 -41.90
N THR E 118 -3.29 -41.59 -41.20
CA THR E 118 -4.49 -41.11 -40.53
C THR E 118 -4.84 -39.66 -40.84
N MSE E 119 -6.10 -39.45 -41.24
CA MSE E 119 -6.66 -38.11 -41.42
C MSE E 119 -7.56 -37.73 -40.26
O MSE E 119 -8.28 -36.74 -40.32
CB MSE E 119 -7.48 -38.03 -42.70
CG MSE E 119 -6.93 -37.01 -43.68
SE MSE E 119 -5.08 -37.43 -44.09
CE MSE E 119 -4.76 -36.20 -45.58
N GLU E 120 -7.53 -38.53 -39.20
CA GLU E 120 -8.52 -38.37 -38.15
C GLU E 120 -7.99 -38.12 -36.77
N ARG E 121 -8.84 -37.50 -35.97
CA ARG E 121 -8.58 -37.17 -34.58
C ARG E 121 -8.66 -38.38 -33.66
N HIS E 122 -7.90 -38.35 -32.57
CA HIS E 122 -7.93 -39.43 -31.57
C HIS E 122 -7.87 -38.88 -30.12
N PRO E 123 -8.81 -39.28 -29.24
CA PRO E 123 -8.85 -38.84 -27.83
C PRO E 123 -7.98 -39.66 -26.85
N TYR E 124 -7.49 -39.00 -25.80
CA TYR E 124 -6.73 -39.66 -24.73
C TYR E 124 -7.10 -39.09 -23.36
N LYS E 125 -7.89 -39.83 -22.59
CA LYS E 125 -8.29 -39.40 -21.27
C LYS E 125 -7.18 -39.62 -20.25
N HIS E 126 -7.13 -38.79 -19.22
CA HIS E 126 -6.16 -38.96 -18.15
C HIS E 126 -6.52 -40.20 -17.34
N PRO E 127 -5.52 -41.00 -16.96
CA PRO E 127 -5.74 -42.25 -16.22
C PRO E 127 -6.45 -42.05 -14.88
N ASN E 128 -6.18 -40.93 -14.22
CA ASN E 128 -6.79 -40.65 -12.91
C ASN E 128 -7.91 -39.63 -13.00
N ILE E 129 -7.79 -38.69 -13.94
CA ILE E 129 -8.79 -37.64 -14.11
C ILE E 129 -9.44 -37.71 -15.49
N PRO E 130 -10.49 -38.54 -15.62
CA PRO E 130 -11.24 -38.74 -16.87
C PRO E 130 -11.72 -37.43 -17.50
N ASN E 131 -11.89 -36.39 -16.69
CA ASN E 131 -12.34 -35.10 -17.18
C ASN E 131 -11.21 -34.35 -17.88
N VAL E 132 -10.06 -35.01 -17.97
CA VAL E 132 -8.90 -34.44 -18.66
C VAL E 132 -8.63 -35.28 -19.91
N VAL E 133 -8.83 -34.67 -21.08
CA VAL E 133 -8.67 -35.39 -22.34
C VAL E 133 -7.66 -34.72 -23.28
N PHE E 134 -6.69 -35.49 -23.72
CA PHE E 134 -5.69 -35.01 -24.66
C PHE E 134 -6.02 -35.52 -26.05
N TRP E 135 -6.00 -34.62 -27.04
CA TRP E 135 -6.33 -35.00 -28.41
C TRP E 135 -5.11 -34.96 -29.32
N ASP E 136 -4.81 -36.09 -29.95
CA ASP E 136 -3.71 -36.19 -30.89
C ASP E 136 -4.20 -35.83 -32.28
N LEU E 137 -3.72 -34.70 -32.80
CA LEU E 137 -4.14 -34.22 -34.12
C LEU E 137 -3.10 -34.50 -35.20
N PRO E 138 -3.56 -34.91 -36.39
CA PRO E 138 -2.73 -35.22 -37.55
C PRO E 138 -1.97 -33.99 -38.07
N GLY E 139 -0.75 -34.20 -38.54
CA GLY E 139 0.05 -33.10 -39.06
C GLY E 139 -0.60 -32.47 -40.27
N ILE E 140 -0.65 -31.14 -40.28
CA ILE E 140 -1.30 -30.40 -41.35
C ILE E 140 -0.69 -30.69 -42.72
N GLY E 141 0.62 -30.98 -42.71
CA GLY E 141 1.34 -31.26 -43.94
C GLY E 141 0.87 -32.55 -44.59
N SER E 142 0.59 -33.55 -43.76
CA SER E 142 0.05 -34.80 -44.26
C SER E 142 -1.39 -34.63 -44.76
N THR E 143 -2.07 -33.60 -44.26
CA THR E 143 -3.48 -33.42 -44.61
C THR E 143 -3.62 -32.68 -45.94
N ASN E 144 -4.76 -32.89 -46.60
CA ASN E 144 -5.04 -32.26 -47.87
C ASN E 144 -5.77 -30.93 -47.70
N PHE E 145 -6.46 -30.80 -46.57
CA PHE E 145 -7.20 -29.58 -46.27
C PHE E 145 -6.24 -28.41 -45.99
N PRO E 146 -6.63 -27.20 -46.41
CA PRO E 146 -5.89 -25.99 -46.04
C PRO E 146 -5.93 -25.75 -44.53
N PRO E 147 -5.04 -24.90 -44.01
CA PRO E 147 -4.96 -24.60 -42.58
C PRO E 147 -6.29 -24.17 -41.98
N ASN E 148 -7.14 -23.50 -42.76
CA ASN E 148 -8.46 -23.08 -42.31
C ASN E 148 -9.45 -24.25 -42.37
N THR E 149 -9.45 -24.95 -43.49
CA THR E 149 -10.34 -26.10 -43.66
C THR E 149 -9.93 -27.23 -42.72
N TYR E 150 -8.66 -27.22 -42.34
CA TYR E 150 -8.11 -28.20 -41.40
C TYR E 150 -8.73 -28.04 -40.01
N LEU E 151 -9.37 -26.90 -39.78
CA LEU E 151 -9.92 -26.57 -38.47
C LEU E 151 -11.30 -27.18 -38.23
N GLU E 152 -12.03 -27.45 -39.31
CA GLU E 152 -13.41 -27.88 -39.19
C GLU E 152 -13.62 -29.40 -39.26
N LYS E 153 -12.94 -30.04 -40.21
CA LYS E 153 -13.07 -31.49 -40.38
C LYS E 153 -12.76 -32.22 -39.08
N MSE E 154 -11.69 -31.80 -38.41
CA MSE E 154 -11.44 -32.22 -37.04
C MSE E 154 -11.76 -31.03 -36.12
O MSE E 154 -10.99 -30.07 -36.04
CB MSE E 154 -10.01 -32.70 -36.86
CG MSE E 154 -8.95 -31.81 -37.46
SE MSE E 154 -7.22 -32.68 -37.50
CE MSE E 154 -7.67 -34.21 -38.63
N LYS E 155 -12.90 -31.12 -35.45
CA LYS E 155 -13.48 -30.01 -34.71
C LYS E 155 -12.52 -29.35 -33.71
N PHE E 156 -12.27 -28.07 -33.92
CA PHE E 156 -11.47 -27.27 -32.98
C PHE E 156 -12.38 -26.41 -32.10
N TYR E 157 -13.68 -26.63 -32.22
CA TYR E 157 -14.67 -25.87 -31.47
C TYR E 157 -14.61 -26.18 -29.98
N GLU E 158 -13.99 -27.31 -29.64
CA GLU E 158 -14.12 -27.88 -28.30
C GLU E 158 -12.97 -27.56 -27.36
N TYR E 159 -11.75 -27.50 -27.90
CA TYR E 159 -10.56 -27.38 -27.07
C TYR E 159 -10.47 -26.10 -26.25
N ASP E 160 -9.81 -26.19 -25.10
CA ASP E 160 -9.61 -25.05 -24.22
C ASP E 160 -8.39 -24.25 -24.65
N PHE E 161 -7.38 -24.96 -25.15
CA PHE E 161 -6.16 -24.34 -25.65
C PHE E 161 -5.38 -25.31 -26.53
N PHE E 162 -4.49 -24.77 -27.36
CA PHE E 162 -3.74 -25.60 -28.30
C PHE E 162 -2.26 -25.70 -27.97
N ILE E 163 -1.69 -26.89 -28.19
CA ILE E 163 -0.27 -27.12 -28.03
C ILE E 163 0.36 -27.50 -29.36
N ILE E 164 1.32 -26.68 -29.83
CA ILE E 164 1.99 -26.95 -31.09
C ILE E 164 3.41 -27.44 -30.87
N ILE E 165 3.65 -28.71 -31.22
CA ILE E 165 4.95 -29.32 -30.99
C ILE E 165 5.78 -29.49 -32.27
N SER E 166 7.07 -29.24 -32.15
CA SER E 166 8.02 -29.39 -33.26
C SER E 166 9.41 -29.84 -32.82
N ALA E 167 9.87 -30.98 -33.35
CA ALA E 167 11.21 -31.50 -33.06
C ALA E 167 12.34 -30.61 -33.62
N THR E 168 12.02 -29.73 -34.57
CA THR E 168 13.05 -28.86 -35.17
C THR E 168 12.62 -27.40 -35.21
N ARG E 169 12.93 -26.68 -36.28
CA ARG E 169 12.52 -25.29 -36.40
C ARG E 169 11.08 -25.28 -36.87
N PHE E 170 10.37 -24.18 -36.65
CA PHE E 170 8.97 -24.11 -37.01
C PHE E 170 8.74 -23.65 -38.45
N LYS E 171 8.12 -24.54 -39.22
CA LYS E 171 7.82 -24.30 -40.63
C LYS E 171 6.54 -23.49 -40.81
N LYS E 172 6.30 -23.05 -42.04
CA LYS E 172 5.11 -22.27 -42.38
C LYS E 172 3.81 -22.92 -41.90
N ASN E 173 3.72 -24.23 -42.03
CA ASN E 173 2.53 -24.98 -41.59
C ASN E 173 2.16 -24.67 -40.15
N ASP E 174 3.10 -24.90 -39.24
CA ASP E 174 2.89 -24.68 -37.81
C ASP E 174 2.51 -23.23 -37.50
N ILE E 175 3.24 -22.29 -38.09
CA ILE E 175 3.00 -20.86 -37.84
C ILE E 175 1.60 -20.42 -38.30
N ASP E 176 1.16 -20.93 -39.44
CA ASP E 176 -0.15 -20.56 -39.97
C ASP E 176 -1.26 -21.11 -39.07
N ILE E 177 -1.03 -22.29 -38.50
CA ILE E 177 -1.97 -22.88 -37.56
C ILE E 177 -2.06 -21.97 -36.34
N ALA E 178 -0.89 -21.50 -35.90
CA ALA E 178 -0.79 -20.61 -34.77
C ALA E 178 -1.59 -19.33 -35.00
N LYS E 179 -1.44 -18.74 -36.17
CA LYS E 179 -2.15 -17.51 -36.53
C LYS E 179 -3.66 -17.71 -36.43
N ALA E 180 -4.14 -18.85 -36.90
CA ALA E 180 -5.57 -19.16 -36.85
C ALA E 180 -6.02 -19.29 -35.40
N ILE E 181 -5.20 -19.95 -34.59
CA ILE E 181 -5.48 -20.11 -33.17
C ILE E 181 -5.51 -18.73 -32.52
N SER E 182 -4.47 -17.94 -32.82
CA SER E 182 -4.37 -16.58 -32.30
C SER E 182 -5.56 -15.75 -32.77
N MSE E 183 -6.00 -16.03 -34.00
CA MSE E 183 -7.10 -15.29 -34.62
C MSE E 183 -8.43 -15.55 -33.91
O MSE E 183 -9.33 -14.71 -33.94
CB MSE E 183 -7.21 -15.66 -36.09
CG MSE E 183 -8.30 -14.91 -36.85
SE MSE E 183 -7.85 -13.04 -37.18
CE MSE E 183 -6.27 -13.30 -38.31
N MSE E 184 -8.54 -16.71 -33.27
CA MSE E 184 -9.77 -17.13 -32.61
C MSE E 184 -9.82 -16.66 -31.15
O MSE E 184 -10.74 -17.02 -30.42
CB MSE E 184 -9.92 -18.65 -32.65
CG MSE E 184 -10.09 -19.22 -34.04
SE MSE E 184 -9.95 -21.17 -34.02
CE MSE E 184 -10.28 -21.51 -35.91
N LYS E 185 -8.84 -15.87 -30.75
CA LYS E 185 -8.78 -15.35 -29.39
C LYS E 185 -8.63 -16.50 -28.39
N GLU E 186 -7.81 -17.48 -28.75
CA GLU E 186 -7.55 -18.64 -27.91
C GLU E 186 -6.06 -18.78 -27.66
N GLU E 187 -5.69 -19.42 -26.56
CA GLU E 187 -4.28 -19.56 -26.22
C GLU E 187 -3.63 -20.76 -26.89
N PHE E 188 -2.37 -20.58 -27.28
CA PHE E 188 -1.58 -21.62 -27.92
C PHE E 188 -0.20 -21.62 -27.29
N TYR E 189 0.50 -22.74 -27.40
CA TYR E 189 1.83 -22.82 -26.83
C TYR E 189 2.75 -23.62 -27.75
N PHE E 190 3.91 -23.04 -28.01
CA PHE E 190 4.92 -23.66 -28.85
C PHE E 190 5.84 -24.51 -27.99
N VAL E 191 5.96 -25.78 -28.35
CA VAL E 191 6.80 -26.71 -27.61
C VAL E 191 7.83 -27.33 -28.55
N ARG E 192 9.10 -27.11 -28.24
CA ARG E 192 10.18 -27.64 -29.05
C ARG E 192 10.72 -28.88 -28.36
N THR E 193 10.40 -30.04 -28.93
CA THR E 193 10.79 -31.31 -28.34
C THR E 193 12.16 -31.77 -28.78
N LYS E 194 12.57 -32.93 -28.26
CA LYS E 194 13.84 -33.55 -28.61
C LYS E 194 15.03 -32.63 -28.32
N VAL E 195 14.88 -31.70 -27.38
CA VAL E 195 15.96 -30.78 -27.04
C VAL E 195 17.12 -31.55 -26.43
N ASP E 196 16.80 -32.68 -25.80
CA ASP E 196 17.81 -33.52 -25.18
C ASP E 196 18.76 -34.10 -26.22
N SER E 197 18.22 -34.45 -27.37
CA SER E 197 19.01 -35.02 -28.45
C SER E 197 20.01 -34.02 -29.03
N ASP E 198 19.60 -32.77 -29.14
CA ASP E 198 20.47 -31.72 -29.67
C ASP E 198 21.64 -31.45 -28.73
N ILE E 199 21.34 -31.26 -27.45
CA ILE E 199 22.35 -31.00 -26.43
C ILE E 199 23.29 -32.18 -26.30
N THR E 200 22.70 -33.37 -26.30
CA THR E 200 23.42 -34.62 -26.15
C THR E 200 24.39 -34.84 -27.32
N ASN E 201 23.90 -34.68 -28.54
CA ASN E 201 24.74 -34.83 -29.73
C ASN E 201 25.85 -33.78 -29.84
N GLU E 202 25.50 -32.53 -29.53
CA GLU E 202 26.45 -31.42 -29.60
C GLU E 202 27.52 -31.47 -28.50
N ALA E 203 27.11 -31.91 -27.32
CA ALA E 203 27.99 -32.00 -26.16
C ALA E 203 28.87 -33.25 -26.25
N ASP E 204 28.39 -34.24 -27.00
CA ASP E 204 29.08 -35.53 -27.14
C ASP E 204 30.53 -35.42 -27.58
N GLY E 205 30.79 -34.56 -28.54
CA GLY E 205 32.15 -34.38 -29.04
C GLY E 205 32.64 -32.96 -28.84
N LYS E 206 33.82 -32.83 -28.23
CA LYS E 206 34.43 -31.53 -27.97
C LYS E 206 35.69 -31.70 -27.12
N PHE E 210 32.78 -27.51 -22.21
CA PHE E 210 31.76 -27.14 -23.18
C PHE E 210 30.47 -26.68 -22.52
N ASP E 211 29.83 -25.67 -23.10
CA ASP E 211 28.60 -25.12 -22.53
C ASP E 211 27.36 -25.67 -23.22
N LYS E 212 26.44 -26.20 -22.43
CA LYS E 212 25.18 -26.72 -22.96
C LYS E 212 24.12 -25.63 -23.00
N GLU E 213 24.35 -24.58 -22.22
CA GLU E 213 23.41 -23.46 -22.15
C GLU E 213 23.37 -22.70 -23.47
N LYS E 214 24.44 -22.81 -24.25
CA LYS E 214 24.51 -22.15 -25.54
C LYS E 214 23.55 -22.78 -26.55
N VAL E 215 23.49 -24.10 -26.53
CA VAL E 215 22.61 -24.84 -27.43
C VAL E 215 21.15 -24.48 -27.21
N LEU E 216 20.74 -24.46 -25.95
CA LEU E 216 19.37 -24.12 -25.60
C LEU E 216 19.04 -22.69 -26.01
N GLN E 217 20.03 -21.81 -25.91
CA GLN E 217 19.84 -20.41 -26.29
C GLN E 217 19.91 -20.24 -27.80
N ASP E 218 20.52 -21.21 -28.47
CA ASP E 218 20.59 -21.21 -29.93
C ASP E 218 19.34 -21.82 -30.54
N ILE E 219 18.77 -22.80 -29.86
CA ILE E 219 17.53 -23.43 -30.32
C ILE E 219 16.38 -22.43 -30.24
N ARG E 220 16.31 -21.70 -29.13
CA ARG E 220 15.30 -20.66 -28.97
C ARG E 220 15.51 -19.56 -30.00
N LEU E 221 16.76 -19.30 -30.32
CA LEU E 221 17.11 -18.28 -31.31
C LEU E 221 16.68 -18.72 -32.70
N ASN E 222 16.90 -19.99 -33.01
CA ASN E 222 16.54 -20.53 -34.32
C ASN E 222 15.03 -20.68 -34.47
N CYS E 223 14.37 -21.05 -33.38
CA CYS E 223 12.91 -21.18 -33.38
C CYS E 223 12.24 -19.83 -33.64
N VAL E 224 12.56 -18.84 -32.82
CA VAL E 224 11.99 -17.51 -32.97
C VAL E 224 12.44 -16.87 -34.28
N ASN E 225 13.54 -17.38 -34.84
CA ASN E 225 14.06 -16.90 -36.11
C ASN E 225 13.06 -17.16 -37.24
N THR E 226 12.38 -18.31 -37.17
CA THR E 226 11.39 -18.67 -38.17
C THR E 226 10.16 -17.79 -38.06
N PHE E 227 9.82 -17.39 -36.84
CA PHE E 227 8.69 -16.49 -36.62
C PHE E 227 8.99 -15.09 -37.14
N ARG E 228 10.26 -14.70 -37.06
CA ARG E 228 10.69 -13.40 -37.57
C ARG E 228 10.69 -13.39 -39.10
N GLU E 229 10.78 -14.56 -39.70
CA GLU E 229 10.76 -14.68 -41.15
C GLU E 229 9.39 -14.27 -41.70
N ASN E 230 8.34 -14.78 -41.08
CA ASN E 230 6.98 -14.45 -41.49
C ASN E 230 6.57 -13.07 -41.00
N GLY E 231 7.24 -12.59 -39.95
CA GLY E 231 6.99 -11.27 -39.42
C GLY E 231 5.85 -11.22 -38.44
N ILE E 232 5.79 -12.18 -37.53
CA ILE E 232 4.76 -12.21 -36.51
C ILE E 232 5.33 -11.84 -35.14
N ALA E 233 4.45 -11.61 -34.17
CA ALA E 233 4.88 -11.24 -32.82
C ALA E 233 5.67 -12.37 -32.17
N GLU E 234 6.47 -12.01 -31.17
CA GLU E 234 7.27 -12.99 -30.45
C GLU E 234 6.39 -13.93 -29.62
N PRO E 235 6.34 -15.21 -30.01
CA PRO E 235 5.50 -16.21 -29.36
C PRO E 235 6.19 -16.89 -28.18
N PRO E 236 5.40 -17.32 -27.19
CA PRO E 236 5.92 -18.07 -26.04
C PRO E 236 6.56 -19.39 -26.47
N ILE E 237 7.88 -19.46 -26.37
CA ILE E 237 8.62 -20.66 -26.72
C ILE E 237 9.08 -21.47 -25.50
N PHE E 238 8.86 -22.78 -25.55
CA PHE E 238 9.26 -23.67 -24.46
C PHE E 238 10.05 -24.86 -24.96
N LEU E 239 11.28 -25.00 -24.46
CA LEU E 239 12.15 -26.12 -24.83
C LEU E 239 12.12 -27.20 -23.74
N LEU E 240 11.79 -28.43 -24.11
CA LEU E 240 11.73 -29.50 -23.13
C LEU E 240 12.02 -30.88 -23.73
N SER E 241 12.03 -31.89 -22.87
CA SER E 241 12.29 -33.27 -23.28
C SER E 241 11.28 -34.23 -22.67
N ASN E 242 10.61 -35.01 -23.51
CA ASN E 242 9.64 -35.99 -23.03
C ASN E 242 10.32 -37.12 -22.27
N LYS E 243 11.64 -37.21 -22.42
CA LYS E 243 12.43 -38.22 -21.74
C LYS E 243 12.91 -37.72 -20.38
N ASN E 244 12.69 -36.43 -20.12
CA ASN E 244 13.13 -35.81 -18.87
C ASN E 244 12.14 -34.75 -18.40
N VAL E 245 11.02 -35.22 -17.84
CA VAL E 245 9.96 -34.35 -17.37
C VAL E 245 10.34 -33.39 -16.23
N CYS E 246 11.37 -33.75 -15.46
CA CYS E 246 11.78 -32.95 -14.32
C CYS E 246 12.59 -31.69 -14.65
N HIS E 247 13.24 -31.68 -15.81
CA HIS E 247 14.10 -30.56 -16.17
C HIS E 247 13.57 -29.66 -17.28
N TYR E 248 14.34 -28.61 -17.57
CA TYR E 248 14.03 -27.63 -18.61
C TYR E 248 12.72 -26.87 -18.38
N ASP E 249 11.98 -26.62 -19.45
CA ASP E 249 10.78 -25.80 -19.35
C ASP E 249 9.48 -26.56 -19.09
N PHE E 250 9.57 -27.83 -18.75
CA PHE E 250 8.37 -28.62 -18.47
C PHE E 250 7.62 -28.05 -17.26
N PRO E 251 8.34 -27.76 -16.17
CA PRO E 251 7.71 -27.16 -14.99
C PRO E 251 7.07 -25.80 -15.31
N VAL E 252 7.80 -24.99 -16.07
CA VAL E 252 7.33 -23.67 -16.46
C VAL E 252 6.08 -23.76 -17.34
N LEU E 253 6.06 -24.74 -18.23
CA LEU E 253 4.93 -24.93 -19.14
C LEU E 253 3.65 -25.21 -18.36
N MSE E 254 3.73 -26.10 -17.39
CA MSE E 254 2.59 -26.47 -16.56
C MSE E 254 2.05 -25.28 -15.79
O MSE E 254 0.83 -25.08 -15.69
CB MSE E 254 2.95 -27.61 -15.60
CG MSE E 254 3.36 -28.89 -16.29
SE MSE E 254 3.86 -30.30 -15.04
CE MSE E 254 5.33 -29.39 -14.14
N ASP E 255 2.95 -24.47 -15.25
CA ASP E 255 2.56 -23.27 -14.51
C ASP E 255 1.88 -22.27 -15.42
N GLU E 256 2.40 -22.14 -16.65
CA GLU E 256 1.84 -21.22 -17.62
C GLU E 256 0.48 -21.67 -18.11
N LEU E 257 0.34 -22.97 -18.38
CA LEU E 257 -0.92 -23.53 -18.85
C LEU E 257 -2.05 -23.33 -17.86
N ILE E 258 -1.75 -23.53 -16.58
CA ILE E 258 -2.75 -23.37 -15.52
C ILE E 258 -3.22 -21.93 -15.38
N SER E 259 -2.27 -20.99 -15.44
CA SER E 259 -2.60 -19.57 -15.29
C SER E 259 -3.54 -19.06 -16.39
N ASP E 260 -3.34 -19.54 -17.61
CA ASP E 260 -4.16 -19.11 -18.73
C ASP E 260 -5.54 -19.78 -18.69
N LEU E 261 -5.63 -20.88 -17.97
CA LEU E 261 -6.88 -21.63 -17.85
C LEU E 261 -7.81 -20.90 -16.88
N PRO E 262 -9.13 -21.07 -17.07
CA PRO E 262 -10.07 -20.44 -16.14
C PRO E 262 -9.88 -21.00 -14.74
N ILE E 263 -10.04 -20.16 -13.73
CA ILE E 263 -9.82 -20.52 -12.33
C ILE E 263 -10.39 -21.89 -11.95
N TYR E 264 -11.69 -22.08 -12.18
CA TYR E 264 -12.36 -23.33 -11.80
C TYR E 264 -11.83 -24.56 -12.55
N LYS E 265 -11.17 -24.35 -13.68
CA LYS E 265 -10.63 -25.47 -14.45
C LYS E 265 -9.24 -25.90 -13.99
N ARG E 266 -8.60 -25.07 -13.18
CA ARG E 266 -7.24 -25.34 -12.71
C ARG E 266 -7.17 -26.60 -11.85
N HIS E 267 -8.15 -26.76 -10.96
CA HIS E 267 -8.18 -27.89 -10.04
C HIS E 267 -8.02 -29.25 -10.71
N ASN E 268 -8.90 -29.55 -11.67
CA ASN E 268 -8.86 -30.82 -12.36
C ASN E 268 -7.54 -31.08 -13.10
N PHE E 269 -7.03 -30.04 -13.75
CA PHE E 269 -5.78 -30.16 -14.50
C PHE E 269 -4.57 -30.27 -13.57
N MSE E 270 -4.59 -29.49 -12.50
CA MSE E 270 -3.48 -29.46 -11.55
C MSE E 270 -3.17 -30.83 -10.96
O MSE E 270 -2.02 -31.27 -10.95
CB MSE E 270 -3.77 -28.47 -10.42
CG MSE E 270 -2.65 -28.31 -9.41
SE MSE E 270 -1.03 -27.58 -10.21
CE MSE E 270 -1.74 -25.88 -10.82
N VAL E 271 -4.21 -31.50 -10.48
CA VAL E 271 -4.05 -32.82 -9.85
C VAL E 271 -3.60 -33.88 -10.86
N SER E 272 -3.81 -33.61 -12.13
CA SER E 272 -3.43 -34.55 -13.18
C SER E 272 -1.97 -34.43 -13.61
N LEU E 273 -1.34 -33.31 -13.25
CA LEU E 273 0.04 -33.07 -13.67
C LEU E 273 1.02 -33.99 -12.97
N PRO E 274 2.13 -34.32 -13.66
CA PRO E 274 3.19 -35.18 -13.12
C PRO E 274 3.83 -34.59 -11.87
N ASN E 275 4.11 -35.43 -10.88
CA ASN E 275 4.72 -34.96 -9.64
C ASN E 275 6.24 -34.89 -9.79
N ILE E 276 6.69 -33.90 -10.56
CA ILE E 276 8.11 -33.75 -10.86
C ILE E 276 8.93 -33.04 -9.77
N THR E 277 8.30 -32.15 -9.03
CA THR E 277 9.01 -31.39 -7.99
C THR E 277 8.18 -31.18 -6.74
N ASP E 278 8.86 -30.77 -5.66
CA ASP E 278 8.20 -30.48 -4.40
C ASP E 278 7.23 -29.31 -4.54
N SER E 279 7.59 -28.36 -5.40
CA SER E 279 6.75 -27.19 -5.64
C SER E 279 5.41 -27.60 -6.24
N VAL E 280 5.46 -28.46 -7.25
CA VAL E 280 4.24 -28.94 -7.89
C VAL E 280 3.42 -29.77 -6.91
N ILE E 281 4.11 -30.59 -6.13
CA ILE E 281 3.46 -31.43 -5.12
C ILE E 281 2.79 -30.58 -4.04
N GLU E 282 3.50 -29.54 -3.59
CA GLU E 282 2.98 -28.66 -2.56
C GLU E 282 1.79 -27.87 -3.09
N LYS E 283 1.87 -27.48 -4.36
CA LYS E 283 0.79 -26.74 -5.00
C LYS E 283 -0.46 -27.61 -5.08
N LYS E 284 -0.26 -28.89 -5.38
CA LYS E 284 -1.36 -29.84 -5.45
C LYS E 284 -2.06 -29.96 -4.10
N ARG E 285 -1.27 -30.04 -3.04
CA ARG E 285 -1.78 -30.13 -1.68
C ARG E 285 -2.66 -28.93 -1.36
N GLN E 286 -2.17 -27.75 -1.74
CA GLN E 286 -2.89 -26.49 -1.49
C GLN E 286 -4.26 -26.48 -2.17
N PHE E 287 -4.32 -26.95 -3.41
CA PHE E 287 -5.59 -27.02 -4.13
C PHE E 287 -6.53 -28.01 -3.47
N LEU E 288 -6.02 -29.19 -3.14
CA LEU E 288 -6.82 -30.21 -2.48
C LEU E 288 -7.28 -29.76 -1.10
N LYS E 289 -6.45 -28.97 -0.43
CA LYS E 289 -6.79 -28.45 0.89
C LYS E 289 -7.98 -27.51 0.81
N GLN E 290 -8.03 -26.71 -0.25
CA GLN E 290 -9.14 -25.78 -0.46
C GLN E 290 -10.44 -26.52 -0.76
N ARG E 291 -10.33 -27.63 -1.48
CA ARG E 291 -11.49 -28.43 -1.82
C ARG E 291 -12.06 -29.09 -0.56
N ILE E 292 -11.16 -29.53 0.32
CA ILE E 292 -11.56 -30.12 1.58
C ILE E 292 -12.31 -29.09 2.43
N TRP E 293 -11.79 -27.87 2.44
CA TRP E 293 -12.38 -26.77 3.19
C TRP E 293 -13.80 -26.50 2.68
N LEU E 294 -13.92 -26.41 1.35
CA LEU E 294 -15.21 -26.20 0.71
C LEU E 294 -16.18 -27.34 1.02
N GLU E 295 -15.71 -28.56 0.79
CA GLU E 295 -16.50 -29.76 1.04
C GLU E 295 -16.97 -29.83 2.49
N GLY E 296 -16.08 -29.48 3.41
CA GLY E 296 -16.41 -29.46 4.82
C GLY E 296 -17.49 -28.45 5.13
N PHE E 297 -17.40 -27.29 4.50
CA PHE E 297 -18.39 -26.23 4.69
C PHE E 297 -19.72 -26.55 4.00
N ALA E 298 -19.67 -27.28 2.89
CA ALA E 298 -20.89 -27.67 2.19
C ALA E 298 -21.70 -28.57 3.10
N ALA E 299 -21.01 -29.36 3.90
CA ALA E 299 -21.64 -30.21 4.89
C ALA E 299 -21.95 -29.34 6.10
N ASP E 300 -23.04 -29.60 6.78
CA ASP E 300 -23.40 -28.80 7.94
C ASP E 300 -22.33 -28.94 9.01
N LEU E 301 -21.91 -27.80 9.57
CA LEU E 301 -20.90 -27.81 10.61
C LEU E 301 -21.55 -28.21 11.95
N VAL E 302 -20.72 -28.63 12.90
CA VAL E 302 -21.24 -29.03 14.19
C VAL E 302 -20.49 -28.38 15.35
N ASN E 303 -20.97 -28.61 16.56
CA ASN E 303 -20.35 -28.07 17.76
C ASN E 303 -19.65 -29.17 18.55
N ILE E 304 -19.66 -30.37 17.98
CA ILE E 304 -19.05 -31.53 18.62
C ILE E 304 -17.60 -31.71 18.20
N ILE E 305 -16.74 -32.02 19.18
CA ILE E 305 -15.33 -32.28 18.90
C ILE E 305 -15.17 -33.60 18.17
N PRO E 306 -14.40 -33.61 17.07
CA PRO E 306 -14.21 -34.77 16.21
C PRO E 306 -13.47 -35.91 16.89
N SER E 307 -12.78 -35.63 17.99
CA SER E 307 -12.00 -36.64 18.70
C SER E 307 -12.88 -37.49 19.61
N LEU E 308 -12.39 -38.67 19.96
CA LEU E 308 -13.12 -39.59 20.84
C LEU E 308 -14.47 -39.99 20.27
N THR E 309 -14.49 -40.30 18.98
CA THR E 309 -15.72 -40.70 18.30
C THR E 309 -15.49 -41.90 17.39
N PHE E 310 -16.38 -42.88 17.48
CA PHE E 310 -16.30 -44.07 16.64
C PHE E 310 -16.86 -43.79 15.25
N LEU E 311 -16.06 -44.08 14.23
CA LEU E 311 -16.44 -43.82 12.85
C LEU E 311 -17.40 -44.88 12.33
N LEU E 312 -17.99 -44.61 11.17
CA LEU E 312 -18.93 -45.53 10.56
C LEU E 312 -18.35 -46.17 9.31
N ASP E 313 -18.97 -47.26 8.87
CA ASP E 313 -18.55 -47.94 7.65
C ASP E 313 -18.83 -47.06 6.43
N SER E 314 -19.83 -46.20 6.55
CA SER E 314 -20.15 -45.27 5.47
C SER E 314 -19.11 -44.15 5.41
N ASP E 315 -18.64 -43.73 6.57
CA ASP E 315 -17.58 -42.73 6.66
C ASP E 315 -16.23 -43.35 6.34
N LEU E 316 -16.07 -44.62 6.69
CA LEU E 316 -14.84 -45.34 6.41
C LEU E 316 -14.65 -45.55 4.92
N GLU E 317 -15.74 -45.89 4.23
CA GLU E 317 -15.71 -46.09 2.79
C GLU E 317 -15.37 -44.79 2.07
N THR E 318 -15.81 -43.67 2.64
CA THR E 318 -15.52 -42.37 2.08
C THR E 318 -14.04 -42.02 2.25
N LEU E 319 -13.49 -42.38 3.42
CA LEU E 319 -12.09 -42.13 3.71
C LEU E 319 -11.19 -42.98 2.81
N LYS E 320 -11.52 -44.27 2.70
CA LYS E 320 -10.75 -45.18 1.85
C LYS E 320 -10.90 -44.79 0.38
N LYS E 321 -12.01 -44.15 0.05
CA LYS E 321 -12.26 -43.70 -1.31
C LYS E 321 -11.54 -42.37 -1.56
N SER E 322 -11.41 -41.58 -0.51
CA SER E 322 -10.72 -40.30 -0.60
C SER E 322 -9.21 -40.49 -0.47
N MSE E 323 -8.81 -41.60 0.14
CA MSE E 323 -7.39 -41.90 0.33
C MSE E 323 -6.77 -42.40 -0.97
O MSE E 323 -5.66 -42.03 -1.32
CB MSE E 323 -7.21 -42.93 1.44
CG MSE E 323 -5.76 -43.25 1.75
SE MSE E 323 -4.72 -41.66 2.21
CE MSE E 323 -3.02 -42.53 2.65
N LYS E 324 -7.50 -43.27 -1.68
CA LYS E 324 -7.01 -43.80 -2.94
C LYS E 324 -6.93 -42.71 -4.00
N PHE E 325 -7.72 -41.65 -3.82
CA PHE E 325 -7.68 -40.51 -4.72
C PHE E 325 -6.44 -39.67 -4.49
N TYR E 326 -6.17 -39.37 -3.22
CA TYR E 326 -4.99 -38.59 -2.84
C TYR E 326 -3.71 -39.34 -3.19
N ARG E 327 -3.70 -40.64 -2.94
CA ARG E 327 -2.54 -41.47 -3.23
C ARG E 327 -2.28 -41.56 -4.74
N THR E 328 -3.36 -41.51 -5.52
CA THR E 328 -3.25 -41.62 -6.97
C THR E 328 -2.82 -40.30 -7.60
N VAL E 329 -3.27 -39.19 -7.03
CA VAL E 329 -2.93 -37.87 -7.52
C VAL E 329 -1.44 -37.58 -7.33
N PHE E 330 -0.93 -37.87 -6.14
CA PHE E 330 0.48 -37.65 -5.84
C PHE E 330 1.33 -38.83 -6.31
N GLY E 331 0.68 -39.82 -6.92
CA GLY E 331 1.37 -40.97 -7.47
C GLY E 331 2.03 -41.83 -6.41
N VAL E 332 1.28 -42.15 -5.36
CA VAL E 332 1.78 -43.01 -4.29
C VAL E 332 0.81 -44.16 -4.01
N ASP E 333 -0.07 -44.43 -4.96
CA ASP E 333 -1.01 -45.55 -4.84
C ASP E 333 -0.31 -46.87 -5.13
N GLU E 334 -1.02 -47.97 -4.90
CA GLU E 334 -0.45 -49.30 -5.09
C GLU E 334 -0.01 -49.54 -6.53
N THR E 335 -0.80 -49.03 -7.47
CA THR E 335 -0.49 -49.18 -8.89
C THR E 335 0.80 -48.46 -9.24
N SER E 336 1.02 -47.30 -8.62
CA SER E 336 2.23 -46.52 -8.84
C SER E 336 3.40 -47.15 -8.08
N LEU E 337 3.09 -47.80 -6.96
CA LEU E 337 4.11 -48.48 -6.18
C LEU E 337 4.58 -49.75 -6.88
N GLN E 338 3.69 -50.34 -7.68
CA GLN E 338 4.02 -51.51 -8.48
C GLN E 338 5.14 -51.18 -9.47
N ARG E 339 5.07 -50.00 -10.06
CA ARG E 339 6.10 -49.54 -10.99
C ARG E 339 7.41 -49.31 -10.26
N LEU E 340 7.32 -48.67 -9.09
CA LEU E 340 8.50 -48.41 -8.26
C LEU E 340 9.13 -49.72 -7.79
N ALA E 341 8.29 -50.70 -7.50
CA ALA E 341 8.76 -52.02 -7.11
C ALA E 341 9.37 -52.73 -8.32
N ARG E 342 9.12 -52.19 -9.50
CA ARG E 342 9.63 -52.75 -10.74
C ARG E 342 10.86 -52.00 -11.23
N ASP E 343 10.82 -50.67 -11.16
CA ASP E 343 11.98 -49.85 -11.46
C ASP E 343 13.10 -50.17 -10.49
N TRP E 344 12.74 -50.19 -9.20
CA TRP E 344 13.65 -50.69 -8.20
C TRP E 344 13.45 -52.20 -8.14
N GLU E 345 14.41 -52.89 -7.55
CA GLU E 345 14.45 -54.34 -7.47
C GLU E 345 13.94 -54.76 -6.12
N ILE E 346 13.37 -53.79 -5.43
CA ILE E 346 12.89 -53.96 -4.08
C ILE E 346 11.54 -54.66 -4.08
N GLU E 347 11.20 -55.28 -2.95
CA GLU E 347 9.89 -55.87 -2.75
C GLU E 347 8.80 -54.81 -2.63
N VAL E 348 7.56 -55.19 -2.94
CA VAL E 348 6.43 -54.25 -2.90
C VAL E 348 6.17 -53.69 -1.50
N ASP E 349 6.16 -54.58 -0.50
CA ASP E 349 5.97 -54.18 0.90
C ASP E 349 7.04 -53.17 1.31
N GLN E 350 8.28 -53.43 0.88
CA GLN E 350 9.41 -52.56 1.19
C GLN E 350 9.16 -51.12 0.76
N VAL E 351 8.50 -50.95 -0.37
CA VAL E 351 8.25 -49.62 -0.93
C VAL E 351 7.49 -48.73 0.04
N GLU E 352 6.50 -49.31 0.69
CA GLU E 352 5.65 -48.56 1.61
C GLU E 352 6.51 -47.88 2.70
N ALA E 353 7.42 -48.65 3.31
CA ALA E 353 8.10 -48.24 4.54
C ALA E 353 8.64 -46.80 4.61
N MSE E 354 9.24 -46.30 3.52
CA MSE E 354 9.62 -44.89 3.49
C MSE E 354 8.39 -44.00 3.71
O MSE E 354 8.43 -43.05 4.49
CB MSE E 354 10.27 -44.49 2.18
CG MSE E 354 11.77 -44.76 2.08
SE MSE E 354 12.26 -44.99 0.21
CE MSE E 354 10.75 -46.10 -0.30
N ILE E 355 7.31 -44.31 3.03
CA ILE E 355 6.10 -43.52 3.17
C ILE E 355 5.29 -44.15 4.28
N LYS E 356 4.15 -43.60 4.64
CA LYS E 356 3.33 -44.19 5.69
C LYS E 356 1.84 -44.06 5.37
N SER E 357 1.54 -43.99 4.07
CA SER E 357 0.17 -43.85 3.60
C SER E 357 -0.57 -45.19 3.48
N PRO E 358 0.09 -46.23 2.93
CA PRO E 358 -0.63 -47.49 2.77
C PRO E 358 -0.89 -48.21 4.10
N ALA E 359 -0.16 -47.81 5.14
CA ALA E 359 -0.28 -48.48 6.44
C ALA E 359 -1.40 -47.89 7.29
N VAL E 360 -2.32 -47.17 6.64
CA VAL E 360 -3.43 -46.55 7.35
C VAL E 360 -4.63 -47.48 7.46
N PHE E 361 -4.95 -48.17 6.37
CA PHE E 361 -6.10 -49.06 6.35
C PHE E 361 -5.70 -50.53 6.32
N LYS E 362 -4.47 -50.81 6.75
CA LYS E 362 -4.00 -52.18 6.85
C LYS E 362 -4.27 -52.75 8.25
N PRO E 363 -4.77 -54.00 8.30
CA PRO E 363 -5.12 -54.65 9.57
C PRO E 363 -3.90 -54.94 10.44
N THR E 364 -3.96 -54.51 11.69
CA THR E 364 -2.88 -54.77 12.64
C THR E 364 -3.38 -54.66 14.07
N ASP E 365 -2.47 -54.82 15.03
CA ASP E 365 -2.82 -54.76 16.44
C ASP E 365 -3.30 -53.36 16.83
N GLU E 366 -4.04 -53.28 17.93
CA GLU E 366 -4.55 -52.01 18.42
C GLU E 366 -3.43 -51.13 18.95
N THR E 368 -6.69 -50.82 16.21
CA THR E 368 -7.58 -51.00 15.07
C THR E 368 -7.65 -49.72 14.23
N ILE E 369 -8.51 -49.72 13.22
CA ILE E 369 -8.67 -48.57 12.34
C ILE E 369 -9.34 -47.41 13.07
N GLN E 370 -10.41 -47.69 13.80
CA GLN E 370 -11.15 -46.66 14.51
C GLN E 370 -10.33 -46.04 15.64
N GLU E 371 -9.52 -46.87 16.30
CA GLU E 371 -8.67 -46.39 17.37
C GLU E 371 -7.51 -45.57 16.81
N ARG E 372 -7.08 -45.90 15.61
CA ARG E 372 -5.99 -45.19 14.95
C ARG E 372 -6.48 -43.85 14.40
N LEU E 373 -7.62 -43.90 13.69
CA LEU E 373 -8.23 -42.68 13.17
C LEU E 373 -8.60 -41.74 14.30
N SER E 374 -8.96 -42.31 15.44
CA SER E 374 -9.26 -41.53 16.63
C SER E 374 -8.00 -40.91 17.19
N ARG E 375 -6.85 -41.52 16.87
CA ARG E 375 -5.56 -41.01 17.32
C ARG E 375 -5.03 -39.93 16.37
N TYR E 376 -5.24 -40.15 15.06
CA TYR E 376 -4.81 -39.17 14.07
C TYR E 376 -5.48 -37.82 14.28
N ILE E 377 -6.77 -37.85 14.59
CA ILE E 377 -7.55 -36.62 14.79
C ILE E 377 -7.01 -35.83 15.99
N GLN E 378 -6.68 -36.53 17.07
CA GLN E 378 -6.16 -35.88 18.27
C GLN E 378 -4.81 -35.24 17.98
N GLU E 379 -3.95 -35.96 17.27
CA GLU E 379 -2.62 -35.46 16.94
C GLU E 379 -2.71 -34.26 16.00
N PHE E 380 -3.61 -34.35 15.03
CA PHE E 380 -3.83 -33.28 14.06
C PHE E 380 -4.32 -31.99 14.69
N CYS E 381 -5.35 -32.10 15.53
CA CYS E 381 -5.96 -30.93 16.17
C CYS E 381 -5.05 -30.25 17.18
N LEU E 382 -4.21 -31.03 17.86
CA LEU E 382 -3.29 -30.45 18.84
C LEU E 382 -2.22 -29.62 18.15
N ALA E 383 -1.81 -30.05 16.97
CA ALA E 383 -0.77 -29.34 16.23
C ALA E 383 -1.33 -28.21 15.36
N ASN E 384 -2.52 -28.41 14.80
CA ASN E 384 -3.09 -27.40 13.90
C ASN E 384 -4.39 -26.77 14.41
N GLY E 385 -4.76 -27.00 15.66
CA GLY E 385 -6.03 -26.49 16.16
C GLY E 385 -7.21 -27.03 15.36
N TYR E 386 -8.40 -26.44 15.57
CA TYR E 386 -9.61 -26.89 14.90
C TYR E 386 -9.92 -26.06 13.66
N LEU E 387 -9.03 -25.12 13.35
CA LEU E 387 -9.15 -24.28 12.15
C LEU E 387 -10.36 -23.35 12.15
N LEU E 388 -11.22 -23.47 13.18
CA LEU E 388 -12.43 -22.66 13.27
C LEU E 388 -12.54 -22.00 14.64
N PRO E 389 -13.40 -20.98 14.75
CA PRO E 389 -13.64 -20.28 16.02
C PRO E 389 -14.12 -21.24 17.11
N LYS E 390 -13.89 -20.89 18.38
CA LYS E 390 -14.27 -21.73 19.51
C LYS E 390 -15.71 -22.22 19.41
N ASN E 391 -15.91 -23.48 19.77
CA ASN E 391 -17.23 -24.12 19.78
C ASN E 391 -17.75 -24.49 18.39
N SER E 392 -16.96 -24.21 17.36
CA SER E 392 -17.30 -24.57 16.00
C SER E 392 -16.28 -25.56 15.44
N PHE E 393 -16.77 -26.59 14.75
CA PHE E 393 -15.88 -27.61 14.20
C PHE E 393 -16.38 -28.15 12.87
N LEU E 394 -15.45 -28.69 12.09
CA LEU E 394 -15.78 -29.38 10.85
C LEU E 394 -16.13 -30.80 11.25
N LYS E 395 -16.80 -31.54 10.39
CA LYS E 395 -17.09 -32.93 10.71
C LYS E 395 -15.77 -33.69 10.76
N GLU E 396 -15.71 -34.71 11.61
CA GLU E 396 -14.49 -35.49 11.82
C GLU E 396 -13.84 -35.96 10.53
N ILE E 397 -14.66 -36.44 9.60
CA ILE E 397 -14.17 -36.96 8.32
C ILE E 397 -13.28 -35.97 7.57
N PHE E 398 -13.60 -34.68 7.68
CA PHE E 398 -12.85 -33.64 6.98
C PHE E 398 -11.46 -33.42 7.58
N TYR E 399 -11.36 -33.50 8.90
CA TYR E 399 -10.07 -33.35 9.56
C TYR E 399 -9.15 -34.52 9.19
N LEU E 400 -9.75 -35.69 9.02
CA LEU E 400 -9.01 -36.88 8.63
C LEU E 400 -8.46 -36.74 7.22
N LYS E 401 -9.21 -36.04 6.37
CA LYS E 401 -8.80 -35.81 4.99
C LYS E 401 -7.56 -34.90 4.94
N TYR E 402 -7.55 -33.88 5.80
CA TYR E 402 -6.40 -32.99 5.88
C TYR E 402 -5.17 -33.75 6.34
N TYR E 403 -5.35 -34.64 7.31
CA TYR E 403 -4.27 -35.45 7.84
C TYR E 403 -3.70 -36.35 6.75
N PHE E 404 -4.58 -37.05 6.05
CA PHE E 404 -4.18 -37.94 4.97
C PHE E 404 -3.49 -37.15 3.86
N LEU E 405 -4.05 -35.98 3.55
CA LEU E 405 -3.48 -35.11 2.52
C LEU E 405 -2.06 -34.73 2.88
N ASP E 406 -1.86 -34.34 4.13
CA ASP E 406 -0.53 -33.98 4.62
C ASP E 406 0.38 -35.19 4.58
N MSE E 407 -0.17 -36.34 4.99
CA MSE E 407 0.59 -37.59 5.01
C MSE E 407 1.03 -37.98 3.60
O MSE E 407 2.20 -38.32 3.38
CB MSE E 407 -0.26 -38.70 5.63
CG MSE E 407 0.43 -40.05 5.71
SE MSE E 407 -0.74 -41.46 6.38
CE MSE E 407 -0.86 -40.91 8.24
N VAL E 408 0.10 -37.95 2.66
CA VAL E 408 0.39 -38.31 1.27
C VAL E 408 1.37 -37.33 0.64
N THR E 409 1.23 -36.05 0.97
CA THR E 409 2.11 -35.02 0.43
C THR E 409 3.55 -35.24 0.86
N GLU E 410 3.74 -35.53 2.15
CA GLU E 410 5.07 -35.80 2.68
C GLU E 410 5.67 -37.05 2.02
N ASP E 411 4.81 -38.04 1.78
CA ASP E 411 5.25 -39.29 1.15
C ASP E 411 5.70 -39.04 -0.28
N ALA E 412 5.00 -38.13 -0.97
CA ALA E 412 5.32 -37.80 -2.35
C ALA E 412 6.72 -37.18 -2.45
N LYS E 413 7.04 -36.32 -1.49
CA LYS E 413 8.34 -35.65 -1.45
C LYS E 413 9.44 -36.66 -1.12
N THR E 414 9.14 -37.58 -0.21
CA THR E 414 10.10 -38.61 0.19
C THR E 414 10.45 -39.50 -1.00
N LEU E 415 9.41 -39.93 -1.73
CA LEU E 415 9.59 -40.78 -2.89
C LEU E 415 10.30 -40.03 -4.01
N LEU E 416 10.01 -38.75 -4.13
CA LEU E 416 10.61 -37.91 -5.17
C LEU E 416 12.13 -37.86 -5.06
N LYS E 417 12.63 -37.72 -3.84
CA LYS E 417 14.07 -37.67 -3.59
C LYS E 417 14.78 -38.92 -4.07
N GLU E 418 14.18 -40.08 -3.82
CA GLU E 418 14.77 -41.35 -4.22
C GLU E 418 14.80 -41.48 -5.75
N ILE E 419 13.77 -40.95 -6.41
CA ILE E 419 13.69 -41.01 -7.86
C ILE E 419 14.75 -40.13 -8.51
N CYS E 420 14.89 -38.91 -7.99
CA CYS E 420 15.87 -37.96 -8.51
C CYS E 420 17.28 -38.49 -8.32
N LEU E 421 17.49 -39.21 -7.21
CA LEU E 421 18.81 -39.77 -6.92
C LEU E 421 19.18 -40.89 -7.89
N ARG E 422 18.19 -41.55 -8.47
CA ARG E 422 18.46 -42.64 -9.40
C ARG E 422 18.22 -42.23 -10.86
N ASN E 423 17.25 -41.37 -11.08
CA ASN E 423 16.90 -40.93 -12.42
C ASN E 423 17.29 -39.47 -12.68
N ASN F 23 -24.00 -2.27 11.22
CA ASN F 23 -24.64 -3.26 10.36
C ASN F 23 -26.17 -3.23 10.46
N ASN F 24 -26.83 -3.17 9.32
CA ASN F 24 -28.29 -3.16 9.24
C ASN F 24 -28.78 -3.91 8.02
N ASP F 25 -30.00 -4.46 8.10
CA ASP F 25 -30.59 -5.21 6.99
C ASP F 25 -31.03 -4.34 5.79
N LEU F 26 -30.53 -3.11 5.73
CA LEU F 26 -30.87 -2.19 4.64
C LEU F 26 -30.34 -2.63 3.26
N PRO F 27 -29.20 -3.35 3.21
CA PRO F 27 -28.64 -3.78 1.91
C PRO F 27 -29.63 -4.57 1.07
N SER F 28 -30.42 -5.43 1.72
CA SER F 28 -31.40 -6.26 1.04
C SER F 28 -32.34 -5.42 0.17
N SER F 29 -32.71 -4.25 0.65
CA SER F 29 -33.60 -3.35 -0.10
C SER F 29 -32.92 -2.87 -1.39
N PHE F 30 -31.63 -2.60 -1.31
CA PHE F 30 -30.88 -2.16 -2.48
C PHE F 30 -30.82 -3.28 -3.51
N THR F 31 -30.67 -4.51 -3.02
CA THR F 31 -30.62 -5.69 -3.88
C THR F 31 -31.91 -5.89 -4.66
N GLY F 32 -33.04 -5.72 -3.98
CA GLY F 32 -34.35 -5.95 -4.56
C GLY F 32 -34.87 -5.03 -5.64
N TYR F 33 -34.49 -3.76 -5.60
CA TYR F 33 -34.98 -2.81 -6.60
C TYR F 33 -34.51 -3.27 -7.97
N PHE F 34 -33.35 -3.92 -8.01
CA PHE F 34 -32.82 -4.51 -9.23
C PHE F 34 -33.71 -5.67 -9.67
N LYS F 35 -34.29 -6.37 -8.70
CA LYS F 35 -35.12 -7.55 -8.95
C LYS F 35 -36.48 -7.26 -9.54
N LYS F 36 -36.99 -6.05 -9.33
CA LYS F 36 -38.32 -5.68 -9.82
C LYS F 36 -38.32 -5.56 -11.34
N PHE F 37 -37.12 -5.57 -11.92
CA PHE F 37 -36.98 -5.51 -13.36
C PHE F 37 -37.06 -6.91 -13.94
N ASN F 38 -36.87 -7.01 -15.25
CA ASN F 38 -36.91 -8.30 -15.92
C ASN F 38 -35.51 -8.91 -16.05
N THR F 39 -35.43 -10.04 -16.75
CA THR F 39 -34.17 -10.76 -16.87
C THR F 39 -33.18 -10.03 -17.78
N GLY F 40 -33.61 -9.72 -19.00
CA GLY F 40 -32.74 -9.09 -19.97
C GLY F 40 -32.71 -7.57 -19.88
N GLU F 41 -33.27 -7.03 -18.80
CA GLU F 41 -33.33 -5.59 -18.62
C GLU F 41 -32.48 -5.14 -17.43
N GLU F 42 -31.54 -5.97 -17.01
CA GLU F 42 -30.67 -5.63 -15.89
C GLU F 42 -29.46 -4.82 -16.34
N ILE F 43 -29.05 -3.87 -15.50
CA ILE F 43 -27.93 -2.99 -15.83
C ILE F 43 -26.59 -3.69 -15.63
N ILE F 44 -26.52 -4.54 -14.60
CA ILE F 44 -25.29 -5.28 -14.30
C ILE F 44 -25.61 -6.70 -13.87
N SER F 45 -24.60 -7.57 -13.92
CA SER F 45 -24.78 -8.97 -13.57
C SER F 45 -25.11 -9.14 -12.09
N GLN F 46 -25.88 -10.19 -11.79
CA GLN F 46 -26.25 -10.49 -10.41
C GLN F 46 -25.02 -10.83 -9.59
N GLU F 47 -23.96 -11.28 -10.26
CA GLU F 47 -22.70 -11.61 -9.60
C GLU F 47 -22.07 -10.36 -8.98
N ILE F 48 -22.28 -9.22 -9.62
CA ILE F 48 -21.72 -7.96 -9.14
C ILE F 48 -22.62 -7.34 -8.07
N LEU F 49 -23.93 -7.56 -8.19
CA LEU F 49 -24.88 -7.07 -7.21
C LEU F 49 -24.63 -7.70 -5.85
N ASN F 50 -24.23 -8.97 -5.86
CA ASN F 50 -23.92 -9.69 -4.63
C ASN F 50 -22.66 -9.13 -3.98
N LEU F 51 -21.76 -8.59 -4.80
CA LEU F 51 -20.53 -7.99 -4.30
C LEU F 51 -20.84 -6.70 -3.53
N ILE F 52 -21.74 -5.90 -4.07
CA ILE F 52 -22.10 -4.63 -3.45
C ILE F 52 -22.83 -4.86 -2.13
N GLU F 53 -23.69 -5.88 -2.10
CA GLU F 53 -24.46 -6.19 -0.90
C GLU F 53 -23.58 -6.68 0.24
N LEU F 54 -22.55 -7.45 -0.11
CA LEU F 54 -21.65 -8.01 0.90
C LEU F 54 -20.86 -6.91 1.61
N ARG F 55 -20.25 -6.03 0.83
CA ARG F 55 -19.48 -4.92 1.39
C ARG F 55 -20.36 -3.98 2.22
N MSE F 56 -21.60 -3.78 1.78
CA MSE F 56 -22.55 -2.93 2.51
C MSE F 56 -22.80 -3.47 3.92
O MSE F 56 -22.84 -2.71 4.88
CB MSE F 56 -23.86 -2.81 1.75
CG MSE F 56 -23.80 -1.94 0.52
SE MSE F 56 -25.56 -1.57 -0.23
CE MSE F 56 -26.34 -0.63 1.30
N ARG F 57 -22.98 -4.78 4.02
CA ARG F 57 -23.19 -5.42 5.31
C ARG F 57 -21.98 -5.23 6.22
N LYS F 58 -20.80 -5.22 5.60
CA LYS F 58 -19.55 -5.03 6.34
C LYS F 58 -19.52 -3.68 7.06
N GLY F 59 -20.29 -2.72 6.55
CA GLY F 59 -20.38 -1.41 7.17
C GLY F 59 -19.31 -0.43 6.69
N ASN F 60 -18.35 -0.93 5.92
CA ASN F 60 -17.28 -0.09 5.42
C ASN F 60 -17.76 0.71 4.20
N ILE F 61 -18.23 1.92 4.46
CA ILE F 61 -18.76 2.80 3.42
C ILE F 61 -17.74 3.08 2.31
N GLN F 62 -16.46 3.06 2.67
CA GLN F 62 -15.39 3.32 1.72
C GLN F 62 -15.38 2.30 0.57
N LEU F 63 -15.29 1.02 0.93
CA LEU F 63 -15.25 -0.05 -0.06
C LEU F 63 -16.57 -0.18 -0.82
N THR F 64 -17.68 0.07 -0.13
CA THR F 64 -18.99 -0.01 -0.75
C THR F 64 -19.17 1.01 -1.86
N ASN F 65 -18.88 2.27 -1.54
CA ASN F 65 -18.99 3.35 -2.53
C ASN F 65 -18.05 3.11 -3.71
N SER F 66 -16.86 2.62 -3.42
CA SER F 66 -15.86 2.34 -4.44
C SER F 66 -16.35 1.27 -5.40
N ALA F 67 -16.98 0.23 -4.86
CA ALA F 67 -17.49 -0.87 -5.67
C ALA F 67 -18.59 -0.42 -6.62
N ILE F 68 -19.47 0.46 -6.14
CA ILE F 68 -20.56 0.99 -6.95
C ILE F 68 -20.01 1.90 -8.05
N SER F 69 -19.05 2.74 -7.69
CA SER F 69 -18.44 3.65 -8.65
C SER F 69 -17.67 2.88 -9.73
N ASP F 70 -17.09 1.74 -9.35
CA ASP F 70 -16.36 0.90 -10.29
C ASP F 70 -17.30 0.28 -11.31
N ALA F 71 -18.47 -0.16 -10.85
CA ALA F 71 -19.47 -0.75 -11.73
C ALA F 71 -19.93 0.28 -12.76
N LEU F 72 -20.19 1.49 -12.30
CA LEU F 72 -20.61 2.58 -13.17
C LEU F 72 -19.49 2.92 -14.16
N LYS F 73 -18.26 2.86 -13.67
CA LYS F 73 -17.09 3.16 -14.49
C LYS F 73 -16.94 2.10 -15.58
N GLU F 74 -17.19 0.85 -15.21
CA GLU F 74 -17.12 -0.27 -16.14
C GLU F 74 -18.15 -0.10 -17.26
N ILE F 75 -19.35 0.32 -16.88
CA ILE F 75 -20.42 0.56 -17.83
C ILE F 75 -20.11 1.74 -18.73
N ASP F 76 -19.79 2.88 -18.12
CA ASP F 76 -19.49 4.11 -18.87
C ASP F 76 -18.28 3.94 -19.78
N SER F 77 -17.25 3.27 -19.29
CA SER F 77 -16.02 3.08 -20.06
C SER F 77 -16.16 2.00 -21.12
N SER F 78 -17.29 1.28 -21.07
CA SER F 78 -17.55 0.19 -22.01
C SER F 78 -17.55 0.69 -23.44
N VAL F 79 -16.72 0.07 -24.28
CA VAL F 79 -16.64 0.44 -25.69
C VAL F 79 -17.20 -0.68 -26.57
N LEU F 80 -17.99 -0.30 -27.57
CA LEU F 80 -18.60 -1.27 -28.47
C LEU F 80 -18.15 -1.07 -29.92
N ASN F 81 -17.60 -2.12 -30.52
CA ASN F 81 -17.16 -2.08 -31.91
C ASN F 81 -17.99 -3.02 -32.76
N VAL F 82 -18.79 -2.45 -33.66
CA VAL F 82 -19.66 -3.25 -34.51
C VAL F 82 -19.14 -3.32 -35.94
N ALA F 83 -18.89 -4.54 -36.41
CA ALA F 83 -18.40 -4.75 -37.76
C ALA F 83 -19.55 -4.92 -38.75
N VAL F 84 -19.51 -4.18 -39.85
CA VAL F 84 -20.54 -4.26 -40.87
C VAL F 84 -19.93 -4.65 -42.21
N THR F 85 -20.27 -5.85 -42.70
CA THR F 85 -19.74 -6.33 -43.96
C THR F 85 -20.84 -6.67 -44.96
N GLY F 86 -20.46 -6.77 -46.23
CA GLY F 86 -21.39 -7.09 -47.30
C GLY F 86 -20.92 -6.53 -48.62
N GLU F 87 -21.62 -6.89 -49.70
CA GLU F 87 -21.27 -6.40 -51.03
C GLU F 87 -21.57 -4.91 -51.16
N THR F 88 -20.93 -4.27 -52.13
CA THR F 88 -21.17 -2.85 -52.40
C THR F 88 -22.59 -2.64 -52.90
N GLY F 89 -23.30 -1.71 -52.28
CA GLY F 89 -24.67 -1.42 -52.66
C GLY F 89 -25.67 -2.30 -51.93
N SER F 90 -25.25 -2.85 -50.79
CA SER F 90 -26.11 -3.71 -49.99
C SER F 90 -26.90 -2.91 -48.98
N GLY F 91 -26.42 -1.71 -48.67
CA GLY F 91 -27.08 -0.85 -47.70
C GLY F 91 -26.37 -0.86 -46.36
N LYS F 92 -25.08 -1.16 -46.38
CA LYS F 92 -24.27 -1.20 -45.16
C LYS F 92 -24.15 0.17 -44.53
N SER F 93 -23.84 1.17 -45.35
CA SER F 93 -23.71 2.54 -44.88
C SER F 93 -25.04 3.07 -44.37
N SER F 94 -26.11 2.71 -45.05
CA SER F 94 -27.46 3.10 -44.64
C SER F 94 -27.83 2.40 -43.33
N PHE F 95 -27.32 1.19 -43.15
CA PHE F 95 -27.58 0.42 -41.94
C PHE F 95 -26.88 1.04 -40.74
N ILE F 96 -25.68 1.57 -40.98
CA ILE F 96 -24.91 2.21 -39.92
C ILE F 96 -25.53 3.52 -39.46
N ASN F 97 -25.97 4.32 -40.42
CA ASN F 97 -26.56 5.63 -40.12
C ASN F 97 -27.94 5.51 -39.48
N THR F 98 -28.60 4.37 -39.70
CA THR F 98 -29.93 4.15 -39.17
C THR F 98 -29.90 3.86 -37.68
N LEU F 99 -28.95 3.03 -37.26
CA LEU F 99 -28.77 2.71 -35.84
C LEU F 99 -28.28 3.92 -35.06
N ARG F 100 -27.76 4.91 -35.79
CA ARG F 100 -27.26 6.14 -35.18
C ARG F 100 -28.33 7.22 -35.22
N GLY F 101 -29.39 6.98 -35.97
CA GLY F 101 -30.48 7.92 -36.10
C GLY F 101 -30.08 9.17 -36.86
N ILE F 102 -29.27 8.98 -37.90
CA ILE F 102 -28.78 10.08 -38.71
C ILE F 102 -29.08 9.87 -40.19
N GLY F 103 -29.47 10.95 -40.87
CA GLY F 103 -29.74 10.89 -42.29
C GLY F 103 -28.47 10.69 -43.11
N ASN F 104 -28.62 10.18 -44.32
CA ASN F 104 -27.49 9.92 -45.19
C ASN F 104 -26.83 11.18 -45.71
N GLU F 105 -27.60 12.27 -45.76
CA GLU F 105 -27.10 13.54 -46.26
C GLU F 105 -26.79 14.52 -45.12
N GLU F 106 -26.80 14.01 -43.89
CA GLU F 106 -26.50 14.83 -42.73
C GLU F 106 -25.01 14.78 -42.41
N GLU F 107 -24.55 15.73 -41.60
CA GLU F 107 -23.14 15.79 -41.21
C GLU F 107 -22.80 14.69 -40.22
N GLY F 108 -21.59 14.16 -40.33
CA GLY F 108 -21.14 13.11 -39.45
C GLY F 108 -21.72 11.75 -39.81
N ALA F 109 -22.34 11.67 -40.98
CA ALA F 109 -22.95 10.43 -41.44
C ALA F 109 -22.12 9.78 -42.54
N ALA F 110 -22.24 8.47 -42.67
CA ALA F 110 -21.51 7.72 -43.68
C ALA F 110 -22.15 7.88 -45.05
N LYS F 111 -21.32 8.15 -46.06
CA LYS F 111 -21.80 8.30 -47.43
C LYS F 111 -22.35 6.98 -47.96
N THR F 112 -23.06 7.05 -49.09
CA THR F 112 -23.61 5.85 -49.71
C THR F 112 -22.50 4.86 -50.06
N GLY F 113 -21.34 5.40 -50.41
CA GLY F 113 -20.17 4.58 -50.68
C GLY F 113 -20.12 3.98 -52.07
N VAL F 114 -18.91 3.81 -52.58
CA VAL F 114 -18.70 3.20 -53.89
C VAL F 114 -17.52 2.23 -53.83
N VAL F 115 -17.52 1.23 -54.71
CA VAL F 115 -16.46 0.24 -54.74
C VAL F 115 -15.12 0.86 -55.15
N THR F 118 -11.56 2.75 -51.42
CA THR F 118 -11.69 2.51 -49.99
C THR F 118 -11.55 1.02 -49.68
N MSE F 119 -10.31 0.54 -49.63
CA MSE F 119 -10.03 -0.84 -49.30
C MSE F 119 -9.73 -1.00 -47.81
O MSE F 119 -9.54 -2.10 -47.32
CB MSE F 119 -8.85 -1.37 -50.14
CG MSE F 119 -9.26 -2.45 -51.14
SE MSE F 119 -7.74 -3.24 -52.08
CE MSE F 119 -8.30 -5.11 -52.05
N GLU F 120 -9.68 0.13 -47.11
CA GLU F 120 -9.51 0.09 -45.66
C GLU F 120 -10.83 0.36 -44.96
N ARG F 121 -10.93 -0.14 -43.73
CA ARG F 121 -12.12 0.03 -42.90
C ARG F 121 -12.26 1.45 -42.38
N HIS F 122 -13.49 1.87 -42.14
CA HIS F 122 -13.74 3.20 -41.61
C HIS F 122 -14.76 3.14 -40.48
N PRO F 123 -14.41 3.74 -39.33
CA PRO F 123 -15.22 3.77 -38.12
C PRO F 123 -16.22 4.93 -38.11
N TYR F 124 -17.36 4.73 -37.46
CA TYR F 124 -18.38 5.76 -37.34
C TYR F 124 -18.96 5.75 -35.94
N LYS F 125 -18.56 6.73 -35.13
CA LYS F 125 -19.04 6.82 -33.75
C LYS F 125 -20.45 7.34 -33.67
N HIS F 126 -21.18 6.92 -32.64
CA HIS F 126 -22.54 7.39 -32.42
C HIS F 126 -22.49 8.85 -31.99
N PRO F 127 -23.42 9.67 -32.51
CA PRO F 127 -23.47 11.10 -32.22
C PRO F 127 -23.64 11.44 -30.75
N ASN F 128 -24.38 10.60 -30.03
CA ASN F 128 -24.64 10.84 -28.61
C ASN F 128 -23.81 9.93 -27.70
N ILE F 129 -23.52 8.73 -28.17
CA ILE F 129 -22.74 7.77 -27.38
C ILE F 129 -21.44 7.41 -28.08
N PRO F 130 -20.39 8.22 -27.87
CA PRO F 130 -19.06 8.04 -28.46
C PRO F 130 -18.48 6.64 -28.23
N ASN F 131 -18.93 5.98 -27.16
CA ASN F 131 -18.45 4.64 -26.83
C ASN F 131 -19.08 3.58 -27.73
N VAL F 132 -19.91 4.02 -28.67
CA VAL F 132 -20.53 3.14 -29.64
C VAL F 132 -19.96 3.43 -31.02
N VAL F 133 -19.22 2.46 -31.58
CA VAL F 133 -18.58 2.67 -32.86
C VAL F 133 -18.96 1.60 -33.88
N PHE F 134 -19.43 2.07 -35.03
CA PHE F 134 -19.79 1.17 -36.13
C PHE F 134 -18.69 1.20 -37.18
N TRP F 135 -18.26 0.02 -37.63
CA TRP F 135 -17.20 -0.07 -38.61
C TRP F 135 -17.73 -0.55 -39.97
N ASP F 136 -17.50 0.26 -40.99
CA ASP F 136 -17.90 -0.09 -42.34
C ASP F 136 -16.77 -0.87 -43.01
N LEU F 137 -17.01 -2.15 -43.28
CA LEU F 137 -15.99 -2.99 -43.87
C LEU F 137 -16.22 -3.20 -45.36
N PRO F 138 -15.14 -3.17 -46.15
CA PRO F 138 -15.15 -3.35 -47.60
C PRO F 138 -15.62 -4.74 -48.02
N GLY F 139 -16.35 -4.82 -49.12
CA GLY F 139 -16.84 -6.08 -49.63
C GLY F 139 -15.70 -7.02 -49.99
N ILE F 140 -15.75 -8.24 -49.47
CA ILE F 140 -14.71 -9.22 -49.70
C ILE F 140 -14.55 -9.54 -51.18
N GLY F 141 -15.62 -9.34 -51.95
CA GLY F 141 -15.60 -9.59 -53.37
C GLY F 141 -14.74 -8.58 -54.11
N SER F 142 -14.54 -7.42 -53.51
CA SER F 142 -13.72 -6.37 -54.12
C SER F 142 -12.29 -6.43 -53.60
N THR F 143 -12.03 -7.32 -52.66
CA THR F 143 -10.70 -7.46 -52.08
C THR F 143 -9.92 -8.60 -52.73
N ASN F 144 -8.61 -8.43 -52.84
CA ASN F 144 -7.74 -9.45 -53.42
C ASN F 144 -7.13 -10.34 -52.35
N PHE F 145 -7.70 -10.27 -51.15
CA PHE F 145 -7.20 -11.05 -50.02
C PHE F 145 -8.00 -12.32 -49.80
N PRO F 146 -7.32 -13.41 -49.42
CA PRO F 146 -7.98 -14.67 -49.07
C PRO F 146 -8.93 -14.50 -47.89
N PRO F 147 -9.84 -15.47 -47.69
CA PRO F 147 -10.84 -15.43 -46.61
C PRO F 147 -10.21 -15.19 -45.23
N ASN F 148 -9.07 -15.82 -44.98
CA ASN F 148 -8.37 -15.66 -43.70
C ASN F 148 -7.61 -14.34 -43.63
N THR F 149 -7.04 -13.93 -44.76
CA THR F 149 -6.30 -12.68 -44.84
C THR F 149 -7.23 -11.49 -44.64
N TYR F 150 -8.48 -11.65 -45.09
CA TYR F 150 -9.49 -10.61 -44.93
C TYR F 150 -9.83 -10.41 -43.46
N LEU F 151 -9.63 -11.46 -42.66
CA LEU F 151 -9.91 -11.42 -41.24
C LEU F 151 -8.85 -10.61 -40.49
N GLU F 152 -7.63 -10.63 -41.02
CA GLU F 152 -6.50 -9.98 -40.36
C GLU F 152 -6.34 -8.53 -40.78
N LYS F 153 -6.56 -8.26 -42.07
CA LYS F 153 -6.40 -6.92 -42.60
C LYS F 153 -7.48 -5.97 -42.09
N MSE F 154 -8.56 -6.53 -41.56
CA MSE F 154 -9.67 -5.73 -41.07
C MSE F 154 -9.68 -5.64 -39.55
O MSE F 154 -10.51 -4.93 -38.98
CB MSE F 154 -11.00 -6.33 -41.57
CG MSE F 154 -11.13 -6.37 -43.08
SE MSE F 154 -10.94 -4.60 -43.89
CE MSE F 154 -11.04 -5.11 -45.76
N LYS F 155 -8.76 -6.36 -38.92
CA LYS F 155 -8.66 -6.36 -37.46
C LYS F 155 -9.95 -6.86 -36.81
N PHE F 156 -10.31 -8.11 -37.10
CA PHE F 156 -11.55 -8.68 -36.58
C PHE F 156 -11.50 -8.91 -35.08
N TYR F 157 -10.33 -8.72 -34.48
CA TYR F 157 -10.18 -8.87 -33.04
C TYR F 157 -10.97 -7.80 -32.28
N GLU F 158 -11.00 -6.60 -32.83
CA GLU F 158 -11.51 -5.43 -32.12
C GLU F 158 -13.04 -5.37 -32.01
N TYR F 159 -13.73 -6.12 -32.86
CA TYR F 159 -15.19 -6.06 -32.87
C TYR F 159 -15.85 -6.90 -31.79
N ASP F 160 -17.02 -6.46 -31.34
CA ASP F 160 -17.81 -7.18 -30.34
C ASP F 160 -18.68 -8.23 -31.00
N PHE F 161 -19.18 -7.92 -32.19
CA PHE F 161 -20.01 -8.83 -32.96
C PHE F 161 -20.07 -8.39 -34.42
N PHE F 162 -20.45 -9.31 -35.30
CA PHE F 162 -20.47 -9.01 -36.73
C PHE F 162 -21.88 -8.95 -37.34
N ILE F 163 -22.04 -8.02 -38.28
CA ILE F 163 -23.28 -7.88 -39.03
C ILE F 163 -23.01 -8.15 -40.52
N ILE F 164 -23.69 -9.15 -41.08
CA ILE F 164 -23.48 -9.50 -42.48
C ILE F 164 -24.65 -9.02 -43.34
N ILE F 165 -24.38 -8.04 -44.21
CA ILE F 165 -25.43 -7.44 -45.02
C ILE F 165 -25.41 -7.83 -46.50
N SER F 166 -26.61 -8.03 -47.03
CA SER F 166 -26.84 -8.33 -48.45
C SER F 166 -28.18 -7.74 -48.91
N ALA F 167 -28.14 -6.86 -49.91
CA ALA F 167 -29.35 -6.24 -50.44
C ALA F 167 -30.29 -7.25 -51.11
N THR F 168 -29.77 -8.40 -51.48
CA THR F 168 -30.55 -9.46 -52.12
C THR F 168 -30.28 -10.81 -51.45
N ARG F 169 -29.56 -11.70 -52.12
CA ARG F 169 -29.21 -12.98 -51.53
C ARG F 169 -27.75 -13.05 -51.07
N PHE F 170 -27.46 -14.02 -50.21
CA PHE F 170 -26.14 -14.20 -49.61
C PHE F 170 -25.24 -15.09 -50.47
N LYS F 171 -24.09 -14.54 -50.87
CA LYS F 171 -23.15 -15.26 -51.71
C LYS F 171 -22.31 -16.22 -50.89
N LYS F 172 -21.58 -17.12 -51.57
CA LYS F 172 -20.70 -18.08 -50.90
C LYS F 172 -19.73 -17.35 -49.98
N ASN F 173 -19.22 -16.22 -50.46
CA ASN F 173 -18.29 -15.38 -49.70
C ASN F 173 -18.83 -15.02 -48.32
N ASP F 174 -20.01 -14.42 -48.31
CA ASP F 174 -20.67 -14.00 -47.07
C ASP F 174 -20.87 -15.18 -46.13
N ILE F 175 -21.36 -16.30 -46.68
CA ILE F 175 -21.61 -17.50 -45.90
C ILE F 175 -20.32 -18.04 -45.29
N ASP F 176 -19.24 -18.02 -46.07
CA ASP F 176 -17.95 -18.51 -45.60
C ASP F 176 -17.42 -17.61 -44.49
N ILE F 177 -17.68 -16.31 -44.63
CA ILE F 177 -17.29 -15.34 -43.61
C ILE F 177 -18.01 -15.66 -42.31
N ALA F 178 -19.29 -15.96 -42.42
CA ALA F 178 -20.12 -16.32 -41.27
C ALA F 178 -19.53 -17.53 -40.54
N LYS F 179 -19.18 -18.55 -41.33
CA LYS F 179 -18.59 -19.77 -40.79
C LYS F 179 -17.30 -19.46 -40.02
N ALA F 180 -16.50 -18.57 -40.60
CA ALA F 180 -15.24 -18.16 -39.97
C ALA F 180 -15.51 -17.43 -38.66
N ILE F 181 -16.51 -16.57 -38.65
CA ILE F 181 -16.89 -15.83 -37.46
C ILE F 181 -17.32 -16.78 -36.34
N SER F 182 -18.20 -17.72 -36.68
CA SER F 182 -18.67 -18.71 -35.72
C SER F 182 -17.50 -19.52 -35.18
N MSE F 183 -16.56 -19.84 -36.05
CA MSE F 183 -15.38 -20.61 -35.68
C MSE F 183 -14.48 -19.83 -34.72
O MSE F 183 -13.70 -20.41 -33.97
CB MSE F 183 -14.59 -21.00 -36.93
CG MSE F 183 -13.38 -21.86 -36.66
SE MSE F 183 -13.85 -23.55 -35.81
CE MSE F 183 -12.08 -24.37 -35.76
N MSE F 184 -14.61 -18.51 -34.76
CA MSE F 184 -13.76 -17.63 -33.96
C MSE F 184 -14.40 -17.29 -32.62
O MSE F 184 -13.94 -16.40 -31.90
CB MSE F 184 -13.46 -16.34 -34.74
CG MSE F 184 -12.36 -15.47 -34.15
SE MSE F 184 -12.22 -13.77 -35.08
CE MSE F 184 -11.99 -14.43 -36.89
N LYS F 185 -15.47 -18.00 -32.28
CA LYS F 185 -16.19 -17.80 -31.02
C LYS F 185 -16.83 -16.42 -30.96
N GLU F 186 -17.37 -15.95 -32.07
CA GLU F 186 -18.03 -14.63 -32.10
C GLU F 186 -19.46 -14.72 -32.63
N GLU F 187 -20.29 -13.75 -32.22
CA GLU F 187 -21.68 -13.72 -32.63
C GLU F 187 -21.82 -13.00 -33.97
N PHE F 188 -22.74 -13.48 -34.80
CA PHE F 188 -22.97 -12.87 -36.11
C PHE F 188 -24.46 -12.74 -36.37
N TYR F 189 -24.83 -11.82 -37.26
CA TYR F 189 -26.22 -11.59 -37.59
C TYR F 189 -26.39 -11.28 -39.07
N PHE F 190 -27.30 -11.98 -39.72
CA PHE F 190 -27.62 -11.78 -41.12
C PHE F 190 -28.73 -10.74 -41.26
N VAL F 191 -28.47 -9.70 -42.05
CA VAL F 191 -29.44 -8.65 -42.26
C VAL F 191 -29.75 -8.48 -43.74
N ARG F 192 -31.02 -8.66 -44.10
CA ARG F 192 -31.45 -8.54 -45.49
C ARG F 192 -32.14 -7.19 -45.67
N THR F 193 -31.46 -6.27 -46.34
CA THR F 193 -31.95 -4.91 -46.53
C THR F 193 -32.80 -4.73 -47.79
N LYS F 194 -33.30 -3.51 -47.97
CA LYS F 194 -34.07 -3.12 -49.15
C LYS F 194 -35.32 -3.97 -49.41
N VAL F 195 -35.91 -4.54 -48.36
CA VAL F 195 -37.12 -5.33 -48.52
C VAL F 195 -38.28 -4.45 -49.01
N ASP F 196 -38.21 -3.17 -48.70
CA ASP F 196 -39.22 -2.21 -49.11
C ASP F 196 -39.26 -2.07 -50.63
N SER F 197 -38.09 -2.12 -51.26
CA SER F 197 -37.99 -2.01 -52.72
C SER F 197 -38.66 -3.21 -53.38
N ASP F 198 -38.52 -4.37 -52.75
CA ASP F 198 -39.12 -5.59 -53.26
C ASP F 198 -40.64 -5.50 -53.20
N ILE F 199 -41.15 -5.03 -52.08
CA ILE F 199 -42.60 -4.92 -51.87
C ILE F 199 -43.29 -3.99 -52.86
N THR F 200 -42.66 -2.85 -53.13
CA THR F 200 -43.24 -1.88 -54.06
C THR F 200 -43.38 -2.50 -55.46
N ASN F 201 -42.32 -3.14 -55.94
CA ASN F 201 -42.33 -3.79 -57.23
C ASN F 201 -43.33 -4.94 -57.24
N GLU F 202 -43.35 -5.69 -56.14
CA GLU F 202 -44.24 -6.84 -55.96
C GLU F 202 -45.71 -6.48 -55.79
N ALA F 203 -45.99 -5.36 -55.14
CA ALA F 203 -47.39 -5.01 -54.85
C ALA F 203 -48.12 -4.45 -56.07
N ASP F 204 -47.39 -3.77 -56.96
CA ASP F 204 -48.01 -3.22 -58.16
C ASP F 204 -48.40 -4.35 -59.11
N GLY F 205 -47.85 -5.53 -58.87
CA GLY F 205 -48.13 -6.68 -59.72
C GLY F 205 -49.21 -7.59 -59.13
N THR F 209 -55.17 -7.95 -53.35
CA THR F 209 -54.94 -9.34 -52.97
C THR F 209 -53.51 -9.59 -52.56
N PHE F 210 -52.65 -8.59 -52.77
CA PHE F 210 -51.24 -8.71 -52.47
C PHE F 210 -50.99 -8.94 -50.98
N ASP F 211 -50.11 -9.90 -50.68
CA ASP F 211 -49.74 -10.19 -49.31
C ASP F 211 -48.31 -9.76 -49.05
N LYS F 212 -48.15 -8.68 -48.31
CA LYS F 212 -46.83 -8.12 -48.02
C LYS F 212 -45.94 -9.10 -47.28
N GLU F 213 -46.56 -9.97 -46.49
CA GLU F 213 -45.81 -10.96 -45.72
C GLU F 213 -45.29 -12.08 -46.63
N LYS F 214 -46.10 -12.45 -47.62
CA LYS F 214 -45.76 -13.54 -48.52
C LYS F 214 -44.46 -13.26 -49.26
N VAL F 215 -44.20 -11.98 -49.55
CA VAL F 215 -42.96 -11.58 -50.18
C VAL F 215 -41.79 -11.83 -49.23
N LEU F 216 -41.93 -11.36 -48.00
CA LEU F 216 -40.92 -11.59 -46.97
C LEU F 216 -40.85 -13.07 -46.61
N GLN F 217 -41.98 -13.76 -46.74
CA GLN F 217 -42.05 -15.20 -46.49
C GLN F 217 -41.22 -15.95 -47.53
N ASP F 218 -41.14 -15.39 -48.73
CA ASP F 218 -40.32 -15.97 -49.78
C ASP F 218 -38.87 -15.50 -49.67
N ILE F 219 -38.68 -14.29 -49.13
CA ILE F 219 -37.34 -13.75 -48.94
C ILE F 219 -36.56 -14.60 -47.94
N ARG F 220 -37.20 -14.90 -46.80
CA ARG F 220 -36.59 -15.80 -45.83
C ARG F 220 -36.40 -17.18 -46.45
N LEU F 221 -37.29 -17.53 -47.37
CA LEU F 221 -37.20 -18.81 -48.06
C LEU F 221 -35.95 -18.85 -48.95
N ASN F 222 -35.89 -17.97 -49.93
CA ASN F 222 -34.76 -17.95 -50.86
C ASN F 222 -33.45 -17.57 -50.18
N CYS F 223 -33.53 -17.08 -48.95
CA CYS F 223 -32.33 -16.82 -48.17
C CYS F 223 -31.89 -18.08 -47.45
N VAL F 224 -32.82 -18.71 -46.74
CA VAL F 224 -32.54 -19.92 -45.99
C VAL F 224 -32.10 -21.08 -46.88
N ASN F 225 -32.82 -21.29 -47.98
CA ASN F 225 -32.47 -22.38 -48.89
C ASN F 225 -31.14 -22.12 -49.59
N THR F 226 -30.84 -20.85 -49.82
CA THR F 226 -29.54 -20.46 -50.37
C THR F 226 -28.44 -20.93 -49.43
N PHE F 227 -28.74 -20.92 -48.14
CA PHE F 227 -27.87 -21.51 -47.13
C PHE F 227 -28.13 -23.01 -47.02
N ARG F 228 -29.40 -23.39 -47.13
CA ARG F 228 -29.81 -24.79 -46.96
C ARG F 228 -29.41 -25.66 -48.14
N GLU F 229 -29.34 -25.07 -49.32
CA GLU F 229 -28.87 -25.81 -50.49
C GLU F 229 -27.45 -26.32 -50.25
N ASN F 230 -26.58 -25.42 -49.83
CA ASN F 230 -25.27 -25.81 -49.35
C ASN F 230 -25.42 -26.53 -48.01
N GLY F 231 -24.38 -27.22 -47.58
CA GLY F 231 -24.43 -27.95 -46.31
C GLY F 231 -24.38 -27.03 -45.11
N ILE F 232 -24.46 -25.73 -45.36
CA ILE F 232 -24.29 -24.71 -44.34
C ILE F 232 -25.42 -24.69 -43.30
N ALA F 233 -26.47 -25.47 -43.56
CA ALA F 233 -27.61 -25.56 -42.66
C ALA F 233 -28.45 -24.29 -42.65
N GLU F 234 -28.76 -23.80 -41.45
CA GLU F 234 -29.69 -22.68 -41.30
C GLU F 234 -29.01 -21.36 -40.92
N PRO F 235 -29.33 -20.29 -41.65
CA PRO F 235 -28.87 -18.93 -41.33
C PRO F 235 -29.92 -18.11 -40.57
N PRO F 236 -29.52 -17.49 -39.45
CA PRO F 236 -30.42 -16.57 -38.75
C PRO F 236 -30.73 -15.35 -39.62
N ILE F 237 -31.99 -15.17 -39.96
CA ILE F 237 -32.38 -14.17 -40.95
C ILE F 237 -33.31 -13.07 -40.44
N PHE F 238 -32.97 -11.82 -40.80
CA PHE F 238 -33.77 -10.65 -40.43
C PHE F 238 -34.03 -9.78 -41.66
N LEU F 239 -35.31 -9.59 -41.98
CA LEU F 239 -35.70 -8.76 -43.12
C LEU F 239 -36.09 -7.36 -42.68
N LEU F 240 -35.45 -6.35 -43.24
CA LEU F 240 -35.76 -4.97 -42.86
C LEU F 240 -35.49 -3.96 -43.97
N SER F 241 -35.80 -2.70 -43.67
CA SER F 241 -35.60 -1.60 -44.61
C SER F 241 -34.93 -0.41 -43.91
N ASN F 242 -33.81 0.04 -44.45
CA ASN F 242 -33.10 1.17 -43.87
C ASN F 242 -33.91 2.46 -44.01
N LYS F 243 -34.92 2.42 -44.86
CA LYS F 243 -35.81 3.56 -45.08
C LYS F 243 -37.00 3.54 -44.13
N ASN F 244 -37.14 2.43 -43.40
CA ASN F 244 -38.26 2.27 -42.46
C ASN F 244 -37.79 1.51 -41.23
N VAL F 245 -37.09 2.21 -40.36
CA VAL F 245 -36.52 1.65 -39.15
C VAL F 245 -37.55 1.10 -38.14
N CYS F 246 -38.77 1.62 -38.17
CA CYS F 246 -39.80 1.22 -37.22
C CYS F 246 -40.47 -0.12 -37.53
N HIS F 247 -40.42 -0.54 -38.78
CA HIS F 247 -41.11 -1.75 -39.21
C HIS F 247 -40.20 -2.95 -39.51
N TYR F 248 -40.85 -4.06 -39.85
CA TYR F 248 -40.16 -5.31 -40.21
C TYR F 248 -39.31 -5.90 -39.08
N ASP F 249 -38.15 -6.45 -39.41
CA ASP F 249 -37.33 -7.14 -38.42
C ASP F 249 -36.29 -6.27 -37.72
N PHE F 250 -36.35 -4.96 -37.92
CA PHE F 250 -35.39 -4.08 -37.25
C PHE F 250 -35.53 -4.13 -35.73
N PRO F 251 -36.77 -4.04 -35.22
CA PRO F 251 -37.00 -4.11 -33.78
C PRO F 251 -36.50 -5.42 -33.19
N VAL F 252 -36.78 -6.52 -33.87
CA VAL F 252 -36.36 -7.84 -33.43
C VAL F 252 -34.84 -7.96 -33.38
N LEU F 253 -34.17 -7.36 -34.36
CA LEU F 253 -32.72 -7.41 -34.43
C LEU F 253 -32.06 -6.76 -33.21
N MSE F 254 -32.56 -5.58 -32.83
CA MSE F 254 -32.00 -4.84 -31.70
C MSE F 254 -32.11 -5.63 -30.40
O MSE F 254 -31.17 -5.67 -29.61
CB MSE F 254 -32.71 -3.50 -31.55
CG MSE F 254 -32.41 -2.50 -32.65
SE MSE F 254 -33.04 -0.72 -32.18
CE MSE F 254 -34.94 -1.11 -32.02
N ASP F 255 -33.26 -6.25 -30.18
CA ASP F 255 -33.49 -7.03 -28.97
C ASP F 255 -32.54 -8.22 -28.93
N GLU F 256 -32.32 -8.84 -30.07
CA GLU F 256 -31.42 -9.98 -30.17
C GLU F 256 -29.97 -9.57 -29.95
N LEU F 257 -29.58 -8.44 -30.54
CA LEU F 257 -28.22 -7.93 -30.41
C LEU F 257 -27.86 -7.63 -28.96
N ILE F 258 -28.78 -7.01 -28.24
CA ILE F 258 -28.56 -6.67 -26.84
C ILE F 258 -28.40 -7.89 -25.96
N SER F 259 -29.25 -8.89 -26.16
CA SER F 259 -29.22 -10.11 -25.36
C SER F 259 -27.89 -10.86 -25.48
N ASP F 260 -27.32 -10.88 -26.68
CA ASP F 260 -26.06 -11.59 -26.91
C ASP F 260 -24.86 -10.82 -26.35
N LEU F 261 -25.04 -9.53 -26.13
CA LEU F 261 -23.98 -8.68 -25.62
C LEU F 261 -23.81 -8.94 -24.12
N PRO F 262 -22.59 -8.74 -23.59
CA PRO F 262 -22.39 -8.92 -22.15
C PRO F 262 -23.24 -7.92 -21.36
N ILE F 263 -23.75 -8.35 -20.21
CA ILE F 263 -24.63 -7.54 -19.38
C ILE F 263 -24.18 -6.09 -19.23
N TYR F 264 -22.95 -5.90 -18.76
CA TYR F 264 -22.41 -4.56 -18.53
C TYR F 264 -22.29 -3.73 -19.81
N LYS F 265 -22.26 -4.40 -20.96
CA LYS F 265 -22.13 -3.70 -22.24
C LYS F 265 -23.47 -3.24 -22.80
N ARG F 266 -24.57 -3.77 -22.25
CA ARG F 266 -25.91 -3.46 -22.74
C ARG F 266 -26.29 -1.99 -22.60
N HIS F 267 -25.94 -1.39 -21.46
CA HIS F 267 -26.29 0.00 -21.17
C HIS F 267 -25.92 0.99 -22.27
N ASN F 268 -24.64 1.03 -22.63
CA ASN F 268 -24.15 1.96 -23.64
C ASN F 268 -24.81 1.77 -25.00
N PHE F 269 -24.99 0.52 -25.41
CA PHE F 269 -25.60 0.23 -26.70
C PHE F 269 -27.09 0.50 -26.70
N MSE F 270 -27.75 0.15 -25.60
CA MSE F 270 -29.21 0.27 -25.50
C MSE F 270 -29.67 1.71 -25.69
O MSE F 270 -30.59 1.98 -26.46
CB MSE F 270 -29.69 -0.26 -24.15
CG MSE F 270 -31.20 -0.20 -23.99
SE MSE F 270 -32.13 -1.25 -25.34
CE MSE F 270 -33.93 -0.54 -25.10
N VAL F 271 -29.04 2.64 -24.97
CA VAL F 271 -29.43 4.04 -25.01
C VAL F 271 -29.15 4.68 -26.36
N SER F 272 -28.29 4.05 -27.15
CA SER F 272 -27.94 4.57 -28.47
C SER F 272 -28.94 4.16 -29.56
N LEU F 273 -29.74 3.15 -29.28
CA LEU F 273 -30.68 2.62 -30.27
C LEU F 273 -31.81 3.59 -30.56
N PRO F 274 -32.31 3.56 -31.81
CA PRO F 274 -33.43 4.40 -32.27
C PRO F 274 -34.71 4.15 -31.47
N ASN F 275 -35.43 5.21 -31.14
CA ASN F 275 -36.67 5.07 -30.40
C ASN F 275 -37.82 4.76 -31.33
N ILE F 276 -37.83 3.53 -31.84
CA ILE F 276 -38.81 3.09 -32.82
C ILE F 276 -40.15 2.65 -32.23
N THR F 277 -40.12 2.12 -31.02
CA THR F 277 -41.34 1.63 -30.38
C THR F 277 -41.41 1.93 -28.89
N ASP F 278 -42.61 1.78 -28.33
CA ASP F 278 -42.82 1.99 -26.90
C ASP F 278 -42.02 1.00 -26.08
N SER F 279 -41.86 -0.21 -26.62
CA SER F 279 -41.09 -1.26 -25.95
C SER F 279 -39.63 -0.86 -25.77
N VAL F 280 -39.04 -0.35 -26.85
CA VAL F 280 -37.66 0.09 -26.82
C VAL F 280 -37.49 1.28 -25.88
N ILE F 281 -38.45 2.20 -25.94
CA ILE F 281 -38.45 3.37 -25.08
C ILE F 281 -38.57 2.98 -23.61
N GLU F 282 -39.46 2.04 -23.33
CA GLU F 282 -39.68 1.56 -21.97
C GLU F 282 -38.46 0.83 -21.45
N LYS F 283 -37.81 0.07 -22.35
CA LYS F 283 -36.61 -0.66 -21.99
C LYS F 283 -35.49 0.31 -21.62
N LYS F 284 -35.38 1.40 -22.37
CA LYS F 284 -34.40 2.43 -22.10
C LYS F 284 -34.60 3.03 -20.72
N ARG F 285 -35.87 3.31 -20.40
CA ARG F 285 -36.23 3.87 -19.10
C ARG F 285 -35.80 2.95 -17.96
N GLN F 286 -36.05 1.66 -18.13
CA GLN F 286 -35.70 0.66 -17.13
C GLN F 286 -34.20 0.64 -16.86
N PHE F 287 -33.40 0.70 -17.93
CA PHE F 287 -31.95 0.72 -17.79
C PHE F 287 -31.48 1.98 -17.10
N LEU F 288 -32.00 3.12 -17.53
CA LEU F 288 -31.62 4.41 -16.94
C LEU F 288 -32.04 4.50 -15.48
N LYS F 289 -33.16 3.85 -15.14
CA LYS F 289 -33.64 3.84 -13.77
C LYS F 289 -32.66 3.11 -12.86
N GLN F 290 -32.10 2.02 -13.36
CA GLN F 290 -31.13 1.24 -12.61
C GLN F 290 -29.83 2.00 -12.43
N ARG F 291 -29.45 2.79 -13.44
CA ARG F 291 -28.24 3.58 -13.37
C ARG F 291 -28.39 4.69 -12.34
N ILE F 292 -29.59 5.28 -12.28
CA ILE F 292 -29.90 6.31 -11.30
C ILE F 292 -29.79 5.72 -9.90
N TRP F 293 -30.32 4.50 -9.75
CA TRP F 293 -30.29 3.78 -8.48
C TRP F 293 -28.85 3.55 -8.05
N LEU F 294 -28.03 3.07 -8.97
CA LEU F 294 -26.62 2.84 -8.72
C LEU F 294 -25.92 4.15 -8.36
N GLU F 295 -26.12 5.15 -9.22
CA GLU F 295 -25.53 6.47 -9.03
C GLU F 295 -25.94 7.07 -7.68
N GLY F 296 -27.20 6.89 -7.31
CA GLY F 296 -27.71 7.40 -6.05
C GLY F 296 -27.03 6.76 -4.85
N PHE F 297 -26.82 5.45 -4.93
CA PHE F 297 -26.18 4.72 -3.85
C PHE F 297 -24.68 5.01 -3.73
N ALA F 298 -24.04 5.30 -4.86
CA ALA F 298 -22.62 5.63 -4.85
C ALA F 298 -22.42 6.91 -4.05
N ALA F 299 -23.41 7.79 -4.14
CA ALA F 299 -23.41 9.03 -3.37
C ALA F 299 -23.90 8.70 -1.97
N ASP F 300 -23.37 9.39 -0.96
CA ASP F 300 -23.76 9.13 0.41
C ASP F 300 -25.24 9.44 0.62
N LEU F 301 -25.94 8.52 1.27
CA LEU F 301 -27.36 8.70 1.56
C LEU F 301 -27.54 9.64 2.75
N VAL F 302 -28.74 10.18 2.90
CA VAL F 302 -29.03 11.11 3.98
C VAL F 302 -30.31 10.73 4.73
N ASN F 303 -30.58 11.46 5.80
CA ASN F 303 -31.77 11.24 6.62
C ASN F 303 -32.80 12.35 6.43
N ILE F 304 -32.49 13.26 5.52
CA ILE F 304 -33.37 14.40 5.24
C ILE F 304 -34.34 14.06 4.10
N ILE F 305 -35.63 14.30 4.33
CA ILE F 305 -36.64 14.13 3.30
C ILE F 305 -36.29 14.97 2.09
N PRO F 306 -36.53 14.45 0.89
CA PRO F 306 -36.20 15.21 -0.32
C PRO F 306 -36.99 16.51 -0.35
N SER F 307 -36.27 17.62 -0.44
CA SER F 307 -36.87 18.94 -0.46
C SER F 307 -35.99 19.89 -1.27
N LEU F 308 -36.62 20.73 -2.09
CA LEU F 308 -35.85 21.59 -2.98
C LEU F 308 -36.10 23.07 -2.71
N THR F 309 -35.54 23.58 -1.61
CA THR F 309 -35.60 25.00 -1.32
C THR F 309 -34.25 25.62 -1.67
N PHE F 310 -34.30 26.79 -2.32
CA PHE F 310 -33.13 27.40 -2.96
C PHE F 310 -32.23 26.32 -3.58
N LEU F 311 -30.98 26.25 -3.12
CA LEU F 311 -29.99 25.32 -3.67
C LEU F 311 -29.74 25.55 -5.14
N LEU F 312 -29.83 26.81 -5.59
CA LEU F 312 -29.71 27.06 -7.00
C LEU F 312 -28.33 27.47 -7.37
N ASP F 313 -27.63 26.53 -7.98
CA ASP F 313 -26.20 26.68 -8.18
C ASP F 313 -25.77 25.84 -9.36
N SER F 314 -24.48 25.54 -9.37
CA SER F 314 -23.90 24.72 -10.42
C SER F 314 -24.65 23.39 -10.44
N ASP F 315 -24.99 22.87 -9.27
CA ASP F 315 -25.76 21.64 -9.15
C ASP F 315 -27.07 21.73 -9.94
N LEU F 316 -27.69 22.90 -9.94
CA LEU F 316 -28.83 23.17 -10.79
C LEU F 316 -28.38 23.14 -12.25
N GLU F 317 -27.25 23.78 -12.53
CA GLU F 317 -26.67 23.77 -13.87
C GLU F 317 -26.42 22.32 -14.28
N THR F 318 -26.10 21.49 -13.29
CA THR F 318 -25.78 20.08 -13.50
C THR F 318 -26.97 19.28 -14.01
N LEU F 319 -28.16 19.61 -13.53
CA LEU F 319 -29.38 18.91 -13.94
C LEU F 319 -29.59 18.98 -15.44
N LYS F 320 -29.25 20.12 -16.03
CA LYS F 320 -29.47 20.34 -17.46
C LYS F 320 -28.75 19.30 -18.31
N LYS F 321 -27.56 18.89 -17.89
CA LYS F 321 -26.82 17.86 -18.61
C LYS F 321 -27.56 16.54 -18.58
N SER F 322 -28.20 16.26 -17.44
CA SER F 322 -28.97 15.04 -17.29
C SER F 322 -30.22 15.08 -18.16
N MSE F 323 -30.87 16.24 -18.21
CA MSE F 323 -32.06 16.41 -19.03
C MSE F 323 -31.72 16.32 -20.51
O MSE F 323 -32.38 15.62 -21.26
CB MSE F 323 -32.74 17.75 -18.72
CG MSE F 323 -33.96 18.03 -19.59
SE MSE F 323 -35.38 16.72 -19.36
CE MSE F 323 -35.90 17.16 -17.53
N LYS F 324 -30.68 17.05 -20.92
CA LYS F 324 -30.24 17.02 -22.31
C LYS F 324 -29.82 15.62 -22.72
N PHE F 325 -29.21 14.89 -21.78
CA PHE F 325 -28.81 13.51 -22.02
C PHE F 325 -30.04 12.63 -22.24
N TYR F 326 -31.04 12.79 -21.37
CA TYR F 326 -32.28 12.04 -21.48
C TYR F 326 -33.06 12.44 -22.72
N ARG F 327 -32.96 13.71 -23.09
CA ARG F 327 -33.68 14.24 -24.25
C ARG F 327 -33.02 13.79 -25.55
N THR F 328 -31.70 13.64 -25.55
CA THR F 328 -30.97 13.19 -26.73
C THR F 328 -31.13 11.69 -26.93
N VAL F 329 -31.26 10.95 -25.83
CA VAL F 329 -31.43 9.51 -25.90
C VAL F 329 -32.83 9.15 -26.39
N PHE F 330 -33.85 9.76 -25.79
CA PHE F 330 -35.23 9.50 -26.18
C PHE F 330 -35.63 10.34 -27.39
N GLY F 331 -34.68 11.08 -27.94
CA GLY F 331 -34.91 11.88 -29.14
C GLY F 331 -35.98 12.94 -28.97
N VAL F 332 -35.94 13.65 -27.86
CA VAL F 332 -36.89 14.72 -27.59
C VAL F 332 -36.17 16.05 -27.42
N ASP F 333 -34.90 16.09 -27.81
CA ASP F 333 -34.12 17.32 -27.74
C ASP F 333 -34.43 18.24 -28.92
N GLU F 334 -34.18 19.53 -28.75
CA GLU F 334 -34.50 20.53 -29.77
C GLU F 334 -33.81 20.24 -31.10
N THR F 335 -32.58 19.75 -31.03
CA THR F 335 -31.82 19.42 -32.23
C THR F 335 -32.52 18.31 -33.02
N SER F 336 -33.22 17.44 -32.32
CA SER F 336 -33.97 16.36 -32.95
C SER F 336 -35.41 16.78 -33.21
N LEU F 337 -35.88 17.77 -32.45
CA LEU F 337 -37.25 18.26 -32.59
C LEU F 337 -37.38 19.20 -33.78
N GLN F 338 -36.41 20.11 -33.93
CA GLN F 338 -36.46 21.10 -34.99
C GLN F 338 -36.42 20.48 -36.39
N ARG F 339 -35.66 19.42 -36.54
CA ARG F 339 -35.54 18.76 -37.84
C ARG F 339 -36.85 18.09 -38.23
N LEU F 340 -37.52 17.47 -37.27
CA LEU F 340 -38.80 16.81 -37.51
C LEU F 340 -39.95 17.79 -37.35
N ALA F 341 -39.64 19.02 -36.95
CA ALA F 341 -40.65 20.08 -36.88
C ALA F 341 -40.45 21.05 -38.04
N ARG F 342 -39.37 20.86 -38.79
CA ARG F 342 -39.12 21.64 -39.99
C ARG F 342 -40.04 21.18 -41.11
N ASP F 343 -40.24 19.87 -41.20
CA ASP F 343 -41.13 19.28 -42.20
C ASP F 343 -42.62 19.44 -41.88
N TRP F 344 -42.95 19.46 -40.59
CA TRP F 344 -44.31 19.22 -40.11
C TRP F 344 -45.33 20.33 -40.36
N GLU F 345 -44.84 21.55 -40.56
CA GLU F 345 -45.70 22.73 -40.70
C GLU F 345 -46.35 23.10 -39.36
N ILE F 346 -46.13 22.25 -38.35
CA ILE F 346 -46.31 22.64 -36.95
C ILE F 346 -44.97 23.10 -36.43
N GLU F 347 -44.86 24.36 -36.04
CA GLU F 347 -43.56 24.88 -35.64
C GLU F 347 -43.18 24.45 -34.23
N VAL F 348 -41.92 24.71 -33.86
CA VAL F 348 -41.33 24.16 -32.66
C VAL F 348 -42.14 24.42 -31.41
N ASP F 349 -42.90 25.51 -31.40
CA ASP F 349 -43.69 25.89 -30.23
C ASP F 349 -44.79 24.89 -29.91
N GLN F 350 -45.49 24.42 -30.94
CA GLN F 350 -46.61 23.51 -30.74
C GLN F 350 -46.16 22.15 -30.21
N VAL F 351 -45.11 21.60 -30.81
CA VAL F 351 -44.61 20.29 -30.42
C VAL F 351 -44.20 20.27 -28.95
N GLU F 352 -43.64 21.39 -28.50
CA GLU F 352 -43.21 21.52 -27.11
C GLU F 352 -44.39 21.51 -26.15
N ALA F 353 -45.48 22.17 -26.54
CA ALA F 353 -46.69 22.20 -25.72
C ALA F 353 -47.20 20.79 -25.46
N MSE F 354 -46.93 19.88 -26.40
CA MSE F 354 -47.30 18.48 -26.26
C MSE F 354 -46.47 17.80 -25.17
O MSE F 354 -47.01 17.25 -24.21
CB MSE F 354 -47.14 17.75 -27.59
CG MSE F 354 -47.99 18.31 -28.72
SE MSE F 354 -47.50 17.58 -30.46
CE MSE F 354 -47.63 15.68 -30.06
N ILE F 355 -45.15 17.84 -25.34
CA ILE F 355 -44.23 17.24 -24.38
C ILE F 355 -44.12 18.11 -23.13
N LYS F 356 -43.39 17.64 -22.13
CA LYS F 356 -43.21 18.41 -20.91
C LYS F 356 -41.73 18.52 -20.55
N SER F 357 -40.88 17.88 -21.34
CA SER F 357 -39.44 17.86 -21.08
C SER F 357 -38.81 19.25 -21.18
N PRO F 358 -38.95 19.89 -22.35
CA PRO F 358 -38.29 21.19 -22.58
C PRO F 358 -39.00 22.37 -21.92
N ALA F 359 -39.94 22.09 -21.01
CA ALA F 359 -40.71 23.15 -20.38
C ALA F 359 -40.30 23.36 -18.92
N VAL F 360 -39.19 22.75 -18.52
CA VAL F 360 -38.71 22.86 -17.15
C VAL F 360 -37.62 23.92 -17.00
N PHE F 361 -37.11 24.40 -18.14
CA PHE F 361 -36.03 25.38 -18.13
C PHE F 361 -36.45 26.71 -18.76
N LYS F 362 -37.75 26.85 -19.02
CA LYS F 362 -38.27 28.09 -19.58
C LYS F 362 -39.05 28.88 -18.53
N PRO F 363 -38.90 30.21 -18.55
CA PRO F 363 -39.50 31.12 -17.57
C PRO F 363 -41.02 31.13 -17.60
N THR F 364 -41.65 30.54 -16.58
CA THR F 364 -43.10 30.52 -16.46
C THR F 364 -43.53 30.60 -15.01
N ASP F 365 -44.75 31.06 -14.77
CA ASP F 365 -45.27 31.18 -13.41
C ASP F 365 -46.60 30.46 -13.27
N THR F 368 -40.38 30.18 -9.17
CA THR F 368 -39.86 30.25 -10.53
C THR F 368 -39.13 28.96 -10.88
N ILE F 369 -37.97 29.10 -11.53
CA ILE F 369 -37.13 27.96 -11.84
C ILE F 369 -36.67 27.28 -10.55
N GLN F 370 -36.42 28.10 -9.53
CA GLN F 370 -36.02 27.57 -8.22
C GLN F 370 -37.15 26.77 -7.58
N GLU F 371 -38.37 27.23 -7.79
CA GLU F 371 -39.55 26.69 -7.13
C GLU F 371 -40.23 25.61 -7.94
N ARG F 372 -39.93 25.57 -9.24
CA ARG F 372 -40.52 24.60 -10.15
C ARG F 372 -40.06 23.19 -9.82
N LEU F 373 -38.77 23.05 -9.54
CA LEU F 373 -38.20 21.75 -9.21
C LEU F 373 -38.63 21.29 -7.83
N SER F 374 -39.01 22.25 -6.98
CA SER F 374 -39.51 21.94 -5.64
C SER F 374 -40.88 21.28 -5.72
N ARG F 375 -41.59 21.53 -6.81
CA ARG F 375 -42.91 20.93 -7.01
C ARG F 375 -42.79 19.53 -7.62
N TYR F 376 -41.86 19.37 -8.54
CA TYR F 376 -41.64 18.07 -9.18
C TYR F 376 -41.30 16.98 -8.17
N ILE F 377 -40.45 17.33 -7.21
CA ILE F 377 -40.02 16.40 -6.17
C ILE F 377 -41.20 15.95 -5.32
N GLN F 378 -42.07 16.89 -4.97
CA GLN F 378 -43.25 16.60 -4.16
C GLN F 378 -44.23 15.67 -4.86
N GLU F 379 -44.47 15.93 -6.15
CA GLU F 379 -45.41 15.11 -6.91
C GLU F 379 -44.92 13.68 -7.06
N PHE F 380 -43.63 13.52 -7.31
CA PHE F 380 -43.02 12.21 -7.44
C PHE F 380 -43.12 11.44 -6.12
N CYS F 381 -42.74 12.10 -5.03
CA CYS F 381 -42.74 11.50 -3.71
C CYS F 381 -44.14 11.20 -3.15
N LEU F 382 -45.14 12.00 -3.53
CA LEU F 382 -46.50 11.76 -3.06
C LEU F 382 -47.09 10.49 -3.67
N ALA F 383 -46.75 10.23 -4.93
CA ALA F 383 -47.28 9.06 -5.63
C ALA F 383 -46.44 7.81 -5.40
N ASN F 384 -45.13 7.99 -5.27
CA ASN F 384 -44.22 6.87 -5.10
C ASN F 384 -43.54 6.87 -3.73
N GLY F 385 -42.96 5.73 -3.35
CA GLY F 385 -42.30 5.63 -2.06
C GLY F 385 -40.94 6.31 -2.12
N TYR F 386 -40.13 6.09 -1.10
CA TYR F 386 -38.80 6.67 -1.06
C TYR F 386 -37.80 5.63 -1.53
N LEU F 387 -38.33 4.47 -1.90
CA LEU F 387 -37.53 3.36 -2.44
C LEU F 387 -36.56 2.78 -1.42
N LEU F 388 -36.48 3.40 -0.24
CA LEU F 388 -35.58 2.95 0.81
C LEU F 388 -36.31 2.83 2.14
N PRO F 389 -35.70 2.12 3.11
CA PRO F 389 -36.28 1.94 4.44
C PRO F 389 -36.54 3.28 5.12
N LYS F 390 -37.48 3.31 6.06
CA LYS F 390 -37.84 4.54 6.77
C LYS F 390 -36.61 5.27 7.31
N ASN F 391 -36.63 6.59 7.21
CA ASN F 391 -35.55 7.44 7.71
C ASN F 391 -34.30 7.43 6.84
N SER F 392 -34.35 6.68 5.75
CA SER F 392 -33.25 6.63 4.79
C SER F 392 -33.70 7.16 3.44
N PHE F 393 -32.87 7.98 2.82
CA PHE F 393 -33.21 8.58 1.53
C PHE F 393 -32.01 8.73 0.62
N LEU F 394 -32.29 8.80 -0.68
CA LEU F 394 -31.28 9.09 -1.68
C LEU F 394 -31.17 10.61 -1.71
N LYS F 395 -30.10 11.15 -2.27
CA LYS F 395 -30.01 12.60 -2.38
C LYS F 395 -31.11 13.03 -3.32
N GLU F 396 -31.65 14.22 -3.10
CA GLU F 396 -32.78 14.72 -3.89
C GLU F 396 -32.57 14.62 -5.40
N ILE F 397 -31.37 15.00 -5.84
CA ILE F 397 -31.05 15.04 -7.26
C ILE F 397 -31.39 13.75 -7.97
N PHE F 398 -31.21 12.63 -7.28
CA PHE F 398 -31.49 11.33 -7.87
C PHE F 398 -33.00 11.14 -8.03
N TYR F 399 -33.77 11.64 -7.07
CA TYR F 399 -35.23 11.58 -7.15
C TYR F 399 -35.72 12.45 -8.30
N LEU F 400 -35.03 13.57 -8.49
CA LEU F 400 -35.36 14.51 -9.57
C LEU F 400 -35.06 13.87 -10.92
N LYS F 401 -34.03 13.03 -10.95
CA LYS F 401 -33.66 12.32 -12.17
C LYS F 401 -34.72 11.31 -12.56
N TYR F 402 -35.27 10.61 -11.57
CA TYR F 402 -36.34 9.64 -11.83
C TYR F 402 -37.56 10.34 -12.39
N TYR F 403 -37.89 11.50 -11.83
CA TYR F 403 -39.03 12.28 -12.29
C TYR F 403 -38.82 12.71 -13.74
N PHE F 404 -37.64 13.26 -14.01
CA PHE F 404 -37.29 13.71 -15.36
C PHE F 404 -37.28 12.54 -16.31
N LEU F 405 -36.73 11.42 -15.85
CA LEU F 405 -36.66 10.20 -16.66
C LEU F 405 -38.05 9.74 -17.06
N ASP F 406 -38.96 9.73 -16.09
CA ASP F 406 -40.34 9.34 -16.34
C ASP F 406 -41.01 10.33 -17.28
N MSE F 407 -40.77 11.62 -17.05
CA MSE F 407 -41.36 12.66 -17.88
C MSE F 407 -40.91 12.56 -19.33
O MSE F 407 -41.73 12.60 -20.25
CB MSE F 407 -41.00 14.05 -17.31
CG MSE F 407 -41.56 15.21 -18.10
SE MSE F 407 -41.10 16.95 -17.34
CE MSE F 407 -42.24 16.91 -15.76
N VAL F 408 -39.60 12.40 -19.54
CA VAL F 408 -39.05 12.29 -20.88
C VAL F 408 -39.52 11.01 -21.57
N THR F 409 -39.61 9.93 -20.80
CA THR F 409 -40.06 8.65 -21.34
C THR F 409 -41.49 8.74 -21.87
N GLU F 410 -42.36 9.36 -21.08
CA GLU F 410 -43.76 9.53 -21.47
C GLU F 410 -43.87 10.43 -22.70
N ASP F 411 -43.02 11.45 -22.76
CA ASP F 411 -43.00 12.37 -23.89
C ASP F 411 -42.56 11.67 -25.18
N ALA F 412 -41.61 10.76 -25.04
CA ALA F 412 -41.08 10.03 -26.20
C ALA F 412 -42.16 9.15 -26.84
N LYS F 413 -42.98 8.51 -26.02
CA LYS F 413 -44.05 7.65 -26.51
C LYS F 413 -45.15 8.49 -27.17
N THR F 414 -45.46 9.63 -26.57
CA THR F 414 -46.47 10.52 -27.10
C THR F 414 -46.03 11.07 -28.47
N LEU F 415 -44.78 11.51 -28.53
CA LEU F 415 -44.23 12.05 -29.77
C LEU F 415 -44.08 10.98 -30.84
N LEU F 416 -43.73 9.77 -30.42
CA LEU F 416 -43.55 8.65 -31.34
C LEU F 416 -44.81 8.35 -32.14
N LYS F 417 -45.95 8.35 -31.46
CA LYS F 417 -47.23 8.08 -32.11
C LYS F 417 -47.53 9.10 -33.20
N GLU F 418 -47.24 10.37 -32.92
CA GLU F 418 -47.49 11.44 -33.87
C GLU F 418 -46.59 11.33 -35.10
N ILE F 419 -45.36 10.88 -34.90
CA ILE F 419 -44.40 10.73 -36.00
C ILE F 419 -44.83 9.63 -36.97
N CYS F 420 -45.24 8.49 -36.44
CA CYS F 420 -45.64 7.35 -37.25
C CYS F 420 -46.88 7.65 -38.09
N LEU F 421 -47.80 8.44 -37.54
CA LEU F 421 -49.02 8.79 -38.24
C LEU F 421 -48.78 9.70 -39.44
N ARG F 422 -47.71 10.48 -39.39
CA ARG F 422 -47.40 11.43 -40.45
C ARG F 422 -46.25 10.93 -41.33
N ASN F 423 -45.29 10.24 -40.72
CA ASN F 423 -44.13 9.73 -41.45
C ASN F 423 -44.17 8.21 -41.60
N ASN G 24 -45.14 -1.58 -15.99
CA ASN G 24 -45.96 -0.44 -15.66
C ASN G 24 -47.40 -0.82 -15.33
N ASP G 25 -47.88 -1.88 -15.98
CA ASP G 25 -49.24 -2.36 -15.78
C ASP G 25 -49.44 -2.96 -14.39
N LEU G 26 -50.69 -3.28 -14.07
CA LEU G 26 -51.03 -3.84 -12.76
C LEU G 26 -50.43 -5.23 -12.50
N PRO G 27 -50.39 -6.09 -13.53
CA PRO G 27 -49.82 -7.43 -13.30
C PRO G 27 -48.37 -7.37 -12.86
N SER G 28 -47.57 -6.55 -13.53
CA SER G 28 -46.15 -6.39 -13.21
C SER G 28 -45.92 -5.93 -11.78
N SER G 29 -46.74 -4.97 -11.32
CA SER G 29 -46.63 -4.45 -9.98
C SER G 29 -46.98 -5.47 -8.90
N PHE G 30 -48.01 -6.27 -9.17
CA PHE G 30 -48.45 -7.30 -8.22
C PHE G 30 -47.35 -8.34 -8.06
N THR G 31 -46.67 -8.65 -9.16
CA THR G 31 -45.59 -9.62 -9.16
C THR G 31 -44.44 -9.21 -8.26
N GLY G 32 -44.07 -7.94 -8.32
CA GLY G 32 -42.94 -7.39 -7.59
C GLY G 32 -42.99 -7.28 -6.07
N TYR G 33 -44.17 -7.02 -5.50
CA TYR G 33 -44.28 -6.86 -4.05
C TYR G 33 -43.84 -8.15 -3.38
N PHE G 34 -44.08 -9.26 -4.05
CA PHE G 34 -43.65 -10.57 -3.57
C PHE G 34 -42.13 -10.66 -3.60
N LYS G 35 -41.51 -9.98 -4.56
CA LYS G 35 -40.06 -10.03 -4.74
C LYS G 35 -39.23 -9.25 -3.71
N LYS G 36 -39.85 -8.27 -3.04
CA LYS G 36 -39.12 -7.47 -2.06
C LYS G 36 -38.78 -8.29 -0.84
N PHE G 37 -39.40 -9.45 -0.73
CA PHE G 37 -39.15 -10.36 0.38
C PHE G 37 -37.99 -11.28 0.06
N ASN G 38 -37.59 -12.09 1.03
CA ASN G 38 -36.50 -13.03 0.83
C ASN G 38 -37.02 -14.37 0.31
N THR G 39 -36.10 -15.32 0.15
CA THR G 39 -36.45 -16.63 -0.40
C THR G 39 -37.38 -17.41 0.52
N GLY G 40 -36.96 -17.61 1.76
CA GLY G 40 -37.75 -18.35 2.73
C GLY G 40 -38.82 -17.52 3.40
N GLU G 41 -39.24 -16.45 2.73
CA GLU G 41 -40.24 -15.54 3.29
C GLU G 41 -41.47 -15.48 2.39
N GLU G 42 -41.53 -16.39 1.42
CA GLU G 42 -42.66 -16.49 0.51
C GLU G 42 -43.92 -16.92 1.24
N ILE G 43 -45.06 -16.33 0.88
CA ILE G 43 -46.33 -16.68 1.50
C ILE G 43 -47.06 -17.74 0.68
N ILE G 44 -46.80 -17.75 -0.62
CA ILE G 44 -47.41 -18.72 -1.52
C ILE G 44 -46.42 -19.13 -2.60
N SER G 45 -46.60 -20.33 -3.15
CA SER G 45 -45.70 -20.84 -4.18
C SER G 45 -45.74 -19.95 -5.42
N GLN G 46 -44.60 -19.86 -6.11
CA GLN G 46 -44.50 -19.03 -7.29
C GLN G 46 -45.34 -19.61 -8.43
N GLU G 47 -45.70 -20.88 -8.30
CA GLU G 47 -46.56 -21.54 -9.27
C GLU G 47 -47.96 -20.90 -9.25
N ILE G 48 -48.36 -20.44 -8.07
CA ILE G 48 -49.64 -19.76 -7.92
C ILE G 48 -49.54 -18.31 -8.40
N LEU G 49 -48.39 -17.69 -8.14
CA LEU G 49 -48.13 -16.32 -8.58
C LEU G 49 -48.15 -16.24 -10.10
N ASN G 50 -47.57 -17.24 -10.75
CA ASN G 50 -47.57 -17.31 -12.21
C ASN G 50 -48.97 -17.55 -12.76
N LEU G 51 -49.84 -18.12 -11.92
CA LEU G 51 -51.22 -18.36 -12.31
C LEU G 51 -52.04 -17.08 -12.20
N ILE G 52 -51.79 -16.32 -11.14
CA ILE G 52 -52.50 -15.05 -10.92
C ILE G 52 -52.04 -13.99 -11.91
N GLU G 53 -50.74 -13.97 -12.19
CA GLU G 53 -50.17 -13.00 -13.12
C GLU G 53 -50.70 -13.21 -14.54
N LEU G 54 -50.91 -14.47 -14.91
CA LEU G 54 -51.40 -14.80 -16.24
C LEU G 54 -52.83 -14.32 -16.43
N ARG G 55 -53.70 -14.66 -15.49
CA ARG G 55 -55.10 -14.26 -15.54
C ARG G 55 -55.29 -12.75 -15.52
N MSE G 56 -54.44 -12.06 -14.76
CA MSE G 56 -54.51 -10.59 -14.68
C MSE G 56 -54.30 -9.96 -16.05
O MSE G 56 -55.03 -9.05 -16.44
CB MSE G 56 -53.47 -10.05 -13.70
CG MSE G 56 -53.82 -10.27 -12.23
SE MSE G 56 -52.66 -9.26 -11.04
CE MSE G 56 -53.08 -7.46 -11.67
N ARG G 57 -53.30 -10.46 -16.78
CA ARG G 57 -53.03 -9.98 -18.14
C ARG G 57 -54.22 -10.27 -19.05
N LYS G 58 -54.90 -11.38 -18.78
CA LYS G 58 -56.07 -11.77 -19.55
C LYS G 58 -57.17 -10.72 -19.46
N GLY G 59 -57.15 -9.94 -18.38
CA GLY G 59 -58.11 -8.87 -18.20
C GLY G 59 -59.39 -9.32 -17.53
N ASN G 60 -59.55 -10.63 -17.35
CA ASN G 60 -60.74 -11.18 -16.74
C ASN G 60 -60.65 -11.07 -15.21
N ILE G 61 -61.20 -10.00 -14.67
CA ILE G 61 -61.16 -9.73 -13.24
C ILE G 61 -61.80 -10.85 -12.44
N GLN G 62 -62.78 -11.53 -13.04
CA GLN G 62 -63.47 -12.64 -12.38
C GLN G 62 -62.52 -13.78 -12.01
N LEU G 63 -61.83 -14.30 -13.01
CA LEU G 63 -60.91 -15.41 -12.79
C LEU G 63 -59.71 -15.02 -11.93
N THR G 64 -59.25 -13.78 -12.08
CA THR G 64 -58.12 -13.28 -11.32
C THR G 64 -58.46 -13.23 -9.83
N ASN G 65 -59.59 -12.60 -9.50
CA ASN G 65 -60.02 -12.51 -8.11
C ASN G 65 -60.25 -13.90 -7.52
N SER G 66 -60.83 -14.78 -8.32
CA SER G 66 -61.10 -16.15 -7.90
C SER G 66 -59.81 -16.89 -7.57
N ALA G 67 -58.79 -16.69 -8.39
CA ALA G 67 -57.51 -17.34 -8.18
C ALA G 67 -56.85 -16.87 -6.88
N ILE G 68 -56.98 -15.58 -6.60
CA ILE G 68 -56.41 -15.01 -5.38
C ILE G 68 -57.18 -15.52 -4.16
N SER G 69 -58.50 -15.57 -4.28
CA SER G 69 -59.34 -16.05 -3.20
C SER G 69 -59.08 -17.53 -2.93
N ASP G 70 -58.76 -18.28 -3.98
CA ASP G 70 -58.45 -19.70 -3.85
C ASP G 70 -57.14 -19.89 -3.09
N ALA G 71 -56.16 -19.05 -3.39
CA ALA G 71 -54.87 -19.11 -2.73
C ALA G 71 -55.03 -18.85 -1.24
N LEU G 72 -55.82 -17.83 -0.91
CA LEU G 72 -56.09 -17.48 0.48
C LEU G 72 -56.85 -18.61 1.17
N LYS G 73 -57.78 -19.22 0.44
CA LYS G 73 -58.57 -20.32 0.98
C LYS G 73 -57.70 -21.53 1.29
N GLU G 74 -56.76 -21.82 0.39
CA GLU G 74 -55.84 -22.93 0.56
C GLU G 74 -54.99 -22.73 1.81
N ILE G 75 -54.52 -21.51 2.00
CA ILE G 75 -53.72 -21.17 3.16
C ILE G 75 -54.55 -21.24 4.44
N ASP G 76 -55.67 -20.52 4.46
CA ASP G 76 -56.53 -20.47 5.64
C ASP G 76 -57.06 -21.84 6.04
N SER G 77 -57.46 -22.64 5.04
CA SER G 77 -58.02 -23.95 5.31
C SER G 77 -56.93 -24.97 5.63
N SER G 78 -55.68 -24.57 5.45
CA SER G 78 -54.53 -25.45 5.71
C SER G 78 -54.52 -25.91 7.16
N VAL G 79 -54.49 -27.23 7.35
CA VAL G 79 -54.45 -27.80 8.70
C VAL G 79 -53.09 -28.44 8.95
N LEU G 80 -52.55 -28.21 10.15
CA LEU G 80 -51.26 -28.77 10.51
C LEU G 80 -51.37 -29.69 11.72
N ASN G 81 -50.93 -30.93 11.56
CA ASN G 81 -50.94 -31.90 12.64
C ASN G 81 -49.53 -32.29 13.04
N VAL G 82 -49.12 -31.88 14.24
CA VAL G 82 -47.78 -32.17 14.72
C VAL G 82 -47.78 -33.27 15.77
N ALA G 83 -47.06 -34.35 15.48
CA ALA G 83 -46.96 -35.47 16.40
C ALA G 83 -45.79 -35.29 17.36
N VAL G 84 -46.04 -35.46 18.65
CA VAL G 84 -45.01 -35.32 19.66
C VAL G 84 -44.88 -36.62 20.46
N THR G 85 -43.75 -37.30 20.31
CA THR G 85 -43.51 -38.55 21.01
C THR G 85 -42.26 -38.50 21.88
N GLY G 86 -42.13 -39.50 22.75
CA GLY G 86 -40.99 -39.57 23.65
C GLY G 86 -41.39 -40.23 24.96
N GLU G 87 -40.41 -40.71 25.72
CA GLU G 87 -40.69 -41.36 26.99
C GLU G 87 -41.31 -40.39 27.98
N THR G 88 -42.08 -40.93 28.92
CA THR G 88 -42.76 -40.11 29.92
C THR G 88 -41.75 -39.33 30.76
N GLY G 89 -41.98 -38.03 30.89
CA GLY G 89 -41.09 -37.17 31.65
C GLY G 89 -39.97 -36.59 30.79
N SER G 90 -40.25 -36.44 29.49
CA SER G 90 -39.26 -35.89 28.57
C SER G 90 -39.49 -34.40 28.35
N GLY G 91 -40.61 -33.90 28.87
CA GLY G 91 -40.94 -32.48 28.73
C GLY G 91 -41.62 -32.18 27.41
N LYS G 92 -42.27 -33.19 26.83
CA LYS G 92 -42.92 -33.03 25.54
C LYS G 92 -44.27 -32.34 25.67
N SER G 93 -44.97 -32.63 26.76
CA SER G 93 -46.25 -31.98 27.03
C SER G 93 -46.03 -30.50 27.29
N SER G 94 -44.89 -30.17 27.88
CA SER G 94 -44.52 -28.78 28.11
C SER G 94 -44.05 -28.15 26.80
N PHE G 95 -43.47 -28.97 25.93
CA PHE G 95 -43.03 -28.52 24.62
C PHE G 95 -44.22 -28.09 23.77
N ILE G 96 -45.34 -28.78 23.95
CA ILE G 96 -46.56 -28.45 23.24
C ILE G 96 -47.14 -27.12 23.72
N ASN G 97 -47.16 -26.94 25.04
CA ASN G 97 -47.67 -25.72 25.64
C ASN G 97 -46.78 -24.52 25.37
N THR G 98 -45.51 -24.80 25.03
CA THR G 98 -44.54 -23.74 24.78
C THR G 98 -44.77 -23.08 23.41
N LEU G 99 -44.88 -23.90 22.38
CA LEU G 99 -45.10 -23.40 21.02
C LEU G 99 -46.45 -22.71 20.91
N ARG G 100 -47.42 -23.19 21.68
CA ARG G 100 -48.76 -22.61 21.68
C ARG G 100 -48.80 -21.33 22.50
N GLY G 101 -47.72 -21.07 23.23
CA GLY G 101 -47.64 -19.88 24.07
C GLY G 101 -48.58 -19.96 25.26
N ILE G 102 -48.56 -21.10 25.94
CA ILE G 102 -49.42 -21.30 27.11
C ILE G 102 -48.62 -21.77 28.32
N GLY G 103 -48.93 -21.19 29.47
CA GLY G 103 -48.29 -21.60 30.71
C GLY G 103 -48.70 -23.00 31.11
N ASN G 104 -47.82 -23.68 31.84
CA ASN G 104 -48.09 -25.05 32.27
C ASN G 104 -49.19 -25.13 33.31
N GLU G 105 -49.64 -23.98 33.80
CA GLU G 105 -50.69 -23.94 34.80
C GLU G 105 -51.97 -23.33 34.22
N GLU G 106 -51.85 -22.72 33.05
CA GLU G 106 -52.99 -22.07 32.40
C GLU G 106 -54.00 -23.10 31.88
N GLU G 107 -55.19 -22.62 31.54
CA GLU G 107 -56.25 -23.50 31.05
C GLU G 107 -56.03 -23.88 29.60
N GLY G 108 -56.59 -25.02 29.20
CA GLY G 108 -56.48 -25.49 27.84
C GLY G 108 -55.07 -25.92 27.49
N ALA G 109 -54.27 -26.20 28.51
CA ALA G 109 -52.89 -26.62 28.31
C ALA G 109 -52.70 -28.10 28.62
N ALA G 110 -51.65 -28.68 28.05
CA ALA G 110 -51.33 -30.07 28.33
C ALA G 110 -50.74 -30.20 29.72
N LYS G 111 -51.30 -31.14 30.50
CA LYS G 111 -50.88 -31.34 31.87
C LYS G 111 -49.42 -31.76 31.94
N THR G 112 -48.62 -30.95 32.62
CA THR G 112 -47.22 -31.25 32.80
C THR G 112 -47.07 -32.50 33.68
N GLY G 113 -47.38 -32.36 34.96
CA GLY G 113 -47.41 -33.49 35.88
C GLY G 113 -48.64 -34.36 35.73
N VAL G 114 -48.44 -35.61 35.36
CA VAL G 114 -49.56 -36.52 35.14
C VAL G 114 -49.33 -37.92 35.71
N VAL G 115 -50.44 -38.61 36.00
CA VAL G 115 -50.41 -40.00 36.39
C VAL G 115 -50.38 -40.88 35.15
N GLU G 116 -50.25 -40.23 33.99
CA GLU G 116 -50.33 -40.90 32.70
C GLU G 116 -51.69 -41.57 32.54
N VAL G 117 -51.70 -42.89 32.47
CA VAL G 117 -52.91 -43.68 32.29
C VAL G 117 -53.56 -43.43 30.93
N THR G 118 -52.84 -42.74 30.05
CA THR G 118 -53.29 -42.52 28.68
C THR G 118 -52.67 -43.56 27.73
N MSE G 119 -53.51 -44.36 27.10
CA MSE G 119 -53.08 -45.43 26.22
C MSE G 119 -53.03 -44.95 24.77
O MSE G 119 -52.50 -45.64 23.89
CB MSE G 119 -54.01 -46.64 26.34
CG MSE G 119 -53.52 -47.94 25.67
SE MSE G 119 -52.06 -48.84 26.60
CE MSE G 119 -52.08 -50.55 25.67
N GLU G 120 -53.56 -43.75 24.55
CA GLU G 120 -53.79 -43.25 23.20
C GLU G 120 -53.45 -41.77 23.05
N ARG G 121 -53.39 -41.31 21.80
CA ARG G 121 -53.05 -39.94 21.47
C ARG G 121 -54.08 -38.91 21.96
N HIS G 122 -53.60 -37.70 22.22
CA HIS G 122 -54.45 -36.61 22.67
C HIS G 122 -54.08 -35.34 21.90
N PRO G 123 -55.07 -34.69 21.29
CA PRO G 123 -54.85 -33.48 20.49
C PRO G 123 -54.86 -32.18 21.29
N TYR G 124 -54.07 -31.20 20.84
CA TYR G 124 -54.03 -29.88 21.48
C TYR G 124 -53.93 -28.79 20.42
N LYS G 125 -55.04 -28.10 20.19
CA LYS G 125 -55.08 -27.03 19.19
C LYS G 125 -54.45 -25.73 19.69
N HIS G 126 -53.90 -24.96 18.77
CA HIS G 126 -53.31 -23.67 19.09
C HIS G 126 -54.42 -22.68 19.46
N PRO G 127 -54.18 -21.87 20.51
CA PRO G 127 -55.16 -20.90 21.01
C PRO G 127 -55.61 -19.86 19.97
N ASN G 128 -54.71 -19.47 19.09
CA ASN G 128 -55.03 -18.46 18.08
C ASN G 128 -55.26 -19.05 16.69
N ILE G 129 -54.56 -20.13 16.38
CA ILE G 129 -54.69 -20.78 15.08
C ILE G 129 -55.20 -22.20 15.22
N PRO G 130 -56.54 -22.37 15.28
CA PRO G 130 -57.20 -23.66 15.42
C PRO G 130 -56.75 -24.68 14.38
N ASN G 131 -56.28 -24.21 13.23
CA ASN G 131 -55.82 -25.10 12.16
C ASN G 131 -54.45 -25.68 12.48
N VAL G 132 -53.91 -25.33 13.64
CA VAL G 132 -52.63 -25.86 14.09
C VAL G 132 -52.87 -26.76 15.30
N VAL G 133 -52.61 -28.05 15.12
CA VAL G 133 -52.86 -29.01 16.19
C VAL G 133 -51.63 -29.83 16.55
N PHE G 134 -51.29 -29.83 17.83
CA PHE G 134 -50.17 -30.61 18.34
C PHE G 134 -50.71 -31.86 19.02
N TRP G 135 -50.13 -33.00 18.69
CA TRP G 135 -50.58 -34.27 19.26
C TRP G 135 -49.56 -34.85 20.23
N ASP G 136 -49.98 -35.07 21.46
CA ASP G 136 -49.13 -35.67 22.48
C ASP G 136 -49.31 -37.19 22.40
N LEU G 137 -48.26 -37.89 21.99
CA LEU G 137 -48.33 -39.33 21.85
C LEU G 137 -47.63 -40.03 23.01
N PRO G 138 -48.24 -41.12 23.50
CA PRO G 138 -47.68 -41.93 24.59
C PRO G 138 -46.36 -42.56 24.20
N GLY G 139 -45.42 -42.64 25.15
CA GLY G 139 -44.13 -43.24 24.88
C GLY G 139 -44.27 -44.69 24.48
N ILE G 140 -43.48 -45.11 23.50
CA ILE G 140 -43.55 -46.48 22.99
C ILE G 140 -43.16 -47.49 24.07
N GLY G 141 -42.55 -46.99 25.14
CA GLY G 141 -42.22 -47.84 26.28
C GLY G 141 -43.41 -47.97 27.23
N SER G 142 -44.39 -47.09 27.06
CA SER G 142 -45.59 -47.11 27.88
C SER G 142 -46.63 -48.06 27.29
N THR G 143 -46.56 -48.26 25.99
CA THR G 143 -47.46 -49.18 25.30
C THR G 143 -46.72 -50.45 24.88
N ASN G 144 -47.38 -51.60 25.05
CA ASN G 144 -46.76 -52.88 24.74
C ASN G 144 -46.84 -53.23 23.27
N PHE G 145 -47.43 -52.34 22.47
CA PHE G 145 -47.58 -52.57 21.04
C PHE G 145 -46.23 -52.56 20.33
N PRO G 146 -46.09 -53.40 19.30
CA PRO G 146 -44.86 -53.52 18.50
C PRO G 146 -44.41 -52.18 17.93
N PRO G 147 -43.12 -52.07 17.57
CA PRO G 147 -42.50 -50.85 17.06
C PRO G 147 -43.26 -50.23 15.90
N ASN G 148 -43.81 -51.06 15.02
CA ASN G 148 -44.54 -50.56 13.86
C ASN G 148 -46.02 -50.92 13.91
N THR G 149 -46.45 -51.43 15.05
CA THR G 149 -47.87 -51.61 15.32
C THR G 149 -48.35 -50.43 16.16
N TYR G 150 -47.41 -49.81 16.87
CA TYR G 150 -47.67 -48.61 17.64
C TYR G 150 -48.00 -47.44 16.72
N LEU G 151 -47.47 -47.50 15.50
CA LEU G 151 -47.66 -46.43 14.52
C LEU G 151 -49.11 -46.38 14.03
N GLU G 152 -49.69 -47.55 13.80
CA GLU G 152 -51.04 -47.64 13.26
C GLU G 152 -52.09 -47.28 14.30
N LYS G 153 -51.74 -47.45 15.57
CA LYS G 153 -52.64 -47.12 16.66
C LYS G 153 -52.65 -45.62 16.93
N MSE G 154 -51.62 -44.93 16.45
CA MSE G 154 -51.48 -43.50 16.68
C MSE G 154 -51.85 -42.69 15.43
O MSE G 154 -51.84 -41.46 15.45
CB MSE G 154 -50.06 -43.15 17.12
CG MSE G 154 -49.66 -43.79 18.44
SE MSE G 154 -50.82 -43.23 19.90
CE MSE G 154 -50.12 -44.40 21.30
N LYS G 155 -52.17 -43.40 14.35
CA LYS G 155 -52.56 -42.77 13.10
C LYS G 155 -51.45 -41.87 12.57
N PHE G 156 -50.27 -42.46 12.35
CA PHE G 156 -49.10 -41.71 11.91
C PHE G 156 -49.29 -41.05 10.54
N TYR G 157 -50.33 -41.45 9.83
CA TYR G 157 -50.59 -40.93 8.49
C TYR G 157 -51.35 -39.60 8.53
N GLU G 158 -51.65 -39.11 9.72
CA GLU G 158 -52.41 -37.88 9.87
C GLU G 158 -51.52 -36.67 10.18
N TYR G 159 -50.26 -36.94 10.50
CA TYR G 159 -49.34 -35.87 10.90
C TYR G 159 -48.53 -35.31 9.74
N ASP G 160 -48.16 -34.04 9.85
CA ASP G 160 -47.35 -33.37 8.83
C ASP G 160 -45.86 -33.63 9.05
N PHE G 161 -45.46 -33.70 10.31
CA PHE G 161 -44.08 -33.99 10.67
C PHE G 161 -43.98 -34.43 12.13
N PHE G 162 -42.89 -35.09 12.47
CA PHE G 162 -42.73 -35.61 13.83
C PHE G 162 -41.63 -34.93 14.64
N ILE G 163 -41.90 -34.77 15.94
CA ILE G 163 -40.95 -34.21 16.89
C ILE G 163 -40.61 -35.28 17.93
N ILE G 164 -39.34 -35.64 18.03
CA ILE G 164 -38.92 -36.67 18.98
C ILE G 164 -38.20 -36.10 20.20
N ILE G 165 -38.85 -36.22 21.35
CA ILE G 165 -38.32 -35.69 22.60
C ILE G 165 -37.84 -36.81 23.52
N SER G 166 -36.74 -36.56 24.24
CA SER G 166 -36.23 -37.54 25.21
C SER G 166 -35.67 -36.84 26.44
N ALA G 167 -35.28 -35.58 26.29
CA ALA G 167 -34.75 -34.77 27.40
C ALA G 167 -33.37 -35.21 27.86
N THR G 168 -32.95 -36.42 27.49
CA THR G 168 -31.64 -36.94 27.85
C THR G 168 -30.95 -37.52 26.61
N ARG G 169 -30.85 -38.84 26.57
CA ARG G 169 -30.29 -39.53 25.41
C ARG G 169 -31.41 -40.18 24.62
N PHE G 170 -31.15 -40.45 23.34
CA PHE G 170 -32.15 -41.09 22.49
C PHE G 170 -31.98 -42.62 22.53
N LYS G 171 -33.01 -43.31 22.99
CA LYS G 171 -32.95 -44.77 23.11
C LYS G 171 -33.24 -45.44 21.76
N LYS G 172 -32.98 -46.74 21.69
CA LYS G 172 -33.23 -47.51 20.47
C LYS G 172 -34.68 -47.35 20.01
N ASN G 173 -35.60 -47.36 20.96
CA ASN G 173 -37.02 -47.18 20.69
C ASN G 173 -37.29 -45.92 19.87
N ASP G 174 -36.83 -44.80 20.40
CA ASP G 174 -37.00 -43.51 19.75
C ASP G 174 -36.37 -43.53 18.35
N ILE G 175 -35.17 -44.09 18.27
CA ILE G 175 -34.44 -44.17 17.01
C ILE G 175 -35.19 -45.02 16.00
N ASP G 176 -35.77 -46.12 16.45
CA ASP G 176 -36.53 -47.01 15.57
C ASP G 176 -37.78 -46.32 15.08
N ILE G 177 -38.38 -45.50 15.94
CA ILE G 177 -39.55 -44.71 15.56
C ILE G 177 -39.14 -43.74 14.46
N ALA G 178 -37.99 -43.12 14.64
CA ALA G 178 -37.44 -42.18 13.66
C ALA G 178 -37.25 -42.88 12.32
N LYS G 179 -36.65 -44.06 12.35
CA LYS G 179 -36.41 -44.84 11.14
C LYS G 179 -37.73 -45.14 10.41
N ALA G 180 -38.75 -45.48 11.18
CA ALA G 180 -40.07 -45.76 10.62
C ALA G 180 -40.63 -44.51 9.97
N ILE G 181 -40.44 -43.37 10.65
CA ILE G 181 -40.89 -42.09 10.15
C ILE G 181 -40.16 -41.78 8.85
N SER G 182 -38.84 -41.96 8.87
CA SER G 182 -38.00 -41.74 7.69
C SER G 182 -38.44 -42.67 6.56
N MSE G 183 -38.81 -43.89 6.93
CA MSE G 183 -39.21 -44.91 5.96
C MSE G 183 -40.52 -44.54 5.26
O MSE G 183 -40.77 -44.97 4.14
CB MSE G 183 -39.34 -46.27 6.64
CG MSE G 183 -39.70 -47.41 5.71
SE MSE G 183 -38.34 -47.74 4.35
CE MSE G 183 -36.86 -48.25 5.51
N MSE G 184 -41.33 -43.73 5.93
CA MSE G 184 -42.63 -43.32 5.40
C MSE G 184 -42.52 -42.06 4.55
O MSE G 184 -43.53 -41.48 4.17
CB MSE G 184 -43.62 -43.10 6.54
CG MSE G 184 -44.00 -44.35 7.30
SE MSE G 184 -44.91 -43.91 8.96
CE MSE G 184 -46.20 -42.63 8.28
N LYS G 185 -41.29 -41.63 4.27
CA LYS G 185 -41.05 -40.44 3.46
C LYS G 185 -41.58 -39.20 4.17
N GLU G 186 -41.41 -39.14 5.48
CA GLU G 186 -41.86 -37.98 6.26
C GLU G 186 -40.70 -37.39 7.06
N GLU G 187 -40.81 -36.10 7.37
CA GLU G 187 -39.75 -35.41 8.12
C GLU G 187 -39.90 -35.57 9.63
N PHE G 188 -38.76 -35.68 10.30
CA PHE G 188 -38.72 -35.83 11.75
C PHE G 188 -37.65 -34.93 12.35
N TYR G 189 -37.79 -34.61 13.64
CA TYR G 189 -36.84 -33.74 14.31
C TYR G 189 -36.57 -34.20 15.74
N PHE G 190 -35.29 -34.31 16.07
CA PHE G 190 -34.85 -34.70 17.41
C PHE G 190 -34.71 -33.46 18.30
N VAL G 191 -35.40 -33.49 19.44
CA VAL G 191 -35.35 -32.37 20.38
C VAL G 191 -34.91 -32.82 21.77
N ARG G 192 -33.81 -32.26 22.25
CA ARG G 192 -33.29 -32.59 23.56
C ARG G 192 -33.67 -31.49 24.54
N THR G 193 -34.63 -31.76 25.40
CA THR G 193 -35.15 -30.77 26.34
C THR G 193 -34.39 -30.76 27.66
N LYS G 194 -34.80 -29.85 28.54
CA LYS G 194 -34.24 -29.73 29.88
C LYS G 194 -32.73 -29.53 29.90
N VAL G 195 -32.18 -28.94 28.83
CA VAL G 195 -30.75 -28.67 28.81
C VAL G 195 -30.46 -27.69 29.94
N ASP G 196 -31.46 -26.88 30.27
CA ASP G 196 -31.38 -25.91 31.35
C ASP G 196 -31.23 -26.60 32.71
N SER G 197 -31.78 -27.81 32.84
CA SER G 197 -31.59 -28.52 34.10
C SER G 197 -30.13 -28.97 34.26
N ASP G 198 -29.51 -29.41 33.15
CA ASP G 198 -28.13 -29.93 33.19
C ASP G 198 -27.07 -28.87 33.52
N ILE G 199 -27.08 -27.75 32.81
CA ILE G 199 -26.10 -26.69 33.07
C ILE G 199 -26.37 -26.09 34.47
N THR G 200 -27.64 -25.97 34.84
CA THR G 200 -28.06 -25.44 36.14
C THR G 200 -27.49 -26.24 37.29
N ASN G 201 -27.59 -27.57 37.17
CA ASN G 201 -27.10 -28.50 38.21
C ASN G 201 -25.61 -28.33 38.40
N GLU G 202 -24.94 -28.23 37.25
CA GLU G 202 -23.50 -28.09 37.17
C GLU G 202 -23.05 -26.72 37.66
N ALA G 203 -23.84 -25.70 37.37
CA ALA G 203 -23.46 -24.35 37.75
C ALA G 203 -23.72 -24.13 39.24
N ASP G 204 -24.78 -24.76 39.74
CA ASP G 204 -25.08 -24.65 41.17
C ASP G 204 -24.00 -25.37 41.96
N GLY G 205 -23.26 -26.25 41.27
CA GLY G 205 -22.26 -27.07 41.93
C GLY G 205 -20.86 -27.25 41.36
N LYS G 206 -20.48 -26.40 40.41
CA LYS G 206 -19.12 -26.45 39.85
C LYS G 206 -18.67 -25.19 39.14
N PRO G 207 -18.12 -24.25 39.93
CA PRO G 207 -17.52 -22.99 39.47
C PRO G 207 -16.19 -23.22 38.74
N GLN G 208 -15.43 -24.20 39.21
CA GLN G 208 -14.13 -24.50 38.62
C GLN G 208 -14.28 -24.76 37.12
N THR G 209 -15.37 -25.41 36.71
CA THR G 209 -15.65 -25.62 35.30
C THR G 209 -15.82 -24.26 34.67
N PHE G 210 -15.01 -23.93 33.68
CA PHE G 210 -15.07 -22.63 33.06
C PHE G 210 -16.03 -22.45 31.88
N ASP G 211 -16.74 -23.50 31.47
CA ASP G 211 -17.63 -23.33 30.32
C ASP G 211 -19.06 -23.82 30.52
N LYS G 212 -20.00 -22.89 30.35
CA LYS G 212 -21.42 -23.21 30.23
C LYS G 212 -21.70 -23.64 28.79
N GLU G 213 -20.68 -23.51 27.95
CA GLU G 213 -20.79 -23.84 26.53
C GLU G 213 -20.31 -25.26 26.28
N LYS G 214 -19.26 -25.63 27.00
CA LYS G 214 -18.70 -26.98 26.91
C LYS G 214 -19.70 -28.02 27.42
N VAL G 215 -20.42 -27.67 28.48
CA VAL G 215 -21.48 -28.53 28.99
C VAL G 215 -22.57 -28.74 27.94
N LEU G 216 -22.93 -27.64 27.27
CA LEU G 216 -23.92 -27.68 26.19
C LEU G 216 -23.49 -28.65 25.07
N GLN G 217 -22.24 -28.53 24.63
CA GLN G 217 -21.72 -29.39 23.57
C GLN G 217 -21.59 -30.83 24.03
N ASP G 218 -21.34 -31.02 25.32
CA ASP G 218 -21.22 -32.37 25.88
C ASP G 218 -22.54 -33.13 25.72
N ILE G 219 -23.65 -32.41 25.69
CA ILE G 219 -24.96 -33.01 25.54
C ILE G 219 -25.16 -33.55 24.12
N ARG G 220 -24.74 -32.76 23.13
CA ARG G 220 -24.78 -33.21 21.74
C ARG G 220 -23.96 -34.48 21.57
N LEU G 221 -22.87 -34.57 22.32
CA LEU G 221 -22.00 -35.74 22.28
C LEU G 221 -22.77 -37.00 22.67
N ASN G 222 -23.35 -36.99 23.87
CA ASN G 222 -24.07 -38.15 24.39
C ASN G 222 -25.24 -38.58 23.50
N CYS G 223 -25.90 -37.61 22.88
CA CYS G 223 -27.03 -37.90 22.01
C CYS G 223 -26.62 -38.69 20.77
N VAL G 224 -25.66 -38.16 20.03
CA VAL G 224 -25.22 -38.78 18.79
C VAL G 224 -24.58 -40.14 19.03
N ASN G 225 -24.03 -40.33 20.23
CA ASN G 225 -23.35 -41.57 20.58
C ASN G 225 -24.30 -42.77 20.57
N THR G 226 -25.57 -42.53 20.90
CA THR G 226 -26.59 -43.57 20.80
C THR G 226 -26.94 -43.79 19.35
N PHE G 227 -26.70 -42.78 18.53
CA PHE G 227 -26.82 -42.99 17.11
C PHE G 227 -25.52 -43.69 16.67
N ARG G 228 -24.38 -43.03 16.77
CA ARG G 228 -23.12 -43.60 16.25
C ARG G 228 -22.79 -45.03 16.67
N GLU G 229 -23.12 -45.40 17.90
CA GLU G 229 -22.91 -46.78 18.34
C GLU G 229 -23.54 -47.77 17.38
N ASN G 230 -24.74 -47.46 16.91
CA ASN G 230 -25.51 -48.38 16.06
C ASN G 230 -25.42 -48.11 14.55
N GLY G 231 -24.57 -47.20 14.12
CA GLY G 231 -24.59 -46.75 12.74
C GLY G 231 -25.37 -45.46 12.69
N ILE G 232 -25.84 -45.07 11.51
CA ILE G 232 -26.71 -43.90 11.37
C ILE G 232 -25.94 -42.56 11.39
N ALA G 233 -24.66 -42.61 11.74
CA ALA G 233 -23.84 -41.40 11.87
C ALA G 233 -24.43 -40.42 12.88
N GLU G 234 -24.65 -39.19 12.46
CA GLU G 234 -25.27 -38.18 13.31
C GLU G 234 -26.38 -37.46 12.55
N PRO G 235 -27.58 -37.43 13.14
CA PRO G 235 -28.74 -36.70 12.62
C PRO G 235 -28.80 -35.31 13.21
N PRO G 236 -29.59 -34.41 12.60
CA PRO G 236 -29.67 -33.08 13.20
C PRO G 236 -30.27 -33.17 14.60
N ILE G 237 -29.63 -32.49 15.55
CA ILE G 237 -30.05 -32.50 16.95
C ILE G 237 -30.24 -31.07 17.44
N PHE G 238 -31.30 -30.85 18.21
CA PHE G 238 -31.59 -29.53 18.73
C PHE G 238 -31.69 -29.55 20.24
N LEU G 239 -30.83 -28.75 20.88
CA LEU G 239 -30.81 -28.63 22.34
C LEU G 239 -31.57 -27.39 22.77
N LEU G 240 -32.55 -27.56 23.64
CA LEU G 240 -33.35 -26.43 24.09
C LEU G 240 -33.90 -26.60 25.50
N SER G 241 -34.61 -25.58 25.96
CA SER G 241 -35.23 -25.58 27.27
C SER G 241 -36.68 -25.09 27.20
N ASN G 242 -37.61 -25.89 27.70
CA ASN G 242 -39.01 -25.51 27.70
C ASN G 242 -39.25 -24.33 28.64
N LYS G 243 -38.25 -24.07 29.49
CA LYS G 243 -38.33 -22.96 30.43
C LYS G 243 -37.74 -21.69 29.80
N ASN G 244 -37.11 -21.85 28.64
CA ASN G 244 -36.51 -20.71 27.94
C ASN G 244 -36.61 -20.85 26.43
N VAL G 245 -37.80 -20.55 25.90
CA VAL G 245 -38.06 -20.64 24.47
C VAL G 245 -37.16 -19.70 23.66
N CYS G 246 -36.67 -18.65 24.31
CA CYS G 246 -35.84 -17.65 23.64
C CYS G 246 -34.39 -18.06 23.43
N HIS G 247 -33.90 -19.03 24.21
CA HIS G 247 -32.50 -19.42 24.14
C HIS G 247 -32.23 -20.78 23.50
N TYR G 248 -30.95 -21.11 23.39
CA TYR G 248 -30.48 -22.37 22.83
C TYR G 248 -30.83 -22.59 21.36
N ASP G 249 -31.18 -23.82 21.01
CA ASP G 249 -31.46 -24.17 19.62
C ASP G 249 -32.95 -24.05 19.25
N PHE G 250 -33.73 -23.44 20.14
CA PHE G 250 -35.15 -23.26 19.89
C PHE G 250 -35.40 -22.39 18.66
N PRO G 251 -34.69 -21.25 18.55
CA PRO G 251 -34.85 -20.38 17.38
C PRO G 251 -34.51 -21.11 16.07
N VAL G 252 -33.42 -21.87 16.09
CA VAL G 252 -32.99 -22.64 14.93
C VAL G 252 -34.02 -23.69 14.53
N LEU G 253 -34.64 -24.32 15.53
CA LEU G 253 -35.63 -25.35 15.31
C LEU G 253 -36.85 -24.82 14.53
N MSE G 254 -37.35 -23.66 14.95
CA MSE G 254 -38.52 -23.06 14.32
C MSE G 254 -38.26 -22.74 12.85
O MSE G 254 -39.12 -22.96 12.01
CB MSE G 254 -38.94 -21.79 15.07
CG MSE G 254 -39.39 -22.03 16.50
SE MSE G 254 -39.91 -20.40 17.41
CE MSE G 254 -40.38 -21.16 19.15
N ASP G 255 -37.07 -22.23 12.56
CA ASP G 255 -36.69 -21.91 11.19
C ASP G 255 -36.61 -23.17 10.33
N GLU G 256 -36.09 -24.24 10.93
CA GLU G 256 -35.96 -25.51 10.22
C GLU G 256 -37.31 -26.16 9.93
N LEU G 257 -38.20 -26.12 10.92
CA LEU G 257 -39.53 -26.71 10.77
C LEU G 257 -40.32 -26.07 9.64
N ILE G 258 -40.25 -24.74 9.55
CA ILE G 258 -40.97 -23.99 8.53
C ILE G 258 -40.47 -24.30 7.12
N SER G 259 -39.14 -24.36 6.96
CA SER G 259 -38.54 -24.61 5.67
C SER G 259 -38.93 -25.97 5.06
N ASP G 260 -39.04 -26.98 5.91
CA ASP G 260 -39.39 -28.32 5.45
C ASP G 260 -40.87 -28.43 5.10
N LEU G 261 -41.66 -27.53 5.66
CA LEU G 261 -43.10 -27.52 5.44
C LEU G 261 -43.41 -26.97 4.04
N PRO G 262 -44.53 -27.41 3.45
CA PRO G 262 -44.90 -26.88 2.14
C PRO G 262 -45.17 -25.38 2.22
N ILE G 263 -44.81 -24.63 1.18
CA ILE G 263 -44.93 -23.18 1.14
C ILE G 263 -46.24 -22.65 1.71
N TYR G 264 -47.36 -23.11 1.16
CA TYR G 264 -48.67 -22.63 1.57
C TYR G 264 -49.01 -22.94 3.04
N LYS G 265 -48.34 -23.91 3.63
CA LYS G 265 -48.60 -24.28 5.01
C LYS G 265 -47.81 -23.43 6.02
N ARG G 266 -46.81 -22.71 5.51
CA ARG G 266 -45.95 -21.90 6.35
C ARG G 266 -46.68 -20.77 7.07
N HIS G 267 -47.59 -20.11 6.35
CA HIS G 267 -48.33 -18.97 6.89
C HIS G 267 -49.01 -19.24 8.24
N ASN G 268 -49.87 -20.26 8.27
CA ASN G 268 -50.60 -20.61 9.47
C ASN G 268 -49.70 -20.96 10.65
N PHE G 269 -48.63 -21.70 10.39
CA PHE G 269 -47.71 -22.11 11.42
C PHE G 269 -46.85 -20.94 11.91
N MSE G 270 -46.44 -20.08 10.97
CA MSE G 270 -45.56 -18.96 11.27
C MSE G 270 -46.16 -18.01 12.31
O MSE G 270 -45.51 -17.68 13.30
CB MSE G 270 -45.23 -18.19 10.00
CG MSE G 270 -44.26 -17.03 10.19
SE MSE G 270 -42.46 -17.61 10.65
CE MSE G 270 -42.09 -18.71 9.08
N VAL G 271 -47.41 -17.60 12.09
CA VAL G 271 -48.07 -16.66 12.97
C VAL G 271 -48.34 -17.26 14.35
N SER G 272 -48.32 -18.59 14.43
CA SER G 272 -48.59 -19.28 15.68
C SER G 272 -47.35 -19.41 16.56
N LEU G 273 -46.17 -19.22 15.96
CA LEU G 273 -44.91 -19.40 16.68
C LEU G 273 -44.68 -18.34 17.74
N PRO G 274 -43.98 -18.70 18.83
CA PRO G 274 -43.64 -17.80 19.93
C PRO G 274 -42.79 -16.62 19.46
N ASN G 275 -43.06 -15.43 19.97
CA ASN G 275 -42.31 -14.25 19.59
C ASN G 275 -41.04 -14.15 20.42
N ILE G 276 -40.09 -15.03 20.13
CA ILE G 276 -38.85 -15.13 20.90
C ILE G 276 -37.78 -14.12 20.48
N THR G 277 -37.78 -13.72 19.21
CA THR G 277 -36.77 -12.79 18.72
C THR G 277 -37.32 -11.77 17.73
N ASP G 278 -36.55 -10.73 17.47
CA ASP G 278 -36.92 -9.69 16.52
C ASP G 278 -37.04 -10.29 15.12
N SER G 279 -36.20 -11.28 14.82
CA SER G 279 -36.20 -11.94 13.53
C SER G 279 -37.53 -12.65 13.28
N VAL G 280 -37.99 -13.39 14.29
CA VAL G 280 -39.26 -14.11 14.19
C VAL G 280 -40.43 -13.14 14.06
N ILE G 281 -40.37 -12.07 14.85
CA ILE G 281 -41.42 -11.04 14.82
C ILE G 281 -41.46 -10.35 13.47
N GLU G 282 -40.29 -10.01 12.94
CA GLU G 282 -40.20 -9.35 11.64
C GLU G 282 -40.67 -10.28 10.53
N LYS G 283 -40.34 -11.57 10.67
CA LYS G 283 -40.74 -12.57 9.70
C LYS G 283 -42.27 -12.69 9.65
N LYS G 284 -42.89 -12.64 10.82
CA LYS G 284 -44.35 -12.72 10.91
C LYS G 284 -45.00 -11.55 10.18
N ARG G 285 -44.45 -10.35 10.38
CA ARG G 285 -44.95 -9.15 9.73
C ARG G 285 -44.90 -9.29 8.22
N GLN G 286 -43.78 -9.80 7.73
CA GLN G 286 -43.56 -9.99 6.29
C GLN G 286 -44.59 -10.92 5.67
N PHE G 287 -44.89 -12.03 6.36
CA PHE G 287 -45.89 -12.97 5.87
C PHE G 287 -47.27 -12.34 5.85
N LEU G 288 -47.61 -11.66 6.95
CA LEU G 288 -48.91 -11.01 7.08
C LEU G 288 -49.07 -9.87 6.06
N LYS G 289 -47.96 -9.21 5.73
CA LYS G 289 -47.99 -8.12 4.76
C LYS G 289 -48.37 -8.63 3.37
N GLN G 290 -47.87 -9.81 3.02
CA GLN G 290 -48.19 -10.42 1.74
C GLN G 290 -49.65 -10.85 1.68
N ARG G 291 -50.18 -11.29 2.82
CA ARG G 291 -51.57 -11.71 2.90
C ARG G 291 -52.48 -10.51 2.74
N ILE G 292 -52.06 -9.39 3.31
CA ILE G 292 -52.80 -8.12 3.18
C ILE G 292 -52.83 -7.71 1.72
N TRP G 293 -51.68 -7.89 1.06
CA TRP G 293 -51.52 -7.55 -0.35
C TRP G 293 -52.49 -8.37 -1.19
N LEU G 294 -52.55 -9.67 -0.92
CA LEU G 294 -53.45 -10.58 -1.62
C LEU G 294 -54.92 -10.19 -1.44
N GLU G 295 -55.32 -9.98 -0.20
CA GLU G 295 -56.69 -9.60 0.12
C GLU G 295 -57.09 -8.33 -0.61
N GLY G 296 -56.19 -7.36 -0.64
CA GLY G 296 -56.44 -6.10 -1.31
C GLY G 296 -56.66 -6.30 -2.79
N PHE G 297 -55.84 -7.17 -3.38
CA PHE G 297 -55.95 -7.48 -4.80
C PHE G 297 -57.18 -8.34 -5.09
N ALA G 298 -57.55 -9.19 -4.13
CA ALA G 298 -58.73 -10.03 -4.29
C ALA G 298 -59.95 -9.12 -4.36
N ALA G 299 -59.89 -8.02 -3.64
CA ALA G 299 -60.94 -7.02 -3.66
C ALA G 299 -60.72 -6.15 -4.89
N ASP G 300 -61.80 -5.67 -5.49
CA ASP G 300 -61.66 -4.85 -6.69
C ASP G 300 -60.91 -3.57 -6.35
N LEU G 301 -59.94 -3.23 -7.20
CA LEU G 301 -59.16 -2.02 -6.99
C LEU G 301 -59.96 -0.81 -7.45
N VAL G 302 -59.55 0.38 -6.99
CA VAL G 302 -60.26 1.60 -7.37
C VAL G 302 -59.31 2.68 -7.86
N ASN G 303 -59.88 3.79 -8.30
CA ASN G 303 -59.12 4.91 -8.80
C ASN G 303 -59.18 6.08 -7.82
N ILE G 304 -59.82 5.85 -6.68
CA ILE G 304 -59.98 6.88 -5.66
C ILE G 304 -58.86 6.85 -4.63
N ILE G 305 -58.44 8.03 -4.18
CA ILE G 305 -57.45 8.14 -3.13
C ILE G 305 -57.98 7.52 -1.84
N PRO G 306 -57.17 6.66 -1.20
CA PRO G 306 -57.58 5.92 -0.01
C PRO G 306 -57.66 6.78 1.25
N SER G 307 -58.09 8.03 1.10
CA SER G 307 -58.25 8.92 2.25
C SER G 307 -59.44 8.49 3.10
N LEU G 308 -59.16 8.00 4.30
CA LEU G 308 -60.19 7.49 5.19
C LEU G 308 -61.18 8.58 5.60
N THR G 309 -62.42 8.44 5.15
CA THR G 309 -63.47 9.38 5.49
C THR G 309 -64.84 8.70 5.44
N PHE G 310 -65.69 9.03 6.40
CA PHE G 310 -67.00 8.39 6.51
C PHE G 310 -66.84 6.89 6.72
N LEU G 311 -66.23 6.52 7.84
CA LEU G 311 -65.97 5.11 8.15
C LEU G 311 -67.27 4.33 8.32
N LEU G 312 -67.39 3.23 7.58
CA LEU G 312 -68.57 2.39 7.64
C LEU G 312 -68.50 1.45 8.83
N ASP G 313 -69.67 1.02 9.31
CA ASP G 313 -69.75 0.11 10.45
C ASP G 313 -69.18 -1.26 10.09
N SER G 314 -69.36 -1.65 8.83
CA SER G 314 -68.83 -2.93 8.35
C SER G 314 -67.32 -2.90 8.27
N ASP G 315 -66.77 -1.79 7.78
CA ASP G 315 -65.32 -1.63 7.68
C ASP G 315 -64.69 -1.47 9.05
N LEU G 316 -65.43 -0.87 9.98
CA LEU G 316 -64.94 -0.66 11.34
C LEU G 316 -64.85 -1.97 12.10
N GLU G 317 -65.88 -2.80 11.95
CA GLU G 317 -65.91 -4.11 12.60
C GLU G 317 -64.84 -5.04 12.03
N THR G 318 -64.58 -4.89 10.74
CA THR G 318 -63.56 -5.70 10.07
C THR G 318 -62.16 -5.33 10.56
N LEU G 319 -61.99 -4.05 10.89
CA LEU G 319 -60.70 -3.55 11.39
C LEU G 319 -60.43 -4.04 12.81
N LYS G 320 -61.48 -4.06 13.64
CA LYS G 320 -61.36 -4.52 15.01
C LYS G 320 -60.96 -6.00 15.04
N LYS G 321 -61.63 -6.80 14.22
CA LYS G 321 -61.36 -8.22 14.15
C LYS G 321 -59.98 -8.49 13.57
N SER G 322 -59.50 -7.57 12.74
CA SER G 322 -58.17 -7.66 12.16
C SER G 322 -57.11 -7.21 13.15
N MSE G 323 -57.46 -6.22 13.96
CA MSE G 323 -56.56 -5.71 14.99
C MSE G 323 -56.40 -6.73 16.11
O MSE G 323 -55.32 -6.88 16.68
CB MSE G 323 -57.06 -4.37 15.53
CG MSE G 323 -56.17 -3.76 16.60
SE MSE G 323 -54.38 -3.32 15.95
CE MSE G 323 -53.70 -2.43 17.55
N LYS G 324 -57.50 -7.40 16.44
CA LYS G 324 -57.48 -8.43 17.48
C LYS G 324 -56.61 -9.60 17.06
N PHE G 325 -56.65 -9.92 15.78
CA PHE G 325 -55.87 -11.03 15.23
C PHE G 325 -54.39 -10.69 15.20
N TYR G 326 -54.08 -9.44 14.87
CA TYR G 326 -52.69 -8.99 14.80
C TYR G 326 -52.04 -8.91 16.17
N ARG G 327 -52.80 -8.47 17.16
CA ARG G 327 -52.30 -8.36 18.53
C ARG G 327 -52.04 -9.74 19.13
N THR G 328 -52.88 -10.70 18.78
CA THR G 328 -52.77 -12.05 19.32
C THR G 328 -51.58 -12.79 18.72
N VAL G 329 -51.27 -12.48 17.46
CA VAL G 329 -50.17 -13.13 16.76
C VAL G 329 -48.82 -12.65 17.28
N PHE G 330 -48.70 -11.35 17.53
CA PHE G 330 -47.46 -10.78 18.03
C PHE G 330 -47.43 -10.75 19.55
N GLY G 331 -48.42 -11.39 20.16
CA GLY G 331 -48.48 -11.50 21.61
C GLY G 331 -48.60 -10.17 22.33
N VAL G 332 -49.45 -9.30 21.79
CA VAL G 332 -49.68 -7.99 22.41
C VAL G 332 -51.16 -7.77 22.70
N ASP G 333 -51.93 -8.86 22.66
CA ASP G 333 -53.36 -8.79 22.96
C ASP G 333 -53.58 -8.62 24.46
N GLU G 334 -54.83 -8.36 24.84
CA GLU G 334 -55.18 -8.12 26.24
C GLU G 334 -54.80 -9.31 27.12
N THR G 335 -54.98 -10.52 26.60
CA THR G 335 -54.66 -11.73 27.35
C THR G 335 -53.16 -11.85 27.61
N SER G 336 -52.36 -11.62 26.59
CA SER G 336 -50.92 -11.75 26.70
C SER G 336 -50.31 -10.68 27.60
N LEU G 337 -50.85 -9.46 27.51
CA LEU G 337 -50.37 -8.35 28.33
C LEU G 337 -50.57 -8.64 29.81
N GLN G 338 -51.67 -9.31 30.14
CA GLN G 338 -51.95 -9.70 31.51
C GLN G 338 -50.96 -10.77 31.96
N ARG G 339 -50.67 -11.71 31.05
CA ARG G 339 -49.75 -12.81 31.33
C ARG G 339 -48.35 -12.29 31.67
N LEU G 340 -47.94 -11.23 30.97
CA LEU G 340 -46.62 -10.64 31.19
C LEU G 340 -46.60 -9.79 32.46
N ALA G 341 -47.72 -9.15 32.75
CA ALA G 341 -47.82 -8.28 33.92
C ALA G 341 -47.78 -9.08 35.21
N ARG G 342 -48.00 -10.39 35.10
CA ARG G 342 -48.00 -11.27 36.26
C ARG G 342 -46.59 -11.49 36.80
N ASP G 343 -45.72 -12.05 35.97
CA ASP G 343 -44.36 -12.36 36.37
C ASP G 343 -43.48 -11.11 36.40
N TRP G 344 -43.92 -10.05 35.74
CA TRP G 344 -43.18 -8.78 35.73
C TRP G 344 -43.40 -8.01 37.03
N GLU G 345 -43.09 -6.72 37.01
CA GLU G 345 -43.20 -5.90 38.20
C GLU G 345 -44.17 -4.73 38.02
N ILE G 346 -44.60 -4.50 36.78
CA ILE G 346 -45.54 -3.42 36.49
C ILE G 346 -46.95 -3.94 36.30
N GLU G 347 -47.93 -3.05 36.41
CA GLU G 347 -49.34 -3.39 36.27
C GLU G 347 -49.68 -3.71 34.81
N VAL G 348 -50.96 -3.99 34.57
CA VAL G 348 -51.43 -4.28 33.22
C VAL G 348 -51.51 -3.01 32.39
N ASP G 349 -51.97 -1.93 33.02
CA ASP G 349 -52.07 -0.64 32.34
C ASP G 349 -50.68 -0.06 32.07
N GLN G 350 -49.70 -0.52 32.85
CA GLN G 350 -48.33 -0.08 32.67
C GLN G 350 -47.75 -0.62 31.36
N VAL G 351 -48.26 -1.77 30.94
CA VAL G 351 -47.80 -2.40 29.70
C VAL G 351 -48.44 -1.75 28.49
N GLU G 352 -49.73 -1.43 28.59
CA GLU G 352 -50.45 -0.79 27.50
C GLU G 352 -49.97 0.64 27.27
N ALA G 353 -49.36 1.22 28.31
CA ALA G 353 -48.81 2.57 28.21
C ALA G 353 -47.48 2.56 27.48
N MSE G 354 -46.89 1.37 27.37
CA MSE G 354 -45.61 1.21 26.68
C MSE G 354 -45.79 1.12 25.17
O MSE G 354 -44.92 1.52 24.41
CB MSE G 354 -44.88 -0.04 27.19
CG MSE G 354 -44.57 -0.02 28.68
SE MSE G 354 -43.77 -1.69 29.29
CE MSE G 354 -43.48 -1.23 31.17
N ILE G 355 -46.93 0.58 24.75
CA ILE G 355 -47.21 0.38 23.33
C ILE G 355 -48.32 1.31 22.84
N LYS G 356 -48.68 1.16 21.57
CA LYS G 356 -49.67 2.03 20.94
C LYS G 356 -50.94 1.28 20.54
N SER G 357 -50.84 -0.04 20.47
CA SER G 357 -51.93 -0.89 19.98
C SER G 357 -53.21 -0.79 20.83
N PRO G 358 -53.09 -0.92 22.15
CA PRO G 358 -54.30 -0.92 22.99
C PRO G 358 -55.03 0.42 23.00
N ALA G 359 -54.31 1.50 22.68
CA ALA G 359 -54.89 2.84 22.73
C ALA G 359 -55.44 3.26 21.37
N VAL G 360 -55.74 2.29 20.52
CA VAL G 360 -56.26 2.58 19.18
C VAL G 360 -57.79 2.66 19.18
N PHE G 361 -58.43 1.70 19.85
CA PHE G 361 -59.88 1.66 19.90
C PHE G 361 -60.41 2.04 21.28
N LYS G 362 -59.75 2.99 21.92
CA LYS G 362 -60.20 3.51 23.21
C LYS G 362 -61.09 4.73 23.00
N PRO G 363 -62.26 4.74 23.66
CA PRO G 363 -63.21 5.85 23.55
C PRO G 363 -62.68 7.15 24.14
N THR G 364 -61.69 7.75 23.47
CA THR G 364 -61.09 8.99 23.94
C THR G 364 -62.00 10.19 23.67
N ASP G 365 -61.59 11.36 24.13
CA ASP G 365 -62.34 12.59 23.90
C ASP G 365 -61.79 13.38 22.73
N GLU G 366 -60.46 13.37 22.58
CA GLU G 366 -59.80 14.15 21.55
C GLU G 366 -60.08 13.62 20.16
N GLU G 367 -59.67 12.37 19.91
CA GLU G 367 -59.80 11.78 18.58
C GLU G 367 -61.09 11.00 18.42
N THR G 368 -61.86 11.36 17.40
CA THR G 368 -63.01 10.56 16.99
C THR G 368 -62.49 9.32 16.26
N ILE G 369 -63.08 8.17 16.56
CA ILE G 369 -62.60 6.90 16.01
C ILE G 369 -62.59 6.90 14.48
N GLN G 370 -63.47 7.72 13.89
CA GLN G 370 -63.52 7.85 12.44
C GLN G 370 -62.60 8.99 11.98
N GLU G 371 -62.15 9.80 12.93
CA GLU G 371 -61.22 10.89 12.63
C GLU G 371 -59.79 10.48 12.94
N ARG G 372 -59.65 9.52 13.85
CA ARG G 372 -58.33 8.99 14.22
C ARG G 372 -57.77 8.13 13.09
N LEU G 373 -58.60 7.26 12.55
CA LEU G 373 -58.18 6.39 11.45
C LEU G 373 -57.91 7.21 10.19
N SER G 374 -58.56 8.36 10.09
CA SER G 374 -58.34 9.26 8.96
C SER G 374 -56.95 9.89 9.03
N ARG G 375 -56.38 9.91 10.23
CA ARG G 375 -55.04 10.44 10.44
C ARG G 375 -53.98 9.39 10.15
N TYR G 376 -54.25 8.15 10.59
CA TYR G 376 -53.34 7.04 10.37
C TYR G 376 -53.07 6.81 8.90
N ILE G 377 -54.12 6.88 8.09
CA ILE G 377 -54.01 6.67 6.65
C ILE G 377 -53.11 7.72 6.00
N GLN G 378 -53.26 8.97 6.41
CA GLN G 378 -52.46 10.06 5.86
C GLN G 378 -50.98 9.90 6.19
N GLU G 379 -50.67 9.54 7.43
CA GLU G 379 -49.29 9.38 7.85
C GLU G 379 -48.63 8.22 7.11
N PHE G 380 -49.38 7.13 6.94
CA PHE G 380 -48.89 5.94 6.25
C PHE G 380 -48.57 6.21 4.78
N CYS G 381 -49.50 6.85 4.08
CA CYS G 381 -49.35 7.11 2.65
C CYS G 381 -48.25 8.14 2.35
N LEU G 382 -48.06 9.09 3.25
CA LEU G 382 -47.01 10.09 3.08
C LEU G 382 -45.63 9.45 3.21
N ALA G 383 -45.53 8.46 4.08
CA ALA G 383 -44.26 7.78 4.31
C ALA G 383 -44.02 6.64 3.32
N ASN G 384 -45.08 5.93 2.93
CA ASN G 384 -44.91 4.77 2.05
C ASN G 384 -45.56 4.89 0.67
N GLY G 385 -46.01 6.08 0.27
CA GLY G 385 -46.70 6.20 -1.01
C GLY G 385 -47.95 5.32 -1.05
N TYR G 386 -48.49 5.13 -2.25
CA TYR G 386 -49.72 4.34 -2.42
C TYR G 386 -49.41 2.89 -2.80
N LEU G 387 -48.13 2.57 -2.90
CA LEU G 387 -47.67 1.21 -3.18
C LEU G 387 -48.04 0.68 -4.57
N LEU G 388 -48.82 1.45 -5.32
CA LEU G 388 -49.25 1.01 -6.65
C LEU G 388 -49.00 2.09 -7.70
N PRO G 389 -49.03 1.70 -8.98
CA PRO G 389 -48.84 2.64 -10.09
C PRO G 389 -49.85 3.78 -10.04
N LYS G 390 -49.50 4.92 -10.64
CA LYS G 390 -50.36 6.10 -10.63
C LYS G 390 -51.79 5.78 -11.04
N ASN G 391 -52.75 6.40 -10.34
CA ASN G 391 -54.18 6.25 -10.63
C ASN G 391 -54.78 4.93 -10.14
N SER G 392 -53.95 4.08 -9.55
CA SER G 392 -54.43 2.82 -8.99
C SER G 392 -54.22 2.77 -7.48
N PHE G 393 -55.22 2.29 -6.76
CA PHE G 393 -55.14 2.22 -5.30
C PHE G 393 -55.85 1.00 -4.73
N LEU G 394 -55.43 0.61 -3.53
CA LEU G 394 -56.08 -0.46 -2.79
C LEU G 394 -57.24 0.17 -2.03
N LYS G 395 -58.18 -0.66 -1.58
CA LYS G 395 -59.29 -0.12 -0.78
C LYS G 395 -58.73 0.40 0.54
N GLU G 396 -59.38 1.43 1.08
CA GLU G 396 -58.93 2.09 2.30
C GLU G 396 -58.61 1.12 3.43
N ILE G 397 -59.49 0.14 3.63
CA ILE G 397 -59.34 -0.84 4.71
C ILE G 397 -57.98 -1.54 4.71
N PHE G 398 -57.45 -1.81 3.52
CA PHE G 398 -56.17 -2.51 3.40
C PHE G 398 -54.97 -1.66 3.82
N TYR G 399 -55.00 -0.37 3.53
CA TYR G 399 -53.93 0.53 3.95
C TYR G 399 -53.90 0.64 5.46
N LEU G 400 -55.08 0.60 6.07
CA LEU G 400 -55.21 0.67 7.52
C LEU G 400 -54.66 -0.59 8.16
N LYS G 401 -54.79 -1.71 7.47
CA LYS G 401 -54.29 -3.00 7.96
C LYS G 401 -52.76 -3.00 8.00
N TYR G 402 -52.14 -2.41 6.98
CA TYR G 402 -50.69 -2.31 6.93
C TYR G 402 -50.18 -1.46 8.09
N TYR G 403 -50.88 -0.37 8.36
CA TYR G 403 -50.51 0.54 9.45
C TYR G 403 -50.58 -0.17 10.79
N PHE G 404 -51.69 -0.86 11.05
CA PHE G 404 -51.86 -1.59 12.29
C PHE G 404 -50.82 -2.70 12.42
N LEU G 405 -50.55 -3.38 11.31
CA LEU G 405 -49.57 -4.45 11.29
C LEU G 405 -48.20 -3.92 11.69
N ASP G 406 -47.83 -2.78 11.13
CA ASP G 406 -46.56 -2.14 11.45
C ASP G 406 -46.54 -1.72 12.91
N MSE G 407 -47.65 -1.16 13.37
CA MSE G 407 -47.78 -0.70 14.75
C MSE G 407 -47.62 -1.87 15.73
O MSE G 407 -46.85 -1.77 16.69
CB MSE G 407 -49.13 -0.01 14.96
CG MSE G 407 -49.35 0.51 16.38
SE MSE G 407 -51.12 1.29 16.63
CE MSE G 407 -50.95 2.85 15.47
N VAL G 408 -48.35 -2.95 15.48
CA VAL G 408 -48.28 -4.13 16.33
C VAL G 408 -46.90 -4.77 16.28
N THR G 409 -46.30 -4.77 15.10
CA THR G 409 -44.97 -5.34 14.91
C THR G 409 -43.93 -4.59 15.75
N GLU G 410 -44.00 -3.26 15.70
CA GLU G 410 -43.08 -2.42 16.46
C GLU G 410 -43.27 -2.63 17.96
N ASP G 411 -44.53 -2.82 18.37
CA ASP G 411 -44.85 -3.06 19.77
C ASP G 411 -44.27 -4.38 20.26
N ALA G 412 -44.29 -5.38 19.40
CA ALA G 412 -43.76 -6.70 19.74
C ALA G 412 -42.27 -6.63 20.03
N LYS G 413 -41.55 -5.86 19.23
CA LYS G 413 -40.11 -5.69 19.41
C LYS G 413 -39.83 -4.88 20.67
N THR G 414 -40.66 -3.87 20.90
CA THR G 414 -40.55 -3.04 22.09
C THR G 414 -40.76 -3.87 23.35
N LEU G 415 -41.81 -4.70 23.32
CA LEU G 415 -42.15 -5.55 24.44
C LEU G 415 -41.08 -6.64 24.64
N LEU G 416 -40.52 -7.11 23.54
CA LEU G 416 -39.50 -8.15 23.58
C LEU G 416 -38.27 -7.71 24.39
N LYS G 417 -37.83 -6.47 24.16
CA LYS G 417 -36.69 -5.93 24.87
C LYS G 417 -36.91 -5.91 26.38
N GLU G 418 -38.13 -5.54 26.78
CA GLU G 418 -38.49 -5.49 28.19
C GLU G 418 -38.50 -6.89 28.79
N ILE G 419 -38.92 -7.86 28.00
CA ILE G 419 -38.97 -9.26 28.44
C ILE G 419 -37.58 -9.82 28.68
N CYS G 420 -36.67 -9.55 27.75
CA CYS G 420 -35.30 -10.05 27.84
C CYS G 420 -34.57 -9.48 29.05
N LEU G 421 -34.88 -8.23 29.38
CA LEU G 421 -34.27 -7.57 30.53
C LEU G 421 -34.74 -8.18 31.84
N ARG G 422 -35.94 -8.76 31.81
CA ARG G 422 -36.52 -9.35 33.01
C ARG G 422 -36.45 -10.87 32.98
PG GNP H . 37.59 21.00 44.04
O1G GNP H . 37.83 19.71 44.77
O2G GNP H . 36.49 21.02 43.03
O3G GNP H . 37.60 22.09 45.07
N3B GNP H . 38.90 21.25 43.20
PB GNP H . 39.30 22.73 42.82
O1B GNP H . 40.58 22.57 42.15
O2B GNP H . 38.14 23.21 42.07
O3A GNP H . 39.41 23.66 44.03
PA GNP H . 38.58 24.94 44.04
O1A GNP H . 38.88 25.65 42.78
O2A GNP H . 37.15 24.63 44.30
O5' GNP H . 39.06 25.91 45.20
C5' GNP H . 39.36 27.28 44.90
C4' GNP H . 40.10 28.00 46.01
O4' GNP H . 41.52 27.78 45.80
C3' GNP H . 39.90 29.50 46.11
O3' GNP H . 39.66 29.90 47.46
C2' GNP H . 41.19 30.14 45.58
O2' GNP H . 41.75 31.07 46.49
C1' GNP H . 42.15 28.98 45.38
N9 GNP H . 42.62 28.85 44.00
C8 GNP H . 42.05 28.10 42.98
N7 GNP H . 42.71 28.19 41.86
C5 GNP H . 43.77 29.04 42.14
C6 GNP H . 44.82 29.51 41.32
O6 GNP H . 45.02 29.25 40.12
N1 GNP H . 45.68 30.36 42.01
C2 GNP H . 45.55 30.71 43.33
N2 GNP H . 46.48 31.54 43.82
N3 GNP H . 44.57 30.27 44.12
C4 GNP H . 43.72 29.44 43.46
MG MG I . 33.81 20.97 41.86
MG MG J . 38.71 12.43 21.50
PG GNP K . 43.64 -21.62 23.22
O1G GNP K . 42.76 -20.41 23.38
O2G GNP K . 45.07 -21.36 22.82
O3G GNP K . 43.44 -22.40 24.49
N3B GNP K . 43.03 -22.51 22.06
PB GNP K . 41.88 -23.53 22.40
O1B GNP K . 42.47 -24.80 22.88
O2B GNP K . 40.95 -22.82 23.29
O3A GNP K . 41.11 -23.82 21.12
PA GNP K . 41.42 -25.05 20.28
O1A GNP K . 40.50 -25.04 19.11
O2A GNP K . 42.87 -25.08 20.01
O5' GNP K . 41.03 -26.33 21.12
C5' GNP K . 39.69 -26.80 21.11
C4' GNP K . 39.63 -28.31 20.95
O4' GNP K . 38.28 -28.68 20.56
C3' GNP K . 40.48 -28.87 19.81
O3' GNP K . 40.63 -30.27 19.96
C2' GNP K . 39.62 -28.53 18.60
O2' GNP K . 39.86 -29.40 17.52
C1' GNP K . 38.20 -28.73 19.15
N9 GNP K . 37.27 -27.69 18.71
C8 GNP K . 37.45 -26.33 18.76
N7 GNP K . 36.43 -25.66 18.29
C5 GNP K . 35.52 -26.64 17.91
C6 GNP K . 34.23 -26.52 17.33
O6 GNP K . 33.62 -25.49 17.03
N1 GNP K . 33.66 -27.77 17.09
C2 GNP K . 34.25 -28.97 17.38
N2 GNP K . 33.55 -30.07 17.08
N3 GNP K . 35.45 -29.10 17.92
C4 GNP K . 36.03 -27.89 18.15
MG MG L . 44.33 -19.58 21.88
MG MG M . 37.76 -0.53 16.22
PG GNP N . -1.76 39.81 -23.51
O1G GNP N . -2.64 40.53 -22.53
O2G GNP N . -1.29 38.49 -22.97
O3G GNP N . -2.54 39.80 -24.80
N3B GNP N . -0.46 40.67 -23.81
PB GNP N . 0.70 40.71 -22.74
O1B GNP N . 0.26 41.46 -21.54
O2B GNP N . 1.12 39.30 -22.61
O3A GNP N . 1.91 41.42 -23.32
PA GNP N . 2.24 41.09 -24.76
O1A GNP N . 3.00 39.81 -24.76
O2A GNP N . 1.00 41.14 -25.56
O5' GNP N . 3.20 42.22 -25.31
C5' GNP N . 3.84 42.10 -26.58
C4' GNP N . 4.67 43.33 -26.87
O4' GNP N . 5.84 43.32 -26.02
C3' GNP N . 5.25 43.47 -28.28
O3' GNP N . 5.58 44.84 -28.49
C2' GNP N . 6.51 42.63 -28.15
O2' GNP N . 7.47 42.90 -29.15
C1' GNP N . 6.99 43.12 -26.80
N9 GNP N . 7.86 42.18 -26.10
C8 GNP N . 7.48 41.17 -25.24
N7 GNP N . 8.48 40.50 -24.76
C5 GNP N . 9.60 41.09 -25.32
C6 GNP N . 10.97 40.79 -25.18
O6 GNP N . 11.49 39.91 -24.49
N1 GNP N . 11.78 41.64 -25.94
C2 GNP N . 11.31 42.66 -26.74
N2 GNP N . 12.23 43.37 -27.39
N3 GNP N . 10.03 42.95 -26.89
C4 GNP N . 9.23 42.14 -26.16
MG MG O . -2.83 38.01 -24.98
MG MG P . 1.52 23.62 -7.37
C TRS Q . 4.15 43.62 -31.92
C1 TRS Q . 4.99 44.84 -31.53
C2 TRS Q . 4.92 42.33 -31.71
C3 TRS Q . 2.76 43.61 -31.25
N TRS Q . 3.85 43.74 -33.37
O1 TRS Q . 4.19 45.89 -31.02
O2 TRS Q . 4.30 41.31 -32.46
O3 TRS Q . 2.84 43.68 -29.84
H11 TRS Q . 2.24 42.69 -31.53
H12 TRS Q . 2.19 44.44 -31.62
H21 TRS Q . 4.92 42.06 -30.65
H22 TRS Q . 5.96 42.45 -32.04
H31 TRS Q . 5.72 44.55 -30.78
H32 TRS Q . 5.55 45.21 -32.40
HN1 TRS Q . 4.76 43.86 -33.79
HN2 TRS Q . 3.48 42.90 -33.78
HN3 TRS Q . 3.34 44.58 -33.61
HO1 TRS Q . 1.92 43.65 -29.47
HO2 TRS Q . 4.78 40.47 -32.33
HO3 TRS Q . 4.76 46.65 -30.77
MG MG R . -4.27 20.28 5.67
PG GNP S . 2.47 -38.63 -34.04
O1G GNP S . 2.43 -37.54 -35.07
O2G GNP S . 1.82 -38.28 -32.71
O3G GNP S . 1.96 -39.86 -34.73
N3B GNP S . 4.00 -38.88 -33.67
PB GNP S . 4.70 -37.80 -32.77
O1B GNP S . 4.44 -36.46 -33.33
O2B GNP S . 4.27 -38.07 -31.38
O3A GNP S . 6.22 -37.96 -32.82
PA GNP S . 6.98 -39.10 -32.14
O1A GNP S . 6.67 -39.08 -30.70
O2A GNP S . 6.74 -40.34 -32.89
O5' GNP S . 8.51 -38.76 -32.28
C5' GNP S . 9.46 -39.77 -32.63
C4' GNP S . 9.99 -40.48 -31.41
O4' GNP S . 10.73 -39.55 -30.57
C3' GNP S . 8.93 -41.07 -30.49
O3' GNP S . 8.66 -42.41 -30.87
C2' GNP S . 9.54 -40.98 -29.08
O2' GNP S . 9.91 -42.23 -28.55
C1' GNP S . 10.78 -40.10 -29.26
N9 GNP S . 10.84 -39.00 -28.30
C8 GNP S . 9.78 -38.44 -27.64
N7 GNP S . 10.12 -37.47 -26.84
C5 GNP S . 11.50 -37.39 -26.96
C6 GNP S . 12.43 -36.52 -26.34
O6 GNP S . 12.20 -35.63 -25.52
N1 GNP S . 13.73 -36.78 -26.75
C2 GNP S . 14.10 -37.74 -27.66
N2 GNP S . 15.41 -37.84 -27.94
N3 GNP S . 13.24 -38.57 -28.26
C4 GNP S . 11.97 -38.33 -27.86
MG MG T . 1.05 -40.41 -33.01
MG MG U . -8.82 -20.95 -23.90
C TRS V . 11.64 -44.93 -30.45
C1 TRS V . 11.26 -44.59 -31.90
C2 TRS V . 12.53 -43.86 -29.87
C3 TRS V . 10.39 -45.14 -29.61
N TRS V . 12.36 -46.21 -30.42
O1 TRS V . 10.37 -45.56 -32.41
O2 TRS V . 12.99 -44.25 -28.59
O3 TRS V . 9.54 -44.02 -29.75
H11 TRS V . 10.66 -45.26 -28.57
H12 TRS V . 9.86 -46.03 -29.93
H21 TRS V . 11.98 -42.92 -29.78
H22 TRS V . 13.39 -43.69 -30.52
H31 TRS V . 10.80 -43.61 -31.92
H32 TRS V . 12.16 -44.56 -32.51
HN1 TRS V . 13.12 -46.08 -31.08
HN2 TRS V . 12.81 -46.40 -29.54
HN3 TRS V . 11.83 -46.99 -30.80
HO1 TRS V . 8.74 -44.16 -29.20
HO2 TRS V . 13.57 -43.55 -28.21
HO3 TRS V . 10.15 -45.32 -33.33
PG GNP W . -21.65 0.46 -49.06
O1G GNP W . -21.46 -0.84 -49.81
O2G GNP W . -21.94 0.32 -47.58
O3G GNP W . -20.44 1.29 -49.42
N3B GNP W . -22.89 1.21 -49.66
PB GNP W . -24.35 0.64 -49.45
O1B GNP W . -24.33 -0.83 -49.59
O2B GNP W . -24.82 1.20 -48.16
O3A GNP W . -25.23 1.20 -50.55
PA GNP W . -26.20 2.34 -50.27
O1A GNP W . -27.38 1.75 -49.62
O2A GNP W . -25.51 3.46 -49.58
O5' GNP W . -26.67 2.89 -51.68
C5' GNP W . -27.43 4.10 -51.74
C4' GNP W . -28.87 3.82 -52.14
O4' GNP W . -29.37 2.69 -51.40
C3' GNP W . -29.84 4.98 -51.88
O3' GNP W . -30.32 5.49 -53.12
C2' GNP W . -30.96 4.37 -51.03
O2' GNP W . -32.24 4.75 -51.50
C1' GNP W . -30.75 2.87 -51.19
N9 GNP W . -31.17 2.09 -50.04
C8 GNP W . -30.39 1.74 -48.96
N7 GNP W . -31.03 1.03 -48.07
C5 GNP W . -32.31 0.90 -48.59
C6 GNP W . -33.45 0.24 -48.08
O6 GNP W . -33.55 -0.39 -47.01
N1 GNP W . -34.54 0.35 -48.92
C2 GNP W . -34.54 1.02 -50.12
N2 GNP W . -35.69 1.03 -50.81
N3 GNP W . -33.49 1.65 -50.62
C4 GNP W . -32.41 1.55 -49.81
MG MG X . -19.98 2.35 -47.64
MG MG Y . -19.38 -10.66 -28.80
PG GNP Z . -45.54 -36.34 29.93
O1G GNP Z . -45.08 -36.59 28.52
O2G GNP Z . -46.71 -35.40 30.08
O3G GNP Z . -45.76 -37.72 30.51
N3B GNP Z . -44.36 -35.71 30.76
PB GNP Z . -43.61 -34.44 30.19
O1B GNP Z . -42.81 -34.85 29.00
O2B GNP Z . -44.63 -33.39 30.01
O3A GNP Z . -42.63 -33.93 31.25
PA GNP Z . -42.85 -32.61 31.96
O1A GNP Z . -42.60 -31.54 30.97
O2A GNP Z . -44.12 -32.61 32.71
O5' GNP Z . -41.73 -32.47 33.06
C5' GNP Z . -42.12 -32.60 34.42
C4' GNP Z . -41.64 -31.41 35.24
O4' GNP Z . -40.24 -31.22 34.95
C3' GNP Z . -42.32 -30.07 34.93
O3' GNP Z . -43.43 -29.85 35.79
C2' GNP Z . -41.19 -29.08 35.20
O2' GNP Z . -41.09 -28.75 36.58
C1' GNP Z . -39.95 -29.85 34.76
N9 GNP Z . -39.58 -29.63 33.36
C8 GNP Z . -40.25 -30.06 32.24
N7 GNP Z . -39.68 -29.71 31.13
C5 GNP Z . -38.56 -28.99 31.54
C6 GNP Z . -37.55 -28.37 30.77
O6 GNP Z . -37.45 -28.31 29.53
N1 GNP Z . -36.59 -27.76 31.58
C2 GNP Z . -36.61 -27.76 32.96
N2 GNP Z . -35.61 -27.13 33.57
N3 GNP Z . -37.55 -28.35 33.68
C4 GNP Z . -38.49 -28.94 32.90
MG MG AA . -47.73 -36.08 28.05
MG MG BA . -44.39 -34.06 5.99
#